data_7MZ6
#
_entry.id   7MZ6
#
_cell.length_a   1.00
_cell.length_b   1.00
_cell.length_c   1.00
_cell.angle_alpha   90.00
_cell.angle_beta   90.00
_cell.angle_gamma   90.00
#
_symmetry.space_group_name_H-M   'P 1'
#
loop_
_entity.id
_entity.type
_entity.pdbx_description
1 polymer 'Transient receptor potential cation channel subfamily V member 1'
2 non-polymer '(2S)-1-(butanoyloxy)-3-{[(R)-hydroxy{[(1r,2R,3S,4S,5R,6S)-2,3,4,5,6-pentahydroxycyclohexyl]oxy}phosphoryl]oxy}propan-2-yl tridecanoate'
3 non-polymer '(10R,13S)-16-amino-13-hydroxy-7,13-dioxo-8,12,14-trioxa-13lambda~5~-phosphahexadecan-10-yl hexadecanoate'
4 non-polymer 'SODIUM ION'
#
_entity_poly.entity_id   1
_entity_poly.type   'polypeptide(L)'
_entity_poly.pdbx_seq_one_letter_code
;GAMGSRLYDRRSIFDAVAQSNCQELESLLPFLQRSKKRLTDSEFKDPETGKTCLLKAMLNLHNGQNDTIALLLDVARKTD
SLKQFVNASYTDSYYKGQTALHIAIERRNMTLVTLLVENGADVQAAANGDFFKKTKGRPGFYFGELPLSLAACTNQLAIV
KFLLQNSWQPADISARDSVGNTVLHALVEVADNTVDNTKFVTSMYNEILILGAKLHPTLKLEEITNRKGLTPLALAASSG
KIGVLAYILQREIHEPECRHLSRKFTEWAYGPVHSSLYDLSCIDTCEKNSVLEVIAYSSSETPNRHDMLLVEPLNRLLQD
KWDRFVKRIFYFNFFVYCLYMIIFTAAAYYRPVEGLPPYKLKNTVGDYFRVTGEILSVSGGVYFFFRGIQYFLQRRPSLK
SLFVDSYSEILFFVQSLFMLVSVVLYFSQRKEYVASMVFSLAMGWTNMLYYTRGFQQMGIYAVMIEKMILRDLCRFMFVY
LVFLFGFSTAVVTLIEDGKYNSLYSTCLELFKFTIGMGDLEFTENYDFKAVFIILLLAYVILTYILLLNMLIALMGETVN
KIAQESKNIWKLQRAITILDTEKSFLKCMRKAFRSGKLLQVGFTPDGKDDYRWCFRVDEVNWTTWNTNVGIINEDPG
;
_entity_poly.pdbx_strand_id   A,D,B,C
#
loop_
_chem_comp.id
_chem_comp.type
_chem_comp.name
_chem_comp.formula
6IY non-polymer '(10R,13S)-16-amino-13-hydroxy-7,13-dioxo-8,12,14-trioxa-13lambda~5~-phosphahexadecan-10-yl hexadecanoate' 'C28 H56 N O8 P'
NA non-polymer 'SODIUM ION' 'Na 1'
XJ7 non-polymer '(2S)-1-(butanoyloxy)-3-{[(R)-hydroxy{[(1r,2R,3S,4S,5R,6S)-2,3,4,5,6-pentahydroxycyclohexyl]oxy}phosphoryl]oxy}propan-2-yl tridecanoate' 'C26 H49 O13 P'
#
# COMPACT_ATOMS: atom_id res chain seq x y z
N LEU A 7 -26.77 50.30 -51.57
CA LEU A 7 -27.15 50.72 -50.23
C LEU A 7 -26.75 49.67 -49.21
N TYR A 8 -26.51 50.12 -47.97
CA TYR A 8 -26.05 49.26 -46.89
C TYR A 8 -26.89 49.52 -45.64
N ASP A 9 -26.95 48.50 -44.79
CA ASP A 9 -27.48 48.66 -43.44
C ASP A 9 -26.72 47.69 -42.53
N ARG A 10 -27.08 47.71 -41.25
CA ARG A 10 -26.32 46.97 -40.24
C ARG A 10 -26.30 45.48 -40.54
N ARG A 11 -27.45 44.91 -40.90
CA ARG A 11 -27.52 43.48 -41.17
C ARG A 11 -26.66 43.10 -42.36
N SER A 12 -26.68 43.91 -43.42
CA SER A 12 -25.87 43.60 -44.60
C SER A 12 -24.39 43.59 -44.26
N ILE A 13 -23.94 44.58 -43.51
CA ILE A 13 -22.53 44.67 -43.14
C ILE A 13 -22.14 43.49 -42.27
N PHE A 14 -22.99 43.14 -41.30
CA PHE A 14 -22.71 42.01 -40.42
C PHE A 14 -22.63 40.71 -41.22
N ASP A 15 -23.57 40.50 -42.15
CA ASP A 15 -23.53 39.31 -42.97
C ASP A 15 -22.30 39.28 -43.86
N ALA A 16 -21.89 40.44 -44.38
CA ALA A 16 -20.72 40.49 -45.24
C ALA A 16 -19.45 40.13 -44.47
N VAL A 17 -19.26 40.74 -43.30
CA VAL A 17 -18.04 40.50 -42.54
C VAL A 17 -18.02 39.07 -41.98
N ALA A 18 -19.20 38.55 -41.63
CA ALA A 18 -19.27 37.17 -41.17
C ALA A 18 -18.76 36.21 -42.24
N GLN A 19 -19.15 36.44 -43.49
CA GLN A 19 -18.75 35.60 -44.61
C GLN A 19 -17.44 36.05 -45.25
N SER A 20 -16.78 37.07 -44.70
CA SER A 20 -15.49 37.54 -45.20
C SER A 20 -15.58 38.07 -46.62
N ASN A 21 -16.73 38.64 -46.98
CA ASN A 21 -16.98 39.09 -48.35
C ASN A 21 -16.44 40.51 -48.51
N CYS A 22 -15.22 40.62 -49.03
CA CYS A 22 -14.62 41.93 -49.25
C CYS A 22 -15.24 42.65 -50.43
N GLN A 23 -15.74 41.90 -51.42
CA GLN A 23 -16.39 42.53 -52.57
C GLN A 23 -17.67 43.25 -52.18
N GLU A 24 -18.45 42.68 -51.26
CA GLU A 24 -19.74 43.28 -50.93
C GLU A 24 -19.60 44.66 -50.32
N LEU A 25 -18.51 44.91 -49.60
CA LEU A 25 -18.28 46.17 -48.91
C LEU A 25 -17.47 47.17 -49.74
N GLU A 26 -17.28 46.88 -51.03
CA GLU A 26 -16.48 47.76 -51.89
C GLU A 26 -17.07 49.15 -51.98
N SER A 27 -18.40 49.26 -51.99
CA SER A 27 -19.09 50.53 -52.11
C SER A 27 -19.45 51.15 -50.77
N LEU A 28 -18.95 50.60 -49.66
CA LEU A 28 -19.29 51.15 -48.35
C LEU A 28 -18.71 52.54 -48.16
N LEU A 29 -17.47 52.75 -48.60
CA LEU A 29 -16.84 54.07 -48.45
C LEU A 29 -17.59 55.16 -49.21
N PRO A 30 -17.87 55.02 -50.52
CA PRO A 30 -18.69 56.04 -51.18
C PRO A 30 -20.10 56.12 -50.63
N PHE A 31 -20.66 55.00 -50.17
CA PHE A 31 -22.00 55.04 -49.57
C PHE A 31 -22.01 55.96 -48.36
N LEU A 32 -21.06 55.76 -47.45
CA LEU A 32 -20.99 56.58 -46.25
C LEU A 32 -20.64 58.03 -46.59
N GLN A 33 -19.72 58.24 -47.53
CA GLN A 33 -19.32 59.60 -47.87
C GLN A 33 -20.47 60.38 -48.49
N ARG A 34 -21.26 59.74 -49.37
CA ARG A 34 -22.42 60.41 -49.93
C ARG A 34 -23.50 60.58 -48.87
N SER A 35 -23.64 59.61 -47.97
CA SER A 35 -24.64 59.69 -46.93
C SER A 35 -24.26 60.67 -45.83
N LYS A 36 -23.00 61.08 -45.76
CA LYS A 36 -22.52 62.04 -44.76
C LYS A 36 -22.76 61.52 -43.35
N LYS A 37 -22.60 60.22 -43.16
CA LYS A 37 -22.79 59.58 -41.86
C LYS A 37 -21.62 58.63 -41.59
N ARG A 38 -21.28 58.49 -40.31
CA ARG A 38 -20.12 57.74 -39.90
C ARG A 38 -20.44 56.27 -39.73
N LEU A 39 -19.44 55.43 -39.97
CA LEU A 39 -19.55 54.00 -39.69
C LEU A 39 -19.74 53.71 -38.21
N THR A 40 -19.37 54.65 -37.34
CA THR A 40 -19.54 54.51 -35.90
C THR A 40 -20.91 54.96 -35.41
N ASP A 41 -21.79 55.39 -36.30
CA ASP A 41 -23.06 55.95 -35.88
C ASP A 41 -23.95 54.87 -35.27
N SER A 42 -24.95 55.32 -34.52
CA SER A 42 -25.84 54.40 -33.82
C SER A 42 -26.68 53.55 -34.76
N GLU A 43 -26.77 53.92 -36.04
CA GLU A 43 -27.42 53.05 -37.00
C GLU A 43 -26.70 51.72 -37.15
N PHE A 44 -25.37 51.72 -37.01
CA PHE A 44 -24.56 50.54 -37.21
C PHE A 44 -24.26 49.79 -35.91
N LYS A 45 -24.48 50.41 -34.76
CA LYS A 45 -24.28 49.73 -33.48
C LYS A 45 -25.48 48.84 -33.17
N ASP A 46 -25.21 47.75 -32.47
CA ASP A 46 -26.27 46.88 -32.03
C ASP A 46 -27.19 47.64 -31.07
N PRO A 47 -28.52 47.54 -31.20
CA PRO A 47 -29.38 48.30 -30.27
C PRO A 47 -29.23 47.88 -28.82
N GLU A 48 -28.71 46.68 -28.54
CA GLU A 48 -28.61 46.16 -27.17
C GLU A 48 -27.18 46.08 -26.65
N THR A 49 -26.28 45.40 -27.37
CA THR A 49 -24.94 45.18 -26.87
C THR A 49 -24.02 46.37 -27.10
N GLY A 50 -24.33 47.21 -28.08
CA GLY A 50 -23.47 48.31 -28.45
C GLY A 50 -22.33 47.95 -29.36
N LYS A 51 -22.23 46.70 -29.80
CA LYS A 51 -21.10 46.31 -30.64
C LYS A 51 -21.26 46.88 -32.05
N THR A 52 -20.12 47.17 -32.66
CA THR A 52 -20.05 47.71 -34.00
C THR A 52 -19.68 46.61 -34.99
N CYS A 53 -19.57 46.98 -36.26
CA CYS A 53 -19.25 45.99 -37.29
C CYS A 53 -17.84 45.43 -37.11
N LEU A 54 -16.93 46.22 -36.57
CA LEU A 54 -15.57 45.74 -36.34
C LEU A 54 -15.56 44.57 -35.36
N LEU A 55 -16.30 44.70 -34.27
CA LEU A 55 -16.35 43.62 -33.29
C LEU A 55 -17.00 42.38 -33.87
N LYS A 56 -18.01 42.57 -34.73
CA LYS A 56 -18.62 41.44 -35.42
C LYS A 56 -17.61 40.74 -36.30
N ALA A 57 -16.77 41.50 -37.00
CA ALA A 57 -15.73 40.89 -37.84
C ALA A 57 -14.69 40.17 -36.99
N MET A 58 -14.29 40.76 -35.87
CA MET A 58 -13.26 40.15 -35.02
C MET A 58 -13.73 38.82 -34.46
N LEU A 59 -15.03 38.66 -34.24
CA LEU A 59 -15.58 37.42 -33.70
C LEU A 59 -15.79 36.36 -34.77
N ASN A 60 -15.57 36.67 -36.05
CA ASN A 60 -15.69 35.72 -37.16
C ASN A 60 -14.39 35.76 -37.94
N LEU A 61 -13.42 34.99 -37.49
CA LEU A 61 -12.11 34.86 -38.13
C LEU A 61 -11.98 33.44 -38.66
N HIS A 62 -11.38 33.32 -39.85
CA HIS A 62 -11.17 32.04 -40.51
C HIS A 62 -9.67 31.80 -40.57
N ASN A 63 -9.20 30.82 -39.79
CA ASN A 63 -7.78 30.52 -39.65
C ASN A 63 -7.00 31.75 -39.19
N GLY A 64 -7.64 32.60 -38.40
CA GLY A 64 -7.03 33.83 -37.94
C GLY A 64 -7.00 34.96 -38.93
N GLN A 65 -7.78 34.88 -40.01
CA GLN A 65 -7.79 35.90 -41.06
C GLN A 65 -9.21 36.31 -41.39
N ASN A 66 -9.41 37.61 -41.59
CA ASN A 66 -10.68 38.13 -42.07
C ASN A 66 -10.39 39.45 -42.77
N ASP A 67 -10.38 39.42 -44.10
CA ASP A 67 -9.91 40.57 -44.87
C ASP A 67 -10.78 41.80 -44.70
N THR A 68 -12.04 41.63 -44.32
CA THR A 68 -12.94 42.76 -44.16
C THR A 68 -12.57 43.66 -43.00
N ILE A 69 -11.70 43.21 -42.09
CA ILE A 69 -11.29 44.06 -40.98
C ILE A 69 -10.43 45.22 -41.47
N ALA A 70 -9.44 44.93 -42.33
CA ALA A 70 -8.65 46.00 -42.91
C ALA A 70 -9.51 46.90 -43.79
N LEU A 71 -10.48 46.31 -44.48
CA LEU A 71 -11.42 47.09 -45.27
C LEU A 71 -12.19 48.08 -44.41
N LEU A 72 -12.75 47.60 -43.29
CA LEU A 72 -13.51 48.48 -42.41
C LEU A 72 -12.63 49.55 -41.78
N LEU A 73 -11.41 49.17 -41.37
CA LEU A 73 -10.52 50.15 -40.77
C LEU A 73 -10.15 51.24 -41.76
N ASP A 74 -9.91 50.85 -43.02
CA ASP A 74 -9.62 51.84 -44.05
C ASP A 74 -10.81 52.75 -44.27
N VAL A 75 -12.02 52.19 -44.29
CA VAL A 75 -13.22 53.01 -44.51
C VAL A 75 -13.37 54.01 -43.37
N ALA A 76 -13.23 53.55 -42.13
CA ALA A 76 -13.39 54.45 -40.98
C ALA A 76 -12.30 55.51 -40.96
N ARG A 77 -11.08 55.15 -41.39
CA ARG A 77 -10.03 56.16 -41.52
C ARG A 77 -10.44 57.22 -42.52
N LYS A 78 -10.95 56.80 -43.68
CA LYS A 78 -11.16 57.76 -44.76
C LYS A 78 -12.39 58.61 -44.52
N THR A 79 -13.44 58.08 -43.89
CA THR A 79 -14.69 58.82 -43.83
C THR A 79 -14.61 60.05 -42.94
N ASP A 80 -14.49 59.85 -41.63
CA ASP A 80 -14.24 60.96 -40.72
C ASP A 80 -13.02 60.72 -39.84
N SER A 81 -13.01 59.61 -39.11
CA SER A 81 -11.98 59.35 -38.11
C SER A 81 -12.02 57.88 -37.72
N LEU A 82 -10.88 57.40 -37.23
CA LEU A 82 -10.66 55.99 -36.94
C LEU A 82 -10.55 55.66 -35.46
N LYS A 83 -10.17 56.62 -34.62
CA LYS A 83 -9.94 56.32 -33.21
C LYS A 83 -11.21 55.91 -32.50
N GLN A 84 -12.35 56.50 -32.85
CA GLN A 84 -13.61 56.08 -32.24
C GLN A 84 -14.01 54.71 -32.75
N PHE A 85 -13.74 54.40 -34.02
CA PHE A 85 -14.13 53.12 -34.58
C PHE A 85 -13.32 51.99 -33.98
N VAL A 86 -11.99 52.15 -33.95
CA VAL A 86 -11.13 51.06 -33.50
C VAL A 86 -11.34 50.80 -32.01
N ASN A 87 -11.68 51.82 -31.23
CA ASN A 87 -11.90 51.71 -29.79
C ASN A 87 -13.37 51.50 -29.43
N ALA A 88 -14.20 51.09 -30.38
CA ALA A 88 -15.59 50.78 -30.07
C ALA A 88 -15.65 49.57 -29.14
N SER A 89 -16.59 49.61 -28.20
CA SER A 89 -16.67 48.60 -27.16
C SER A 89 -18.13 48.36 -26.78
N TYR A 90 -18.36 47.21 -26.15
CA TYR A 90 -19.70 46.86 -25.70
C TYR A 90 -20.16 47.82 -24.63
N THR A 91 -21.48 48.08 -24.60
CA THR A 91 -22.09 48.95 -23.61
C THR A 91 -23.01 48.22 -22.64
N ASP A 92 -23.44 47.00 -22.95
CA ASP A 92 -24.30 46.26 -22.04
C ASP A 92 -23.53 45.88 -20.78
N SER A 93 -24.28 45.65 -19.70
CA SER A 93 -23.67 45.45 -18.40
C SER A 93 -22.92 44.12 -18.29
N TYR A 94 -23.09 43.21 -19.24
CA TYR A 94 -22.47 41.89 -19.16
C TYR A 94 -21.08 41.84 -19.78
N TYR A 95 -20.92 42.36 -21.00
CA TYR A 95 -19.64 42.38 -21.69
C TYR A 95 -19.01 43.77 -21.68
N LYS A 96 -19.38 44.61 -20.70
CA LYS A 96 -19.02 46.02 -20.70
C LYS A 96 -17.52 46.23 -20.81
N GLY A 97 -17.12 47.09 -21.74
CA GLY A 97 -15.75 47.49 -21.87
C GLY A 97 -14.93 46.66 -22.83
N GLN A 98 -15.41 45.48 -23.22
CA GLN A 98 -14.65 44.66 -24.16
C GLN A 98 -14.55 45.38 -25.50
N THR A 99 -13.35 45.42 -26.05
CA THR A 99 -13.09 46.06 -27.33
C THR A 99 -12.30 45.11 -28.21
N ALA A 100 -12.01 45.56 -29.43
CA ALA A 100 -11.42 44.68 -30.43
C ALA A 100 -10.05 44.17 -30.00
N LEU A 101 -9.34 44.94 -29.18
CA LEU A 101 -8.04 44.47 -28.70
C LEU A 101 -8.20 43.26 -27.81
N HIS A 102 -9.23 43.26 -26.95
CA HIS A 102 -9.48 42.09 -26.12
C HIS A 102 -9.76 40.86 -26.96
N ILE A 103 -10.56 41.02 -28.01
CA ILE A 103 -10.88 39.89 -28.86
C ILE A 103 -9.64 39.44 -29.62
N ALA A 104 -8.83 40.38 -30.08
CA ALA A 104 -7.62 40.02 -30.80
C ALA A 104 -6.68 39.23 -29.92
N ILE A 105 -6.55 39.63 -28.66
CA ILE A 105 -5.67 38.90 -27.75
C ILE A 105 -6.26 37.54 -27.43
N GLU A 106 -7.56 37.52 -27.14
CA GLU A 106 -8.25 36.29 -26.82
C GLU A 106 -8.10 35.25 -27.91
N ARG A 107 -8.03 35.71 -29.16
CA ARG A 107 -7.91 34.82 -30.29
C ARG A 107 -6.46 34.46 -30.60
N ARG A 108 -5.51 35.00 -29.85
CA ARG A 108 -4.10 34.69 -30.02
C ARG A 108 -3.60 35.09 -31.40
N ASN A 109 -4.12 36.18 -31.93
CA ASN A 109 -3.79 36.67 -33.28
C ASN A 109 -2.84 37.85 -33.14
N MET A 110 -1.55 37.59 -33.34
CA MET A 110 -0.55 38.66 -33.21
C MET A 110 -0.78 39.75 -34.23
N THR A 111 -1.14 39.37 -35.46
CA THR A 111 -1.30 40.35 -36.53
C THR A 111 -2.40 41.34 -36.20
N LEU A 112 -3.54 40.85 -35.72
CA LEU A 112 -4.64 41.74 -35.37
C LEU A 112 -4.27 42.65 -34.21
N VAL A 113 -3.53 42.13 -33.23
CA VAL A 113 -3.09 42.96 -32.11
C VAL A 113 -2.19 44.09 -32.62
N THR A 114 -1.22 43.74 -33.46
CA THR A 114 -0.31 44.74 -33.98
C THR A 114 -1.05 45.79 -34.79
N LEU A 115 -1.99 45.35 -35.63
CA LEU A 115 -2.76 46.28 -36.45
C LEU A 115 -3.61 47.20 -35.58
N LEU A 116 -4.29 46.65 -34.58
CA LEU A 116 -5.14 47.47 -33.73
C LEU A 116 -4.32 48.48 -32.95
N VAL A 117 -3.13 48.08 -32.48
CA VAL A 117 -2.26 49.01 -31.79
C VAL A 117 -1.78 50.10 -32.75
N GLU A 118 -1.50 49.73 -34.00
CA GLU A 118 -1.06 50.71 -34.99
C GLU A 118 -2.10 51.81 -35.19
N ASN A 119 -3.38 51.44 -35.18
CA ASN A 119 -4.46 52.36 -35.49
C ASN A 119 -5.02 53.09 -34.28
N GLY A 120 -4.31 53.06 -33.15
CA GLY A 120 -4.73 53.83 -32.00
C GLY A 120 -5.67 53.12 -31.06
N ALA A 121 -5.64 51.79 -31.02
CA ALA A 121 -6.41 51.08 -30.02
C ALA A 121 -5.94 51.46 -28.62
N ASP A 122 -6.89 51.61 -27.71
CA ASP A 122 -6.58 51.99 -26.34
C ASP A 122 -6.15 50.75 -25.58
N VAL A 123 -4.87 50.67 -25.25
CA VAL A 123 -4.30 49.51 -24.58
C VAL A 123 -4.65 49.49 -23.09
N GLN A 124 -5.34 50.52 -22.60
CA GLN A 124 -5.79 50.57 -21.21
C GLN A 124 -7.30 50.45 -21.07
N ALA A 125 -8.00 49.99 -22.09
CA ALA A 125 -9.45 49.85 -22.00
C ALA A 125 -9.81 48.76 -21.00
N ALA A 126 -10.62 49.10 -20.00
CA ALA A 126 -10.96 48.18 -18.93
C ALA A 126 -12.22 47.41 -19.28
N ALA A 127 -12.10 46.10 -19.44
CA ALA A 127 -13.24 45.21 -19.64
C ALA A 127 -13.76 44.86 -18.26
N ASN A 128 -14.86 45.48 -17.86
CA ASN A 128 -15.39 45.38 -16.50
C ASN A 128 -16.85 44.96 -16.47
N GLY A 129 -17.29 44.23 -17.48
CA GLY A 129 -18.61 43.65 -17.45
C GLY A 129 -18.68 42.49 -16.46
N ASP A 130 -19.91 42.06 -16.19
CA ASP A 130 -20.10 40.97 -15.24
C ASP A 130 -19.44 39.68 -15.70
N PHE A 131 -19.27 39.50 -17.01
CA PHE A 131 -18.60 38.29 -17.47
C PHE A 131 -17.14 38.27 -17.06
N PHE A 132 -16.53 39.44 -16.90
CA PHE A 132 -15.11 39.55 -16.59
C PHE A 132 -14.87 39.82 -15.11
N LYS A 133 -15.65 39.19 -14.24
CA LYS A 133 -15.47 39.25 -12.80
C LYS A 133 -15.45 37.85 -12.23
N LYS A 134 -15.13 37.76 -10.94
CA LYS A 134 -15.06 36.46 -10.27
C LYS A 134 -16.41 35.75 -10.35
N THR A 135 -17.40 36.29 -9.64
CA THR A 135 -18.80 35.85 -9.75
C THR A 135 -18.97 34.34 -9.65
N LYS A 136 -18.73 33.79 -8.46
CA LYS A 136 -18.69 32.34 -8.27
C LYS A 136 -19.97 31.65 -8.74
N GLY A 137 -21.11 32.33 -8.67
CA GLY A 137 -22.38 31.74 -9.02
C GLY A 137 -22.78 31.84 -10.48
N ARG A 138 -21.91 32.38 -11.34
CA ARG A 138 -22.17 32.49 -12.76
C ARG A 138 -20.90 32.11 -13.52
N PRO A 139 -21.03 31.70 -14.78
CA PRO A 139 -19.83 31.50 -15.60
C PRO A 139 -19.13 32.82 -15.88
N GLY A 140 -17.83 32.74 -16.10
CA GLY A 140 -17.05 33.93 -16.41
C GLY A 140 -15.58 33.61 -16.35
N PHE A 141 -14.78 34.66 -16.56
CA PHE A 141 -13.33 34.52 -16.53
C PHE A 141 -12.73 35.85 -16.13
N TYR A 142 -12.25 35.94 -14.90
CA TYR A 142 -11.55 37.12 -14.43
C TYR A 142 -10.10 37.03 -14.85
N PHE A 143 -9.57 38.12 -15.40
CA PHE A 143 -8.19 38.17 -15.85
C PHE A 143 -7.54 39.52 -15.54
N GLY A 144 -8.15 40.35 -14.71
CA GLY A 144 -7.62 41.68 -14.43
C GLY A 144 -8.10 42.78 -15.34
N GLU A 145 -9.00 42.49 -16.28
CA GLU A 145 -9.80 43.50 -16.96
C GLU A 145 -9.04 44.34 -17.98
N LEU A 146 -7.71 44.16 -18.11
CA LEU A 146 -6.92 44.97 -19.01
C LEU A 146 -6.28 44.10 -20.11
N PRO A 147 -5.99 44.67 -21.29
CA PRO A 147 -5.36 43.84 -22.34
C PRO A 147 -4.04 43.25 -21.95
N LEU A 148 -3.20 43.98 -21.21
CA LEU A 148 -1.96 43.40 -20.74
C LEU A 148 -2.22 42.24 -19.80
N SER A 149 -3.18 42.41 -18.88
CA SER A 149 -3.51 41.32 -17.97
C SER A 149 -4.14 40.16 -18.71
N LEU A 150 -4.90 40.43 -19.77
CA LEU A 150 -5.45 39.35 -20.57
C LEU A 150 -4.34 38.57 -21.27
N ALA A 151 -3.38 39.27 -21.84
CA ALA A 151 -2.28 38.59 -22.51
C ALA A 151 -1.46 37.79 -21.52
N ALA A 152 -1.24 38.34 -20.33
CA ALA A 152 -0.45 37.65 -19.32
C ALA A 152 -1.17 36.41 -18.82
N CYS A 153 -2.46 36.54 -18.52
CA CYS A 153 -3.22 35.44 -17.94
C CYS A 153 -3.55 34.35 -18.94
N THR A 154 -3.32 34.57 -20.24
CA THR A 154 -3.56 33.57 -21.26
C THR A 154 -2.27 32.94 -21.77
N ASN A 155 -1.13 33.20 -21.13
CA ASN A 155 0.13 32.59 -21.49
C ASN A 155 0.57 32.97 -22.90
N GLN A 156 0.53 34.26 -23.20
CA GLN A 156 0.99 34.80 -24.47
C GLN A 156 2.09 35.81 -24.18
N LEU A 157 3.32 35.33 -24.09
CA LEU A 157 4.43 36.20 -23.70
C LEU A 157 4.72 37.23 -24.79
N ALA A 158 4.61 36.84 -26.06
CA ALA A 158 4.93 37.75 -27.16
C ALA A 158 4.02 38.95 -27.15
N ILE A 159 2.73 38.76 -26.89
CA ILE A 159 1.81 39.89 -26.85
C ILE A 159 2.10 40.75 -25.64
N VAL A 160 2.48 40.14 -24.53
CA VAL A 160 2.84 40.92 -23.34
C VAL A 160 4.00 41.85 -23.66
N LYS A 161 5.04 41.31 -24.26
CA LYS A 161 6.19 42.13 -24.61
C LYS A 161 5.79 43.22 -25.59
N PHE A 162 5.02 42.87 -26.62
CA PHE A 162 4.63 43.86 -27.62
C PHE A 162 3.84 44.99 -26.98
N LEU A 163 2.88 44.66 -26.13
CA LEU A 163 2.09 45.70 -25.47
C LEU A 163 2.96 46.56 -24.57
N LEU A 164 3.97 45.97 -23.93
CA LEU A 164 4.76 46.76 -23.00
C LEU A 164 5.72 47.70 -23.73
N GLN A 165 6.29 47.25 -24.84
CA GLN A 165 7.35 47.98 -25.54
C GLN A 165 7.08 48.03 -27.04
N ASN A 166 5.91 48.51 -27.44
CA ASN A 166 5.66 48.90 -28.81
C ASN A 166 5.97 50.37 -29.00
N SER A 167 5.96 50.81 -30.27
CA SER A 167 6.28 52.19 -30.58
C SER A 167 5.06 53.11 -30.40
N TRP A 168 3.87 52.63 -30.73
CA TRP A 168 2.73 53.52 -30.87
C TRP A 168 2.09 53.84 -29.52
N GLN A 169 1.95 52.85 -28.65
CA GLN A 169 1.22 53.04 -27.40
C GLN A 169 1.63 51.98 -26.39
N PRO A 170 2.71 52.17 -25.64
CA PRO A 170 3.09 51.15 -24.66
C PRO A 170 2.10 51.08 -23.51
N ALA A 171 1.96 49.87 -22.96
CA ALA A 171 1.01 49.61 -21.90
C ALA A 171 1.59 49.99 -20.54
N ASP A 172 0.71 50.37 -19.62
CA ASP A 172 1.10 50.81 -18.29
C ASP A 172 1.21 49.60 -17.37
N ILE A 173 2.45 49.15 -17.13
CA ILE A 173 2.67 47.92 -16.39
C ILE A 173 2.18 47.99 -14.95
N SER A 174 2.07 49.19 -14.40
CA SER A 174 1.62 49.39 -13.03
C SER A 174 0.13 49.65 -12.93
N ALA A 175 -0.61 49.54 -14.03
CA ALA A 175 -2.03 49.86 -14.00
C ALA A 175 -2.78 48.88 -13.11
N ARG A 176 -3.92 49.35 -12.60
CA ARG A 176 -4.76 48.58 -11.69
C ARG A 176 -6.18 48.58 -12.21
N ASP A 177 -6.88 47.47 -12.00
CA ASP A 177 -8.26 47.35 -12.45
C ASP A 177 -9.20 47.90 -11.38
N SER A 178 -10.49 47.67 -11.54
CA SER A 178 -11.46 48.20 -10.60
C SER A 178 -11.28 47.62 -9.20
N VAL A 179 -10.75 46.40 -9.10
CA VAL A 179 -10.47 45.80 -7.81
C VAL A 179 -9.16 46.31 -7.21
N GLY A 180 -8.33 47.01 -8.00
CA GLY A 180 -7.00 47.36 -7.59
C GLY A 180 -5.95 46.37 -7.98
N ASN A 181 -6.32 45.29 -8.67
CA ASN A 181 -5.37 44.26 -9.04
C ASN A 181 -4.57 44.67 -10.26
N THR A 182 -3.24 44.68 -10.12
CA THR A 182 -2.32 44.83 -11.22
C THR A 182 -2.22 43.51 -11.97
N VAL A 183 -1.31 43.45 -12.95
CA VAL A 183 -1.12 42.23 -13.73
C VAL A 183 -0.65 41.10 -12.85
N LEU A 184 0.17 41.39 -11.83
CA LEU A 184 0.66 40.34 -10.94
C LEU A 184 -0.44 39.85 -10.01
N HIS A 185 -1.28 40.74 -9.52
CA HIS A 185 -2.45 40.30 -8.77
C HIS A 185 -3.32 39.39 -9.62
N ALA A 186 -3.51 39.76 -10.88
CA ALA A 186 -4.30 38.93 -11.78
C ALA A 186 -3.67 37.56 -11.96
N LEU A 187 -2.35 37.52 -12.14
CA LEU A 187 -1.68 36.23 -12.31
C LEU A 187 -1.82 35.37 -11.07
N VAL A 188 -1.77 35.99 -9.89
CA VAL A 188 -2.03 35.22 -8.67
C VAL A 188 -3.47 34.71 -8.68
N GLU A 189 -4.41 35.55 -9.11
CA GLU A 189 -5.81 35.17 -9.08
C GLU A 189 -6.10 33.99 -10.00
N VAL A 190 -5.50 33.95 -11.19
CA VAL A 190 -5.75 32.83 -12.10
C VAL A 190 -4.96 31.58 -11.74
N ALA A 191 -4.08 31.64 -10.75
CA ALA A 191 -3.43 30.43 -10.27
C ALA A 191 -4.47 29.51 -9.63
N ASP A 192 -4.29 28.21 -9.84
CA ASP A 192 -5.16 27.22 -9.19
C ASP A 192 -4.38 25.96 -8.81
N ASN A 193 -3.06 26.05 -8.67
CA ASN A 193 -2.24 25.04 -8.02
C ASN A 193 -2.16 23.73 -8.81
N THR A 194 -2.51 23.73 -10.07
CA THR A 194 -2.21 22.61 -10.94
C THR A 194 -0.82 22.79 -11.54
N VAL A 195 -0.27 21.70 -12.07
CA VAL A 195 1.14 21.70 -12.43
C VAL A 195 1.38 22.60 -13.64
N ASP A 196 0.61 22.41 -14.71
CA ASP A 196 0.81 23.23 -15.91
C ASP A 196 0.49 24.69 -15.64
N ASN A 197 -0.60 24.94 -14.90
CA ASN A 197 -0.96 26.30 -14.58
C ASN A 197 0.10 26.96 -13.72
N THR A 198 0.58 26.25 -12.69
CA THR A 198 1.63 26.82 -11.85
C THR A 198 2.86 27.15 -12.67
N LYS A 199 3.24 26.24 -13.58
CA LYS A 199 4.41 26.47 -14.42
C LYS A 199 4.26 27.74 -15.22
N PHE A 200 3.16 27.87 -15.95
CA PHE A 200 3.04 29.05 -16.81
C PHE A 200 2.83 30.31 -15.98
N VAL A 201 2.14 30.23 -14.85
CA VAL A 201 1.87 31.45 -14.09
C VAL A 201 3.16 31.98 -13.49
N THR A 202 3.99 31.08 -12.95
CA THR A 202 5.26 31.53 -12.42
C THR A 202 6.18 32.02 -13.52
N SER A 203 6.15 31.37 -14.69
CA SER A 203 6.99 31.83 -15.79
C SER A 203 6.59 33.23 -16.24
N MET A 204 5.30 33.46 -16.40
CA MET A 204 4.84 34.78 -16.82
C MET A 204 5.11 35.81 -15.74
N TYR A 205 4.97 35.44 -14.47
CA TYR A 205 5.28 36.35 -13.38
C TYR A 205 6.74 36.78 -13.44
N ASN A 206 7.63 35.81 -13.64
CA ASN A 206 9.05 36.13 -13.73
C ASN A 206 9.33 37.05 -14.91
N GLU A 207 8.76 36.73 -16.07
CA GLU A 207 9.00 37.53 -17.27
C GLU A 207 8.51 38.96 -17.08
N ILE A 208 7.34 39.12 -16.46
CA ILE A 208 6.82 40.46 -16.23
C ILE A 208 7.71 41.22 -15.25
N LEU A 209 8.25 40.54 -14.24
CA LEU A 209 9.15 41.23 -13.31
C LEU A 209 10.42 41.69 -14.02
N ILE A 210 10.98 40.83 -14.87
CA ILE A 210 12.18 41.21 -15.61
C ILE A 210 11.89 42.43 -16.48
N LEU A 211 10.76 42.40 -17.20
CA LEU A 211 10.43 43.51 -18.07
C LEU A 211 10.17 44.79 -17.28
N GLY A 212 9.50 44.68 -16.14
CA GLY A 212 9.30 45.87 -15.32
C GLY A 212 10.60 46.47 -14.85
N ALA A 213 11.56 45.61 -14.48
CA ALA A 213 12.87 46.13 -14.10
C ALA A 213 13.55 46.82 -15.27
N LYS A 214 13.45 46.24 -16.46
CA LYS A 214 14.15 46.85 -17.59
C LYS A 214 13.51 48.16 -18.02
N LEU A 215 12.18 48.27 -17.90
CA LEU A 215 11.47 49.44 -18.38
C LEU A 215 11.30 50.51 -17.31
N HIS A 216 11.12 50.13 -16.06
CA HIS A 216 10.92 51.07 -14.95
C HIS A 216 11.78 50.62 -13.77
N PRO A 217 13.09 50.87 -13.83
CA PRO A 217 13.96 50.37 -12.75
C PRO A 217 13.61 50.85 -11.36
N THR A 218 13.08 52.07 -11.23
CA THR A 218 12.71 52.59 -9.92
C THR A 218 11.38 52.06 -9.42
N LEU A 219 10.63 51.34 -10.24
CA LEU A 219 9.30 50.88 -9.89
C LEU A 219 9.39 49.56 -9.13
N LYS A 220 8.65 49.45 -8.04
CA LYS A 220 8.57 48.23 -7.24
C LYS A 220 7.16 47.68 -7.39
N LEU A 221 6.98 46.80 -8.38
CA LEU A 221 5.64 46.29 -8.67
C LEU A 221 5.07 45.52 -7.51
N GLU A 222 5.89 44.67 -6.88
CA GLU A 222 5.39 43.76 -5.88
C GLU A 222 4.89 44.46 -4.62
N GLU A 223 5.19 45.73 -4.45
CA GLU A 223 4.71 46.48 -3.30
C GLU A 223 3.39 47.18 -3.56
N ILE A 224 2.82 47.08 -4.75
CA ILE A 224 1.55 47.71 -5.06
C ILE A 224 0.44 46.86 -4.47
N THR A 225 -0.48 47.49 -3.74
CA THR A 225 -1.57 46.80 -3.08
C THR A 225 -2.88 47.05 -3.81
N ASN A 226 -3.72 46.04 -3.83
CA ASN A 226 -5.05 46.18 -4.41
C ASN A 226 -5.95 46.87 -3.38
N ARG A 227 -7.24 46.99 -3.70
CA ARG A 227 -8.14 47.73 -2.85
C ARG A 227 -8.36 47.06 -1.50
N LYS A 228 -8.05 45.77 -1.38
CA LYS A 228 -8.06 45.11 -0.08
C LYS A 228 -6.77 45.34 0.70
N GLY A 229 -5.78 45.98 0.10
CA GLY A 229 -4.51 46.19 0.77
C GLY A 229 -3.55 45.04 0.69
N LEU A 230 -3.75 44.12 -0.26
CA LEU A 230 -2.90 42.95 -0.39
C LEU A 230 -1.92 43.15 -1.53
N THR A 231 -0.66 42.87 -1.27
CA THR A 231 0.32 42.77 -2.33
C THR A 231 0.14 41.43 -3.03
N PRO A 232 0.80 41.21 -4.16
CA PRO A 232 0.72 39.89 -4.80
C PRO A 232 1.17 38.77 -3.91
N LEU A 233 2.16 38.99 -3.06
CA LEU A 233 2.60 37.95 -2.14
C LEU A 233 1.57 37.69 -1.07
N ALA A 234 1.02 38.75 -0.48
CA ALA A 234 -0.01 38.56 0.53
C ALA A 234 -1.27 37.98 -0.07
N LEU A 235 -1.59 38.35 -1.30
CA LEU A 235 -2.73 37.74 -1.98
C LEU A 235 -2.50 36.26 -2.22
N ALA A 236 -1.29 35.89 -2.63
CA ALA A 236 -0.98 34.48 -2.82
C ALA A 236 -1.08 33.72 -1.51
N ALA A 237 -0.61 34.31 -0.43
CA ALA A 237 -0.66 33.61 0.86
C ALA A 237 -2.08 33.50 1.37
N SER A 238 -2.89 34.55 1.27
CA SER A 238 -4.25 34.48 1.78
C SER A 238 -5.13 33.61 0.91
N SER A 239 -4.85 33.54 -0.38
CA SER A 239 -5.66 32.76 -1.31
C SER A 239 -5.28 31.30 -1.36
N GLY A 240 -4.19 30.90 -0.74
CA GLY A 240 -3.82 29.49 -0.76
C GLY A 240 -3.17 29.04 -2.05
N LYS A 241 -2.62 29.96 -2.83
CA LYS A 241 -1.96 29.61 -4.08
C LYS A 241 -0.53 29.20 -3.77
N ILE A 242 -0.39 27.96 -3.33
CA ILE A 242 0.87 27.49 -2.78
C ILE A 242 1.96 27.47 -3.84
N GLY A 243 1.62 27.18 -5.08
CA GLY A 243 2.63 27.17 -6.13
C GLY A 243 3.26 28.52 -6.34
N VAL A 244 2.42 29.56 -6.43
CA VAL A 244 2.94 30.90 -6.66
C VAL A 244 3.71 31.38 -5.44
N LEU A 245 3.21 31.10 -4.24
CA LEU A 245 3.94 31.47 -3.04
C LEU A 245 5.30 30.81 -2.99
N ALA A 246 5.34 29.51 -3.27
CA ALA A 246 6.60 28.79 -3.25
C ALA A 246 7.56 29.35 -4.28
N TYR A 247 7.04 29.77 -5.43
CA TYR A 247 7.89 30.43 -6.41
C TYR A 247 8.46 31.73 -5.87
N ILE A 248 7.59 32.58 -5.31
CA ILE A 248 8.01 33.92 -4.93
C ILE A 248 9.06 33.87 -3.83
N LEU A 249 8.81 33.07 -2.79
CA LEU A 249 9.63 33.19 -1.60
C LEU A 249 11.08 32.81 -1.82
N GLN A 250 11.36 31.95 -2.78
CA GLN A 250 12.71 31.49 -3.07
C GLN A 250 13.05 31.80 -4.51
N ARG A 251 12.66 32.98 -4.96
CA ARG A 251 12.93 33.42 -6.31
C ARG A 251 14.38 33.88 -6.43
N GLU A 252 15.06 33.39 -7.45
CA GLU A 252 16.48 33.67 -7.66
C GLU A 252 16.67 33.99 -9.13
N ILE A 253 17.09 35.21 -9.43
CA ILE A 253 17.22 35.71 -10.79
C ILE A 253 18.69 35.97 -11.06
N HIS A 254 19.28 35.18 -11.95
CA HIS A 254 20.69 35.27 -12.30
C HIS A 254 20.83 36.01 -13.62
N GLU A 255 20.76 37.34 -13.57
CA GLU A 255 21.23 38.13 -14.69
C GLU A 255 21.49 39.55 -14.22
N PRO A 256 22.34 40.30 -14.91
CA PRO A 256 22.57 41.69 -14.52
C PRO A 256 21.30 42.51 -14.66
N GLU A 257 21.15 43.50 -13.79
CA GLU A 257 20.03 44.43 -13.79
C GLU A 257 18.71 43.76 -13.45
N CYS A 258 18.73 42.51 -12.98
CA CYS A 258 17.55 41.87 -12.42
C CYS A 258 17.90 41.07 -11.18
N ARG A 259 19.11 41.19 -10.65
CA ARG A 259 19.47 40.45 -9.45
C ARG A 259 18.64 40.93 -8.26
N HIS A 260 18.42 42.23 -8.15
CA HIS A 260 17.69 42.78 -7.01
C HIS A 260 16.25 42.29 -6.95
N LEU A 261 15.72 41.74 -8.04
CA LEU A 261 14.41 41.11 -8.01
C LEU A 261 14.41 39.75 -7.35
N SER A 262 15.57 39.20 -7.00
CA SER A 262 15.63 37.92 -6.33
C SER A 262 15.19 38.06 -4.89
N ARG A 263 14.74 36.95 -4.31
CA ARG A 263 14.51 36.84 -2.88
C ARG A 263 15.34 35.74 -2.25
N LYS A 264 15.99 34.91 -3.04
CA LYS A 264 16.94 33.93 -2.56
C LYS A 264 18.28 34.23 -3.22
N PHE A 265 19.32 34.29 -2.42
CA PHE A 265 20.65 34.65 -2.86
C PHE A 265 21.60 33.57 -2.37
N THR A 266 22.70 33.39 -3.07
CA THR A 266 23.76 32.48 -2.63
C THR A 266 24.92 33.33 -2.16
N GLU A 267 25.19 33.30 -0.85
CA GLU A 267 26.18 34.19 -0.30
C GLU A 267 27.59 33.69 -0.52
N TRP A 268 27.95 32.56 0.10
CA TRP A 268 29.22 31.90 -0.13
C TRP A 268 29.03 30.42 -0.42
N ALA A 269 29.95 29.86 -1.20
CA ALA A 269 29.93 28.45 -1.54
C ALA A 269 31.36 27.96 -1.63
N TYR A 270 31.76 27.06 -0.71
CA TYR A 270 33.15 26.66 -0.67
C TYR A 270 33.42 25.39 -1.47
N GLY A 271 32.97 24.26 -0.97
CA GLY A 271 33.06 23.01 -1.69
C GLY A 271 31.71 22.61 -2.23
N PRO A 272 31.13 21.50 -1.73
CA PRO A 272 29.71 21.27 -1.95
C PRO A 272 28.83 22.14 -1.08
N VAL A 273 29.37 22.75 -0.05
CA VAL A 273 28.61 23.56 0.88
C VAL A 273 28.32 24.89 0.22
N HIS A 274 27.12 25.41 0.42
CA HIS A 274 26.85 26.80 0.10
C HIS A 274 25.74 27.32 0.97
N SER A 275 25.85 28.58 1.32
CA SER A 275 24.97 29.22 2.30
C SER A 275 24.08 30.20 1.58
N SER A 276 22.80 29.87 1.48
CA SER A 276 21.84 30.73 0.81
C SER A 276 21.20 31.67 1.83
N LEU A 277 20.62 32.75 1.31
CA LEU A 277 19.99 33.80 2.09
C LEU A 277 18.60 34.04 1.51
N TYR A 278 17.57 33.90 2.34
CA TYR A 278 16.19 34.18 1.94
C TYR A 278 15.79 35.55 2.45
N ASP A 279 14.94 36.23 1.70
CA ASP A 279 14.75 37.67 1.88
C ASP A 279 14.15 38.01 3.24
N LEU A 280 13.02 37.40 3.60
CA LEU A 280 12.26 37.67 4.82
C LEU A 280 11.65 39.06 4.87
N SER A 281 11.71 39.85 3.81
CA SER A 281 10.90 41.04 3.75
C SER A 281 9.45 40.62 3.58
N CYS A 282 8.57 41.20 4.39
CA CYS A 282 7.13 40.92 4.35
C CYS A 282 6.78 39.48 4.73
N ILE A 283 7.71 38.72 5.29
CA ILE A 283 7.46 37.38 5.80
C ILE A 283 7.37 37.40 7.30
N ASP A 284 8.45 37.78 7.97
CA ASP A 284 8.49 37.80 9.41
C ASP A 284 7.61 38.90 9.97
N THR A 285 7.70 40.09 9.38
CA THR A 285 6.94 41.24 9.86
C THR A 285 6.80 42.26 8.75
N CYS A 286 5.74 43.03 8.80
CA CYS A 286 5.54 44.18 7.93
C CYS A 286 4.39 44.99 8.53
N GLU A 287 3.94 45.99 7.76
CA GLU A 287 2.88 46.86 8.25
C GLU A 287 1.62 46.06 8.59
N LYS A 288 1.02 45.43 7.58
CA LYS A 288 -0.25 44.75 7.76
C LYS A 288 -0.20 43.25 7.49
N ASN A 289 0.13 42.86 6.27
CA ASN A 289 -0.06 41.48 5.81
C ASN A 289 1.25 40.72 5.74
N SER A 290 1.82 40.41 6.89
CA SER A 290 2.91 39.47 6.92
C SER A 290 2.44 38.11 6.43
N VAL A 291 3.32 37.40 5.73
CA VAL A 291 2.94 36.10 5.19
C VAL A 291 2.58 35.14 6.31
N LEU A 292 3.35 35.17 7.41
CA LEU A 292 3.07 34.26 8.50
C LEU A 292 1.72 34.55 9.16
N GLU A 293 1.41 35.82 9.38
CA GLU A 293 0.12 36.16 9.96
C GLU A 293 -1.01 35.82 9.02
N VAL A 294 -0.80 36.04 7.72
CA VAL A 294 -1.85 35.75 6.75
C VAL A 294 -2.14 34.26 6.72
N ILE A 295 -1.09 33.42 6.71
CA ILE A 295 -1.31 31.98 6.67
C ILE A 295 -1.90 31.50 7.99
N ALA A 296 -1.32 31.92 9.11
CA ALA A 296 -1.71 31.36 10.40
C ALA A 296 -3.14 31.74 10.75
N TYR A 297 -3.50 33.01 10.57
CA TYR A 297 -4.82 33.50 10.89
C TYR A 297 -5.76 33.47 9.68
N SER A 298 -5.53 32.54 8.77
CA SER A 298 -6.41 32.39 7.63
C SER A 298 -7.78 31.92 8.11
N SER A 299 -8.78 32.12 7.27
CA SER A 299 -10.18 31.98 7.66
C SER A 299 -10.72 30.57 7.57
N SER A 300 -9.85 29.56 7.44
CA SER A 300 -10.24 28.15 7.51
C SER A 300 -10.95 27.67 6.25
N GLU A 301 -11.24 28.57 5.31
CA GLU A 301 -11.72 28.20 3.99
C GLU A 301 -10.61 28.18 2.96
N THR A 302 -9.41 28.60 3.33
CA THR A 302 -8.31 28.65 2.39
C THR A 302 -7.95 27.22 1.95
N PRO A 303 -7.70 26.96 0.66
CA PRO A 303 -7.45 25.58 0.25
C PRO A 303 -6.29 24.87 0.93
N ASN A 304 -5.13 25.52 1.03
CA ASN A 304 -3.89 24.86 1.40
C ASN A 304 -3.28 25.40 2.68
N ARG A 305 -4.11 25.89 3.60
CA ARG A 305 -3.59 26.60 4.77
C ARG A 305 -2.68 25.74 5.62
N HIS A 306 -2.93 24.44 5.69
CA HIS A 306 -2.03 23.57 6.43
C HIS A 306 -0.72 23.35 5.69
N ASP A 307 -0.75 23.42 4.37
CA ASP A 307 0.41 23.05 3.57
C ASP A 307 1.38 24.20 3.34
N MET A 308 0.91 25.45 3.42
CA MET A 308 1.74 26.56 2.99
C MET A 308 2.97 26.75 3.88
N LEU A 309 2.87 26.37 5.15
CA LEU A 309 4.03 26.50 6.02
C LEU A 309 5.13 25.51 5.71
N LEU A 310 4.87 24.53 4.85
CA LEU A 310 5.93 23.63 4.41
C LEU A 310 6.84 24.27 3.38
N VAL A 311 6.51 25.46 2.88
CA VAL A 311 7.39 26.16 1.97
C VAL A 311 8.65 26.57 2.72
N GLU A 312 9.80 26.24 2.15
CA GLU A 312 11.09 26.07 2.84
C GLU A 312 11.43 27.14 3.88
N PRO A 313 11.53 28.42 3.50
CA PRO A 313 11.95 29.42 4.48
C PRO A 313 10.98 29.53 5.64
N LEU A 314 9.69 29.31 5.41
CA LEU A 314 8.73 29.47 6.48
C LEU A 314 8.87 28.40 7.55
N ASN A 315 9.04 27.15 7.15
CA ASN A 315 9.23 26.10 8.15
C ASN A 315 10.51 26.31 8.93
N ARG A 316 11.62 26.62 8.24
CA ARG A 316 12.85 26.85 8.99
C ARG A 316 12.72 28.06 9.91
N LEU A 317 12.07 29.11 9.43
CA LEU A 317 11.92 30.32 10.21
C LEU A 317 11.10 30.09 11.46
N LEU A 318 10.03 29.32 11.35
CA LEU A 318 9.21 29.06 12.53
C LEU A 318 9.98 28.20 13.53
N GLN A 319 10.75 27.24 13.05
CA GLN A 319 11.57 26.47 13.98
C GLN A 319 12.58 27.36 14.70
N ASP A 320 13.17 28.30 13.96
CA ASP A 320 14.11 29.23 14.56
C ASP A 320 13.44 30.09 15.62
N LYS A 321 12.27 30.66 15.31
CA LYS A 321 11.57 31.48 16.29
C LYS A 321 11.26 30.68 17.54
N TRP A 322 10.75 29.46 17.35
CA TRP A 322 10.43 28.60 18.48
C TRP A 322 11.65 28.40 19.37
N ASP A 323 12.71 27.83 18.81
CA ASP A 323 13.90 27.49 19.59
C ASP A 323 14.50 28.71 20.26
N ARG A 324 14.57 29.83 19.56
CA ARG A 324 15.27 30.97 20.13
C ARG A 324 14.45 31.68 21.19
N PHE A 325 13.17 31.86 20.96
CA PHE A 325 12.40 32.82 21.74
C PHE A 325 11.22 32.23 22.47
N VAL A 326 10.48 31.31 21.85
CA VAL A 326 9.10 31.08 22.26
C VAL A 326 8.99 29.85 23.15
N LYS A 327 9.92 28.92 23.01
CA LYS A 327 9.88 27.68 23.77
C LYS A 327 9.79 27.95 25.27
N ARG A 328 10.63 28.84 25.78
CA ARG A 328 10.68 29.10 27.22
C ARG A 328 9.39 29.75 27.69
N ILE A 329 8.89 30.73 26.95
CA ILE A 329 7.65 31.40 27.34
C ILE A 329 6.50 30.41 27.35
N PHE A 330 6.45 29.54 26.36
CA PHE A 330 5.38 28.56 26.29
C PHE A 330 5.45 27.59 27.46
N TYR A 331 6.66 27.14 27.79
CA TYR A 331 6.81 26.26 28.95
C TYR A 331 6.37 26.97 30.22
N PHE A 332 6.69 28.26 30.32
CA PHE A 332 6.25 29.03 31.48
C PHE A 332 4.74 29.11 31.55
N ASN A 333 4.08 29.34 30.42
CA ASN A 333 2.63 29.39 30.41
C ASN A 333 2.05 28.04 30.83
N PHE A 334 2.63 26.96 30.34
CA PHE A 334 2.16 25.63 30.71
C PHE A 334 2.30 25.41 32.20
N PHE A 335 3.44 25.81 32.76
CA PHE A 335 3.67 25.68 34.20
C PHE A 335 2.64 26.48 34.99
N VAL A 336 2.38 27.71 34.57
CA VAL A 336 1.45 28.56 35.31
C VAL A 336 0.05 27.96 35.27
N TYR A 337 -0.38 27.48 34.10
CA TYR A 337 -1.68 26.86 34.02
C TYR A 337 -1.74 25.62 34.89
N CYS A 338 -0.65 24.86 34.95
CA CYS A 338 -0.62 23.69 35.81
C CYS A 338 -0.78 24.09 37.28
N LEU A 339 -0.11 25.18 37.69
CA LEU A 339 -0.27 25.64 39.06
C LEU A 339 -1.70 26.08 39.33
N TYR A 340 -2.29 26.78 38.37
CA TYR A 340 -3.66 27.22 38.54
C TYR A 340 -4.60 26.03 38.70
N MET A 341 -4.41 25.01 37.89
CA MET A 341 -5.29 23.85 37.97
C MET A 341 -5.06 23.06 39.24
N ILE A 342 -3.82 23.00 39.73
CA ILE A 342 -3.59 22.37 41.02
C ILE A 342 -4.30 23.13 42.12
N ILE A 343 -4.17 24.46 42.12
CA ILE A 343 -4.79 25.27 43.16
C ILE A 343 -6.31 25.15 43.10
N PHE A 344 -6.86 25.21 41.89
CA PHE A 344 -8.31 25.03 41.73
C PHE A 344 -8.74 23.68 42.23
N THR A 345 -7.99 22.63 41.89
CA THR A 345 -8.36 21.30 42.32
C THR A 345 -8.33 21.20 43.83
N ALA A 346 -7.30 21.75 44.45
CA ALA A 346 -7.19 21.69 45.90
C ALA A 346 -8.31 22.48 46.57
N ALA A 347 -8.63 23.66 46.05
CA ALA A 347 -9.70 24.45 46.63
C ALA A 347 -11.04 23.74 46.50
N ALA A 348 -11.31 23.16 45.34
CA ALA A 348 -12.58 22.50 45.13
C ALA A 348 -12.68 21.21 45.93
N TYR A 349 -11.55 20.52 46.09
CA TYR A 349 -11.54 19.27 46.84
C TYR A 349 -11.94 19.48 48.28
N TYR A 350 -11.50 20.58 48.89
CA TYR A 350 -11.78 20.89 50.29
C TYR A 350 -12.95 21.86 50.45
N ARG A 351 -13.94 21.83 49.56
CA ARG A 351 -15.07 22.73 49.73
C ARG A 351 -15.82 22.37 51.00
N PRO A 352 -16.46 23.35 51.66
CA PRO A 352 -17.23 23.03 52.87
C PRO A 352 -18.57 22.43 52.50
N VAL A 353 -19.05 21.56 53.38
CA VAL A 353 -20.25 20.76 53.12
C VAL A 353 -21.48 21.28 53.85
N GLU A 354 -21.36 22.36 54.60
CA GLU A 354 -22.54 22.95 55.22
C GLU A 354 -23.45 23.51 54.13
N GLY A 355 -24.71 23.69 54.46
CA GLY A 355 -25.66 24.17 53.48
C GLY A 355 -25.55 25.68 53.24
N LEU A 356 -26.23 26.12 52.19
CA LEU A 356 -26.52 27.53 51.97
C LEU A 356 -25.27 28.39 51.87
N PRO A 357 -24.56 28.38 50.74
CA PRO A 357 -23.44 29.31 50.55
C PRO A 357 -23.92 30.75 50.58
N PRO A 358 -23.03 31.72 50.73
CA PRO A 358 -21.59 31.66 51.02
C PRO A 358 -21.34 31.27 52.46
N TYR A 359 -20.12 30.82 52.76
CA TYR A 359 -19.79 30.26 54.06
C TYR A 359 -18.85 31.18 54.82
N LYS A 360 -19.08 31.28 56.12
CA LYS A 360 -18.26 32.15 56.97
C LYS A 360 -16.84 31.63 57.04
N LEU A 361 -15.88 32.55 56.90
CA LEU A 361 -14.48 32.19 56.94
C LEU A 361 -14.04 31.93 58.37
N LYS A 362 -13.62 30.70 58.65
CA LYS A 362 -13.16 30.36 59.98
C LYS A 362 -11.74 30.86 60.19
N ASN A 363 -11.42 31.17 61.44
CA ASN A 363 -10.13 31.73 61.79
C ASN A 363 -9.14 30.60 62.06
N THR A 364 -8.83 29.86 60.99
CA THR A 364 -7.85 28.80 61.03
C THR A 364 -7.08 28.80 59.73
N VAL A 365 -5.89 28.20 59.78
CA VAL A 365 -4.94 28.28 58.67
C VAL A 365 -5.54 27.67 57.41
N GLY A 366 -6.15 26.50 57.55
CA GLY A 366 -6.67 25.80 56.38
C GLY A 366 -7.70 26.60 55.63
N ASP A 367 -8.60 27.28 56.35
CA ASP A 367 -9.65 28.01 55.68
C ASP A 367 -9.14 29.28 55.01
N TYR A 368 -8.10 29.91 55.57
CA TYR A 368 -7.46 31.02 54.86
C TYR A 368 -6.86 30.54 53.55
N PHE A 369 -6.19 29.39 53.58
CA PHE A 369 -5.69 28.85 52.32
C PHE A 369 -6.83 28.54 51.36
N ARG A 370 -7.93 28.00 51.88
CA ARG A 370 -9.05 27.63 51.04
C ARG A 370 -9.64 28.85 50.33
N VAL A 371 -9.89 29.92 51.09
CA VAL A 371 -10.51 31.09 50.46
C VAL A 371 -9.54 31.77 49.51
N THR A 372 -8.24 31.76 49.82
CA THR A 372 -7.27 32.26 48.87
C THR A 372 -7.34 31.48 47.57
N GLY A 373 -7.45 30.15 47.67
CA GLY A 373 -7.58 29.33 46.48
C GLY A 373 -8.84 29.65 45.70
N GLU A 374 -9.95 29.89 46.40
CA GLU A 374 -11.17 30.25 45.70
C GLU A 374 -11.00 31.54 44.92
N ILE A 375 -10.36 32.53 45.53
CA ILE A 375 -10.15 33.81 44.85
C ILE A 375 -9.26 33.61 43.63
N LEU A 376 -8.21 32.82 43.77
CA LEU A 376 -7.31 32.58 42.64
C LEU A 376 -8.03 31.85 41.51
N SER A 377 -8.86 30.86 41.86
CA SER A 377 -9.61 30.13 40.85
C SER A 377 -10.55 31.06 40.09
N VAL A 378 -11.27 31.91 40.81
CA VAL A 378 -12.20 32.83 40.15
C VAL A 378 -11.42 33.86 39.33
N SER A 379 -10.26 34.29 39.82
CA SER A 379 -9.42 35.20 39.06
C SER A 379 -9.00 34.58 37.74
N GLY A 380 -8.62 33.32 37.76
CA GLY A 380 -8.28 32.65 36.51
C GLY A 380 -9.47 32.51 35.60
N GLY A 381 -10.66 32.27 36.18
CA GLY A 381 -11.85 32.20 35.36
C GLY A 381 -12.14 33.49 34.65
N VAL A 382 -12.05 34.61 35.38
CA VAL A 382 -12.23 35.92 34.76
C VAL A 382 -11.17 36.15 33.70
N TYR A 383 -9.94 35.74 34.00
CA TYR A 383 -8.84 35.90 33.05
C TYR A 383 -9.16 35.23 31.73
N PHE A 384 -9.54 33.95 31.78
CA PHE A 384 -9.82 33.24 30.55
C PHE A 384 -11.08 33.76 29.88
N PHE A 385 -12.05 34.22 30.66
CA PHE A 385 -13.25 34.82 30.08
C PHE A 385 -12.89 36.01 29.21
N PHE A 386 -12.14 36.95 29.77
CA PHE A 386 -11.82 38.14 29.01
C PHE A 386 -10.90 37.83 27.85
N ARG A 387 -9.95 36.90 28.02
CA ARG A 387 -9.12 36.53 26.88
C ARG A 387 -9.94 35.91 25.76
N GLY A 388 -10.98 35.15 26.12
CA GLY A 388 -11.89 34.64 25.11
C GLY A 388 -12.62 35.73 24.38
N ILE A 389 -13.12 36.73 25.13
CA ILE A 389 -13.80 37.84 24.47
C ILE A 389 -12.82 38.58 23.55
N GLN A 390 -11.60 38.78 24.02
CA GLN A 390 -10.63 39.48 23.19
C GLN A 390 -10.35 38.71 21.92
N TYR A 391 -10.24 37.39 22.01
CA TYR A 391 -10.10 36.57 20.81
C TYR A 391 -11.26 36.83 19.86
N PHE A 392 -12.48 36.80 20.38
CA PHE A 392 -13.66 36.94 19.52
C PHE A 392 -13.68 38.30 18.83
N LEU A 393 -13.48 39.38 19.61
CA LEU A 393 -13.54 40.72 19.03
C LEU A 393 -12.40 40.96 18.06
N GLN A 394 -11.20 40.45 18.37
CA GLN A 394 -10.07 40.70 17.50
C GLN A 394 -10.21 39.95 16.18
N ARG A 395 -10.63 38.69 16.23
CA ARG A 395 -10.71 37.90 15.01
C ARG A 395 -12.04 38.05 14.29
N ARG A 396 -13.13 38.22 15.03
CA ARG A 396 -14.47 38.30 14.47
C ARG A 396 -14.75 37.13 13.50
N PRO A 397 -14.78 35.89 14.00
CA PRO A 397 -15.19 34.78 13.13
C PRO A 397 -16.65 34.93 12.71
N SER A 398 -16.95 34.44 11.51
CA SER A 398 -18.28 34.66 10.91
C SER A 398 -19.26 33.56 11.26
N LEU A 399 -19.35 33.17 12.53
CA LEU A 399 -20.48 32.39 13.06
C LEU A 399 -20.61 30.98 12.50
N LYS A 400 -19.76 30.57 11.56
CA LYS A 400 -19.56 29.19 11.16
C LYS A 400 -18.12 28.77 11.36
N SER A 401 -17.19 29.62 10.91
CA SER A 401 -15.79 29.54 11.31
C SER A 401 -15.63 29.68 12.82
N LEU A 402 -16.61 30.27 13.51
CA LEU A 402 -16.55 30.36 14.96
C LEU A 402 -16.56 28.99 15.62
N PHE A 403 -17.17 28.00 15.00
CA PHE A 403 -17.35 26.69 15.61
C PHE A 403 -16.53 25.59 14.97
N VAL A 404 -16.41 25.59 13.64
CA VAL A 404 -15.62 24.55 12.97
C VAL A 404 -14.12 24.73 13.15
N ASP A 405 -13.69 25.86 13.69
CA ASP A 405 -12.27 26.10 13.92
C ASP A 405 -12.12 26.87 15.24
N SER A 406 -10.91 26.81 15.80
CA SER A 406 -10.63 27.40 17.11
C SER A 406 -11.40 26.68 18.20
N TYR A 407 -11.25 25.36 18.25
CA TYR A 407 -11.89 24.61 19.33
C TYR A 407 -11.29 24.96 20.68
N SER A 408 -9.98 25.23 20.71
CA SER A 408 -9.32 25.49 22.00
C SER A 408 -9.84 26.76 22.63
N GLU A 409 -10.07 27.80 21.84
CA GLU A 409 -10.64 29.02 22.39
C GLU A 409 -12.02 28.76 22.96
N ILE A 410 -12.84 27.98 22.26
CA ILE A 410 -14.17 27.68 22.74
C ILE A 410 -14.10 26.92 24.05
N LEU A 411 -13.20 25.93 24.14
CA LEU A 411 -13.12 25.12 25.34
C LEU A 411 -12.66 25.92 26.54
N PHE A 412 -11.59 26.71 26.39
CA PHE A 412 -11.14 27.53 27.50
C PHE A 412 -12.19 28.56 27.88
N PHE A 413 -12.88 29.13 26.88
CA PHE A 413 -13.92 30.09 27.19
C PHE A 413 -15.06 29.45 27.95
N VAL A 414 -15.48 28.25 27.54
CA VAL A 414 -16.57 27.56 28.22
C VAL A 414 -16.17 27.19 29.64
N GLN A 415 -14.91 26.83 29.84
CA GLN A 415 -14.42 26.61 31.19
C GLN A 415 -14.61 27.85 32.04
N SER A 416 -14.22 29.00 31.49
CA SER A 416 -14.37 30.23 32.25
C SER A 416 -15.83 30.55 32.51
N LEU A 417 -16.70 30.27 31.55
CA LEU A 417 -18.13 30.51 31.77
C LEU A 417 -18.67 29.64 32.88
N PHE A 418 -18.26 28.38 32.95
CA PHE A 418 -18.69 27.54 34.06
C PHE A 418 -18.18 28.09 35.37
N MET A 419 -16.95 28.60 35.39
CA MET A 419 -16.44 29.20 36.61
C MET A 419 -17.29 30.39 37.04
N LEU A 420 -17.62 31.27 36.09
CA LEU A 420 -18.36 32.47 36.45
C LEU A 420 -19.79 32.14 36.90
N VAL A 421 -20.45 31.22 36.21
CA VAL A 421 -21.78 30.84 36.64
C VAL A 421 -21.71 30.21 38.02
N SER A 422 -20.64 29.47 38.30
CA SER A 422 -20.45 28.93 39.64
C SER A 422 -20.34 30.06 40.66
N VAL A 423 -19.63 31.13 40.31
CA VAL A 423 -19.53 32.27 41.22
C VAL A 423 -20.90 32.87 41.50
N VAL A 424 -21.69 33.07 40.45
CA VAL A 424 -23.01 33.67 40.58
C VAL A 424 -23.88 32.81 41.49
N LEU A 425 -23.89 31.51 41.25
CA LEU A 425 -24.68 30.61 42.09
C LEU A 425 -24.16 30.59 43.51
N TYR A 426 -22.85 30.76 43.70
CA TYR A 426 -22.28 30.77 45.03
C TYR A 426 -22.81 31.95 45.83
N PHE A 427 -22.80 33.14 45.23
CA PHE A 427 -23.29 34.32 45.91
C PHE A 427 -24.79 34.52 45.77
N SER A 428 -25.46 33.70 44.96
CA SER A 428 -26.92 33.68 44.93
C SER A 428 -27.51 32.77 46.00
N GLN A 429 -26.70 32.23 46.91
CA GLN A 429 -27.20 31.35 47.95
C GLN A 429 -27.88 30.13 47.37
N ARG A 430 -27.23 29.51 46.39
CA ARG A 430 -27.71 28.30 45.75
C ARG A 430 -26.62 27.25 45.85
N LYS A 431 -27.02 25.99 46.08
CA LYS A 431 -26.03 24.88 46.19
C LYS A 431 -25.59 24.44 44.79
N GLU A 432 -26.28 24.88 43.74
CA GLU A 432 -25.97 24.44 42.39
C GLU A 432 -24.60 24.89 41.92
N TYR A 433 -23.95 25.82 42.63
CA TYR A 433 -22.59 26.19 42.25
C TYR A 433 -21.67 24.98 42.19
N VAL A 434 -21.89 23.97 43.05
CA VAL A 434 -21.04 22.80 42.98
C VAL A 434 -21.15 22.15 41.61
N ALA A 435 -22.38 22.01 41.11
CA ALA A 435 -22.59 21.43 39.79
C ALA A 435 -21.84 22.23 38.73
N SER A 436 -21.81 23.54 38.85
CA SER A 436 -21.05 24.31 37.87
C SER A 436 -19.57 24.09 38.05
N MET A 437 -19.09 24.14 39.29
CA MET A 437 -17.66 24.18 39.53
C MET A 437 -16.98 22.94 39.01
N VAL A 438 -17.54 21.77 39.31
CA VAL A 438 -16.92 20.51 38.90
C VAL A 438 -16.82 20.47 37.39
N PHE A 439 -17.81 20.99 36.68
CA PHE A 439 -17.73 20.95 35.23
C PHE A 439 -16.52 21.72 34.76
N SER A 440 -16.34 22.93 35.29
CA SER A 440 -15.16 23.69 34.94
C SER A 440 -13.91 22.91 35.29
N LEU A 441 -13.92 22.31 36.47
CA LEU A 441 -12.75 21.57 36.92
C LEU A 441 -12.43 20.46 35.95
N ALA A 442 -13.44 19.70 35.51
CA ALA A 442 -13.17 18.62 34.57
C ALA A 442 -12.60 19.19 33.28
N MET A 443 -13.22 20.24 32.76
CA MET A 443 -12.75 20.81 31.51
C MET A 443 -11.33 21.30 31.66
N GLY A 444 -11.02 21.87 32.84
CA GLY A 444 -9.69 22.39 33.05
C GLY A 444 -8.65 21.34 32.83
N TRP A 445 -8.89 20.15 33.37
CA TRP A 445 -7.87 19.12 33.23
C TRP A 445 -7.77 18.65 31.78
N THR A 446 -8.89 18.50 31.09
CA THR A 446 -8.76 18.08 29.71
C THR A 446 -8.12 19.17 28.89
N ASN A 447 -8.31 20.43 29.28
CA ASN A 447 -7.67 21.49 28.52
C ASN A 447 -6.17 21.49 28.68
N MET A 448 -5.63 20.73 29.63
CA MET A 448 -4.18 20.55 29.69
C MET A 448 -3.64 19.99 28.37
N LEU A 449 -4.45 19.24 27.63
CA LEU A 449 -3.98 18.71 26.36
C LEU A 449 -3.67 19.81 25.35
N TYR A 450 -4.21 21.01 25.55
CA TYR A 450 -3.84 22.13 24.70
C TYR A 450 -2.33 22.30 24.66
N TYR A 451 -1.66 22.07 25.77
CA TYR A 451 -0.23 22.27 25.86
C TYR A 451 0.57 21.11 25.31
N THR A 452 -0.07 20.08 24.77
CA THR A 452 0.69 19.04 24.09
C THR A 452 1.27 19.53 22.78
N ARG A 453 0.79 20.65 22.25
CA ARG A 453 1.52 21.35 21.22
C ARG A 453 2.79 21.91 21.85
N GLY A 454 3.83 22.04 21.03
CA GLY A 454 5.13 22.39 21.54
C GLY A 454 5.99 21.21 21.91
N PHE A 455 5.43 20.01 21.92
CA PHE A 455 6.17 18.77 21.98
C PHE A 455 5.75 17.97 20.76
N GLN A 456 6.72 17.51 19.97
CA GLN A 456 6.38 16.94 18.67
C GLN A 456 5.43 15.77 18.79
N GLN A 457 5.83 14.72 19.49
CA GLN A 457 5.04 13.48 19.42
C GLN A 457 3.69 13.66 20.12
N MET A 458 3.69 14.29 21.30
CA MET A 458 2.42 14.53 21.95
C MET A 458 1.55 15.51 21.16
N GLY A 459 2.16 16.49 20.50
CA GLY A 459 1.36 17.36 19.65
C GLY A 459 0.67 16.62 18.54
N ILE A 460 1.40 15.75 17.84
CA ILE A 460 0.78 14.94 16.80
C ILE A 460 -0.31 14.07 17.38
N TYR A 461 -0.07 13.51 18.55
CA TYR A 461 -1.05 12.64 19.17
C TYR A 461 -2.31 13.41 19.49
N ALA A 462 -2.19 14.62 20.03
CA ALA A 462 -3.37 15.41 20.34
C ALA A 462 -4.13 15.78 19.09
N VAL A 463 -3.42 16.10 18.00
CA VAL A 463 -4.09 16.39 16.74
C VAL A 463 -4.86 15.17 16.25
N MET A 464 -4.26 13.98 16.35
CA MET A 464 -4.98 12.79 15.95
C MET A 464 -6.19 12.55 16.83
N ILE A 465 -6.10 12.86 18.11
CA ILE A 465 -7.26 12.71 18.98
C ILE A 465 -8.37 13.63 18.50
N GLU A 466 -8.01 14.87 18.19
CA GLU A 466 -8.98 15.82 17.66
C GLU A 466 -9.67 15.28 16.43
N LYS A 467 -8.90 14.77 15.47
CA LYS A 467 -9.51 14.33 14.23
C LYS A 467 -10.35 13.08 14.43
N MET A 468 -9.91 12.18 15.32
CA MET A 468 -10.73 11.00 15.61
C MET A 468 -12.06 11.41 16.21
N ILE A 469 -12.05 12.37 17.14
CA ILE A 469 -13.30 12.87 17.71
C ILE A 469 -14.17 13.45 16.62
N LEU A 470 -13.58 14.28 15.76
CA LEU A 470 -14.41 15.03 14.84
C LEU A 470 -15.00 14.15 13.75
N ARG A 471 -14.27 13.12 13.30
CA ARG A 471 -14.80 12.24 12.26
C ARG A 471 -15.46 10.98 12.83
N ASP A 472 -14.65 10.11 13.42
CA ASP A 472 -15.07 8.72 13.58
C ASP A 472 -15.96 8.56 14.79
N LEU A 473 -15.58 9.18 15.90
CA LEU A 473 -16.43 9.15 17.07
C LEU A 473 -17.77 9.79 16.77
N CYS A 474 -17.79 10.90 16.04
CA CYS A 474 -19.07 11.56 15.78
C CYS A 474 -19.99 10.70 14.92
N ARG A 475 -19.47 10.14 13.83
CA ARG A 475 -20.33 9.30 12.99
C ARG A 475 -20.82 8.08 13.76
N PHE A 476 -19.90 7.44 14.49
CA PHE A 476 -20.29 6.30 15.31
C PHE A 476 -21.35 6.70 16.31
N MET A 477 -21.20 7.85 16.96
CA MET A 477 -22.14 8.21 18.01
C MET A 477 -23.52 8.46 17.46
N PHE A 478 -23.61 9.05 16.26
CA PHE A 478 -24.93 9.18 15.65
C PHE A 478 -25.58 7.80 15.48
N VAL A 479 -24.86 6.88 14.84
CA VAL A 479 -25.49 5.58 14.57
C VAL A 479 -25.78 4.85 15.88
N TYR A 480 -24.82 4.87 16.80
CA TYR A 480 -24.96 4.15 18.06
C TYR A 480 -26.10 4.69 18.88
N LEU A 481 -26.23 6.01 18.98
CA LEU A 481 -27.28 6.57 19.79
C LEU A 481 -28.64 6.30 19.19
N VAL A 482 -28.74 6.25 17.86
CA VAL A 482 -30.01 5.83 17.27
C VAL A 482 -30.34 4.40 17.68
N PHE A 483 -29.38 3.49 17.56
CA PHE A 483 -29.66 2.10 17.92
C PHE A 483 -29.98 1.96 19.40
N LEU A 484 -29.23 2.67 20.25
CA LEU A 484 -29.46 2.60 21.68
C LEU A 484 -30.85 3.06 22.03
N PHE A 485 -31.25 4.21 21.52
CA PHE A 485 -32.57 4.72 21.85
C PHE A 485 -33.66 3.82 21.31
N GLY A 486 -33.48 3.30 20.09
CA GLY A 486 -34.52 2.45 19.53
C GLY A 486 -34.75 1.19 20.34
N PHE A 487 -33.67 0.49 20.68
CA PHE A 487 -33.85 -0.72 21.45
C PHE A 487 -34.24 -0.41 22.89
N SER A 488 -33.83 0.72 23.44
CA SER A 488 -34.28 1.09 24.77
C SER A 488 -35.77 1.31 24.82
N THR A 489 -36.30 2.00 23.81
CA THR A 489 -37.75 2.21 23.76
C THR A 489 -38.48 0.90 23.58
N ALA A 490 -37.96 0.00 22.73
CA ALA A 490 -38.60 -1.30 22.59
C ALA A 490 -38.60 -2.08 23.89
N VAL A 491 -37.47 -2.10 24.59
CA VAL A 491 -37.38 -2.90 25.80
C VAL A 491 -38.23 -2.30 26.90
N VAL A 492 -38.20 -0.99 27.05
CA VAL A 492 -38.99 -0.39 28.13
C VAL A 492 -40.46 -0.47 27.82
N THR A 493 -40.83 -0.54 26.55
CA THR A 493 -42.22 -0.80 26.21
C THR A 493 -42.62 -2.20 26.61
N LEU A 494 -41.75 -3.18 26.39
CA LEU A 494 -42.08 -4.53 26.80
C LEU A 494 -42.19 -4.66 28.31
N ILE A 495 -41.32 -3.99 29.05
CA ILE A 495 -41.37 -4.04 30.51
C ILE A 495 -42.63 -3.34 30.99
N GLU A 496 -43.24 -3.89 32.04
CA GLU A 496 -44.44 -3.30 32.62
C GLU A 496 -44.36 -3.37 34.14
N ASP A 497 -44.57 -2.22 34.79
CA ASP A 497 -44.67 -2.12 36.24
C ASP A 497 -43.51 -2.82 36.94
N GLY A 498 -42.30 -2.34 36.64
CA GLY A 498 -41.09 -2.86 37.25
C GLY A 498 -40.27 -1.77 37.94
N LYS A 499 -39.11 -2.20 38.43
CA LYS A 499 -38.13 -1.23 38.91
C LYS A 499 -37.64 -0.36 37.77
N TYR A 500 -37.43 -0.93 36.59
CA TYR A 500 -36.82 -0.16 35.53
C TYR A 500 -37.85 0.72 34.84
N ASN A 501 -38.71 0.14 34.02
CA ASN A 501 -39.97 0.71 33.51
C ASN A 501 -39.93 2.21 33.26
N SER A 502 -38.78 2.70 32.83
CA SER A 502 -38.59 4.10 32.59
C SER A 502 -37.48 4.20 31.57
N LEU A 503 -37.57 5.21 30.73
CA LEU A 503 -36.67 5.29 29.60
C LEU A 503 -35.24 5.48 30.07
N TYR A 504 -35.04 6.24 31.15
CA TYR A 504 -33.70 6.49 31.63
C TYR A 504 -33.03 5.21 32.13
N SER A 505 -33.74 4.45 32.97
CA SER A 505 -33.14 3.26 33.56
C SER A 505 -32.80 2.22 32.50
N THR A 506 -33.71 1.99 31.55
CA THR A 506 -33.42 1.00 30.52
C THR A 506 -32.35 1.50 29.56
N CYS A 507 -32.34 2.80 29.26
CA CYS A 507 -31.27 3.33 28.43
C CYS A 507 -29.91 3.09 29.09
N LEU A 508 -29.80 3.38 30.38
CA LEU A 508 -28.54 3.18 31.06
C LEU A 508 -28.18 1.70 31.11
N GLU A 509 -29.18 0.84 31.31
CA GLU A 509 -28.92 -0.57 31.42
C GLU A 509 -28.47 -1.17 30.10
N LEU A 510 -28.96 -0.67 28.97
CA LEU A 510 -28.43 -1.10 27.68
C LEU A 510 -27.10 -0.46 27.37
N PHE A 511 -26.86 0.76 27.87
CA PHE A 511 -25.55 1.37 27.70
C PHE A 511 -24.47 0.54 28.38
N LYS A 512 -24.79 -0.08 29.50
CA LYS A 512 -23.80 -0.91 30.19
C LYS A 512 -23.25 -2.03 29.30
N PHE A 513 -24.00 -2.49 28.31
CA PHE A 513 -23.46 -3.47 27.39
C PHE A 513 -22.26 -2.92 26.64
N THR A 514 -22.26 -1.62 26.36
CA THR A 514 -21.17 -1.03 25.60
C THR A 514 -19.86 -1.08 26.38
N ILE A 515 -19.91 -0.88 27.69
CA ILE A 515 -18.71 -0.90 28.51
C ILE A 515 -18.42 -2.29 29.07
N GLY A 516 -19.02 -3.33 28.48
CA GLY A 516 -18.76 -4.67 28.94
C GLY A 516 -19.27 -4.96 30.32
N MET A 517 -20.42 -4.41 30.68
CA MET A 517 -21.05 -4.64 31.97
C MET A 517 -22.52 -4.99 31.83
N GLY A 518 -22.94 -5.47 30.66
CA GLY A 518 -24.36 -5.69 30.42
C GLY A 518 -24.88 -6.91 31.15
N ASP A 519 -25.99 -6.73 31.86
CA ASP A 519 -26.51 -7.80 32.70
C ASP A 519 -27.12 -8.92 31.87
N LEU A 520 -27.95 -8.59 30.89
CA LEU A 520 -28.63 -9.55 30.00
C LEU A 520 -29.78 -10.28 30.69
N GLU A 521 -29.95 -10.13 32.00
CA GLU A 521 -31.11 -10.61 32.72
C GLU A 521 -31.51 -9.60 33.78
N PHE A 522 -31.45 -8.31 33.44
CA PHE A 522 -31.57 -7.31 34.49
C PHE A 522 -32.97 -7.21 35.04
N THR A 523 -33.99 -7.73 34.36
CA THR A 523 -35.33 -7.69 34.88
C THR A 523 -36.10 -8.87 34.34
N GLU A 524 -37.18 -9.22 35.06
CA GLU A 524 -38.17 -10.18 34.59
C GLU A 524 -39.56 -9.59 34.55
N ASN A 525 -39.71 -8.29 34.78
CA ASN A 525 -41.04 -7.68 34.85
C ASN A 525 -41.58 -7.49 33.43
N TYR A 526 -41.87 -8.61 32.80
CA TYR A 526 -42.48 -8.61 31.48
C TYR A 526 -43.27 -9.90 31.34
N ASP A 527 -43.87 -9.98 30.16
CA ASP A 527 -44.40 -11.28 29.68
C ASP A 527 -43.53 -11.47 28.43
N PHE A 528 -43.51 -12.65 27.82
CA PHE A 528 -42.76 -12.93 26.60
C PHE A 528 -41.26 -12.73 26.83
N LYS A 529 -40.68 -13.66 27.58
CA LYS A 529 -39.24 -13.62 27.82
C LYS A 529 -38.46 -13.78 26.53
N ALA A 530 -38.98 -14.57 25.59
CA ALA A 530 -38.29 -14.76 24.32
C ALA A 530 -38.17 -13.46 23.56
N VAL A 531 -39.18 -12.60 23.65
CA VAL A 531 -39.09 -11.31 22.99
C VAL A 531 -38.02 -10.46 23.63
N PHE A 532 -37.96 -10.45 24.95
CA PHE A 532 -36.95 -9.67 25.66
C PHE A 532 -35.56 -10.11 25.27
N ILE A 533 -35.31 -11.41 25.27
CA ILE A 533 -33.97 -11.88 24.98
C ILE A 533 -33.64 -11.69 23.50
N ILE A 534 -34.62 -11.83 22.61
CA ILE A 534 -34.35 -11.56 21.20
C ILE A 534 -33.96 -10.11 21.01
N LEU A 535 -34.66 -9.19 21.67
CA LEU A 535 -34.31 -7.78 21.56
C LEU A 535 -32.90 -7.52 22.07
N LEU A 536 -32.56 -8.09 23.23
CA LEU A 536 -31.24 -7.83 23.76
C LEU A 536 -30.15 -8.43 22.89
N LEU A 537 -30.35 -9.64 22.38
CA LEU A 537 -29.34 -10.23 21.53
C LEU A 537 -29.18 -9.45 20.24
N ALA A 538 -30.28 -8.96 19.66
CA ALA A 538 -30.16 -8.13 18.48
C ALA A 538 -29.40 -6.86 18.78
N TYR A 539 -29.68 -6.24 19.93
CA TYR A 539 -28.97 -5.02 20.29
C TYR A 539 -27.49 -5.27 20.47
N VAL A 540 -27.14 -6.36 21.14
CA VAL A 540 -25.74 -6.68 21.37
C VAL A 540 -25.02 -6.95 20.07
N ILE A 541 -25.66 -7.72 19.18
CA ILE A 541 -25.01 -8.05 17.92
C ILE A 541 -24.83 -6.80 17.07
N LEU A 542 -25.81 -5.90 17.10
CA LEU A 542 -25.70 -4.71 16.27
C LEU A 542 -24.72 -3.70 16.82
N THR A 543 -24.73 -3.46 18.12
CA THR A 543 -23.89 -2.40 18.70
C THR A 543 -22.55 -2.94 19.20
N TYR A 544 -22.59 -3.93 20.08
CA TYR A 544 -21.34 -4.42 20.64
C TYR A 544 -20.50 -5.14 19.60
N ILE A 545 -21.09 -6.11 18.90
CA ILE A 545 -20.28 -6.96 18.04
C ILE A 545 -19.98 -6.26 16.72
N LEU A 546 -20.95 -5.59 16.13
CA LEU A 546 -20.73 -4.94 14.85
C LEU A 546 -20.15 -3.54 15.01
N LEU A 547 -20.85 -2.65 15.70
CA LEU A 547 -20.51 -1.24 15.58
C LEU A 547 -19.21 -0.88 16.29
N LEU A 548 -18.93 -1.45 17.46
CA LEU A 548 -17.69 -1.09 18.13
C LEU A 548 -16.48 -1.63 17.40
N ASN A 549 -16.52 -2.89 16.98
CA ASN A 549 -15.42 -3.43 16.21
C ASN A 549 -15.27 -2.68 14.90
N MET A 550 -16.39 -2.30 14.30
CA MET A 550 -16.33 -1.47 13.11
C MET A 550 -15.70 -0.13 13.41
N LEU A 551 -15.97 0.44 14.58
CA LEU A 551 -15.35 1.72 14.93
C LEU A 551 -13.84 1.56 15.03
N ILE A 552 -13.37 0.47 15.62
CA ILE A 552 -11.93 0.25 15.69
C ILE A 552 -11.36 0.15 14.30
N ALA A 553 -12.03 -0.57 13.41
CA ALA A 553 -11.56 -0.70 12.04
C ALA A 553 -11.51 0.66 11.34
N LEU A 554 -12.53 1.48 11.55
CA LEU A 554 -12.57 2.78 10.89
C LEU A 554 -11.52 3.72 11.45
N MET A 555 -11.28 3.69 12.75
CA MET A 555 -10.19 4.49 13.29
C MET A 555 -8.86 4.02 12.76
N GLY A 556 -8.70 2.71 12.58
CA GLY A 556 -7.48 2.21 11.97
C GLY A 556 -7.31 2.71 10.56
N GLU A 557 -8.41 2.80 9.82
CA GLU A 557 -8.33 3.38 8.48
C GLU A 557 -7.96 4.85 8.56
N THR A 558 -8.56 5.58 9.48
CA THR A 558 -8.34 7.03 9.57
C THR A 558 -6.89 7.34 9.93
N VAL A 559 -6.35 6.68 10.95
CA VAL A 559 -5.00 6.99 11.42
C VAL A 559 -3.98 6.73 10.33
N ASN A 560 -4.27 5.80 9.44
CA ASN A 560 -3.38 5.57 8.31
C ASN A 560 -3.40 6.72 7.30
N LYS A 561 -4.46 7.53 7.29
CA LYS A 561 -4.64 8.56 6.28
C LYS A 561 -4.40 9.97 6.78
N ILE A 562 -4.11 10.17 8.06
CA ILE A 562 -3.93 11.50 8.62
C ILE A 562 -2.55 11.69 9.23
N ALA A 563 -1.56 10.91 8.81
CA ALA A 563 -0.22 11.13 9.34
C ALA A 563 0.31 12.50 8.94
N GLN A 564 0.45 12.72 7.63
CA GLN A 564 1.03 13.97 7.17
C GLN A 564 0.11 15.14 7.47
N GLU A 565 -1.20 14.92 7.33
CA GLU A 565 -2.15 15.96 7.68
C GLU A 565 -2.01 16.35 9.15
N SER A 566 -1.77 15.37 10.02
CA SER A 566 -1.55 15.66 11.42
C SER A 566 -0.28 16.47 11.63
N LYS A 567 0.81 16.13 10.94
CA LYS A 567 2.03 16.92 11.08
C LYS A 567 1.80 18.36 10.68
N ASN A 568 1.13 18.57 9.56
CA ASN A 568 0.91 19.94 9.09
C ASN A 568 -0.01 20.71 10.02
N ILE A 569 -1.02 20.05 10.57
CA ILE A 569 -1.92 20.76 11.49
C ILE A 569 -1.18 21.12 12.77
N TRP A 570 -0.37 20.21 13.30
CA TRP A 570 0.39 20.54 14.50
C TRP A 570 1.34 21.69 14.23
N LYS A 571 1.98 21.69 13.06
CA LYS A 571 2.88 22.80 12.74
C LYS A 571 2.13 24.11 12.68
N LEU A 572 0.90 24.08 12.15
CA LEU A 572 0.10 25.30 12.14
C LEU A 572 -0.27 25.73 13.54
N GLN A 573 -0.60 24.78 14.42
CA GLN A 573 -0.92 25.15 15.81
C GLN A 573 0.27 25.80 16.50
N ARG A 574 1.46 25.23 16.33
CA ARG A 574 2.63 25.82 16.96
C ARG A 574 2.93 27.18 16.35
N ALA A 575 2.69 27.34 15.05
CA ALA A 575 2.86 28.65 14.44
C ALA A 575 1.91 29.66 15.05
N ILE A 576 0.67 29.26 15.32
CA ILE A 576 -0.28 30.16 15.95
C ILE A 576 0.22 30.57 17.32
N THR A 577 0.71 29.61 18.09
CA THR A 577 1.24 29.93 19.41
C THR A 577 2.43 30.88 19.31
N ILE A 578 3.28 30.67 18.32
CA ILE A 578 4.45 31.53 18.14
C ILE A 578 4.02 32.95 17.87
N LEU A 579 3.07 33.13 16.96
CA LEU A 579 2.63 34.48 16.64
C LEU A 579 1.93 35.13 17.83
N ASP A 580 1.15 34.36 18.58
CA ASP A 580 0.48 34.94 19.74
C ASP A 580 1.47 35.37 20.80
N THR A 581 2.47 34.54 21.07
CA THR A 581 3.47 34.94 22.06
C THR A 581 4.24 36.15 21.59
N GLU A 582 4.60 36.22 20.31
CA GLU A 582 5.33 37.38 19.83
C GLU A 582 4.47 38.63 19.86
N LYS A 583 3.17 38.51 19.68
CA LYS A 583 2.32 39.70 19.74
C LYS A 583 2.02 40.11 21.17
N SER A 584 2.06 39.16 22.12
CA SER A 584 1.86 39.52 23.52
C SER A 584 3.14 40.08 24.12
N PHE A 585 4.17 39.25 24.25
CA PHE A 585 5.60 39.53 24.47
C PHE A 585 5.96 40.18 25.80
N LEU A 586 5.00 40.82 26.48
CA LEU A 586 5.01 41.14 27.91
C LEU A 586 6.22 41.95 28.39
N LYS A 587 7.15 42.36 27.51
CA LYS A 587 8.37 43.02 27.96
C LYS A 587 8.91 44.08 26.98
N CYS A 588 8.18 44.42 25.92
CA CYS A 588 8.68 45.35 24.89
C CYS A 588 10.04 44.93 24.34
N MET A 589 10.21 43.63 24.10
CA MET A 589 11.46 43.10 23.57
C MET A 589 11.44 43.13 22.05
N ARG A 590 12.57 43.56 21.46
CA ARG A 590 12.75 43.57 20.01
C ARG A 590 13.57 42.40 19.49
N LYS A 591 14.10 41.54 20.37
CA LYS A 591 14.88 40.40 19.90
C LYS A 591 14.04 39.37 19.16
N ALA A 592 12.71 39.46 19.22
CA ALA A 592 11.87 38.56 18.44
C ALA A 592 12.12 38.66 16.95
N PHE A 593 12.62 39.79 16.47
CA PHE A 593 12.94 40.00 15.06
C PHE A 593 14.25 39.28 14.77
N ARG A 594 14.15 38.13 14.09
CA ARG A 594 15.32 37.29 13.86
C ARG A 594 16.00 37.60 12.52
N SER A 595 17.01 36.80 12.21
CA SER A 595 17.70 36.66 10.92
C SER A 595 18.76 37.72 10.58
N GLY A 596 18.81 38.84 11.29
CA GLY A 596 19.92 39.75 11.06
C GLY A 596 19.94 40.47 9.72
N LYS A 597 20.35 41.74 9.74
CA LYS A 597 20.25 42.66 8.61
C LYS A 597 21.54 42.64 7.81
N LEU A 598 21.53 41.93 6.69
CA LEU A 598 22.71 41.76 5.86
C LEU A 598 22.62 42.59 4.59
N LEU A 599 23.76 43.12 4.17
CA LEU A 599 23.88 43.75 2.86
C LEU A 599 23.79 42.63 1.83
N GLN A 600 22.75 42.66 1.00
CA GLN A 600 22.44 41.51 0.19
C GLN A 600 23.14 41.55 -1.16
N VAL A 601 22.87 42.58 -1.96
CA VAL A 601 23.58 42.85 -3.19
C VAL A 601 24.44 44.09 -3.08
N GLY A 602 23.97 45.09 -2.34
CA GLY A 602 24.68 46.34 -2.26
C GLY A 602 24.56 47.19 -3.51
N PHE A 603 23.73 46.77 -4.46
CA PHE A 603 23.58 47.45 -5.74
C PHE A 603 22.12 47.30 -6.13
N THR A 604 21.32 48.29 -5.77
CA THR A 604 19.95 48.42 -6.22
C THR A 604 19.98 48.99 -7.63
N PRO A 605 18.82 49.27 -8.24
CA PRO A 605 18.85 49.96 -9.54
C PRO A 605 19.61 51.26 -9.53
N ASP A 606 19.57 51.98 -8.43
CA ASP A 606 20.39 53.17 -8.22
C ASP A 606 21.64 52.76 -7.43
N GLY A 607 22.44 53.73 -7.04
CA GLY A 607 23.69 53.43 -6.37
C GLY A 607 23.55 52.99 -4.92
N LYS A 608 22.34 53.00 -4.38
CA LYS A 608 22.16 52.64 -2.99
C LYS A 608 22.45 51.15 -2.80
N ASP A 609 22.62 50.76 -1.54
CA ASP A 609 22.89 49.38 -1.16
C ASP A 609 21.70 48.85 -0.38
N ASP A 610 21.41 47.56 -0.58
CA ASP A 610 20.17 46.96 -0.11
C ASP A 610 20.44 46.02 1.05
N TYR A 611 19.84 46.33 2.18
CA TYR A 611 19.87 45.50 3.38
C TYR A 611 18.47 44.93 3.58
N ARG A 612 18.36 43.61 3.80
CA ARG A 612 17.08 42.94 3.63
C ARG A 612 16.67 42.02 4.77
N TRP A 613 17.38 41.98 5.89
CA TRP A 613 17.05 41.07 6.99
C TRP A 613 16.93 39.62 6.50
N CYS A 614 18.01 39.10 5.95
CA CYS A 614 17.92 37.80 5.32
C CYS A 614 18.07 36.68 6.34
N PHE A 615 17.60 35.50 5.98
CA PHE A 615 17.69 34.30 6.81
C PHE A 615 18.63 33.31 6.14
N ARG A 616 19.63 32.84 6.89
CA ARG A 616 20.70 32.04 6.34
C ARG A 616 20.38 30.56 6.46
N VAL A 617 20.59 29.82 5.38
CA VAL A 617 20.35 28.38 5.35
C VAL A 617 21.52 27.74 4.61
N ASP A 618 22.27 26.88 5.29
CA ASP A 618 23.38 26.18 4.68
C ASP A 618 22.89 24.89 4.03
N GLU A 619 23.40 24.59 2.84
CA GLU A 619 23.01 23.41 2.10
C GLU A 619 24.26 22.73 1.54
N VAL A 620 24.14 21.44 1.29
CA VAL A 620 25.25 20.62 0.81
C VAL A 620 24.77 19.83 -0.38
N ASN A 621 25.51 19.91 -1.49
CA ASN A 621 25.12 19.29 -2.73
C ASN A 621 26.34 18.64 -3.36
N TRP A 622 26.20 17.37 -3.73
CA TRP A 622 27.28 16.61 -4.35
C TRP A 622 27.10 16.46 -5.85
N THR A 623 26.29 17.32 -6.45
CA THR A 623 26.21 17.46 -7.89
C THR A 623 26.35 18.94 -8.22
N THR A 624 26.57 19.24 -9.50
CA THR A 624 26.72 20.60 -9.97
C THR A 624 27.87 21.30 -9.24
N TRP A 625 29.06 20.74 -9.46
CA TRP A 625 30.27 21.38 -8.97
C TRP A 625 30.50 22.67 -9.75
N LEU B 7 53.84 54.64 -7.50
CA LEU B 7 53.75 54.05 -6.17
C LEU B 7 52.62 53.03 -6.09
N TYR B 8 52.77 52.07 -5.19
CA TYR B 8 51.80 51.01 -4.98
C TYR B 8 51.60 50.78 -3.48
N ASP B 9 50.43 50.26 -3.13
CA ASP B 9 50.14 49.83 -1.78
C ASP B 9 49.19 48.64 -1.85
N ARG B 10 48.75 48.17 -0.68
CA ARG B 10 47.90 47.00 -0.62
C ARG B 10 46.59 47.22 -1.37
N ARG B 11 45.96 48.38 -1.15
CA ARG B 11 44.64 48.62 -1.74
C ARG B 11 44.71 48.70 -3.26
N SER B 12 45.73 49.36 -3.80
CA SER B 12 45.82 49.51 -5.26
C SER B 12 45.97 48.15 -5.93
N ILE B 13 46.87 47.32 -5.41
CA ILE B 13 47.07 46.00 -6.01
C ILE B 13 45.84 45.14 -5.81
N PHE B 14 45.20 45.23 -4.64
CA PHE B 14 44.00 44.43 -4.41
C PHE B 14 42.89 44.82 -5.37
N ASP B 15 42.71 46.12 -5.61
CA ASP B 15 41.73 46.54 -6.61
C ASP B 15 42.13 46.07 -8.00
N ALA B 16 43.41 46.18 -8.35
CA ALA B 16 43.85 45.81 -9.69
C ALA B 16 43.63 44.33 -9.97
N VAL B 17 43.97 43.47 -9.00
CA VAL B 17 43.77 42.05 -9.19
C VAL B 17 42.29 41.69 -9.10
N ALA B 18 41.50 42.45 -8.33
CA ALA B 18 40.06 42.22 -8.31
C ALA B 18 39.47 42.43 -9.69
N GLN B 19 39.96 43.43 -10.42
CA GLN B 19 39.49 43.74 -11.76
C GLN B 19 40.30 43.03 -12.85
N SER B 20 41.35 42.30 -12.50
CA SER B 20 42.18 41.58 -13.48
C SER B 20 42.83 42.53 -14.48
N ASN B 21 43.19 43.74 -14.03
CA ASN B 21 43.85 44.74 -14.87
C ASN B 21 45.35 44.62 -14.66
N CYS B 22 46.03 43.98 -15.61
CA CYS B 22 47.48 43.81 -15.52
C CYS B 22 48.22 45.11 -15.79
N GLN B 23 47.60 46.05 -16.51
CA GLN B 23 48.31 47.28 -16.88
C GLN B 23 48.67 48.12 -15.66
N GLU B 24 47.79 48.16 -14.66
CA GLU B 24 48.06 48.96 -13.48
C GLU B 24 49.27 48.45 -12.70
N LEU B 25 49.62 47.19 -12.85
CA LEU B 25 50.67 46.54 -12.06
C LEU B 25 52.01 46.48 -12.78
N GLU B 26 52.14 47.12 -13.94
CA GLU B 26 53.38 47.00 -14.72
C GLU B 26 54.57 47.57 -13.98
N SER B 27 54.38 48.69 -13.28
CA SER B 27 55.46 49.35 -12.56
C SER B 27 55.69 48.80 -11.16
N LEU B 28 54.99 47.73 -10.79
CA LEU B 28 55.19 47.15 -9.47
C LEU B 28 56.58 46.54 -9.33
N LEU B 29 57.08 45.90 -10.40
CA LEU B 29 58.43 45.33 -10.34
C LEU B 29 59.49 46.41 -10.14
N PRO B 30 59.57 47.46 -10.97
CA PRO B 30 60.53 48.52 -10.66
C PRO B 30 60.23 49.22 -9.34
N PHE B 31 58.96 49.32 -8.94
CA PHE B 31 58.66 49.96 -7.66
C PHE B 31 59.28 49.18 -6.51
N LEU B 32 59.12 47.86 -6.50
CA LEU B 32 59.70 47.06 -5.44
C LEU B 32 61.23 47.03 -5.54
N GLN B 33 61.77 46.98 -6.76
CA GLN B 33 63.21 46.88 -6.90
C GLN B 33 63.91 48.15 -6.46
N ARG B 34 63.35 49.32 -6.81
CA ARG B 34 63.91 50.58 -6.36
C ARG B 34 63.59 50.83 -4.89
N SER B 35 62.43 50.36 -4.44
CA SER B 35 62.00 50.56 -3.07
C SER B 35 62.73 49.67 -2.09
N LYS B 36 63.38 48.61 -2.56
CA LYS B 36 64.11 47.67 -1.71
C LYS B 36 63.16 47.04 -0.69
N LYS B 37 61.97 46.68 -1.17
CA LYS B 37 60.94 46.04 -0.35
C LYS B 37 60.42 44.81 -1.09
N ARG B 38 60.00 43.82 -0.32
CA ARG B 38 59.48 42.57 -0.87
C ARG B 38 57.97 42.61 -1.00
N LEU B 39 57.47 41.96 -2.05
CA LEU B 39 56.04 41.82 -2.25
C LEU B 39 55.38 41.00 -1.14
N THR B 40 56.16 40.24 -0.37
CA THR B 40 55.66 39.46 0.75
C THR B 40 55.70 40.20 2.07
N ASP B 41 56.10 41.48 2.08
CA ASP B 41 56.17 42.21 3.34
C ASP B 41 54.78 42.58 3.84
N SER B 42 54.73 42.95 5.12
CA SER B 42 53.45 43.24 5.77
C SER B 42 52.71 44.42 5.15
N GLU B 43 53.40 45.25 4.35
CA GLU B 43 52.74 46.38 3.71
C GLU B 43 51.65 45.92 2.76
N PHE B 44 51.81 44.75 2.14
CA PHE B 44 50.82 44.22 1.21
C PHE B 44 49.91 43.16 1.82
N LYS B 45 50.27 42.60 2.97
CA LYS B 45 49.43 41.60 3.60
C LYS B 45 48.30 42.27 4.37
N ASP B 46 47.16 41.59 4.44
CA ASP B 46 46.04 42.11 5.19
C ASP B 46 46.43 42.19 6.67
N PRO B 47 46.16 43.31 7.37
CA PRO B 47 46.61 43.39 8.77
C PRO B 47 45.95 42.37 9.69
N GLU B 48 44.77 41.84 9.34
CA GLU B 48 44.03 40.94 10.21
C GLU B 48 44.11 39.49 9.76
N THR B 49 43.74 39.19 8.51
CA THR B 49 43.71 37.82 8.03
C THR B 49 45.08 37.29 7.63
N GLY B 50 46.00 38.18 7.27
CA GLY B 50 47.31 37.78 6.82
C GLY B 50 47.40 37.45 5.34
N LYS B 51 46.32 37.60 4.58
CA LYS B 51 46.34 37.21 3.19
C LYS B 51 47.15 38.19 2.35
N THR B 52 47.77 37.67 1.30
CA THR B 52 48.62 38.43 0.41
C THR B 52 47.85 38.73 -0.88
N CYS B 53 48.49 39.49 -1.77
CA CYS B 53 47.81 39.89 -3.01
C CYS B 53 47.55 38.69 -3.91
N LEU B 54 48.41 37.67 -3.87
CA LEU B 54 48.16 36.47 -4.66
C LEU B 54 46.86 35.81 -4.23
N LEU B 55 46.62 35.71 -2.92
CA LEU B 55 45.38 35.10 -2.45
C LEU B 55 44.18 35.94 -2.86
N LYS B 56 44.33 37.26 -2.88
CA LYS B 56 43.27 38.12 -3.41
C LYS B 56 42.98 37.80 -4.87
N ALA B 57 44.03 37.64 -5.67
CA ALA B 57 43.83 37.33 -7.09
C ALA B 57 43.19 35.97 -7.27
N MET B 58 43.59 34.98 -6.47
CA MET B 58 43.07 33.64 -6.61
C MET B 58 41.57 33.59 -6.33
N LEU B 59 41.10 34.39 -5.38
CA LEU B 59 39.69 34.39 -5.01
C LEU B 59 38.82 35.20 -5.97
N ASN B 60 39.41 35.89 -6.93
CA ASN B 60 38.68 36.71 -7.90
C ASN B 60 39.12 36.27 -9.30
N LEU B 61 38.44 35.26 -9.83
CA LEU B 61 38.69 34.73 -11.15
C LEU B 61 37.46 34.92 -12.02
N HIS B 62 37.68 35.40 -13.23
CA HIS B 62 36.63 35.60 -14.22
C HIS B 62 36.73 34.48 -15.24
N ASN B 63 35.75 33.57 -15.21
CA ASN B 63 35.75 32.41 -16.10
C ASN B 63 37.02 31.57 -15.92
N GLY B 64 37.47 31.45 -14.67
CA GLY B 64 38.63 30.63 -14.36
C GLY B 64 39.95 31.25 -14.74
N GLN B 65 39.99 32.52 -15.11
CA GLN B 65 41.21 33.18 -15.55
C GLN B 65 41.40 34.47 -14.77
N ASN B 66 42.66 34.76 -14.45
CA ASN B 66 43.03 36.06 -13.90
C ASN B 66 44.49 36.28 -14.23
N ASP B 67 44.76 37.14 -15.21
CA ASP B 67 46.11 37.27 -15.75
C ASP B 67 47.09 37.84 -14.74
N THR B 68 46.61 38.53 -13.71
CA THR B 68 47.52 39.13 -12.74
C THR B 68 48.25 38.11 -11.91
N ILE B 69 47.81 36.85 -11.90
CA ILE B 69 48.49 35.85 -11.08
C ILE B 69 49.89 35.57 -11.61
N ALA B 70 50.00 35.31 -12.91
CA ALA B 70 51.32 35.09 -13.50
C ALA B 70 52.18 36.34 -13.37
N LEU B 71 51.56 37.52 -13.48
CA LEU B 71 52.29 38.77 -13.31
C LEU B 71 52.89 38.86 -11.90
N LEU B 72 52.07 38.59 -10.89
CA LEU B 72 52.55 38.67 -9.50
C LEU B 72 53.61 37.63 -9.23
N LEU B 73 53.43 36.41 -9.74
CA LEU B 73 54.43 35.37 -9.52
C LEU B 73 55.74 35.72 -10.18
N ASP B 74 55.69 36.29 -11.40
CA ASP B 74 56.91 36.73 -12.05
C ASP B 74 57.58 37.86 -11.28
N VAL B 75 56.78 38.80 -10.75
CA VAL B 75 57.34 39.90 -9.98
C VAL B 75 58.05 39.37 -8.74
N ALA B 76 57.40 38.45 -8.02
CA ALA B 76 58.03 37.87 -6.84
C ALA B 76 59.28 37.07 -7.20
N ARG B 77 59.26 36.40 -8.35
CA ARG B 77 60.45 35.72 -8.83
C ARG B 77 61.58 36.72 -9.05
N LYS B 78 61.26 37.86 -9.65
CA LYS B 78 62.30 38.80 -10.06
C LYS B 78 62.83 39.63 -8.91
N THR B 79 61.99 39.97 -7.93
CA THR B 79 62.45 40.88 -6.88
C THR B 79 63.42 40.22 -5.92
N ASP B 80 62.93 39.27 -5.10
CA ASP B 80 63.78 38.52 -4.20
C ASP B 80 63.65 37.02 -4.40
N SER B 81 62.43 36.51 -4.28
CA SER B 81 62.21 35.08 -4.17
C SER B 81 60.72 34.81 -4.31
N LEU B 82 60.40 33.56 -4.67
CA LEU B 82 59.04 33.14 -4.97
C LEU B 82 58.48 32.14 -3.97
N LYS B 83 59.34 31.39 -3.29
CA LYS B 83 58.85 30.34 -2.38
C LYS B 83 58.04 30.93 -1.23
N GLN B 84 58.48 32.06 -0.67
CA GLN B 84 57.72 32.67 0.41
C GLN B 84 56.43 33.29 -0.12
N PHE B 85 56.43 33.73 -1.37
CA PHE B 85 55.25 34.35 -1.95
C PHE B 85 54.20 33.30 -2.31
N VAL B 86 54.60 32.25 -3.01
CA VAL B 86 53.63 31.26 -3.48
C VAL B 86 53.03 30.48 -2.32
N ASN B 87 53.77 30.31 -1.23
CA ASN B 87 53.31 29.55 -0.07
C ASN B 87 52.67 30.43 1.00
N ALA B 88 52.29 31.66 0.66
CA ALA B 88 51.63 32.53 1.63
C ALA B 88 50.27 31.95 2.00
N SER B 89 49.88 32.19 3.25
CA SER B 89 48.66 31.60 3.79
C SER B 89 48.02 32.56 4.77
N TYR B 90 46.76 32.31 5.07
CA TYR B 90 46.07 33.07 6.10
C TYR B 90 46.69 32.78 7.46
N THR B 91 46.68 33.79 8.33
CA THR B 91 47.18 33.66 9.69
C THR B 91 46.10 33.69 10.75
N ASP B 92 44.90 34.19 10.43
CA ASP B 92 43.82 34.20 11.41
C ASP B 92 43.38 32.78 11.72
N SER B 93 42.78 32.61 12.90
CA SER B 93 42.41 31.28 13.36
C SER B 93 41.30 30.66 12.53
N TYR B 94 40.49 31.45 11.84
CA TYR B 94 39.32 30.93 11.15
C TYR B 94 39.66 30.29 9.82
N TYR B 95 40.56 30.92 9.05
CA TYR B 95 41.04 30.39 7.78
C TYR B 95 42.48 29.91 7.89
N LYS B 96 42.94 29.58 9.09
CA LYS B 96 44.37 29.35 9.34
C LYS B 96 44.93 28.26 8.43
N GLY B 97 46.00 28.61 7.72
CA GLY B 97 46.72 27.68 6.89
C GLY B 97 46.26 27.61 5.45
N GLN B 98 45.10 28.17 5.12
CA GLN B 98 44.63 28.14 3.73
C GLN B 98 45.61 28.89 2.85
N THR B 99 45.94 28.30 1.71
CA THR B 99 46.94 28.84 0.80
C THR B 99 46.42 28.78 -0.63
N ALA B 100 47.25 29.26 -1.56
CA ALA B 100 46.82 29.41 -2.94
C ALA B 100 46.50 28.06 -3.57
N LEU B 101 47.22 27.01 -3.19
CA LEU B 101 46.94 25.69 -3.72
C LEU B 101 45.57 25.20 -3.27
N HIS B 102 45.21 25.47 -2.02
CA HIS B 102 43.87 25.12 -1.55
C HIS B 102 42.80 25.80 -2.38
N ILE B 103 42.98 27.10 -2.64
CA ILE B 103 42.00 27.84 -3.42
C ILE B 103 41.95 27.32 -4.84
N ALA B 104 43.11 27.02 -5.42
CA ALA B 104 43.15 26.50 -6.77
C ALA B 104 42.39 25.18 -6.88
N ILE B 105 42.57 24.30 -5.91
CA ILE B 105 41.83 23.04 -5.92
C ILE B 105 40.35 23.30 -5.75
N GLU B 106 39.99 24.15 -4.79
CA GLU B 106 38.59 24.45 -4.52
C GLU B 106 37.89 24.96 -5.77
N ARG B 107 38.55 25.84 -6.51
CA ARG B 107 37.98 26.41 -7.72
C ARG B 107 37.99 25.42 -8.89
N ARG B 108 38.58 24.24 -8.70
CA ARG B 108 38.61 23.22 -9.76
C ARG B 108 39.39 23.72 -10.97
N ASN B 109 40.46 24.46 -10.70
CA ASN B 109 41.32 25.04 -11.75
C ASN B 109 42.57 24.17 -11.85
N MET B 110 42.59 23.28 -12.84
CA MET B 110 43.74 22.41 -13.02
C MET B 110 44.99 23.22 -13.35
N THR B 111 44.85 24.23 -14.22
CA THR B 111 46.01 24.97 -14.68
C THR B 111 46.66 25.74 -13.54
N LEU B 112 45.85 26.36 -12.68
CA LEU B 112 46.42 27.06 -11.53
C LEU B 112 47.13 26.10 -10.58
N VAL B 113 46.57 24.92 -10.37
CA VAL B 113 47.23 23.93 -9.52
C VAL B 113 48.58 23.55 -10.12
N THR B 114 48.60 23.30 -11.43
CA THR B 114 49.85 22.93 -12.09
C THR B 114 50.89 24.03 -11.96
N LEU B 115 50.48 25.27 -12.19
CA LEU B 115 51.41 26.40 -12.09
C LEU B 115 51.91 26.58 -10.67
N LEU B 116 51.03 26.49 -9.67
CA LEU B 116 51.45 26.69 -8.30
C LEU B 116 52.39 25.60 -7.83
N VAL B 117 52.11 24.35 -8.20
CA VAL B 117 53.00 23.26 -7.84
C VAL B 117 54.34 23.44 -8.54
N GLU B 118 54.31 23.85 -9.82
CA GLU B 118 55.53 24.09 -10.57
C GLU B 118 56.40 25.13 -9.88
N ASN B 119 55.79 26.14 -9.27
CA ASN B 119 56.51 27.24 -8.67
C ASN B 119 56.88 26.99 -7.21
N GLY B 120 56.72 25.77 -6.71
CA GLY B 120 57.13 25.44 -5.37
C GLY B 120 56.07 25.62 -4.31
N ALA B 121 54.80 25.53 -4.67
CA ALA B 121 53.76 25.49 -3.65
C ALA B 121 53.93 24.24 -2.80
N ASP B 122 53.73 24.39 -1.50
CA ASP B 122 53.92 23.29 -0.55
C ASP B 122 52.69 22.41 -0.55
N VAL B 123 52.81 21.20 -1.09
CA VAL B 123 51.68 20.30 -1.26
C VAL B 123 51.26 19.64 0.06
N GLN B 124 51.97 19.94 1.15
CA GLN B 124 51.60 19.44 2.47
C GLN B 124 51.14 20.54 3.42
N ALA B 125 50.78 21.71 2.90
CA ALA B 125 50.34 22.82 3.76
C ALA B 125 48.97 22.51 4.33
N ALA B 126 48.89 22.42 5.65
CA ALA B 126 47.66 22.01 6.32
C ALA B 126 46.79 23.24 6.61
N ALA B 127 45.56 23.22 6.12
CA ALA B 127 44.59 24.28 6.39
C ALA B 127 43.77 23.85 7.60
N ASN B 128 44.20 24.28 8.79
CA ASN B 128 43.65 23.79 10.05
C ASN B 128 42.92 24.91 10.79
N GLY B 129 42.35 25.86 10.07
CA GLY B 129 41.51 26.85 10.70
C GLY B 129 40.19 26.26 11.13
N ASP B 130 39.48 27.01 11.97
CA ASP B 130 38.22 26.54 12.52
C ASP B 130 37.19 26.31 11.43
N PHE B 131 37.28 27.03 10.31
CA PHE B 131 36.38 26.77 9.20
C PHE B 131 36.59 25.38 8.63
N PHE B 132 37.80 24.83 8.73
CA PHE B 132 38.15 23.55 8.14
C PHE B 132 38.13 22.43 9.16
N LYS B 133 37.19 22.47 10.10
CA LYS B 133 37.00 21.43 11.09
C LYS B 133 35.54 21.00 11.11
N LYS B 134 35.26 19.89 11.79
CA LYS B 134 33.90 19.36 11.83
C LYS B 134 32.93 20.36 12.45
N THR B 135 33.07 20.60 13.76
CA THR B 135 32.40 21.70 14.47
C THR B 135 30.92 21.81 14.13
N LYS B 136 30.12 20.83 14.55
CA LYS B 136 28.74 20.73 14.09
C LYS B 136 27.91 21.98 14.37
N GLY B 137 28.28 22.77 15.38
CA GLY B 137 27.54 23.97 15.72
C GLY B 137 27.91 25.21 14.94
N ARG B 138 28.83 25.12 13.99
CA ARG B 138 29.29 26.24 13.20
C ARG B 138 29.31 25.83 11.74
N PRO B 139 29.20 26.77 10.80
CA PRO B 139 29.40 26.42 9.41
C PRO B 139 30.85 26.04 9.17
N GLY B 140 31.06 25.16 8.19
CA GLY B 140 32.41 24.76 7.84
C GLY B 140 32.39 23.55 6.95
N PHE B 141 33.59 23.17 6.52
CA PHE B 141 33.76 22.01 5.64
C PHE B 141 35.08 21.36 6.02
N TYR B 142 34.99 20.17 6.62
CA TYR B 142 36.17 19.37 6.90
C TYR B 142 36.51 18.53 5.67
N PHE B 143 37.78 18.49 5.34
CA PHE B 143 38.25 17.67 4.22
C PHE B 143 39.60 17.02 4.51
N GLY B 144 40.06 17.00 5.75
CA GLY B 144 41.37 16.49 6.06
C GLY B 144 42.48 17.51 5.98
N GLU B 145 42.19 18.76 5.63
CA GLU B 145 43.08 19.90 5.81
C GLU B 145 44.23 19.94 4.81
N LEU B 146 44.39 18.91 3.97
CA LEU B 146 45.53 18.82 3.08
C LEU B 146 45.10 18.98 1.63
N PRO B 147 45.99 19.46 0.74
CA PRO B 147 45.60 19.55 -0.67
C PRO B 147 45.21 18.23 -1.30
N LEU B 148 45.91 17.14 -0.96
CA LEU B 148 45.52 15.84 -1.49
C LEU B 148 44.15 15.46 -1.00
N SER B 149 43.88 15.64 0.30
CA SER B 149 42.59 15.30 0.83
C SER B 149 41.50 16.23 0.28
N LEU B 150 41.83 17.49 0.03
CA LEU B 150 40.87 18.38 -0.60
C LEU B 150 40.52 17.92 -2.00
N ALA B 151 41.53 17.55 -2.79
CA ALA B 151 41.27 17.09 -4.14
C ALA B 151 40.46 15.82 -4.14
N ALA B 152 40.74 14.92 -3.20
CA ALA B 152 39.98 13.69 -3.11
C ALA B 152 38.54 13.95 -2.70
N CYS B 153 38.34 14.75 -1.66
CA CYS B 153 37.01 14.97 -1.10
C CYS B 153 36.12 15.82 -1.99
N THR B 154 36.65 16.42 -3.05
CA THR B 154 35.86 17.22 -3.98
C THR B 154 35.70 16.55 -5.34
N ASN B 155 36.00 15.26 -5.45
CA ASN B 155 35.74 14.48 -6.65
C ASN B 155 36.54 15.01 -7.85
N GLN B 156 37.82 15.28 -7.61
CA GLN B 156 38.72 15.74 -8.65
C GLN B 156 39.85 14.73 -8.78
N LEU B 157 39.64 13.71 -9.61
CA LEU B 157 40.61 12.63 -9.72
C LEU B 157 41.89 13.11 -10.38
N ALA B 158 41.78 13.96 -11.40
CA ALA B 158 42.96 14.40 -12.14
C ALA B 158 43.92 15.17 -11.24
N ILE B 159 43.39 16.01 -10.36
CA ILE B 159 44.26 16.76 -9.46
C ILE B 159 44.90 15.80 -8.45
N VAL B 160 44.17 14.79 -8.01
CA VAL B 160 44.74 13.81 -7.08
C VAL B 160 45.93 13.12 -7.73
N LYS B 161 45.75 12.66 -8.97
CA LYS B 161 46.84 11.99 -9.67
C LYS B 161 48.03 12.94 -9.83
N PHE B 162 47.76 14.18 -10.22
CA PHE B 162 48.83 15.14 -10.39
C PHE B 162 49.60 15.35 -9.09
N LEU B 163 48.88 15.56 -7.99
CA LEU B 163 49.55 15.82 -6.72
C LEU B 163 50.36 14.62 -6.27
N LEU B 164 49.88 13.40 -6.55
CA LEU B 164 50.61 12.22 -6.12
C LEU B 164 51.86 11.99 -6.96
N GLN B 165 51.76 12.17 -8.28
CA GLN B 165 52.80 11.81 -9.22
C GLN B 165 53.08 12.93 -10.22
N ASN B 166 53.38 14.12 -9.70
CA ASN B 166 53.98 15.18 -10.49
C ASN B 166 55.49 15.07 -10.46
N SER B 167 56.14 15.83 -11.33
CA SER B 167 57.60 15.84 -11.41
C SER B 167 58.22 16.65 -10.28
N TRP B 168 57.60 17.75 -9.89
CA TRP B 168 58.28 18.74 -9.05
C TRP B 168 58.29 18.35 -7.59
N GLN B 169 57.13 17.97 -7.05
CA GLN B 169 56.98 17.74 -5.62
C GLN B 169 55.83 16.77 -5.38
N PRO B 170 56.06 15.47 -5.34
CA PRO B 170 54.94 14.55 -5.07
C PRO B 170 54.40 14.69 -3.66
N ALA B 171 53.10 14.45 -3.52
CA ALA B 171 52.44 14.54 -2.23
C ALA B 171 52.57 13.22 -1.49
N ASP B 172 52.60 13.31 -0.16
CA ASP B 172 52.74 12.12 0.68
C ASP B 172 51.37 11.50 0.88
N ILE B 173 51.16 10.33 0.27
CA ILE B 173 49.86 9.67 0.31
C ILE B 173 49.48 9.23 1.70
N SER B 174 50.45 8.98 2.58
CA SER B 174 50.18 8.52 3.93
C SER B 174 50.13 9.65 4.95
N ALA B 175 50.12 10.90 4.50
CA ALA B 175 50.18 12.02 5.43
C ALA B 175 48.92 12.08 6.28
N ARG B 176 49.06 12.63 7.49
CA ARG B 176 48.00 12.65 8.49
C ARG B 176 47.82 14.06 9.02
N ASP B 177 46.58 14.47 9.19
CA ASP B 177 46.28 15.83 9.61
C ASP B 177 46.39 15.95 11.12
N SER B 178 45.88 17.05 11.68
CA SER B 178 45.92 17.24 13.12
C SER B 178 45.13 16.17 13.86
N VAL B 179 44.06 15.66 13.25
CA VAL B 179 43.28 14.59 13.86
C VAL B 179 43.89 13.21 13.62
N GLY B 180 44.91 13.11 12.77
CA GLY B 180 45.49 11.84 12.41
C GLY B 180 44.87 11.19 11.21
N ASN B 181 43.90 11.84 10.57
CA ASN B 181 43.21 11.26 9.43
C ASN B 181 44.05 11.38 8.16
N THR B 182 44.24 10.26 7.49
CA THR B 182 44.82 10.23 6.16
C THR B 182 43.75 10.58 5.13
N VAL B 183 44.11 10.51 3.85
CA VAL B 183 43.16 10.83 2.80
C VAL B 183 41.97 9.89 2.83
N LEU B 184 42.20 8.61 3.17
CA LEU B 184 41.11 7.65 3.22
C LEU B 184 40.21 7.90 4.42
N HIS B 185 40.78 8.29 5.55
CA HIS B 185 39.96 8.71 6.68
C HIS B 185 39.08 9.88 6.29
N ALA B 186 39.63 10.85 5.56
CA ALA B 186 38.83 11.99 5.13
C ALA B 186 37.71 11.56 4.20
N LEU B 187 37.99 10.66 3.27
CA LEU B 187 36.95 10.20 2.37
C LEU B 187 35.84 9.49 3.12
N VAL B 188 36.20 8.75 4.17
CA VAL B 188 35.17 8.18 5.03
C VAL B 188 34.38 9.29 5.71
N GLU B 189 35.08 10.32 6.17
CA GLU B 189 34.42 11.37 6.95
C GLU B 189 33.39 12.13 6.12
N VAL B 190 33.71 12.40 4.85
CA VAL B 190 32.77 13.15 4.01
C VAL B 190 31.64 12.30 3.47
N ALA B 191 31.69 10.98 3.63
CA ALA B 191 30.58 10.14 3.21
C ALA B 191 29.35 10.44 4.06
N ASP B 192 28.17 10.41 3.44
CA ASP B 192 26.93 10.68 4.14
C ASP B 192 25.77 9.81 3.64
N ASN B 193 26.06 8.74 2.92
CA ASN B 193 25.10 7.69 2.60
C ASN B 193 24.01 8.15 1.63
N THR B 194 24.24 9.21 0.88
CA THR B 194 23.43 9.52 -0.29
C THR B 194 24.06 8.86 -1.52
N VAL B 195 23.24 8.69 -2.56
CA VAL B 195 23.63 7.81 -3.65
C VAL B 195 24.84 8.36 -4.40
N ASP B 196 24.77 9.63 -4.82
CA ASP B 196 25.87 10.20 -5.58
C ASP B 196 27.12 10.31 -4.73
N ASN B 197 26.95 10.70 -3.47
CA ASN B 197 28.08 10.81 -2.58
C ASN B 197 28.76 9.46 -2.38
N THR B 198 27.97 8.42 -2.15
CA THR B 198 28.55 7.09 -2.02
C THR B 198 29.30 6.68 -3.28
N LYS B 199 28.69 6.95 -4.43
CA LYS B 199 29.34 6.57 -5.69
C LYS B 199 30.70 7.23 -5.83
N PHE B 200 30.75 8.55 -5.68
CA PHE B 200 32.03 9.20 -5.89
C PHE B 200 33.02 8.88 -4.80
N VAL B 201 32.56 8.73 -3.55
CA VAL B 201 33.49 8.46 -2.46
C VAL B 201 34.14 7.10 -2.66
N THR B 202 33.34 6.10 -3.02
CA THR B 202 33.92 4.78 -3.22
C THR B 202 34.83 4.76 -4.43
N SER B 203 34.46 5.49 -5.50
CA SER B 203 35.33 5.54 -6.67
C SER B 203 36.67 6.16 -6.34
N MET B 204 36.66 7.28 -5.62
CA MET B 204 37.90 7.94 -5.27
C MET B 204 38.72 7.09 -4.31
N TYR B 205 38.06 6.39 -3.38
CA TYR B 205 38.75 5.49 -2.47
C TYR B 205 39.48 4.40 -3.25
N ASN B 206 38.79 3.78 -4.20
CA ASN B 206 39.39 2.72 -5.00
C ASN B 206 40.58 3.25 -5.79
N GLU B 207 40.43 4.41 -6.42
CA GLU B 207 41.51 4.97 -7.22
C GLU B 207 42.73 5.30 -6.37
N ILE B 208 42.50 5.88 -5.18
CA ILE B 208 43.62 6.19 -4.31
C ILE B 208 44.31 4.91 -3.85
N LEU B 209 43.56 3.85 -3.58
CA LEU B 209 44.20 2.60 -3.21
C LEU B 209 45.09 2.06 -4.31
N ILE B 210 44.57 2.09 -5.54
CA ILE B 210 45.35 1.60 -6.68
C ILE B 210 46.62 2.43 -6.84
N LEU B 211 46.49 3.75 -6.76
CA LEU B 211 47.65 4.62 -6.92
C LEU B 211 48.66 4.41 -5.79
N GLY B 212 48.19 4.23 -4.57
CA GLY B 212 49.10 3.98 -3.48
C GLY B 212 49.86 2.67 -3.66
N ALA B 213 49.17 1.64 -4.16
CA ALA B 213 49.85 0.38 -4.42
C ALA B 213 50.90 0.53 -5.52
N LYS B 214 50.59 1.33 -6.54
CA LYS B 214 51.58 1.50 -7.61
C LYS B 214 52.76 2.33 -7.16
N LEU B 215 52.53 3.34 -6.32
CA LEU B 215 53.59 4.25 -5.93
C LEU B 215 54.39 3.72 -4.74
N HIS B 216 53.74 3.02 -3.82
CA HIS B 216 54.39 2.46 -2.64
C HIS B 216 53.85 1.06 -2.40
N PRO B 217 54.36 0.06 -3.11
CA PRO B 217 53.82 -1.31 -2.95
C PRO B 217 53.89 -1.83 -1.54
N THR B 218 54.88 -1.45 -0.76
CA THR B 218 55.01 -1.94 0.61
C THR B 218 54.07 -1.25 1.59
N LEU B 219 53.41 -0.18 1.18
CA LEU B 219 52.60 0.63 2.08
C LEU B 219 51.21 0.03 2.21
N LYS B 220 50.72 -0.03 3.44
CA LYS B 220 49.38 -0.51 3.75
C LYS B 220 48.60 0.69 4.29
N LEU B 221 47.92 1.40 3.39
CA LEU B 221 47.22 2.62 3.78
C LEU B 221 46.13 2.34 4.78
N GLU B 222 45.38 1.27 4.58
CA GLU B 222 44.21 1.01 5.39
C GLU B 222 44.54 0.57 6.79
N GLU B 223 45.79 0.27 7.09
CA GLU B 223 46.19 -0.09 8.44
C GLU B 223 46.59 1.11 9.28
N ILE B 224 46.58 2.32 8.72
CA ILE B 224 46.98 3.51 9.45
C ILE B 224 45.83 3.95 10.33
N THR B 225 46.12 4.23 11.60
CA THR B 225 45.11 4.63 12.56
C THR B 225 45.21 6.13 12.82
N ASN B 226 44.07 6.78 12.94
CA ASN B 226 44.04 8.20 13.26
C ASN B 226 44.27 8.35 14.76
N ARG B 227 44.08 9.57 15.27
CA ARG B 227 44.37 9.83 16.68
C ARG B 227 43.48 9.01 17.60
N LYS B 228 42.27 8.70 17.17
CA LYS B 228 41.39 7.86 17.97
C LYS B 228 41.72 6.38 17.87
N GLY B 229 42.70 6.00 17.06
CA GLY B 229 43.05 4.62 16.88
C GLY B 229 42.24 3.87 15.85
N LEU B 230 41.43 4.57 15.06
CA LEU B 230 40.51 3.95 14.12
C LEU B 230 41.15 3.90 12.74
N THR B 231 41.08 2.74 12.11
CA THR B 231 41.41 2.61 10.72
C THR B 231 40.26 3.15 9.89
N PRO B 232 40.45 3.35 8.58
CA PRO B 232 39.32 3.79 7.75
C PRO B 232 38.14 2.84 7.79
N LEU B 233 38.37 1.54 7.88
CA LEU B 233 37.25 0.60 7.99
C LEU B 233 36.56 0.72 9.34
N ALA B 234 37.34 0.78 10.42
CA ALA B 234 36.74 0.95 11.73
C ALA B 234 36.06 2.29 11.85
N LEU B 235 36.62 3.33 11.22
CA LEU B 235 35.94 4.62 11.21
C LEU B 235 34.63 4.53 10.45
N ALA B 236 34.62 3.84 9.31
CA ALA B 236 33.38 3.68 8.56
C ALA B 236 32.33 2.95 9.37
N ALA B 237 32.75 1.91 10.09
CA ALA B 237 31.79 1.15 10.90
C ALA B 237 31.28 1.96 12.07
N SER B 238 32.17 2.65 12.79
CA SER B 238 31.73 3.40 13.96
C SER B 238 30.88 4.60 13.58
N SER B 239 31.15 5.23 12.44
CA SER B 239 30.44 6.42 12.04
C SER B 239 29.13 6.13 11.33
N GLY B 240 28.83 4.88 11.01
CA GLY B 240 27.59 4.56 10.35
C GLY B 240 27.59 4.76 8.86
N LYS B 241 28.75 4.85 8.23
CA LYS B 241 28.84 5.09 6.79
C LYS B 241 28.68 3.75 6.10
N ILE B 242 27.42 3.32 6.00
CA ILE B 242 27.11 2.00 5.49
C ILE B 242 27.51 1.84 4.05
N GLY B 243 27.45 2.92 3.26
CA GLY B 243 27.85 2.81 1.87
C GLY B 243 29.32 2.49 1.72
N VAL B 244 30.16 3.21 2.44
CA VAL B 244 31.60 2.98 2.35
C VAL B 244 31.95 1.64 2.95
N LEU B 245 31.29 1.26 4.05
CA LEU B 245 31.54 -0.05 4.64
C LEU B 245 31.20 -1.15 3.65
N ALA B 246 30.05 -1.04 3.00
CA ALA B 246 29.64 -2.05 2.04
C ALA B 246 30.62 -2.11 0.89
N TYR B 247 31.15 -0.96 0.46
CA TYR B 247 32.18 -0.98 -0.57
C TYR B 247 33.41 -1.75 -0.09
N ILE B 248 33.90 -1.42 1.11
CA ILE B 248 35.17 -1.98 1.56
C ILE B 248 35.07 -3.48 1.74
N LEU B 249 34.04 -3.94 2.45
CA LEU B 249 34.04 -5.33 2.92
C LEU B 249 34.02 -6.34 1.79
N GLN B 250 33.47 -5.99 0.64
CA GLN B 250 33.38 -6.89 -0.51
C GLN B 250 34.07 -6.27 -1.70
N ARG B 251 35.20 -5.62 -1.45
CA ARG B 251 35.98 -5.01 -2.50
C ARG B 251 36.68 -6.06 -3.33
N GLU B 252 36.63 -5.91 -4.65
CA GLU B 252 37.21 -6.87 -5.57
C GLU B 252 37.85 -6.10 -6.70
N ILE B 253 39.17 -6.22 -6.83
CA ILE B 253 39.96 -5.44 -7.79
C ILE B 253 40.57 -6.42 -8.79
N HIS B 254 40.16 -6.30 -10.05
CA HIS B 254 40.58 -7.20 -11.12
C HIS B 254 41.68 -6.53 -11.96
N GLU B 255 42.89 -6.50 -11.44
CA GLU B 255 44.02 -6.16 -12.30
C GLU B 255 45.32 -6.60 -11.63
N PRO B 256 46.35 -6.93 -12.41
CA PRO B 256 47.61 -7.32 -11.79
C PRO B 256 48.25 -6.17 -11.02
N GLU B 257 48.98 -6.52 -9.97
CA GLU B 257 49.64 -5.61 -9.06
C GLU B 257 48.68 -4.78 -8.22
N CYS B 258 47.38 -5.10 -8.26
CA CYS B 258 46.42 -4.51 -7.35
C CYS B 258 45.45 -5.57 -6.83
N ARG B 259 45.71 -6.85 -7.07
CA ARG B 259 44.81 -7.88 -6.62
C ARG B 259 44.82 -7.99 -5.10
N HIS B 260 46.00 -7.84 -4.50
CA HIS B 260 46.13 -8.00 -3.05
C HIS B 260 45.33 -6.97 -2.27
N LEU B 261 44.92 -5.88 -2.89
CA LEU B 261 44.05 -4.91 -2.27
C LEU B 261 42.60 -5.37 -2.17
N SER B 262 42.24 -6.45 -2.84
CA SER B 262 40.87 -6.91 -2.79
C SER B 262 40.58 -7.57 -1.45
N ARG B 263 39.30 -7.61 -1.10
CA ARG B 263 38.82 -8.32 0.07
C ARG B 263 37.81 -9.40 -0.26
N LYS B 264 37.38 -9.49 -1.51
CA LYS B 264 36.50 -10.54 -1.99
C LYS B 264 37.19 -11.21 -3.16
N PHE B 265 37.27 -12.53 -3.11
CA PHE B 265 38.06 -13.32 -4.05
C PHE B 265 37.18 -14.45 -4.58
N THR B 266 37.46 -14.91 -5.78
CA THR B 266 36.76 -16.04 -6.36
C THR B 266 37.71 -17.22 -6.37
N GLU B 267 37.39 -18.25 -5.59
CA GLU B 267 38.31 -19.37 -5.51
C GLU B 267 38.14 -20.29 -6.69
N TRP B 268 36.97 -20.92 -6.80
CA TRP B 268 36.65 -21.80 -7.92
C TRP B 268 35.26 -21.48 -8.46
N ALA B 269 35.09 -21.75 -9.75
CA ALA B 269 33.79 -21.70 -10.40
C ALA B 269 33.72 -22.83 -11.41
N TYR B 270 32.56 -23.53 -11.46
CA TYR B 270 32.43 -24.66 -12.36
C TYR B 270 31.41 -24.43 -13.47
N GLY B 271 30.13 -24.35 -13.15
CA GLY B 271 29.11 -23.98 -14.09
C GLY B 271 28.62 -22.58 -13.80
N PRO B 272 27.34 -22.44 -13.40
CA PRO B 272 26.92 -21.17 -12.82
C PRO B 272 27.42 -20.96 -11.41
N VAL B 273 27.85 -22.00 -10.75
CA VAL B 273 28.15 -21.97 -9.33
C VAL B 273 29.58 -21.50 -9.14
N HIS B 274 29.80 -20.63 -8.18
CA HIS B 274 31.15 -20.19 -7.87
C HIS B 274 31.24 -19.82 -6.41
N SER B 275 32.41 -20.04 -5.85
CA SER B 275 32.67 -19.89 -4.43
C SER B 275 33.48 -18.64 -4.20
N SER B 276 32.93 -17.70 -3.45
CA SER B 276 33.63 -16.48 -3.07
C SER B 276 34.29 -16.64 -1.71
N LEU B 277 35.27 -15.79 -1.45
CA LEU B 277 36.05 -15.77 -0.23
C LEU B 277 36.14 -14.33 0.24
N TYR B 278 35.65 -14.06 1.45
CA TYR B 278 35.71 -12.73 2.03
C TYR B 278 36.82 -12.66 3.06
N ASP B 279 37.51 -11.52 3.11
CA ASP B 279 38.79 -11.42 3.81
C ASP B 279 38.66 -11.76 5.29
N LEU B 280 37.75 -11.13 6.00
CA LEU B 280 37.53 -11.30 7.44
C LEU B 280 38.70 -10.83 8.29
N SER B 281 39.71 -10.20 7.71
CA SER B 281 40.70 -9.50 8.52
C SER B 281 40.06 -8.25 9.10
N CYS B 282 40.18 -8.09 10.42
CA CYS B 282 39.60 -6.97 11.16
C CYS B 282 38.08 -6.96 11.18
N ILE B 283 37.44 -8.05 10.78
CA ILE B 283 36.01 -8.23 10.90
C ILE B 283 35.69 -9.13 12.07
N ASP B 284 36.18 -10.35 12.03
CA ASP B 284 35.89 -11.31 13.09
C ASP B 284 36.58 -10.92 14.37
N THR B 285 37.87 -10.63 14.30
CA THR B 285 38.66 -10.31 15.47
C THR B 285 39.88 -9.51 15.04
N CYS B 286 40.36 -8.67 15.93
CA CYS B 286 41.59 -7.92 15.71
C CYS B 286 42.02 -7.34 17.05
N GLU B 287 43.00 -6.45 16.99
CA GLU B 287 43.58 -5.91 18.21
C GLU B 287 42.55 -5.14 19.02
N LYS B 288 42.00 -4.08 18.45
CA LYS B 288 41.03 -3.23 19.16
C LYS B 288 39.67 -3.15 18.50
N ASN B 289 39.61 -2.66 17.27
CA ASN B 289 38.35 -2.22 16.66
C ASN B 289 37.86 -3.22 15.63
N SER B 290 37.40 -4.37 16.08
CA SER B 290 36.72 -5.29 15.17
C SER B 290 35.47 -4.62 14.63
N VAL B 291 35.15 -4.90 13.38
CA VAL B 291 33.96 -4.30 12.78
C VAL B 291 32.71 -4.75 13.52
N LEU B 292 32.64 -6.03 13.87
CA LEU B 292 31.47 -6.52 14.59
C LEU B 292 31.35 -5.87 15.95
N GLU B 293 32.46 -5.69 16.66
CA GLU B 293 32.40 -5.04 17.95
C GLU B 293 32.07 -3.56 17.80
N VAL B 294 32.61 -2.92 16.77
CA VAL B 294 32.38 -1.50 16.59
C VAL B 294 30.92 -1.24 16.24
N ILE B 295 30.30 -2.13 15.48
CA ILE B 295 28.88 -1.97 15.18
C ILE B 295 28.04 -2.33 16.40
N ALA B 296 28.28 -3.51 16.97
CA ALA B 296 27.39 -4.04 17.99
C ALA B 296 27.37 -3.16 19.23
N TYR B 297 28.53 -2.67 19.64
CA TYR B 297 28.66 -1.83 20.83
C TYR B 297 28.67 -0.35 20.48
N SER B 298 28.02 0.03 19.39
CA SER B 298 27.95 1.44 19.04
C SER B 298 27.14 2.19 20.09
N SER B 299 27.21 3.51 20.03
CA SER B 299 26.71 4.37 21.09
C SER B 299 25.25 4.76 20.91
N SER B 300 24.52 4.11 19.99
CA SER B 300 23.08 4.30 19.83
C SER B 300 22.70 5.61 19.15
N GLU B 301 23.68 6.50 18.92
CA GLU B 301 23.49 7.68 18.09
C GLU B 301 24.03 7.49 16.69
N THR B 302 24.65 6.35 16.39
CA THR B 302 25.16 6.08 15.07
C THR B 302 24.00 6.01 14.09
N PRO B 303 24.11 6.59 12.89
CA PRO B 303 22.94 6.60 11.99
C PRO B 303 22.37 5.24 11.62
N ASN B 304 23.18 4.31 11.15
CA ASN B 304 22.68 3.09 10.51
C ASN B 304 23.06 1.84 11.28
N ARG B 305 23.15 1.92 12.61
CA ARG B 305 23.68 0.81 13.38
C ARG B 305 22.84 -0.46 13.24
N HIS B 306 21.52 -0.32 13.10
CA HIS B 306 20.71 -1.52 12.89
C HIS B 306 20.91 -2.09 11.49
N ASP B 307 21.21 -1.23 10.52
CA ASP B 307 21.31 -1.65 9.14
C ASP B 307 22.65 -2.22 8.77
N MET B 308 23.72 -1.87 9.49
CA MET B 308 25.06 -2.17 9.00
C MET B 308 25.34 -3.67 9.00
N LEU B 309 24.67 -4.44 9.85
CA LEU B 309 24.90 -5.87 9.86
C LEU B 309 24.26 -6.58 8.68
N LEU B 310 23.49 -5.88 7.86
CA LEU B 310 22.98 -6.47 6.63
C LEU B 310 24.00 -6.48 5.51
N VAL B 311 25.17 -5.88 5.72
CA VAL B 311 26.24 -5.98 4.73
C VAL B 311 26.76 -7.41 4.71
N GLU B 312 26.81 -8.00 3.51
CA GLU B 312 26.75 -9.44 3.26
C GLU B 312 27.62 -10.31 4.18
N PRO B 313 28.94 -10.13 4.20
CA PRO B 313 29.77 -11.03 4.99
C PRO B 313 29.42 -10.99 6.47
N LEU B 314 28.99 -9.84 6.98
CA LEU B 314 28.68 -9.74 8.39
C LEU B 314 27.47 -10.56 8.77
N ASN B 315 26.40 -10.46 7.99
CA ASN B 315 25.19 -11.22 8.28
C ASN B 315 25.47 -12.72 8.20
N ARG B 316 26.13 -13.17 7.12
CA ARG B 316 26.40 -14.60 7.02
C ARG B 316 27.33 -15.06 8.12
N LEU B 317 28.31 -14.25 8.47
CA LEU B 317 29.29 -14.62 9.49
C LEU B 317 28.62 -14.76 10.85
N LEU B 318 27.70 -13.86 11.17
CA LEU B 318 27.01 -13.96 12.45
C LEU B 318 26.12 -15.19 12.50
N GLN B 319 25.44 -15.50 11.39
CA GLN B 319 24.64 -16.72 11.37
C GLN B 319 25.53 -17.95 11.56
N ASP B 320 26.71 -17.92 10.95
CA ASP B 320 27.64 -19.04 11.10
C ASP B 320 28.11 -19.19 12.53
N LYS B 321 28.50 -18.09 13.17
CA LYS B 321 28.91 -18.15 14.56
C LYS B 321 27.80 -18.69 15.44
N TRP B 322 26.57 -18.23 15.20
CA TRP B 322 25.41 -18.73 15.92
C TRP B 322 25.33 -20.24 15.81
N ASP B 323 25.15 -20.75 14.59
CA ASP B 323 24.91 -22.17 14.38
C ASP B 323 26.06 -23.02 14.87
N ARG B 324 27.29 -22.56 14.70
CA ARG B 324 28.41 -23.44 15.01
C ARG B 324 28.73 -23.46 16.49
N PHE B 325 28.64 -22.32 17.17
CA PHE B 325 29.18 -22.20 18.51
C PHE B 325 28.18 -21.73 19.55
N VAL B 326 27.32 -20.77 19.22
CA VAL B 326 26.71 -19.93 20.24
C VAL B 326 25.29 -20.37 20.55
N LYS B 327 24.63 -21.00 19.57
CA LYS B 327 23.27 -21.46 19.76
C LYS B 327 23.15 -22.35 20.98
N ARG B 328 24.05 -23.33 21.10
CA ARG B 328 23.98 -24.27 22.21
C ARG B 328 24.23 -23.57 23.54
N ILE B 329 25.20 -22.66 23.60
CA ILE B 329 25.49 -21.98 24.84
C ILE B 329 24.31 -21.11 25.25
N PHE B 330 23.67 -20.46 24.28
CA PHE B 330 22.51 -19.64 24.58
C PHE B 330 21.37 -20.50 25.11
N TYR B 331 21.13 -21.65 24.49
CA TYR B 331 20.07 -22.51 24.99
C TYR B 331 20.38 -23.04 26.37
N PHE B 332 21.65 -23.31 26.65
CA PHE B 332 22.02 -23.73 28.00
C PHE B 332 21.76 -22.61 28.99
N ASN B 333 22.10 -21.38 28.63
CA ASN B 333 21.85 -20.24 29.51
C ASN B 333 20.37 -20.07 29.77
N PHE B 334 19.56 -20.24 28.72
CA PHE B 334 18.11 -20.14 28.88
C PHE B 334 17.62 -21.21 29.83
N PHE B 335 18.10 -22.44 29.67
CA PHE B 335 17.69 -23.52 30.55
C PHE B 335 18.08 -23.24 32.00
N VAL B 336 19.29 -22.74 32.20
CA VAL B 336 19.74 -22.45 33.56
C VAL B 336 18.91 -21.35 34.18
N TYR B 337 18.60 -20.31 33.41
CA TYR B 337 17.76 -19.25 33.93
C TYR B 337 16.37 -19.77 34.28
N CYS B 338 15.82 -20.67 33.46
CA CYS B 338 14.54 -21.28 33.79
C CYS B 338 14.62 -22.05 35.09
N LEU B 339 15.69 -22.81 35.31
CA LEU B 339 15.83 -23.54 36.57
C LEU B 339 15.96 -22.56 37.74
N TYR B 340 16.72 -21.50 37.55
CA TYR B 340 16.87 -20.51 38.60
C TYR B 340 15.53 -19.90 38.97
N MET B 341 14.72 -19.55 37.98
CA MET B 341 13.43 -18.94 38.27
C MET B 341 12.47 -19.94 38.87
N ILE B 342 12.53 -21.20 38.48
CA ILE B 342 11.67 -22.19 39.10
C ILE B 342 12.03 -22.36 40.57
N ILE B 343 13.33 -22.44 40.86
CA ILE B 343 13.76 -22.61 42.24
C ILE B 343 13.37 -21.39 43.07
N PHE B 344 13.57 -20.20 42.51
CA PHE B 344 13.19 -18.97 43.22
C PHE B 344 11.69 -18.95 43.48
N THR B 345 10.89 -19.31 42.47
CA THR B 345 9.44 -19.34 42.65
C THR B 345 9.04 -20.33 43.72
N ALA B 346 9.65 -21.51 43.73
CA ALA B 346 9.32 -22.49 44.75
C ALA B 346 9.70 -22.01 46.13
N ALA B 347 10.88 -21.42 46.27
CA ALA B 347 11.32 -20.98 47.59
C ALA B 347 10.44 -19.85 48.11
N ALA B 348 10.06 -18.92 47.23
CA ALA B 348 9.23 -17.80 47.66
C ALA B 348 7.80 -18.25 47.96
N TYR B 349 7.29 -19.20 47.18
CA TYR B 349 5.94 -19.68 47.39
C TYR B 349 5.78 -20.28 48.78
N TYR B 350 6.78 -21.02 49.24
CA TYR B 350 6.72 -21.74 50.50
C TYR B 350 7.39 -20.99 51.64
N ARG B 351 7.42 -19.67 51.59
CA ARG B 351 8.01 -18.93 52.69
C ARG B 351 7.18 -19.17 53.95
N PRO B 352 7.78 -19.13 55.13
CA PRO B 352 6.99 -19.26 56.35
C PRO B 352 6.20 -18.01 56.61
N VAL B 353 5.09 -18.18 57.34
CA VAL B 353 4.11 -17.12 57.55
C VAL B 353 4.18 -16.52 58.93
N GLU B 354 5.09 -16.96 59.78
CA GLU B 354 5.26 -16.34 61.08
C GLU B 354 5.87 -14.95 60.92
N GLY B 355 5.70 -14.12 61.93
CA GLY B 355 6.22 -12.78 61.86
C GLY B 355 7.72 -12.71 62.10
N LEU B 356 8.28 -11.56 61.79
CA LEU B 356 9.64 -11.21 62.21
C LEU B 356 10.70 -12.19 61.72
N PRO B 357 11.11 -12.12 60.45
CA PRO B 357 12.29 -12.87 60.02
C PRO B 357 13.52 -12.45 60.79
N PRO B 358 14.65 -13.17 60.65
CA PRO B 358 14.88 -14.41 59.93
C PRO B 358 14.29 -15.58 60.68
N TYR B 359 14.01 -16.67 59.98
CA TYR B 359 13.22 -17.76 60.51
C TYR B 359 14.12 -18.91 60.91
N LYS B 360 13.87 -19.47 62.09
CA LYS B 360 14.66 -20.60 62.56
C LYS B 360 14.45 -21.79 61.65
N LEU B 361 15.54 -22.44 61.26
CA LEU B 361 15.46 -23.60 60.40
C LEU B 361 15.04 -24.83 61.19
N LYS B 362 13.90 -25.40 60.82
CA LYS B 362 13.41 -26.59 61.50
C LYS B 362 14.05 -27.82 60.91
N ASN B 363 14.22 -28.84 61.74
CA ASN B 363 14.87 -30.08 61.32
C ASN B 363 13.85 -30.96 60.59
N THR B 364 13.51 -30.53 59.38
CA THR B 364 12.60 -31.29 58.53
C THR B 364 12.99 -31.10 57.07
N VAL B 365 12.62 -32.08 56.25
CA VAL B 365 13.13 -32.16 54.88
C VAL B 365 12.69 -30.96 54.06
N GLY B 366 11.40 -30.61 54.14
CA GLY B 366 10.89 -29.50 53.36
C GLY B 366 11.60 -28.21 53.68
N ASP B 367 11.97 -28.00 54.95
CA ASP B 367 12.67 -26.78 55.30
C ASP B 367 14.10 -26.76 54.80
N TYR B 368 14.76 -27.91 54.76
CA TYR B 368 16.08 -27.95 54.13
C TYR B 368 16.00 -27.61 52.66
N PHE B 369 14.99 -28.13 51.96
CA PHE B 369 14.86 -27.76 50.55
C PHE B 369 14.52 -26.28 50.40
N ARG B 370 13.69 -25.74 51.29
CA ARG B 370 13.34 -24.33 51.21
C ARG B 370 14.57 -23.46 51.41
N VAL B 371 15.36 -23.74 52.43
CA VAL B 371 16.51 -22.88 52.67
C VAL B 371 17.55 -23.06 51.58
N THR B 372 17.66 -24.26 51.02
CA THR B 372 18.55 -24.46 49.88
C THR B 372 18.11 -23.61 48.70
N GLY B 373 16.82 -23.62 48.41
CA GLY B 373 16.31 -22.80 47.33
C GLY B 373 16.53 -21.32 47.58
N GLU B 374 16.37 -20.88 48.83
CA GLU B 374 16.62 -19.48 49.14
C GLU B 374 18.07 -19.12 48.93
N ILE B 375 18.98 -20.02 49.31
CA ILE B 375 20.39 -19.75 49.10
C ILE B 375 20.69 -19.64 47.61
N LEU B 376 20.13 -20.55 46.82
CA LEU B 376 20.36 -20.47 45.38
C LEU B 376 19.76 -19.20 44.79
N SER B 377 18.61 -18.77 45.31
CA SER B 377 17.98 -17.56 44.82
C SER B 377 18.84 -16.35 45.09
N VAL B 378 19.35 -16.23 46.30
CA VAL B 378 20.21 -15.10 46.63
C VAL B 378 21.51 -15.18 45.82
N SER B 379 22.01 -16.39 45.61
CA SER B 379 23.22 -16.57 44.80
C SER B 379 23.00 -16.04 43.39
N GLY B 380 21.87 -16.38 42.78
CA GLY B 380 21.58 -15.87 41.46
C GLY B 380 21.41 -14.36 41.44
N GLY B 381 20.81 -13.81 42.50
CA GLY B 381 20.71 -12.37 42.58
C GLY B 381 22.06 -11.70 42.64
N VAL B 382 22.99 -12.27 43.41
CA VAL B 382 24.34 -11.72 43.47
C VAL B 382 25.01 -11.82 42.11
N TYR B 383 24.82 -12.96 41.43
CA TYR B 383 25.42 -13.14 40.12
C TYR B 383 24.95 -12.06 39.15
N PHE B 384 23.64 -11.83 39.08
CA PHE B 384 23.15 -10.81 38.16
C PHE B 384 23.58 -9.42 38.60
N PHE B 385 23.71 -9.19 39.90
CA PHE B 385 24.21 -7.90 40.38
C PHE B 385 25.60 -7.63 39.85
N PHE B 386 26.50 -8.60 39.99
CA PHE B 386 27.85 -8.39 39.52
C PHE B 386 27.94 -8.37 38.00
N ARG B 387 27.08 -9.12 37.31
CA ARG B 387 27.05 -9.00 35.86
C ARG B 387 26.64 -7.60 35.44
N GLY B 388 25.67 -7.02 36.12
CA GLY B 388 25.27 -5.66 35.79
C GLY B 388 26.37 -4.66 36.04
N ILE B 389 27.09 -4.82 37.15
CA ILE B 389 28.22 -3.93 37.41
C ILE B 389 29.29 -4.11 36.34
N GLN B 390 29.60 -5.35 35.98
CA GLN B 390 30.62 -5.57 34.95
C GLN B 390 30.21 -4.97 33.63
N TYR B 391 28.93 -5.06 33.28
CA TYR B 391 28.46 -4.43 32.05
C TYR B 391 28.70 -2.93 32.11
N PHE B 392 28.28 -2.29 33.20
CA PHE B 392 28.42 -0.84 33.28
C PHE B 392 29.89 -0.44 33.23
N LEU B 393 30.76 -1.19 33.90
CA LEU B 393 32.18 -0.84 33.89
C LEU B 393 32.79 -1.06 32.52
N GLN B 394 32.47 -2.16 31.86
CA GLN B 394 33.08 -2.45 30.56
C GLN B 394 32.63 -1.45 29.50
N ARG B 395 31.36 -1.07 29.51
CA ARG B 395 30.85 -0.18 28.48
C ARG B 395 30.92 1.28 28.87
N ARG B 396 30.71 1.61 30.15
CA ARG B 396 30.64 2.99 30.61
C ARG B 396 29.66 3.83 29.79
N PRO B 397 28.37 3.47 29.75
CA PRO B 397 27.40 4.37 29.12
C PRO B 397 27.29 5.67 29.87
N SER B 398 27.11 6.76 29.14
CA SER B 398 27.20 8.11 29.70
C SER B 398 25.85 8.64 30.17
N LEU B 399 25.09 7.88 30.94
CA LEU B 399 23.91 8.38 31.64
C LEU B 399 22.77 8.86 30.73
N LYS B 400 22.90 8.69 29.42
CA LYS B 400 21.82 8.84 28.46
C LYS B 400 21.70 7.62 27.57
N SER B 401 22.83 7.14 27.07
CA SER B 401 22.88 5.81 26.47
C SER B 401 22.53 4.72 27.47
N LEU B 402 22.66 4.99 28.77
CA LEU B 402 22.33 4.00 29.78
C LEU B 402 20.85 3.69 29.83
N PHE B 403 19.99 4.61 29.40
CA PHE B 403 18.55 4.44 29.51
C PHE B 403 17.85 4.35 28.16
N VAL B 404 18.29 5.10 27.15
CA VAL B 404 17.75 4.90 25.82
C VAL B 404 18.28 3.63 25.15
N ASP B 405 19.25 2.97 25.75
CA ASP B 405 19.82 1.75 25.20
C ASP B 405 20.09 0.78 26.34
N SER B 406 20.19 -0.50 25.99
CA SER B 406 20.43 -1.57 26.96
C SER B 406 19.35 -1.59 28.03
N TYR B 407 18.11 -1.78 27.62
CA TYR B 407 17.05 -1.97 28.60
C TYR B 407 17.19 -3.26 29.35
N SER B 408 17.65 -4.33 28.70
CA SER B 408 17.71 -5.62 29.37
C SER B 408 18.75 -5.65 30.46
N GLU B 409 19.88 -4.97 30.25
CA GLU B 409 20.87 -4.88 31.31
C GLU B 409 20.31 -4.17 32.53
N ILE B 410 19.57 -3.08 32.30
CA ILE B 410 18.95 -2.36 33.40
C ILE B 410 17.93 -3.24 34.11
N LEU B 411 17.12 -3.96 33.35
CA LEU B 411 16.08 -4.77 33.98
C LEU B 411 16.66 -5.90 34.80
N PHE B 412 17.67 -6.60 34.28
CA PHE B 412 18.28 -7.66 35.07
C PHE B 412 18.99 -7.09 36.29
N PHE B 413 19.62 -5.93 36.16
CA PHE B 413 20.27 -5.32 37.31
C PHE B 413 19.24 -4.91 38.35
N VAL B 414 18.11 -4.36 37.93
CA VAL B 414 17.09 -3.94 38.89
C VAL B 414 16.49 -5.14 39.59
N GLN B 415 16.30 -6.24 38.87
CA GLN B 415 15.85 -7.47 39.51
C GLN B 415 16.82 -7.88 40.60
N SER B 416 18.12 -7.86 40.29
CA SER B 416 19.10 -8.24 41.30
C SER B 416 19.09 -7.27 42.47
N LEU B 417 18.87 -6.00 42.20
CA LEU B 417 18.79 -5.02 43.29
C LEU B 417 17.62 -5.31 44.20
N PHE B 418 16.46 -5.65 43.63
CA PHE B 418 15.33 -6.01 44.48
C PHE B 418 15.65 -7.22 45.32
N MET B 419 16.34 -8.20 44.74
CA MET B 419 16.71 -9.38 45.52
C MET B 419 17.63 -9.01 46.68
N LEU B 420 18.62 -8.15 46.42
CA LEU B 420 19.58 -7.84 47.47
C LEU B 420 18.95 -6.98 48.56
N VAL B 421 18.09 -6.05 48.18
CA VAL B 421 17.34 -5.29 49.17
C VAL B 421 16.47 -6.23 49.99
N SER B 422 15.91 -7.25 49.35
CA SER B 422 15.13 -8.24 50.07
C SER B 422 15.97 -8.97 51.09
N VAL B 423 17.20 -9.34 50.74
CA VAL B 423 18.06 -10.02 51.71
C VAL B 423 18.36 -9.10 52.89
N VAL B 424 18.68 -7.85 52.60
CA VAL B 424 19.01 -6.89 53.66
C VAL B 424 17.83 -6.75 54.61
N LEU B 425 16.62 -6.61 54.06
CA LEU B 425 15.45 -6.46 54.92
C LEU B 425 15.16 -7.74 55.69
N TYR B 426 15.41 -8.89 55.07
CA TYR B 426 15.15 -10.16 55.75
C TYR B 426 16.00 -10.28 57.00
N PHE B 427 17.29 -9.97 56.88
CA PHE B 427 18.15 -10.05 58.05
C PHE B 427 18.05 -8.83 58.96
N SER B 428 17.42 -7.75 58.52
CA SER B 428 17.09 -6.63 59.38
C SER B 428 15.78 -6.84 60.13
N GLN B 429 15.20 -8.03 60.06
CA GLN B 429 14.00 -8.35 60.82
C GLN B 429 12.84 -7.44 60.44
N ARG B 430 12.71 -7.16 59.15
CA ARG B 430 11.56 -6.43 58.62
C ARG B 430 10.78 -7.36 57.73
N LYS B 431 9.46 -7.36 57.92
CA LYS B 431 8.59 -8.15 57.06
C LYS B 431 8.55 -7.60 55.64
N GLU B 432 8.96 -6.35 55.44
CA GLU B 432 8.99 -5.72 54.13
C GLU B 432 9.90 -6.45 53.15
N TYR B 433 10.71 -7.41 53.60
CA TYR B 433 11.47 -8.23 52.68
C TYR B 433 10.57 -8.95 51.70
N VAL B 434 9.32 -9.20 52.06
CA VAL B 434 8.41 -9.80 51.08
C VAL B 434 8.17 -8.83 49.94
N ALA B 435 7.97 -7.55 50.25
CA ALA B 435 7.60 -6.58 49.24
C ALA B 435 8.65 -6.47 48.16
N SER B 436 9.91 -6.47 48.54
CA SER B 436 10.96 -6.48 47.54
C SER B 436 10.99 -7.79 46.78
N MET B 437 10.88 -8.91 47.50
CA MET B 437 11.07 -10.21 46.88
C MET B 437 10.06 -10.45 45.77
N VAL B 438 8.79 -10.16 46.03
CA VAL B 438 7.78 -10.39 45.01
C VAL B 438 8.06 -9.53 43.80
N PHE B 439 8.53 -8.29 43.99
CA PHE B 439 8.87 -7.48 42.84
C PHE B 439 9.95 -8.15 42.03
N SER B 440 10.99 -8.64 42.71
CA SER B 440 12.03 -9.38 42.01
C SER B 440 11.43 -10.55 41.28
N LEU B 441 10.54 -11.29 41.94
CA LEU B 441 9.95 -12.45 41.33
C LEU B 441 9.19 -12.06 40.07
N ALA B 442 8.39 -10.99 40.14
CA ALA B 442 7.68 -10.57 38.94
C ALA B 442 8.66 -10.20 37.84
N MET B 443 9.68 -9.41 38.19
CA MET B 443 10.66 -9.03 37.18
C MET B 443 11.37 -10.25 36.67
N GLY B 444 11.65 -11.20 37.57
CA GLY B 444 12.37 -12.38 37.16
C GLY B 444 11.66 -13.14 36.06
N TRP B 445 10.33 -13.12 36.09
CA TRP B 445 9.62 -13.85 35.05
C TRP B 445 9.54 -13.04 33.78
N THR B 446 9.36 -11.72 33.88
CA THR B 446 9.22 -10.95 32.65
C THR B 446 10.54 -10.87 31.91
N ASN B 447 11.65 -10.87 32.65
CA ASN B 447 12.95 -10.93 32.03
C ASN B 447 13.19 -12.21 31.27
N MET B 448 12.34 -13.23 31.46
CA MET B 448 12.42 -14.41 30.61
C MET B 448 12.27 -14.05 29.15
N LEU B 449 11.58 -12.95 28.83
CA LEU B 449 11.44 -12.54 27.44
C LEU B 449 12.76 -12.18 26.80
N TYR B 450 13.79 -11.88 27.60
CA TYR B 450 15.12 -11.68 27.03
C TYR B 450 15.50 -12.84 26.14
N TYR B 451 15.16 -14.05 26.54
CA TYR B 451 15.58 -15.22 25.78
C TYR B 451 14.74 -15.48 24.56
N THR B 452 13.77 -14.63 24.24
CA THR B 452 13.07 -14.79 22.99
C THR B 452 13.93 -14.41 21.79
N ARG B 453 15.01 -13.67 22.01
CA ARG B 453 16.05 -13.63 21.00
C ARG B 453 16.70 -15.00 20.96
N GLY B 454 17.29 -15.34 19.83
CA GLY B 454 17.67 -16.70 19.58
C GLY B 454 16.60 -17.54 18.92
N PHE B 455 15.37 -17.04 18.88
CA PHE B 455 14.31 -17.58 18.04
C PHE B 455 13.78 -16.40 17.24
N GLN B 456 13.79 -16.52 15.91
CA GLN B 456 13.53 -15.36 15.07
C GLN B 456 12.14 -14.80 15.29
N GLN B 457 11.12 -15.65 15.27
CA GLN B 457 9.76 -15.14 15.35
C GLN B 457 9.48 -14.55 16.72
N MET B 458 9.85 -15.25 17.78
CA MET B 458 9.66 -14.69 19.10
C MET B 458 10.58 -13.50 19.36
N GLY B 459 11.79 -13.51 18.81
CA GLY B 459 12.66 -12.36 19.00
C GLY B 459 12.11 -11.11 18.37
N ILE B 460 11.62 -11.23 17.14
CA ILE B 460 11.03 -10.08 16.46
C ILE B 460 9.75 -9.66 17.17
N TYR B 461 8.99 -10.62 17.67
CA TYR B 461 7.80 -10.29 18.43
C TYR B 461 8.14 -9.48 19.67
N ALA B 462 9.19 -9.88 20.38
CA ALA B 462 9.59 -9.16 21.57
C ALA B 462 10.09 -7.77 21.24
N VAL B 463 10.78 -7.63 20.10
CA VAL B 463 11.20 -6.30 19.66
C VAL B 463 9.97 -5.42 19.42
N MET B 464 8.96 -5.98 18.76
CA MET B 464 7.74 -5.21 18.54
C MET B 464 7.07 -4.85 19.85
N ILE B 465 7.10 -5.74 20.83
CA ILE B 465 6.55 -5.40 22.15
C ILE B 465 7.27 -4.21 22.73
N GLU B 466 8.60 -4.20 22.65
CA GLU B 466 9.39 -3.08 23.15
C GLU B 466 8.98 -1.79 22.46
N LYS B 467 8.89 -1.81 21.14
CA LYS B 467 8.58 -0.56 20.46
C LYS B 467 7.18 -0.07 20.75
N MET B 468 6.23 -0.99 20.91
CA MET B 468 4.88 -0.60 21.32
C MET B 468 4.92 0.07 22.69
N ILE B 469 5.66 -0.51 23.63
CA ILE B 469 5.77 0.10 24.96
C ILE B 469 6.35 1.50 24.86
N LEU B 470 7.45 1.64 24.13
CA LEU B 470 8.19 2.89 24.19
C LEU B 470 7.45 4.01 23.48
N ARG B 471 6.70 3.70 22.42
CA ARG B 471 5.97 4.74 21.70
C ARG B 471 4.51 4.83 22.12
N ASP B 472 3.74 3.81 21.79
CA ASP B 472 2.29 3.95 21.81
C ASP B 472 1.75 3.92 23.22
N LEU B 473 2.24 2.99 24.03
CA LEU B 473 1.77 2.89 25.39
C LEU B 473 2.12 4.15 26.17
N CYS B 474 3.32 4.69 25.98
CA CYS B 474 3.70 5.86 26.76
C CYS B 474 2.87 7.07 26.41
N ARG B 475 2.66 7.34 25.12
CA ARG B 475 1.82 8.48 24.77
C ARG B 475 0.40 8.29 25.29
N PHE B 476 -0.15 7.08 25.11
CA PHE B 476 -1.50 6.81 25.58
C PHE B 476 -1.58 7.00 27.09
N MET B 477 -0.56 6.54 27.83
CA MET B 477 -0.65 6.63 29.27
C MET B 477 -0.60 8.08 29.74
N PHE B 478 0.20 8.92 29.09
CA PHE B 478 0.18 10.33 29.45
C PHE B 478 -1.21 10.92 29.29
N VAL B 479 -1.80 10.76 28.12
CA VAL B 479 -3.11 11.38 27.89
C VAL B 479 -4.17 10.75 28.80
N TYR B 480 -4.15 9.44 28.92
CA TYR B 480 -5.13 8.74 29.73
C TYR B 480 -5.03 9.15 31.18
N LEU B 481 -3.83 9.30 31.69
CA LEU B 481 -3.68 9.66 33.10
C LEU B 481 -4.13 11.08 33.36
N VAL B 482 -3.92 11.99 32.41
CA VAL B 482 -4.50 13.32 32.57
C VAL B 482 -6.01 13.22 32.67
N PHE B 483 -6.63 12.48 31.75
CA PHE B 483 -8.09 12.39 31.77
C PHE B 483 -8.59 11.70 33.04
N LEU B 484 -7.91 10.63 33.45
CA LEU B 484 -8.32 9.91 34.65
C LEU B 484 -8.26 10.81 35.86
N PHE B 485 -7.14 11.50 36.06
CA PHE B 485 -7.03 12.34 37.23
C PHE B 485 -8.03 13.49 37.19
N GLY B 486 -8.24 14.09 36.02
CA GLY B 486 -9.15 15.21 35.94
C GLY B 486 -10.57 14.84 36.30
N PHE B 487 -11.06 13.75 35.71
CA PHE B 487 -12.41 13.34 36.04
C PHE B 487 -12.50 12.76 37.43
N SER B 488 -11.41 12.16 37.95
CA SER B 488 -11.42 11.72 39.33
C SER B 488 -11.62 12.88 40.28
N THR B 489 -10.88 13.96 40.06
CA THR B 489 -11.01 15.12 40.94
C THR B 489 -12.39 15.76 40.81
N ALA B 490 -12.93 15.82 39.59
CA ALA B 490 -14.28 16.35 39.45
C ALA B 490 -15.29 15.49 40.21
N VAL B 491 -15.18 14.18 40.09
CA VAL B 491 -16.15 13.32 40.75
C VAL B 491 -16.01 13.41 42.26
N VAL B 492 -14.78 13.41 42.77
CA VAL B 492 -14.61 13.44 44.21
C VAL B 492 -15.02 14.80 44.78
N THR B 493 -14.89 15.87 43.99
CA THR B 493 -15.46 17.13 44.43
C THR B 493 -16.97 17.03 44.52
N LEU B 494 -17.61 16.44 43.53
CA LEU B 494 -19.06 16.35 43.57
C LEU B 494 -19.53 15.45 44.71
N ILE B 495 -18.79 14.38 44.99
CA ILE B 495 -19.13 13.51 46.11
C ILE B 495 -18.89 14.27 47.41
N GLU B 496 -19.76 14.06 48.39
CA GLU B 496 -19.68 14.74 49.68
C GLU B 496 -19.95 13.74 50.80
N ASP B 497 -18.97 13.59 51.69
CA ASP B 497 -19.11 12.82 52.92
C ASP B 497 -19.62 11.41 52.66
N GLY B 498 -18.84 10.64 51.89
CA GLY B 498 -19.18 9.28 51.54
C GLY B 498 -18.04 8.31 51.83
N LYS B 499 -18.29 7.06 51.46
CA LYS B 499 -17.25 6.05 51.56
C LYS B 499 -16.08 6.40 50.65
N TYR B 500 -16.35 6.87 49.45
CA TYR B 500 -15.25 7.03 48.50
C TYR B 500 -14.49 8.32 48.80
N ASN B 501 -15.11 9.48 48.52
CA ASN B 501 -14.74 10.80 49.03
C ASN B 501 -13.24 11.03 49.15
N SER B 502 -12.48 10.50 48.20
CA SER B 502 -11.03 10.57 48.27
C SER B 502 -10.49 10.31 46.87
N LEU B 503 -9.32 10.88 46.59
CA LEU B 503 -8.76 10.71 45.26
C LEU B 503 -8.45 9.26 44.97
N TYR B 504 -7.94 8.52 45.96
CA TYR B 504 -7.53 7.15 45.67
C TYR B 504 -8.72 6.28 45.29
N SER B 505 -9.76 6.29 46.11
CA SER B 505 -10.87 5.37 45.86
C SER B 505 -11.59 5.72 44.56
N THR B 506 -11.82 7.00 44.31
CA THR B 506 -12.50 7.39 43.09
C THR B 506 -11.62 7.16 41.88
N CYS B 507 -10.31 7.39 42.00
CA CYS B 507 -9.41 7.09 40.89
C CYS B 507 -9.47 5.62 40.54
N LEU B 508 -9.44 4.76 41.54
CA LEU B 508 -9.51 3.32 41.26
C LEU B 508 -10.86 2.96 40.65
N GLU B 509 -11.93 3.57 41.15
CA GLU B 509 -13.26 3.23 40.67
C GLU B 509 -13.49 3.69 39.24
N LEU B 510 -12.86 4.78 38.84
CA LEU B 510 -12.88 5.17 37.43
C LEU B 510 -11.92 4.35 36.60
N PHE B 511 -10.82 3.88 37.18
CA PHE B 511 -9.93 3.00 36.44
C PHE B 511 -10.64 1.71 36.08
N LYS B 512 -11.55 1.25 36.95
CA LYS B 512 -12.27 0.02 36.65
C LYS B 512 -13.05 0.11 35.33
N PHE B 513 -13.37 1.30 34.86
CA PHE B 513 -14.00 1.42 33.55
C PHE B 513 -13.06 0.98 32.44
N THR B 514 -11.76 1.22 32.62
CA THR B 514 -10.80 0.88 31.58
C THR B 514 -10.70 -0.63 31.38
N ILE B 515 -10.91 -1.40 32.45
CA ILE B 515 -10.80 -2.85 32.38
C ILE B 515 -12.17 -3.51 32.22
N GLY B 516 -13.18 -2.74 31.82
CA GLY B 516 -14.47 -3.33 31.58
C GLY B 516 -15.17 -3.80 32.83
N MET B 517 -15.02 -3.08 33.93
CA MET B 517 -15.66 -3.41 35.20
C MET B 517 -16.25 -2.19 35.88
N GLY B 518 -16.51 -1.11 35.13
CA GLY B 518 -16.97 0.12 35.74
C GLY B 518 -18.40 0.00 36.23
N ASP B 519 -18.64 0.41 37.46
CA ASP B 519 -19.96 0.22 38.07
C ASP B 519 -20.97 1.18 37.47
N LEU B 520 -20.60 2.44 37.30
CA LEU B 520 -21.41 3.48 36.66
C LEU B 520 -22.55 3.98 37.53
N GLU B 521 -22.80 3.36 38.69
CA GLU B 521 -23.59 3.98 39.74
C GLU B 521 -23.01 3.62 41.09
N PHE B 522 -21.68 3.66 41.22
CA PHE B 522 -21.02 3.10 42.39
C PHE B 522 -21.36 3.82 43.69
N THR B 523 -21.92 5.02 43.64
CA THR B 523 -22.29 5.74 44.85
C THR B 523 -23.49 6.60 44.57
N GLU B 524 -24.16 7.02 45.64
CA GLU B 524 -25.22 8.02 45.57
C GLU B 524 -24.93 9.21 46.48
N ASN B 525 -23.78 9.23 47.15
CA ASN B 525 -23.50 10.24 48.18
C ASN B 525 -23.17 11.56 47.49
N TYR B 526 -24.19 12.14 46.87
CA TYR B 526 -24.07 13.41 46.19
C TYR B 526 -25.48 13.96 46.05
N ASP B 527 -25.53 15.14 45.45
CA ASP B 527 -26.81 15.65 44.95
C ASP B 527 -26.52 15.80 43.46
N PHE B 528 -27.51 16.19 42.65
CA PHE B 528 -27.36 16.38 41.22
C PHE B 528 -26.80 15.10 40.57
N LYS B 529 -27.60 14.05 40.66
CA LYS B 529 -27.28 12.79 39.98
C LYS B 529 -27.07 12.99 38.49
N ALA B 530 -27.78 13.93 37.89
CA ALA B 530 -27.54 14.25 36.50
C ALA B 530 -26.11 14.70 36.28
N VAL B 531 -25.57 15.50 37.19
CA VAL B 531 -24.20 15.97 37.05
C VAL B 531 -23.23 14.81 37.16
N PHE B 532 -23.45 13.93 38.12
CA PHE B 532 -22.57 12.79 38.30
C PHE B 532 -22.56 11.90 37.07
N ILE B 533 -23.74 11.55 36.57
CA ILE B 533 -23.80 10.65 35.44
C ILE B 533 -23.27 11.33 34.18
N ILE B 534 -23.48 12.64 34.05
CA ILE B 534 -22.90 13.33 32.91
C ILE B 534 -21.39 13.24 32.95
N LEU B 535 -20.80 13.42 34.13
CA LEU B 535 -19.36 13.29 34.23
C LEU B 535 -18.89 11.89 33.89
N LEU B 536 -19.57 10.87 34.40
CA LEU B 536 -19.11 9.52 34.13
C LEU B 536 -19.26 9.18 32.66
N LEU B 537 -20.36 9.58 32.02
CA LEU B 537 -20.51 9.31 30.60
C LEU B 537 -19.48 10.06 29.78
N ALA B 538 -19.14 11.29 30.19
CA ALA B 538 -18.08 12.01 29.50
C ALA B 538 -16.76 11.27 29.62
N TYR B 539 -16.44 10.79 30.81
CA TYR B 539 -15.20 10.04 30.99
C TYR B 539 -15.20 8.77 30.16
N VAL B 540 -16.32 8.05 30.19
CA VAL B 540 -16.40 6.77 29.48
C VAL B 540 -16.23 6.99 27.99
N ILE B 541 -16.87 8.02 27.44
CA ILE B 541 -16.70 8.31 26.04
C ILE B 541 -15.26 8.68 25.74
N LEU B 542 -14.66 9.52 26.57
CA LEU B 542 -13.35 10.07 26.22
C LEU B 542 -12.23 9.04 26.36
N THR B 543 -12.28 8.19 27.38
CA THR B 543 -11.21 7.20 27.58
C THR B 543 -11.57 5.85 26.95
N TYR B 544 -12.67 5.26 27.35
CA TYR B 544 -12.99 3.91 26.92
C TYR B 544 -13.31 3.85 25.44
N ILE B 545 -14.17 4.74 24.96
CA ILE B 545 -14.65 4.63 23.59
C ILE B 545 -13.67 5.29 22.62
N LEU B 546 -13.08 6.42 23.00
CA LEU B 546 -12.13 7.08 22.13
C LEU B 546 -10.71 6.55 22.30
N LEU B 547 -10.15 6.71 23.51
CA LEU B 547 -8.70 6.59 23.62
C LEU B 547 -8.21 5.16 23.48
N LEU B 548 -8.90 4.18 24.07
CA LEU B 548 -8.43 2.81 23.93
C LEU B 548 -8.54 2.32 22.49
N ASN B 549 -9.64 2.62 21.83
CA ASN B 549 -9.77 2.23 20.45
C ASN B 549 -8.78 2.98 19.58
N MET B 550 -8.52 4.23 19.90
CA MET B 550 -7.47 4.95 19.20
C MET B 550 -6.12 4.28 19.43
N LEU B 551 -5.89 3.75 20.64
CA LEU B 551 -4.64 3.06 20.92
C LEU B 551 -4.50 1.83 20.06
N ILE B 552 -5.58 1.07 19.90
CA ILE B 552 -5.54 -0.10 19.04
C ILE B 552 -5.21 0.31 17.62
N ALA B 553 -5.83 1.39 17.15
CA ALA B 553 -5.54 1.88 15.80
C ALA B 553 -4.08 2.29 15.66
N LEU B 554 -3.54 2.95 16.67
CA LEU B 554 -2.15 3.39 16.61
C LEU B 554 -1.20 2.21 16.63
N MET B 555 -1.49 1.18 17.42
CA MET B 555 -0.64 0.00 17.40
C MET B 555 -0.69 -0.65 16.04
N GLY B 556 -1.86 -0.68 15.42
CA GLY B 556 -1.94 -1.19 14.06
C GLY B 556 -1.08 -0.40 13.10
N GLU B 557 -1.04 0.92 13.28
CA GLU B 557 -0.20 1.74 12.42
C GLU B 557 1.28 1.46 12.69
N THR B 558 1.64 1.29 13.95
CA THR B 558 3.06 1.10 14.29
C THR B 558 3.56 -0.24 13.77
N VAL B 559 2.82 -1.32 14.02
CA VAL B 559 3.28 -2.64 13.60
C VAL B 559 3.42 -2.70 12.08
N ASN B 560 2.62 -1.93 11.35
CA ASN B 560 2.74 -1.92 9.91
C ASN B 560 4.05 -1.29 9.46
N LYS B 561 4.67 -0.45 10.28
CA LYS B 561 5.83 0.33 9.89
C LYS B 561 7.15 -0.15 10.47
N ILE B 562 7.14 -1.04 11.45
CA ILE B 562 8.35 -1.48 12.13
C ILE B 562 8.69 -2.93 11.80
N ALA B 563 8.23 -3.45 10.67
CA ALA B 563 8.55 -4.83 10.33
C ALA B 563 10.05 -4.99 10.12
N GLN B 564 10.60 -4.29 9.13
CA GLN B 564 12.01 -4.46 8.83
C GLN B 564 12.88 -3.90 9.94
N GLU B 565 12.45 -2.79 10.55
CA GLU B 565 13.18 -2.26 11.69
C GLU B 565 13.26 -3.27 12.82
N SER B 566 12.16 -3.96 13.08
CA SER B 566 12.17 -4.98 14.13
C SER B 566 13.08 -6.13 13.78
N LYS B 567 13.09 -6.55 12.52
CA LYS B 567 13.98 -7.65 12.14
C LYS B 567 15.43 -7.25 12.31
N ASN B 568 15.78 -6.04 11.90
CA ASN B 568 17.16 -5.59 12.02
C ASN B 568 17.56 -5.43 13.48
N ILE B 569 16.65 -4.93 14.31
CA ILE B 569 16.99 -4.78 15.73
C ILE B 569 17.17 -6.13 16.37
N TRP B 570 16.35 -7.11 16.00
CA TRP B 570 16.55 -8.44 16.52
C TRP B 570 17.90 -9.01 16.11
N LYS B 571 18.29 -8.80 14.87
CA LYS B 571 19.58 -9.31 14.43
C LYS B 571 20.72 -8.63 15.17
N LEU B 572 20.58 -7.34 15.47
CA LEU B 572 21.59 -6.67 16.28
C LEU B 572 21.62 -7.24 17.70
N GLN B 573 20.45 -7.54 18.27
CA GLN B 573 20.42 -8.14 19.60
C GLN B 573 21.11 -9.49 19.61
N ARG B 574 20.85 -10.31 18.62
CA ARG B 574 21.51 -11.61 18.55
C ARG B 574 23.00 -11.46 18.32
N ALA B 575 23.41 -10.45 17.54
CA ALA B 575 24.83 -10.18 17.36
C ALA B 575 25.51 -9.81 18.67
N ILE B 576 24.84 -9.00 19.49
CA ILE B 576 25.40 -8.65 20.79
C ILE B 576 25.54 -9.90 21.64
N THR B 577 24.54 -10.78 21.59
CA THR B 577 24.64 -12.03 22.33
C THR B 577 25.82 -12.86 21.85
N ILE B 578 26.03 -12.93 20.54
CA ILE B 578 27.12 -13.71 19.99
C ILE B 578 28.46 -13.17 20.47
N LEU B 579 28.62 -11.86 20.43
CA LEU B 579 29.89 -11.28 20.83
C LEU B 579 30.13 -11.45 22.32
N ASP B 580 29.10 -11.29 23.15
CA ASP B 580 29.28 -11.52 24.57
C ASP B 580 29.64 -12.96 24.86
N THR B 581 29.00 -13.90 24.18
CA THR B 581 29.31 -15.31 24.38
C THR B 581 30.74 -15.60 23.99
N GLU B 582 31.21 -15.03 22.89
CA GLU B 582 32.58 -15.28 22.49
C GLU B 582 33.58 -14.62 23.41
N LYS B 583 33.23 -13.50 24.02
CA LYS B 583 34.17 -12.87 24.94
C LYS B 583 34.21 -13.58 26.28
N SER B 584 33.10 -14.20 26.69
CA SER B 584 33.11 -14.91 27.97
C SER B 584 33.83 -16.25 27.84
N PHE B 585 33.20 -17.19 27.12
CA PHE B 585 33.74 -18.43 26.54
C PHE B 585 34.29 -19.45 27.53
N LEU B 586 34.66 -19.04 28.75
CA LEU B 586 34.79 -19.85 29.96
C LEU B 586 35.67 -21.09 29.82
N LYS B 587 36.34 -21.31 28.67
CA LYS B 587 37.06 -22.55 28.45
C LYS B 587 38.32 -22.38 27.60
N CYS B 588 38.72 -21.16 27.26
CA CYS B 588 39.85 -20.92 26.35
C CYS B 588 39.68 -21.68 25.04
N MET B 589 38.47 -21.67 24.49
CA MET B 589 38.19 -22.35 23.23
C MET B 589 38.55 -21.45 22.06
N ARG B 590 39.19 -22.04 21.05
CA ARG B 590 39.49 -21.34 19.81
C ARG B 590 38.46 -21.55 18.72
N LYS B 591 37.47 -22.43 18.92
CA LYS B 591 36.49 -22.70 17.88
C LYS B 591 35.63 -21.48 17.59
N ALA B 592 35.63 -20.48 18.47
CA ALA B 592 34.95 -19.22 18.17
C ALA B 592 35.54 -18.55 16.93
N PHE B 593 36.80 -18.85 16.60
CA PHE B 593 37.46 -18.32 15.42
C PHE B 593 37.04 -19.16 14.22
N ARG B 594 36.18 -18.61 13.38
CA ARG B 594 35.65 -19.36 12.24
C ARG B 594 36.47 -19.10 10.98
N SER B 595 35.98 -19.64 9.87
CA SER B 595 36.36 -19.35 8.48
C SER B 595 37.65 -19.98 7.95
N GLY B 596 38.55 -20.47 8.79
CA GLY B 596 39.70 -21.18 8.25
C GLY B 596 40.71 -20.33 7.48
N LYS B 597 42.00 -20.64 7.63
CA LYS B 597 43.09 -19.82 7.11
C LYS B 597 43.50 -20.32 5.73
N LEU B 598 43.05 -19.62 4.69
CA LEU B 598 43.31 -20.03 3.31
C LEU B 598 44.37 -19.16 2.66
N LEU B 599 45.13 -19.77 1.74
CA LEU B 599 46.02 -19.02 0.87
C LEU B 599 45.14 -18.32 -0.15
N GLN B 600 45.15 -17.00 -0.11
CA GLN B 600 44.18 -16.22 -0.86
C GLN B 600 44.67 -15.87 -2.24
N VAL B 601 45.79 -15.15 -2.31
CA VAL B 601 46.46 -14.84 -3.55
C VAL B 601 47.79 -15.57 -3.65
N GLY B 602 48.55 -15.59 -2.56
CA GLY B 602 49.88 -16.13 -2.58
C GLY B 602 50.90 -15.21 -3.20
N PHE B 603 50.51 -13.98 -3.55
CA PHE B 603 51.40 -13.04 -4.21
C PHE B 603 51.06 -11.67 -3.62
N THR B 604 51.82 -11.29 -2.61
CA THR B 604 51.76 -9.95 -2.05
C THR B 604 52.60 -9.06 -2.96
N PRO B 605 52.80 -7.79 -2.60
CA PRO B 605 53.73 -6.96 -3.39
C PRO B 605 55.12 -7.56 -3.50
N ASP B 606 55.58 -8.26 -2.47
CA ASP B 606 56.81 -9.02 -2.50
C ASP B 606 56.47 -10.46 -2.87
N GLY B 607 57.46 -11.34 -2.84
CA GLY B 607 57.24 -12.71 -3.22
C GLY B 607 56.52 -13.56 -2.21
N LYS B 608 56.24 -13.02 -1.02
CA LYS B 608 55.63 -13.81 0.03
C LYS B 608 54.19 -14.12 -0.34
N ASP B 609 53.63 -15.12 0.34
CA ASP B 609 52.26 -15.56 0.18
C ASP B 609 51.44 -15.08 1.37
N ASP B 610 50.20 -14.70 1.09
CA ASP B 610 49.31 -14.11 2.10
C ASP B 610 48.20 -15.08 2.43
N TYR B 611 48.09 -15.42 3.70
CA TYR B 611 47.01 -16.23 4.25
C TYR B 611 46.15 -15.30 5.08
N ARG B 612 44.82 -15.31 4.84
CA ARG B 612 43.99 -14.19 5.26
C ARG B 612 42.69 -14.58 5.95
N TRP B 613 42.52 -15.83 6.39
CA TRP B 613 41.34 -16.25 7.16
C TRP B 613 40.05 -15.88 6.45
N CYS B 614 39.83 -16.51 5.31
CA CYS B 614 38.71 -16.12 4.48
C CYS B 614 37.44 -16.87 4.88
N PHE B 615 36.29 -16.26 4.59
CA PHE B 615 34.98 -16.86 4.82
C PHE B 615 34.38 -17.22 3.48
N ARG B 616 33.97 -18.48 3.32
CA ARG B 616 33.55 -19.00 2.04
C ARG B 616 32.04 -18.83 1.86
N VAL B 617 31.63 -18.38 0.68
CA VAL B 617 30.23 -18.14 0.37
C VAL B 617 29.96 -18.63 -1.04
N ASP B 618 29.17 -19.67 -1.20
CA ASP B 618 28.86 -20.23 -2.50
C ASP B 618 27.67 -19.52 -3.10
N GLU B 619 27.77 -19.19 -4.38
CA GLU B 619 26.75 -18.43 -5.09
C GLU B 619 26.45 -19.11 -6.41
N VAL B 620 25.25 -18.86 -6.93
CA VAL B 620 24.79 -19.44 -8.18
C VAL B 620 24.20 -18.32 -9.02
N ASN B 621 24.70 -18.18 -10.25
CA ASN B 621 24.26 -17.15 -11.16
C ASN B 621 24.08 -17.75 -12.55
N TRP B 622 22.91 -17.54 -13.13
CA TRP B 622 22.56 -18.11 -14.42
C TRP B 622 22.75 -17.10 -15.55
N THR B 623 23.52 -16.05 -15.32
CA THR B 623 23.91 -15.09 -16.32
C THR B 623 25.42 -14.92 -16.26
N THR B 624 25.97 -14.25 -17.26
CA THR B 624 27.41 -13.99 -17.33
C THR B 624 28.18 -15.31 -17.30
N TRP B 625 27.89 -16.16 -18.28
CA TRP B 625 28.60 -17.41 -18.43
C TRP B 625 30.05 -17.13 -18.80
N LEU C 7 -15.43 -39.23 -64.40
CA LEU C 7 -16.60 -39.27 -63.52
C LEU C 7 -16.28 -38.58 -62.20
N TYR C 8 -17.31 -37.97 -61.59
CA TYR C 8 -17.14 -37.16 -60.40
C TYR C 8 -18.25 -37.47 -59.41
N ASP C 9 -17.93 -37.28 -58.13
CA ASP C 9 -18.87 -37.52 -57.04
C ASP C 9 -18.54 -36.53 -55.92
N ARG C 10 -19.30 -36.60 -54.83
CA ARG C 10 -19.11 -35.64 -53.75
C ARG C 10 -17.73 -35.77 -53.13
N ARG C 11 -17.28 -37.00 -52.88
CA ARG C 11 -16.00 -37.20 -52.21
C ARG C 11 -14.83 -36.73 -53.08
N SER C 12 -14.86 -37.02 -54.38
CA SER C 12 -13.75 -36.60 -55.24
C SER C 12 -13.63 -35.09 -55.27
N ILE C 13 -14.77 -34.41 -55.41
CA ILE C 13 -14.75 -32.95 -55.45
C ILE C 13 -14.25 -32.38 -54.14
N PHE C 14 -14.73 -32.93 -53.02
CA PHE C 14 -14.29 -32.43 -51.72
C PHE C 14 -12.79 -32.65 -51.52
N ASP C 15 -12.29 -33.83 -51.88
CA ASP C 15 -10.86 -34.08 -51.75
C ASP C 15 -10.04 -33.18 -52.66
N ALA C 16 -10.53 -32.94 -53.87
CA ALA C 16 -9.80 -32.07 -54.79
C ALA C 16 -9.72 -30.64 -54.28
N VAL C 17 -10.87 -30.10 -53.85
CA VAL C 17 -10.88 -28.70 -53.40
C VAL C 17 -10.09 -28.56 -52.11
N ALA C 18 -10.12 -29.58 -51.24
CA ALA C 18 -9.34 -29.54 -50.01
C ALA C 18 -7.85 -29.36 -50.30
N GLN C 19 -7.35 -30.05 -51.32
CA GLN C 19 -5.94 -30.00 -51.69
C GLN C 19 -5.60 -28.88 -52.67
N SER C 20 -6.58 -28.10 -53.12
CA SER C 20 -6.37 -27.05 -54.12
C SER C 20 -5.79 -27.62 -55.41
N ASN C 21 -6.26 -28.80 -55.80
CA ASN C 21 -5.83 -29.46 -57.04
C ASN C 21 -6.81 -29.10 -58.15
N CYS C 22 -6.41 -28.14 -59.00
CA CYS C 22 -7.29 -27.70 -60.08
C CYS C 22 -7.41 -28.74 -61.18
N GLN C 23 -6.37 -29.57 -61.37
CA GLN C 23 -6.37 -30.50 -62.49
C GLN C 23 -7.41 -31.60 -62.32
N GLU C 24 -7.62 -32.05 -61.08
CA GLU C 24 -8.60 -33.11 -60.84
C GLU C 24 -10.01 -32.66 -61.20
N LEU C 25 -10.28 -31.36 -61.13
CA LEU C 25 -11.59 -30.80 -61.45
C LEU C 25 -11.69 -30.25 -62.87
N GLU C 26 -10.68 -30.49 -63.71
CA GLU C 26 -10.70 -29.95 -65.07
C GLU C 26 -11.88 -30.48 -65.88
N SER C 27 -12.24 -31.75 -65.67
CA SER C 27 -13.31 -32.40 -66.42
C SER C 27 -14.67 -32.30 -65.73
N LEU C 28 -14.79 -31.49 -64.68
CA LEU C 28 -16.07 -31.40 -63.98
C LEU C 28 -17.15 -30.75 -64.85
N LEU C 29 -16.78 -29.71 -65.61
CA LEU C 29 -17.74 -29.05 -66.48
C LEU C 29 -18.31 -29.98 -67.54
N PRO C 30 -17.49 -30.68 -68.34
CA PRO C 30 -18.08 -31.65 -69.27
C PRO C 30 -18.82 -32.77 -68.56
N PHE C 31 -18.41 -33.15 -67.35
CA PHE C 31 -19.14 -34.18 -66.61
C PHE C 31 -20.56 -33.72 -66.32
N LEU C 32 -20.70 -32.52 -65.78
CA LEU C 32 -22.03 -31.99 -65.48
C LEU C 32 -22.83 -31.76 -66.75
N GLN C 33 -22.17 -31.31 -67.82
CA GLN C 33 -22.91 -31.04 -69.06
C GLN C 33 -23.43 -32.33 -69.69
N ARG C 34 -22.60 -33.38 -69.73
CA ARG C 34 -23.02 -34.64 -70.31
C ARG C 34 -24.07 -35.32 -69.45
N SER C 35 -23.89 -35.27 -68.12
CA SER C 35 -24.85 -35.87 -67.20
C SER C 35 -26.11 -35.03 -67.04
N LYS C 36 -26.08 -33.76 -67.45
CA LYS C 36 -27.23 -32.86 -67.33
C LYS C 36 -27.65 -32.71 -65.88
N LYS C 37 -26.66 -32.57 -64.99
CA LYS C 37 -26.89 -32.42 -63.56
C LYS C 37 -26.24 -31.13 -63.08
N ARG C 38 -26.86 -30.52 -62.09
CA ARG C 38 -26.39 -29.24 -61.55
C ARG C 38 -25.37 -29.46 -60.45
N LEU C 39 -24.39 -28.55 -60.39
CA LEU C 39 -23.40 -28.59 -59.33
C LEU C 39 -24.00 -28.35 -57.95
N THR C 40 -25.22 -27.83 -57.88
CA THR C 40 -25.94 -27.60 -56.64
C THR C 40 -26.89 -28.73 -56.26
N ASP C 41 -26.93 -29.82 -57.03
CA ASP C 41 -27.94 -30.85 -56.79
C ASP C 41 -27.64 -31.59 -55.49
N SER C 42 -28.67 -32.27 -54.98
CA SER C 42 -28.58 -32.89 -53.66
C SER C 42 -27.52 -33.98 -53.59
N GLU C 43 -27.05 -34.50 -54.73
CA GLU C 43 -25.99 -35.48 -54.69
C GLU C 43 -24.68 -34.90 -54.16
N PHE C 44 -24.42 -33.61 -54.44
CA PHE C 44 -23.16 -33.00 -54.08
C PHE C 44 -23.18 -32.33 -52.71
N LYS C 45 -24.35 -32.11 -52.13
CA LYS C 45 -24.44 -31.55 -50.80
C LYS C 45 -24.24 -32.65 -49.75
N ASP C 46 -23.71 -32.25 -48.60
CA ASP C 46 -23.59 -33.18 -47.49
C ASP C 46 -24.99 -33.61 -47.05
N PRO C 47 -25.25 -34.91 -46.81
CA PRO C 47 -26.63 -35.31 -46.49
C PRO C 47 -27.18 -34.69 -45.23
N GLU C 48 -26.33 -34.23 -44.31
CA GLU C 48 -26.75 -33.78 -42.98
C GLU C 48 -26.64 -32.28 -42.80
N THR C 49 -25.46 -31.70 -43.03
CA THR C 49 -25.28 -30.27 -42.85
C THR C 49 -25.87 -29.46 -43.99
N GLY C 50 -25.89 -30.01 -45.20
CA GLY C 50 -26.33 -29.29 -46.37
C GLY C 50 -25.28 -28.46 -47.07
N LYS C 51 -24.02 -28.53 -46.64
CA LYS C 51 -22.99 -27.72 -47.28
C LYS C 51 -22.67 -28.24 -48.67
N THR C 52 -22.30 -27.32 -49.55
CA THR C 52 -21.91 -27.61 -50.92
C THR C 52 -20.39 -27.55 -51.04
N CYS C 53 -19.90 -27.82 -52.25
CA CYS C 53 -18.46 -27.85 -52.47
C CYS C 53 -17.83 -26.47 -52.38
N LEU C 54 -18.61 -25.42 -52.69
CA LEU C 54 -18.08 -24.07 -52.52
C LEU C 54 -17.75 -23.78 -51.07
N LEU C 55 -18.65 -24.18 -50.16
CA LEU C 55 -18.38 -23.99 -48.75
C LEU C 55 -17.19 -24.83 -48.30
N LYS C 56 -17.03 -26.02 -48.90
CA LYS C 56 -15.85 -26.82 -48.60
C LYS C 56 -14.57 -26.11 -49.01
N ALA C 57 -14.57 -25.50 -50.19
CA ALA C 57 -13.38 -24.79 -50.66
C ALA C 57 -13.10 -23.57 -49.79
N MET C 58 -14.14 -22.86 -49.38
CA MET C 58 -13.93 -21.69 -48.53
C MET C 58 -13.35 -22.05 -47.19
N LEU C 59 -13.67 -23.24 -46.67
CA LEU C 59 -13.14 -23.70 -45.38
C LEU C 59 -11.75 -24.31 -45.49
N ASN C 60 -11.18 -24.41 -46.69
CA ASN C 60 -9.83 -24.95 -46.89
C ASN C 60 -9.08 -23.95 -47.77
N LEU C 61 -8.48 -22.94 -47.13
CA LEU C 61 -7.68 -21.94 -47.80
C LEU C 61 -6.23 -22.08 -47.37
N HIS C 62 -5.31 -21.94 -48.33
CA HIS C 62 -3.88 -22.02 -48.09
C HIS C 62 -3.28 -20.64 -48.28
N ASN C 63 -2.85 -20.04 -47.17
CA ASN C 63 -2.36 -18.65 -47.16
C ASN C 63 -3.42 -17.68 -47.70
N GLY C 64 -4.69 -18.02 -47.50
CA GLY C 64 -5.77 -17.20 -48.01
C GLY C 64 -6.07 -17.36 -49.49
N GLN C 65 -5.53 -18.41 -50.15
CA GLN C 65 -5.74 -18.63 -51.56
C GLN C 65 -6.20 -20.06 -51.80
N ASN C 66 -7.13 -20.24 -52.73
CA ASN C 66 -7.58 -21.57 -53.15
C ASN C 66 -8.10 -21.42 -54.57
N ASP C 67 -7.31 -21.89 -55.54
CA ASP C 67 -7.60 -21.63 -56.94
C ASP C 67 -8.84 -22.34 -57.45
N THR C 68 -9.30 -23.38 -56.75
CA THR C 68 -10.48 -24.10 -57.21
C THR C 68 -11.78 -23.30 -57.05
N ILE C 69 -11.76 -22.21 -56.28
CA ILE C 69 -13.00 -21.47 -56.05
C ILE C 69 -13.48 -20.79 -57.33
N ALA C 70 -12.57 -20.08 -58.01
CA ALA C 70 -12.94 -19.45 -59.27
C ALA C 70 -13.32 -20.50 -60.30
N LEU C 71 -12.67 -21.67 -60.25
CA LEU C 71 -13.02 -22.77 -61.13
C LEU C 71 -14.47 -23.20 -60.90
N LEU C 72 -14.85 -23.41 -59.64
CA LEU C 72 -16.20 -23.84 -59.33
C LEU C 72 -17.22 -22.79 -59.73
N LEU C 73 -16.90 -21.52 -59.50
CA LEU C 73 -17.83 -20.45 -59.87
C LEU C 73 -18.03 -20.41 -61.38
N ASP C 74 -16.94 -20.57 -62.15
CA ASP C 74 -17.08 -20.60 -63.61
C ASP C 74 -17.91 -21.79 -64.06
N VAL C 75 -17.69 -22.96 -63.46
CA VAL C 75 -18.47 -24.13 -63.82
C VAL C 75 -19.94 -23.92 -63.52
N ALA C 76 -20.25 -23.37 -62.34
CA ALA C 76 -21.64 -23.11 -61.97
C ALA C 76 -22.27 -22.10 -62.91
N ARG C 77 -21.51 -21.07 -63.32
CA ARG C 77 -22.02 -20.14 -64.32
C ARG C 77 -22.36 -20.86 -65.61
N LYS C 78 -21.47 -21.72 -66.07
CA LYS C 78 -21.62 -22.29 -67.40
C LYS C 78 -22.70 -23.36 -67.46
N THR C 79 -22.91 -24.11 -66.38
CA THR C 79 -23.80 -25.26 -66.46
C THR C 79 -25.26 -24.85 -66.58
N ASP C 80 -25.82 -24.26 -65.52
CA ASP C 80 -27.14 -23.65 -65.58
C ASP C 80 -27.11 -22.19 -65.13
N SER C 81 -26.64 -21.97 -63.90
CA SER C 81 -26.74 -20.66 -63.27
C SER C 81 -25.87 -20.66 -62.02
N LEU C 82 -25.61 -19.47 -61.51
CA LEU C 82 -24.69 -19.25 -60.41
C LEU C 82 -25.35 -18.84 -59.10
N LYS C 83 -26.53 -18.21 -59.15
CA LYS C 83 -27.10 -17.62 -57.94
C LYS C 83 -27.41 -18.65 -56.88
N GLN C 84 -27.93 -19.81 -57.27
CA GLN C 84 -28.17 -20.86 -56.28
C GLN C 84 -26.86 -21.40 -55.72
N PHE C 85 -25.82 -21.42 -56.55
CA PHE C 85 -24.53 -21.95 -56.10
C PHE C 85 -23.88 -21.03 -55.08
N VAL C 86 -23.80 -19.74 -55.41
CA VAL C 86 -23.08 -18.81 -54.53
C VAL C 86 -23.84 -18.60 -53.22
N ASN C 87 -25.17 -18.68 -53.25
CA ASN C 87 -25.99 -18.46 -52.07
C ASN C 87 -26.33 -19.75 -51.35
N ALA C 88 -25.61 -20.84 -51.63
CA ALA C 88 -25.81 -22.07 -50.87
C ALA C 88 -25.39 -21.86 -49.43
N SER C 89 -26.13 -22.45 -48.50
CA SER C 89 -25.89 -22.26 -47.09
C SER C 89 -26.25 -23.53 -46.34
N TYR C 90 -25.73 -23.65 -45.13
CA TYR C 90 -26.01 -24.82 -44.31
C TYR C 90 -27.50 -24.89 -43.99
N THR C 91 -28.01 -26.12 -43.87
CA THR C 91 -29.40 -26.36 -43.52
C THR C 91 -29.59 -26.94 -42.13
N ASP C 92 -28.56 -27.51 -41.52
CA ASP C 92 -28.70 -28.03 -40.18
C ASP C 92 -28.87 -26.90 -39.18
N SER C 93 -29.56 -27.21 -38.09
CA SER C 93 -29.96 -26.18 -37.12
C SER C 93 -28.77 -25.55 -36.40
N TYR C 94 -27.60 -26.18 -36.42
CA TYR C 94 -26.48 -25.68 -35.63
C TYR C 94 -25.71 -24.61 -36.37
N TYR C 95 -25.48 -24.79 -37.67
CA TYR C 95 -24.83 -23.80 -38.51
C TYR C 95 -25.80 -23.15 -39.49
N LYS C 96 -27.10 -23.18 -39.18
CA LYS C 96 -28.13 -22.79 -40.13
C LYS C 96 -27.91 -21.38 -40.67
N GLY C 97 -27.95 -21.25 -41.99
CA GLY C 97 -27.88 -19.97 -42.63
C GLY C 97 -26.49 -19.51 -43.00
N GLN C 98 -25.44 -20.14 -42.47
CA GLN C 98 -24.08 -19.73 -42.82
C GLN C 98 -23.84 -19.98 -44.29
N THR C 99 -23.26 -19.01 -44.97
CA THR C 99 -23.00 -19.08 -46.40
C THR C 99 -21.57 -18.63 -46.66
N ALA C 100 -21.17 -18.71 -47.93
CA ALA C 100 -19.77 -18.47 -48.28
C ALA C 100 -19.34 -17.06 -47.96
N LEU C 101 -20.27 -16.11 -47.98
CA LEU C 101 -19.93 -14.73 -47.60
C LEU C 101 -19.53 -14.66 -46.13
N HIS C 102 -20.25 -15.38 -45.27
CA HIS C 102 -19.88 -15.39 -43.86
C HIS C 102 -18.49 -15.98 -43.66
N ILE C 103 -18.17 -17.05 -44.38
CA ILE C 103 -16.86 -17.66 -44.24
C ILE C 103 -15.79 -16.73 -44.79
N ALA C 104 -16.08 -16.06 -45.91
CA ALA C 104 -15.11 -15.13 -46.48
C ALA C 104 -14.81 -14.00 -45.51
N ILE C 105 -15.84 -13.45 -44.87
CA ILE C 105 -15.60 -12.36 -43.92
C ILE C 105 -14.85 -12.90 -42.71
N GLU C 106 -15.30 -14.05 -42.20
CA GLU C 106 -14.67 -14.66 -41.03
C GLU C 106 -13.19 -14.90 -41.28
N ARG C 107 -12.81 -15.19 -42.51
CA ARG C 107 -11.43 -15.49 -42.83
C ARG C 107 -10.62 -14.24 -43.13
N ARG C 108 -11.25 -13.06 -43.11
CA ARG C 108 -10.57 -11.79 -43.32
C ARG C 108 -9.95 -11.72 -44.72
N ASN C 109 -10.67 -12.25 -45.70
CA ASN C 109 -10.22 -12.30 -47.09
C ASN C 109 -11.04 -11.31 -47.90
N MET C 110 -10.45 -10.15 -48.21
CA MET C 110 -11.15 -9.13 -48.98
C MET C 110 -11.49 -9.64 -50.38
N THR C 111 -10.57 -10.35 -51.02
CA THR C 111 -10.75 -10.77 -52.40
C THR C 111 -11.93 -11.72 -52.53
N LEU C 112 -12.04 -12.68 -51.62
CA LEU C 112 -13.15 -13.63 -51.69
C LEU C 112 -14.48 -12.95 -51.47
N VAL C 113 -14.52 -11.99 -50.54
CA VAL C 113 -15.76 -11.25 -50.30
C VAL C 113 -16.16 -10.49 -51.54
N THR C 114 -15.19 -9.80 -52.16
CA THR C 114 -15.48 -9.05 -53.37
C THR C 114 -15.99 -9.96 -54.48
N LEU C 115 -15.34 -11.11 -54.65
CA LEU C 115 -15.76 -12.04 -55.69
C LEU C 115 -17.17 -12.57 -55.43
N LEU C 116 -17.45 -12.94 -54.19
CA LEU C 116 -18.78 -13.48 -53.87
C LEU C 116 -19.86 -12.43 -54.08
N VAL C 117 -19.59 -11.19 -53.69
CA VAL C 117 -20.58 -10.14 -53.87
C VAL C 117 -20.80 -9.87 -55.36
N GLU C 118 -19.71 -9.84 -56.14
CA GLU C 118 -19.82 -9.64 -57.59
C GLU C 118 -20.74 -10.66 -58.24
N ASN C 119 -20.75 -11.89 -57.71
CA ASN C 119 -21.45 -13.00 -58.30
C ASN C 119 -22.88 -13.15 -57.82
N GLY C 120 -23.38 -12.21 -57.03
CA GLY C 120 -24.74 -12.27 -56.54
C GLY C 120 -24.89 -12.95 -55.19
N ALA C 121 -23.85 -12.93 -54.35
CA ALA C 121 -24.03 -13.38 -52.98
C ALA C 121 -24.98 -12.46 -52.24
N ASP C 122 -25.87 -13.04 -51.44
CA ASP C 122 -26.90 -12.28 -50.75
C ASP C 122 -26.32 -11.68 -49.48
N VAL C 123 -26.15 -10.36 -49.48
CA VAL C 123 -25.53 -9.67 -48.36
C VAL C 123 -26.46 -9.55 -47.15
N GLN C 124 -27.72 -9.97 -47.30
CA GLN C 124 -28.66 -10.00 -46.19
C GLN C 124 -28.94 -11.41 -45.69
N ALA C 125 -28.08 -12.37 -46.01
CA ALA C 125 -28.26 -13.73 -45.53
C ALA C 125 -28.05 -13.79 -44.02
N ALA C 126 -29.05 -14.27 -43.30
CA ALA C 126 -28.99 -14.37 -41.85
C ALA C 126 -28.47 -15.76 -41.45
N ALA C 127 -27.33 -15.79 -40.79
CA ALA C 127 -26.77 -17.03 -40.25
C ALA C 127 -27.29 -17.19 -38.84
N ASN C 128 -28.43 -17.88 -38.70
CA ASN C 128 -29.18 -17.93 -37.45
C ASN C 128 -29.23 -19.34 -36.88
N GLY C 129 -28.15 -20.10 -37.03
CA GLY C 129 -28.05 -21.37 -36.35
C GLY C 129 -27.77 -21.20 -34.88
N ASP C 130 -27.81 -22.32 -34.15
CA ASP C 130 -27.55 -22.27 -32.72
C ASP C 130 -26.15 -21.76 -32.42
N PHE C 131 -25.18 -22.04 -33.29
CA PHE C 131 -23.82 -21.62 -33.01
C PHE C 131 -23.69 -20.11 -33.00
N PHE C 132 -24.54 -19.41 -33.76
CA PHE C 132 -24.52 -17.96 -33.86
C PHE C 132 -25.56 -17.30 -32.95
N LYS C 133 -25.71 -17.81 -31.74
CA LYS C 133 -26.58 -17.23 -30.72
C LYS C 133 -25.80 -17.07 -29.43
N LYS C 134 -26.39 -16.34 -28.48
CA LYS C 134 -25.75 -16.12 -27.19
C LYS C 134 -25.48 -17.45 -26.49
N THR C 135 -26.55 -18.16 -26.09
CA THR C 135 -26.52 -19.54 -25.62
C THR C 135 -25.39 -19.81 -24.62
N LYS C 136 -25.46 -19.18 -23.44
CA LYS C 136 -24.33 -19.16 -22.51
C LYS C 136 -23.83 -20.55 -22.13
N GLY C 137 -24.70 -21.56 -22.14
CA GLY C 137 -24.32 -22.89 -21.75
C GLY C 137 -23.66 -23.71 -22.83
N ARG C 138 -23.37 -23.13 -23.97
CA ARG C 138 -22.75 -23.82 -25.10
C ARG C 138 -21.75 -22.88 -25.76
N PRO C 139 -20.78 -23.41 -26.49
CA PRO C 139 -19.90 -22.54 -27.27
C PRO C 139 -20.65 -21.87 -28.41
N GLY C 140 -20.16 -20.71 -28.80
CA GLY C 140 -20.75 -19.98 -29.90
C GLY C 140 -20.18 -18.58 -29.96
N PHE C 141 -20.66 -17.83 -30.93
CA PHE C 141 -20.20 -16.46 -31.11
C PHE C 141 -21.34 -15.68 -31.74
N TYR C 142 -22.03 -14.87 -30.94
CA TYR C 142 -23.08 -14.01 -31.46
C TYR C 142 -22.46 -12.75 -32.05
N PHE C 143 -22.88 -12.43 -33.27
CA PHE C 143 -22.40 -11.23 -33.94
C PHE C 143 -23.52 -10.50 -34.67
N GLY C 144 -24.78 -10.87 -34.46
CA GLY C 144 -25.89 -10.25 -35.15
C GLY C 144 -26.32 -10.92 -36.42
N GLU C 145 -25.74 -12.06 -36.78
CA GLU C 145 -26.28 -12.99 -37.76
C GLU C 145 -26.15 -12.52 -39.21
N LEU C 146 -25.69 -11.28 -39.46
CA LEU C 146 -25.65 -10.73 -40.80
C LEU C 146 -24.20 -10.49 -41.24
N PRO C 147 -23.91 -10.51 -42.54
CA PRO C 147 -22.53 -10.22 -42.97
C PRO C 147 -22.03 -8.86 -42.57
N LEU C 148 -22.90 -7.85 -42.58
CA LEU C 148 -22.46 -6.53 -42.14
C LEU C 148 -22.10 -6.55 -40.66
N SER C 149 -22.93 -7.17 -39.84
CA SER C 149 -22.61 -7.25 -38.42
C SER C 149 -21.42 -8.15 -38.17
N LEU C 150 -21.23 -9.18 -38.99
CA LEU C 150 -20.04 -10.01 -38.85
C LEU C 150 -18.78 -9.21 -39.16
N ALA C 151 -18.83 -8.41 -40.22
CA ALA C 151 -17.66 -7.60 -40.57
C ALA C 151 -17.39 -6.56 -39.51
N ALA C 152 -18.44 -5.95 -38.97
CA ALA C 152 -18.25 -4.92 -37.95
C ALA C 152 -17.72 -5.53 -36.66
N CYS C 153 -18.30 -6.63 -36.21
CA CYS C 153 -17.95 -7.25 -34.95
C CYS C 153 -16.58 -7.92 -34.97
N THR C 154 -15.94 -8.03 -36.13
CA THR C 154 -14.61 -8.62 -36.25
C THR C 154 -13.54 -7.58 -36.54
N ASN C 155 -13.85 -6.29 -36.38
CA ASN C 155 -12.89 -5.22 -36.56
C ASN C 155 -12.36 -5.19 -37.99
N GLN C 156 -13.26 -5.28 -38.96
CA GLN C 156 -12.91 -5.22 -40.39
C GLN C 156 -13.66 -4.04 -41.00
N LEU C 157 -13.04 -2.87 -40.94
CA LEU C 157 -13.70 -1.67 -41.45
C LEU C 157 -13.83 -1.71 -42.97
N ALA C 158 -12.80 -2.22 -43.65
CA ALA C 158 -12.79 -2.19 -45.10
C ALA C 158 -13.95 -3.01 -45.67
N ILE C 159 -14.22 -4.17 -45.07
CA ILE C 159 -15.31 -5.00 -45.55
C ILE C 159 -16.64 -4.35 -45.22
N VAL C 160 -16.73 -3.65 -44.09
CA VAL C 160 -17.94 -2.90 -43.77
C VAL C 160 -18.21 -1.85 -44.84
N LYS C 161 -17.19 -1.07 -45.19
CA LYS C 161 -17.36 -0.05 -46.21
C LYS C 161 -17.73 -0.67 -47.54
N PHE C 162 -17.08 -1.77 -47.90
CA PHE C 162 -17.40 -2.45 -49.15
C PHE C 162 -18.86 -2.91 -49.17
N LEU C 163 -19.32 -3.56 -48.10
CA LEU C 163 -20.69 -4.04 -48.07
C LEU C 163 -21.68 -2.90 -48.11
N LEU C 164 -21.36 -1.78 -47.46
CA LEU C 164 -22.32 -0.69 -47.41
C LEU C 164 -22.39 0.06 -48.74
N GLN C 165 -21.27 0.20 -49.43
CA GLN C 165 -21.19 0.99 -50.65
C GLN C 165 -20.41 0.25 -51.73
N ASN C 166 -20.85 -0.95 -52.08
CA ASN C 166 -20.41 -1.62 -53.30
C ASN C 166 -21.38 -1.29 -54.43
N SER C 167 -20.95 -1.59 -55.66
CA SER C 167 -21.77 -1.33 -56.83
C SER C 167 -22.90 -2.35 -56.98
N TRP C 168 -22.62 -3.62 -56.69
CA TRP C 168 -23.51 -4.70 -57.11
C TRP C 168 -24.70 -4.84 -56.18
N GLN C 169 -24.48 -4.74 -54.88
CA GLN C 169 -25.55 -4.94 -53.92
C GLN C 169 -25.18 -4.30 -52.59
N PRO C 170 -25.51 -3.04 -52.35
CA PRO C 170 -25.19 -2.44 -51.05
C PRO C 170 -26.03 -3.07 -49.95
N ALA C 171 -25.42 -3.18 -48.78
CA ALA C 171 -26.04 -3.87 -47.65
C ALA C 171 -26.94 -2.91 -46.86
N ASP C 172 -27.99 -3.47 -46.27
CA ASP C 172 -29.01 -2.67 -45.58
C ASP C 172 -28.54 -2.36 -44.18
N ILE C 173 -28.08 -1.12 -43.96
CA ILE C 173 -27.46 -0.75 -42.70
C ILE C 173 -28.42 -0.82 -41.53
N SER C 174 -29.71 -0.63 -41.76
CA SER C 174 -30.71 -0.64 -40.71
C SER C 174 -31.33 -2.02 -40.50
N ALA C 175 -30.80 -3.06 -41.16
CA ALA C 175 -31.39 -4.38 -41.06
C ALA C 175 -31.29 -4.91 -39.64
N ARG C 176 -32.25 -5.74 -39.27
CA ARG C 176 -32.39 -6.27 -37.92
C ARG C 176 -32.38 -7.78 -37.96
N ASP C 177 -31.69 -8.40 -37.01
CA ASP C 177 -31.57 -9.84 -36.97
C ASP C 177 -32.83 -10.43 -36.36
N SER C 178 -32.80 -11.71 -36.04
CA SER C 178 -33.97 -12.35 -35.46
C SER C 178 -34.36 -11.76 -34.12
N VAL C 179 -33.38 -11.28 -33.34
CA VAL C 179 -33.67 -10.64 -32.06
C VAL C 179 -34.11 -9.20 -32.23
N GLY C 180 -33.97 -8.62 -33.41
CA GLY C 180 -34.20 -7.21 -33.61
C GLY C 180 -32.95 -6.36 -33.52
N ASN C 181 -31.79 -6.97 -33.32
CA ASN C 181 -30.56 -6.23 -33.17
C ASN C 181 -30.03 -5.79 -34.52
N THR C 182 -29.80 -4.49 -34.67
CA THR C 182 -29.13 -3.94 -35.82
C THR C 182 -27.62 -4.11 -35.64
N VAL C 183 -26.84 -3.54 -36.55
CA VAL C 183 -25.39 -3.65 -36.44
C VAL C 183 -24.90 -3.02 -35.15
N LEU C 184 -25.54 -1.94 -34.71
CA LEU C 184 -25.09 -1.26 -33.50
C LEU C 184 -25.47 -2.03 -32.26
N HIS C 185 -26.64 -2.67 -32.25
CA HIS C 185 -26.96 -3.58 -31.15
C HIS C 185 -25.93 -4.69 -31.07
N ALA C 186 -25.53 -5.25 -32.20
CA ALA C 186 -24.51 -6.28 -32.20
C ALA C 186 -23.20 -5.77 -31.65
N LEU C 187 -22.80 -4.56 -32.04
CA LEU C 187 -21.56 -3.99 -31.54
C LEU C 187 -21.62 -3.80 -30.03
N VAL C 188 -22.77 -3.40 -29.52
CA VAL C 188 -22.92 -3.30 -28.07
C VAL C 188 -22.83 -4.68 -27.44
N GLU C 189 -23.40 -5.68 -28.10
CA GLU C 189 -23.41 -7.02 -27.53
C GLU C 189 -22.01 -7.60 -27.42
N VAL C 190 -21.17 -7.39 -28.43
CA VAL C 190 -19.82 -7.96 -28.37
C VAL C 190 -18.89 -7.19 -27.47
N ALA C 191 -19.30 -6.03 -26.97
CA ALA C 191 -18.49 -5.32 -25.98
C ALA C 191 -18.40 -6.13 -24.69
N ASP C 192 -17.23 -6.07 -24.04
CA ASP C 192 -17.04 -6.72 -22.76
C ASP C 192 -16.14 -5.92 -21.82
N ASN C 193 -15.96 -4.64 -22.08
CA ASN C 193 -15.36 -3.70 -21.14
C ASN C 193 -13.88 -3.93 -20.94
N THR C 194 -13.21 -4.62 -21.85
CA THR C 194 -11.76 -4.64 -21.88
C THR C 194 -11.25 -3.51 -22.77
N VAL C 195 -9.96 -3.21 -22.65
CA VAL C 195 -9.44 -2.00 -23.25
C VAL C 195 -9.44 -2.11 -24.78
N ASP C 196 -8.85 -3.17 -25.31
CA ASP C 196 -8.79 -3.30 -26.77
C ASP C 196 -10.16 -3.48 -27.37
N ASN C 197 -11.00 -4.29 -26.72
CA ASN C 197 -12.34 -4.50 -27.21
C ASN C 197 -13.14 -3.21 -27.21
N THR C 198 -13.05 -2.44 -26.13
CA THR C 198 -13.76 -1.17 -26.09
C THR C 198 -13.26 -0.24 -27.18
N LYS C 199 -11.95 -0.18 -27.37
CA LYS C 199 -11.39 0.70 -28.40
C LYS C 199 -11.95 0.36 -29.77
N PHE C 200 -11.86 -0.90 -30.17
CA PHE C 200 -12.31 -1.22 -31.51
C PHE C 200 -13.82 -1.12 -31.62
N VAL C 201 -14.57 -1.48 -30.59
CA VAL C 201 -16.02 -1.44 -30.69
C VAL C 201 -16.50 0.00 -30.83
N THR C 202 -15.94 0.90 -30.03
CA THR C 202 -16.36 2.29 -30.13
C THR C 202 -15.93 2.90 -31.45
N SER C 203 -14.73 2.56 -31.94
CA SER C 203 -14.30 3.12 -33.22
C SER C 203 -15.20 2.62 -34.35
N MET C 204 -15.53 1.34 -34.34
CA MET C 204 -16.42 0.82 -35.38
C MET C 204 -17.81 1.42 -35.27
N TYR C 205 -18.28 1.66 -34.06
CA TYR C 205 -19.56 2.34 -33.86
C TYR C 205 -19.53 3.73 -34.49
N ASN C 206 -18.45 4.45 -34.24
CA ASN C 206 -18.31 5.81 -34.79
C ASN C 206 -18.30 5.78 -36.31
N GLU C 207 -17.50 4.89 -36.88
CA GLU C 207 -17.41 4.81 -38.34
C GLU C 207 -18.75 4.42 -38.95
N ILE C 208 -19.46 3.47 -38.35
CA ILE C 208 -20.75 3.07 -38.91
C ILE C 208 -21.76 4.21 -38.80
N LEU C 209 -21.72 4.98 -37.72
CA LEU C 209 -22.62 6.13 -37.65
C LEU C 209 -22.33 7.14 -38.74
N ILE C 210 -21.05 7.41 -38.98
CA ILE C 210 -20.68 8.35 -40.03
C ILE C 210 -21.15 7.85 -41.39
N LEU C 211 -20.92 6.57 -41.66
CA LEU C 211 -21.32 6.01 -42.95
C LEU C 211 -22.84 6.00 -43.11
N GLY C 212 -23.56 5.71 -42.03
CA GLY C 212 -25.01 5.76 -42.12
C GLY C 212 -25.51 7.16 -42.40
N ALA C 213 -24.89 8.17 -41.78
CA ALA C 213 -25.28 9.55 -42.05
C ALA C 213 -24.98 9.93 -43.49
N LYS C 214 -23.84 9.52 -44.01
CA LYS C 214 -23.49 9.88 -45.37
C LYS C 214 -24.33 9.15 -46.40
N LEU C 215 -24.77 7.93 -46.10
CA LEU C 215 -25.54 7.14 -47.07
C LEU C 215 -27.04 7.34 -46.91
N HIS C 216 -27.51 7.52 -45.68
CA HIS C 216 -28.94 7.75 -45.40
C HIS C 216 -29.07 8.90 -44.41
N PRO C 217 -28.95 10.14 -44.87
CA PRO C 217 -29.00 11.27 -43.92
C PRO C 217 -30.29 11.36 -43.13
N THR C 218 -31.40 10.88 -43.68
CA THR C 218 -32.68 10.91 -42.97
C THR C 218 -32.83 9.80 -41.95
N LEU C 219 -31.95 8.81 -41.95
CA LEU C 219 -32.07 7.63 -41.11
C LEU C 219 -31.47 7.90 -39.75
N LYS C 220 -32.19 7.53 -38.70
CA LYS C 220 -31.74 7.64 -37.31
C LYS C 220 -31.52 6.23 -36.81
N LEU C 221 -30.29 5.73 -36.96
CA LEU C 221 -30.00 4.36 -36.57
C LEU C 221 -30.22 4.13 -35.09
N GLU C 222 -29.78 5.06 -34.26
CA GLU C 222 -29.77 4.84 -32.83
C GLU C 222 -31.15 4.83 -32.22
N GLU C 223 -32.19 5.19 -32.96
CA GLU C 223 -33.55 5.10 -32.47
C GLU C 223 -34.21 3.77 -32.78
N ILE C 224 -33.53 2.87 -33.48
CA ILE C 224 -34.09 1.58 -33.80
C ILE C 224 -34.01 0.69 -32.57
N THR C 225 -35.12 0.07 -32.21
CA THR C 225 -35.22 -0.79 -31.04
C THR C 225 -35.32 -2.24 -31.44
N ASN C 226 -34.63 -3.10 -30.69
CA ASN C 226 -34.71 -4.53 -30.92
C ASN C 226 -36.03 -5.06 -30.37
N ARG C 227 -36.21 -6.37 -30.34
CA ARG C 227 -37.48 -6.94 -29.91
C ARG C 227 -37.80 -6.62 -28.47
N LYS C 228 -36.79 -6.36 -27.64
CA LYS C 228 -37.03 -5.98 -26.26
C LYS C 228 -37.35 -4.50 -26.09
N GLY C 229 -37.32 -3.73 -27.17
CA GLY C 229 -37.58 -2.31 -27.07
C GLY C 229 -36.39 -1.48 -26.66
N LEU C 230 -35.19 -2.02 -26.74
CA LEU C 230 -33.98 -1.33 -26.32
C LEU C 230 -33.27 -0.73 -27.51
N THR C 231 -32.91 0.53 -27.41
CA THR C 231 -32.00 1.13 -28.36
C THR C 231 -30.59 0.68 -28.03
N PRO C 232 -29.62 0.96 -28.90
CA PRO C 232 -28.23 0.63 -28.54
C PRO C 232 -27.76 1.29 -27.27
N LEU C 233 -28.20 2.51 -26.98
CA LEU C 233 -27.83 3.16 -25.74
C LEU C 233 -28.50 2.47 -24.55
N ALA C 234 -29.79 2.20 -24.66
CA ALA C 234 -30.47 1.50 -23.57
C ALA C 234 -29.94 0.11 -23.39
N LEU C 235 -29.59 -0.56 -24.48
CA LEU C 235 -28.96 -1.88 -24.36
C LEU C 235 -27.62 -1.78 -23.66
N ALA C 236 -26.81 -0.78 -24.00
CA ALA C 236 -25.53 -0.63 -23.35
C ALA C 236 -25.70 -0.35 -21.86
N ALA C 237 -26.68 0.47 -21.51
CA ALA C 237 -26.89 0.78 -20.11
C ALA C 237 -27.42 -0.41 -19.34
N SER C 238 -28.35 -1.17 -19.93
CA SER C 238 -28.91 -2.30 -19.21
C SER C 238 -27.91 -3.45 -19.10
N SER C 239 -27.04 -3.61 -20.09
CA SER C 239 -26.10 -4.71 -20.10
C SER C 239 -24.82 -4.42 -19.33
N GLY C 240 -24.61 -3.20 -18.88
CA GLY C 240 -23.42 -2.90 -18.13
C GLY C 240 -22.19 -2.66 -18.96
N LYS C 241 -22.35 -2.32 -20.23
CA LYS C 241 -21.21 -2.08 -21.11
C LYS C 241 -20.77 -0.64 -20.91
N ILE C 242 -20.02 -0.43 -19.85
CA ILE C 242 -19.67 0.92 -19.42
C ILE C 242 -18.78 1.61 -20.44
N GLY C 243 -17.93 0.86 -21.14
CA GLY C 243 -17.08 1.49 -22.14
C GLY C 243 -17.89 2.10 -23.27
N VAL C 244 -18.85 1.34 -23.78
CA VAL C 244 -19.67 1.83 -24.88
C VAL C 244 -20.58 2.95 -24.40
N LEU C 245 -21.12 2.83 -23.19
CA LEU C 245 -21.95 3.91 -22.66
C LEU C 245 -21.15 5.19 -22.54
N ALA C 246 -19.94 5.09 -21.99
CA ALA C 246 -19.10 6.27 -21.84
C ALA C 246 -18.76 6.85 -23.20
N TYR C 247 -18.57 6.02 -24.21
CA TYR C 247 -18.36 6.54 -25.55
C TYR C 247 -19.57 7.32 -26.03
N ILE C 248 -20.76 6.72 -25.93
CA ILE C 248 -21.94 7.32 -26.53
C ILE C 248 -22.28 8.64 -25.86
N LEU C 249 -22.34 8.66 -24.53
CA LEU C 249 -22.94 9.81 -23.85
C LEU C 249 -22.20 11.10 -24.08
N GLN C 250 -20.90 11.04 -24.38
CA GLN C 250 -20.09 12.22 -24.61
C GLN C 250 -19.42 12.13 -25.97
N ARG C 251 -20.19 11.73 -26.96
CA ARG C 251 -19.71 11.57 -28.32
C ARG C 251 -19.67 12.93 -29.02
N GLU C 252 -18.53 13.25 -29.62
CA GLU C 252 -18.35 14.53 -30.31
C GLU C 252 -17.70 14.25 -31.65
N ILE C 253 -18.41 14.56 -32.73
CA ILE C 253 -17.99 14.25 -34.09
C ILE C 253 -17.69 15.55 -34.81
N HIS C 254 -16.41 15.77 -35.15
CA HIS C 254 -15.93 17.03 -35.70
C HIS C 254 -15.80 16.92 -37.22
N GLU C 255 -16.92 17.00 -37.93
CA GLU C 255 -16.83 17.13 -39.38
C GLU C 255 -18.17 17.63 -39.90
N PRO C 256 -18.19 18.22 -41.09
CA PRO C 256 -19.47 18.66 -41.66
C PRO C 256 -20.36 17.49 -41.98
N GLU C 257 -21.67 17.71 -41.83
CA GLU C 257 -22.71 16.72 -42.12
C GLU C 257 -22.61 15.48 -41.23
N CYS C 258 -21.84 15.57 -40.15
CA CYS C 258 -21.88 14.57 -39.08
C CYS C 258 -21.80 15.23 -37.71
N ARG C 259 -21.90 16.54 -37.63
CA ARG C 259 -21.98 17.20 -36.33
C ARG C 259 -23.22 16.76 -35.59
N HIS C 260 -24.34 16.63 -36.31
CA HIS C 260 -25.61 16.34 -35.66
C HIS C 260 -25.63 14.98 -34.98
N LEU C 261 -24.72 14.09 -35.32
CA LEU C 261 -24.60 12.82 -34.64
C LEU C 261 -23.96 12.93 -33.27
N SER C 262 -23.35 14.07 -32.94
CA SER C 262 -22.70 14.22 -31.66
C SER C 262 -23.74 14.28 -30.55
N ARG C 263 -23.29 13.99 -29.34
CA ARG C 263 -24.09 14.23 -28.15
C ARG C 263 -23.43 15.18 -27.19
N LYS C 264 -22.18 15.58 -27.43
CA LYS C 264 -21.48 16.58 -26.64
C LYS C 264 -21.05 17.69 -27.59
N PHE C 265 -21.38 18.92 -27.24
CA PHE C 265 -21.11 20.09 -28.06
C PHE C 265 -20.36 21.12 -27.24
N THR C 266 -19.66 22.01 -27.90
CA THR C 266 -19.00 23.14 -27.26
C THR C 266 -19.80 24.38 -27.62
N GLU C 267 -20.38 25.04 -26.63
CA GLU C 267 -21.16 26.22 -26.92
C GLU C 267 -20.29 27.44 -27.13
N TRP C 268 -19.57 27.86 -26.09
CA TRP C 268 -18.59 28.94 -26.19
C TRP C 268 -17.29 28.55 -25.50
N ALA C 269 -16.21 29.20 -25.90
CA ALA C 269 -14.94 29.04 -25.24
C ALA C 269 -14.20 30.36 -25.35
N TYR C 270 -13.87 30.96 -24.21
CA TYR C 270 -13.30 32.30 -24.20
C TYR C 270 -11.79 32.20 -24.18
N GLY C 271 -11.18 31.76 -23.10
CA GLY C 271 -9.77 31.47 -23.02
C GLY C 271 -9.61 30.04 -22.57
N PRO C 272 -9.10 29.81 -21.36
CA PRO C 272 -9.06 28.44 -20.84
C PRO C 272 -10.43 27.91 -20.54
N VAL C 273 -11.43 28.76 -20.41
CA VAL C 273 -12.77 28.36 -20.02
C VAL C 273 -13.53 27.93 -21.26
N HIS C 274 -14.27 26.83 -21.16
CA HIS C 274 -15.19 26.49 -22.22
C HIS C 274 -16.34 25.67 -21.67
N SER C 275 -17.51 25.88 -22.24
CA SER C 275 -18.76 25.37 -21.71
C SER C 275 -19.28 24.30 -22.65
N SER C 276 -19.35 23.07 -22.17
CA SER C 276 -19.84 21.95 -22.95
C SER C 276 -21.33 21.74 -22.71
N LEU C 277 -21.96 21.06 -23.66
CA LEU C 277 -23.39 20.77 -23.65
C LEU C 277 -23.58 19.30 -23.95
N TYR C 278 -24.12 18.55 -23.01
CA TYR C 278 -24.40 17.13 -23.19
C TYR C 278 -25.86 16.94 -23.56
N ASP C 279 -26.13 16.00 -24.46
CA ASP C 279 -27.39 15.99 -25.19
C ASP C 279 -28.60 15.81 -24.27
N LEU C 280 -28.57 14.80 -23.40
CA LEU C 280 -29.62 14.46 -22.45
C LEU C 280 -30.92 13.96 -23.08
N SER C 281 -30.95 13.72 -24.39
CA SER C 281 -32.07 12.96 -24.94
C SER C 281 -31.92 11.51 -24.54
N CYS C 282 -32.99 10.92 -24.02
CA CYS C 282 -33.03 9.53 -23.56
C CYS C 282 -32.12 9.26 -22.37
N ILE C 283 -31.65 10.30 -21.69
CA ILE C 283 -30.95 10.17 -20.42
C ILE C 283 -31.86 10.54 -19.27
N ASP C 284 -32.32 11.79 -19.25
CA ASP C 284 -33.16 12.26 -18.17
C ASP C 284 -34.54 11.61 -18.23
N THR C 285 -35.13 11.59 -19.43
CA THR C 285 -36.49 11.09 -19.59
C THR C 285 -36.71 10.73 -21.05
N CYS C 286 -37.55 9.73 -21.27
CA CYS C 286 -37.95 9.32 -22.61
C CYS C 286 -39.16 8.40 -22.46
N GLU C 287 -39.53 7.74 -23.56
CA GLU C 287 -40.72 6.90 -23.55
C GLU C 287 -40.61 5.80 -22.51
N LYS C 288 -39.68 4.87 -22.70
CA LYS C 288 -39.55 3.73 -21.81
C LYS C 288 -38.20 3.64 -21.11
N ASN C 289 -37.11 3.54 -21.86
CA ASN C 289 -35.82 3.12 -21.33
C ASN C 289 -34.89 4.31 -21.17
N SER C 290 -35.18 5.17 -20.19
CA SER C 290 -34.22 6.19 -19.81
C SER C 290 -32.95 5.52 -19.31
N VAL C 291 -31.82 6.14 -19.58
CA VAL C 291 -30.55 5.59 -19.12
C VAL C 291 -30.50 5.55 -17.61
N LEU C 292 -31.00 6.59 -16.95
CA LEU C 292 -31.00 6.62 -15.50
C LEU C 292 -31.90 5.55 -14.91
N GLU C 293 -33.10 5.37 -15.46
CA GLU C 293 -33.99 4.34 -14.95
C GLU C 293 -33.42 2.96 -15.22
N VAL C 294 -32.81 2.78 -16.38
CA VAL C 294 -32.28 1.46 -16.73
C VAL C 294 -31.10 1.12 -15.83
N ILE C 295 -30.26 2.09 -15.51
CA ILE C 295 -29.14 1.80 -14.61
C ILE C 295 -29.67 1.58 -13.19
N ALA C 296 -30.49 2.50 -12.69
CA ALA C 296 -30.89 2.48 -11.29
C ALA C 296 -31.69 1.23 -10.96
N TYR C 297 -32.62 0.86 -11.82
CA TYR C 297 -33.48 -0.28 -11.60
C TYR C 297 -32.94 -1.56 -12.24
N SER C 298 -31.64 -1.63 -12.44
CA SER C 298 -31.04 -2.83 -13.00
C SER C 298 -31.15 -3.96 -12.01
N SER C 299 -31.02 -5.18 -12.51
CA SER C 299 -31.43 -6.38 -11.78
C SER C 299 -30.35 -6.94 -10.88
N SER C 300 -29.30 -6.17 -10.58
CA SER C 300 -28.26 -6.57 -9.62
C SER C 300 -27.29 -7.61 -10.15
N GLU C 301 -27.60 -8.21 -11.29
CA GLU C 301 -26.69 -9.09 -12.00
C GLU C 301 -25.92 -8.33 -13.08
N THR C 302 -26.26 -7.08 -13.32
CA THR C 302 -25.55 -6.28 -14.30
C THR C 302 -24.12 -6.10 -13.84
N PRO C 303 -23.11 -6.25 -14.72
CA PRO C 303 -21.73 -6.19 -14.24
C PRO C 303 -21.31 -4.91 -13.53
N ASN C 304 -21.47 -3.74 -14.16
CA ASN C 304 -20.88 -2.50 -13.67
C ASN C 304 -21.93 -1.52 -13.17
N ARG C 305 -23.03 -2.02 -12.61
CA ARG C 305 -24.16 -1.16 -12.29
C ARG C 305 -23.81 -0.07 -11.31
N HIS C 306 -22.88 -0.32 -10.39
CA HIS C 306 -22.48 0.74 -9.48
C HIS C 306 -21.57 1.74 -10.17
N ASP C 307 -20.78 1.29 -11.13
CA ASP C 307 -19.82 2.16 -11.78
C ASP C 307 -20.41 3.01 -12.88
N MET C 308 -21.57 2.62 -13.42
CA MET C 308 -22.05 3.29 -14.62
C MET C 308 -22.48 4.73 -14.34
N LEU C 309 -22.88 5.03 -13.11
CA LEU C 309 -23.28 6.40 -12.81
C LEU C 309 -22.10 7.35 -12.66
N LEU C 310 -20.87 6.86 -12.70
CA LEU C 310 -19.72 7.74 -12.72
C LEU C 310 -19.44 8.33 -14.08
N VAL C 311 -20.15 7.89 -15.12
CA VAL C 311 -19.96 8.46 -16.44
C VAL C 311 -20.51 9.88 -16.45
N GLU C 312 -19.68 10.83 -16.87
CA GLU C 312 -19.70 12.24 -16.50
C GLU C 312 -21.07 12.91 -16.45
N PRO C 313 -21.81 12.95 -17.56
CA PRO C 313 -23.08 13.69 -17.53
C PRO C 313 -24.05 13.12 -16.53
N LEU C 314 -24.01 11.82 -16.29
CA LEU C 314 -24.96 11.20 -15.36
C LEU C 314 -24.72 11.64 -13.93
N ASN C 315 -23.46 11.64 -13.49
CA ASN C 315 -23.18 12.05 -12.12
C ASN C 315 -23.49 13.52 -11.91
N ARG C 316 -23.07 14.38 -12.84
CA ARG C 316 -23.38 15.79 -12.67
C ARG C 316 -24.87 16.04 -12.71
N LEU C 317 -25.58 15.33 -13.59
CA LEU C 317 -27.02 15.51 -13.70
C LEU C 317 -27.73 15.08 -12.43
N LEU C 318 -27.30 13.98 -11.82
CA LEU C 318 -27.95 13.54 -10.59
C LEU C 318 -27.70 14.52 -9.46
N GLN C 319 -26.48 15.05 -9.36
CA GLN C 319 -26.24 16.06 -8.34
C GLN C 319 -27.11 17.29 -8.58
N ASP C 320 -27.30 17.67 -9.83
CA ASP C 320 -28.15 18.81 -10.15
C ASP C 320 -29.59 18.55 -9.73
N LYS C 321 -30.12 17.37 -10.06
CA LYS C 321 -31.49 17.05 -9.65
C LYS C 321 -31.62 17.09 -8.14
N TRP C 322 -30.64 16.53 -7.44
CA TRP C 322 -30.63 16.56 -5.99
C TRP C 322 -30.75 17.99 -5.49
N ASP C 323 -29.76 18.82 -5.81
CA ASP C 323 -29.69 20.18 -5.29
C ASP C 323 -30.91 21.00 -5.67
N ARG C 324 -31.40 20.86 -6.90
CA ARG C 324 -32.46 21.75 -7.34
C ARG C 324 -33.81 21.36 -6.78
N PHE C 325 -34.10 20.06 -6.72
CA PHE C 325 -35.47 19.59 -6.48
C PHE C 325 -35.60 18.67 -5.28
N VAL C 326 -34.67 17.73 -5.11
CA VAL C 326 -34.98 16.52 -4.34
C VAL C 326 -34.48 16.61 -2.92
N LYS C 327 -33.45 17.41 -2.69
CA LYS C 327 -32.88 17.54 -1.36
C LYS C 327 -33.93 17.95 -0.34
N ARG C 328 -34.74 18.95 -0.68
CA ARG C 328 -35.74 19.43 0.26
C ARG C 328 -36.84 18.41 0.47
N ILE C 329 -37.27 17.73 -0.59
CA ILE C 329 -38.31 16.73 -0.44
C ILE C 329 -37.82 15.59 0.42
N PHE C 330 -36.57 15.18 0.24
CA PHE C 330 -36.01 14.12 1.05
C PHE C 330 -35.91 14.54 2.51
N TYR C 331 -35.46 15.77 2.77
CA TYR C 331 -35.38 16.24 4.14
C TYR C 331 -36.75 16.31 4.77
N PHE C 332 -37.76 16.71 4.01
CA PHE C 332 -39.12 16.72 4.54
C PHE C 332 -39.58 15.30 4.87
N ASN C 333 -39.27 14.35 4.00
CA ASN C 333 -39.64 12.96 4.26
C ASN C 333 -38.96 12.44 5.51
N PHE C 334 -37.69 12.78 5.69
CA PHE C 334 -36.97 12.36 6.87
C PHE C 334 -37.58 12.96 8.12
N PHE C 335 -37.94 14.24 8.06
CA PHE C 335 -38.57 14.89 9.20
C PHE C 335 -39.90 14.23 9.54
N VAL C 336 -40.70 13.92 8.51
CA VAL C 336 -41.99 13.30 8.76
C VAL C 336 -41.82 11.92 9.37
N TYR C 337 -40.84 11.16 8.89
CA TYR C 337 -40.59 9.86 9.49
C TYR C 337 -40.15 9.99 10.94
N CYS C 338 -39.33 11.00 11.24
CA CYS C 338 -38.95 11.23 12.62
C CYS C 338 -40.16 11.54 13.50
N LEU C 339 -41.07 12.38 13.01
CA LEU C 339 -42.29 12.64 13.77
C LEU C 339 -43.10 11.38 13.94
N TYR C 340 -43.20 10.58 12.90
CA TYR C 340 -43.95 9.33 12.98
C TYR C 340 -43.38 8.43 14.06
N MET C 341 -42.05 8.30 14.08
CA MET C 341 -41.44 7.42 15.05
C MET C 341 -41.54 7.98 16.45
N ILE C 342 -41.48 9.29 16.62
CA ILE C 342 -41.67 9.86 17.96
C ILE C 342 -43.09 9.60 18.44
N ILE C 343 -44.08 9.80 17.57
CA ILE C 343 -45.46 9.58 17.98
C ILE C 343 -45.68 8.11 18.31
N PHE C 344 -45.13 7.22 17.50
CA PHE C 344 -45.25 5.79 17.77
C PHE C 344 -44.59 5.43 19.08
N THR C 345 -43.40 5.96 19.32
CA THR C 345 -42.68 5.67 20.56
C THR C 345 -43.45 6.17 21.77
N ALA C 346 -44.01 7.37 21.68
CA ALA C 346 -44.78 7.90 22.79
C ALA C 346 -46.05 7.11 23.03
N ALA C 347 -46.75 6.72 21.97
CA ALA C 347 -47.97 5.96 22.15
C ALA C 347 -47.69 4.58 22.72
N ALA C 348 -46.62 3.94 22.27
CA ALA C 348 -46.29 2.62 22.79
C ALA C 348 -45.76 2.70 24.21
N TYR C 349 -45.04 3.77 24.53
CA TYR C 349 -44.49 3.93 25.87
C TYR C 349 -45.60 3.98 26.91
N TYR C 350 -46.67 4.72 26.62
CA TYR C 350 -47.76 4.93 27.55
C TYR C 350 -48.90 3.95 27.35
N ARG C 351 -48.62 2.75 26.86
CA ARG C 351 -49.68 1.78 26.70
C ARG C 351 -50.24 1.44 28.08
N PRO C 352 -51.54 1.14 28.19
CA PRO C 352 -52.07 0.75 29.50
C PRO C 352 -51.65 -0.67 29.83
N VAL C 353 -51.60 -0.95 31.13
CA VAL C 353 -51.05 -2.20 31.64
C VAL C 353 -52.12 -3.15 32.15
N GLU C 354 -53.40 -2.79 32.07
CA GLU C 354 -54.44 -3.75 32.39
C GLU C 354 -54.45 -4.86 31.35
N GLY C 355 -55.00 -6.00 31.72
CA GLY C 355 -55.01 -7.12 30.81
C GLY C 355 -56.07 -7.00 29.73
N LEU C 356 -55.95 -7.89 28.73
CA LEU C 356 -56.99 -8.12 27.75
C LEU C 356 -57.38 -6.88 26.96
N PRO C 357 -56.60 -6.46 25.98
CA PRO C 357 -57.06 -5.41 25.07
C PRO C 357 -58.31 -5.85 24.33
N PRO C 358 -58.99 -4.96 23.63
CA PRO C 358 -58.78 -3.52 23.50
C PRO C 358 -59.18 -2.79 24.77
N TYR C 359 -58.66 -1.59 24.96
CA TYR C 359 -58.80 -0.86 26.21
C TYR C 359 -59.85 0.22 26.06
N LYS C 360 -60.74 0.31 27.04
CA LYS C 360 -61.77 1.33 27.00
C LYS C 360 -61.13 2.70 27.09
N LEU C 361 -61.52 3.59 26.17
CA LEU C 361 -60.98 4.93 26.18
C LEU C 361 -61.58 5.70 27.34
N LYS C 362 -60.72 6.23 28.20
CA LYS C 362 -61.15 7.04 29.32
C LYS C 362 -61.37 8.47 28.87
N ASN C 363 -62.29 9.15 29.56
CA ASN C 363 -62.58 10.55 29.27
C ASN C 363 -61.57 11.44 29.99
N THR C 364 -60.33 11.37 29.53
CA THR C 364 -59.26 12.22 30.05
C THR C 364 -58.32 12.57 28.93
N VAL C 365 -57.63 13.70 29.10
CA VAL C 365 -56.87 14.31 28.00
C VAL C 365 -55.75 13.37 27.55
N GLY C 366 -54.99 12.84 28.51
CA GLY C 366 -53.85 12.01 28.16
C GLY C 366 -54.26 10.80 27.34
N ASP C 367 -55.42 10.22 27.64
CA ASP C 367 -55.90 9.09 26.87
C ASP C 367 -56.32 9.47 25.47
N TYR C 368 -56.89 10.67 25.29
CA TYR C 368 -57.17 11.13 23.94
C TYR C 368 -55.89 11.29 23.14
N PHE C 369 -54.85 11.82 23.76
CA PHE C 369 -53.58 11.92 23.03
C PHE C 369 -53.02 10.53 22.73
N ARG C 370 -53.14 9.60 23.66
CA ARG C 370 -52.62 8.26 23.44
C ARG C 370 -53.35 7.59 22.28
N VAL C 371 -54.68 7.65 22.26
CA VAL C 371 -55.40 6.98 21.18
C VAL C 371 -55.13 7.68 19.86
N THR C 372 -54.95 9.00 19.87
CA THR C 372 -54.56 9.70 18.65
C THR C 372 -53.22 9.19 18.13
N GLY C 373 -52.25 9.02 19.02
CA GLY C 373 -50.96 8.51 18.61
C GLY C 373 -51.03 7.08 18.11
N GLU C 374 -51.86 6.26 18.73
CA GLU C 374 -52.03 4.88 18.25
C GLU C 374 -52.65 4.87 16.87
N ILE C 375 -53.63 5.74 16.64
CA ILE C 375 -54.25 5.81 15.33
C ILE C 375 -53.23 6.22 14.29
N LEU C 376 -52.41 7.23 14.60
CA LEU C 376 -51.40 7.66 13.65
C LEU C 376 -50.37 6.57 13.41
N SER C 377 -50.01 5.82 14.45
CA SER C 377 -49.05 4.75 14.30
C SER C 377 -49.57 3.67 13.36
N VAL C 378 -50.81 3.25 13.55
CA VAL C 378 -51.38 2.25 12.66
C VAL C 378 -51.52 2.81 11.25
N SER C 379 -51.82 4.10 11.14
CA SER C 379 -51.92 4.73 9.84
C SER C 379 -50.60 4.66 9.09
N GLY C 380 -49.51 5.01 9.77
CA GLY C 380 -48.21 4.92 9.14
C GLY C 380 -47.84 3.49 8.78
N GLY C 381 -48.23 2.53 9.61
CA GLY C 381 -47.99 1.14 9.28
C GLY C 381 -48.71 0.73 8.01
N VAL C 382 -49.97 1.14 7.87
CA VAL C 382 -50.70 0.85 6.64
C VAL C 382 -50.03 1.52 5.45
N TYR C 383 -49.55 2.75 5.64
CA TYR C 383 -48.88 3.46 4.55
C TYR C 383 -47.67 2.69 4.08
N PHE C 384 -46.81 2.26 5.00
CA PHE C 384 -45.61 1.54 4.57
C PHE C 384 -45.96 0.17 4.01
N PHE C 385 -47.03 -0.45 4.51
CA PHE C 385 -47.47 -1.72 3.95
C PHE C 385 -47.84 -1.55 2.48
N PHE C 386 -48.65 -0.56 2.17
CA PHE C 386 -49.04 -0.36 0.78
C PHE C 386 -47.88 0.11 -0.07
N ARG C 387 -46.97 0.90 0.49
CA ARG C 387 -45.79 1.28 -0.28
C ARG C 387 -44.94 0.07 -0.63
N GLY C 388 -44.82 -0.88 0.30
CA GLY C 388 -44.09 -2.09 0.00
C GLY C 388 -44.74 -2.90 -1.08
N ILE C 389 -46.07 -3.02 -1.04
CA ILE C 389 -46.76 -3.73 -2.10
C ILE C 389 -46.57 -3.03 -3.43
N GLN C 390 -46.69 -1.70 -3.45
CA GLN C 390 -46.49 -0.95 -4.68
C GLN C 390 -45.09 -1.15 -5.23
N TYR C 391 -44.08 -1.13 -4.36
CA TYR C 391 -42.73 -1.36 -4.83
C TYR C 391 -42.62 -2.72 -5.49
N PHE C 392 -43.16 -3.75 -4.85
CA PHE C 392 -43.10 -5.08 -5.44
C PHE C 392 -43.77 -5.11 -6.80
N LEU C 393 -44.98 -4.56 -6.88
CA LEU C 393 -45.72 -4.63 -8.15
C LEU C 393 -45.02 -3.84 -9.23
N GLN C 394 -44.50 -2.65 -8.90
CA GLN C 394 -43.87 -1.80 -9.90
C GLN C 394 -42.57 -2.40 -10.40
N ARG C 395 -41.79 -3.01 -9.51
CA ARG C 395 -40.50 -3.55 -9.92
C ARG C 395 -40.58 -5.02 -10.32
N ARG C 396 -41.47 -5.78 -9.73
CA ARG C 396 -41.54 -7.22 -9.91
C ARG C 396 -40.19 -7.91 -9.74
N PRO C 397 -39.60 -7.86 -8.54
CA PRO C 397 -38.38 -8.64 -8.31
C PRO C 397 -38.64 -10.12 -8.49
N SER C 398 -37.65 -10.81 -9.07
CA SER C 398 -37.81 -12.22 -9.44
C SER C 398 -37.35 -13.17 -8.36
N LEU C 399 -37.78 -12.96 -7.11
CA LEU C 399 -37.65 -13.95 -6.04
C LEU C 399 -36.20 -14.29 -5.64
N LYS C 400 -35.21 -13.63 -6.24
CA LYS C 400 -33.82 -13.64 -5.81
C LYS C 400 -33.30 -12.23 -5.64
N SER C 401 -33.61 -11.36 -6.60
CA SER C 401 -33.41 -9.93 -6.41
C SER C 401 -34.26 -9.38 -5.27
N LEU C 402 -35.30 -10.11 -4.86
CA LEU C 402 -36.12 -9.68 -3.74
C LEU C 402 -35.36 -9.74 -2.42
N PHE C 403 -34.29 -10.51 -2.33
CA PHE C 403 -33.53 -10.65 -1.09
C PHE C 403 -32.10 -10.18 -1.19
N VAL C 404 -31.38 -10.51 -2.26
CA VAL C 404 -30.02 -9.99 -2.42
C VAL C 404 -29.98 -8.53 -2.79
N ASP C 405 -31.13 -7.91 -3.07
CA ASP C 405 -31.21 -6.51 -3.41
C ASP C 405 -32.42 -5.92 -2.71
N SER C 406 -32.40 -4.59 -2.56
CA SER C 406 -33.51 -3.86 -1.95
C SER C 406 -33.78 -4.32 -0.52
N TYR C 407 -32.77 -4.20 0.33
CA TYR C 407 -32.97 -4.50 1.73
C TYR C 407 -33.87 -3.49 2.41
N SER C 408 -33.78 -2.23 2.01
CA SER C 408 -34.58 -1.20 2.69
C SER C 408 -36.06 -1.40 2.45
N GLU C 409 -36.44 -1.80 1.25
CA GLU C 409 -37.85 -2.07 1.00
C GLU C 409 -38.36 -3.20 1.85
N ILE C 410 -37.57 -4.26 1.97
CA ILE C 410 -37.96 -5.39 2.80
C ILE C 410 -38.06 -4.98 4.25
N LEU C 411 -37.11 -4.18 4.74
CA LEU C 411 -37.13 -3.80 6.14
C LEU C 411 -38.33 -2.93 6.47
N PHE C 412 -38.63 -1.95 5.63
CA PHE C 412 -39.80 -1.12 5.89
C PHE C 412 -41.08 -1.92 5.78
N PHE C 413 -41.14 -2.85 4.82
CA PHE C 413 -42.33 -3.67 4.69
C PHE C 413 -42.51 -4.58 5.90
N VAL C 414 -41.43 -5.17 6.40
CA VAL C 414 -41.53 -6.06 7.55
C VAL C 414 -41.90 -5.28 8.80
N GLN C 415 -41.41 -4.05 8.94
CA GLN C 415 -41.88 -3.21 10.02
C GLN C 415 -43.38 -3.03 9.95
N SER C 416 -43.89 -2.71 8.76
CA SER C 416 -45.33 -2.56 8.63
C SER C 416 -46.07 -3.86 8.93
N LEU C 417 -45.49 -4.99 8.56
CA LEU C 417 -46.14 -6.26 8.85
C LEU C 417 -46.24 -6.49 10.35
N PHE C 418 -45.18 -6.17 11.09
CA PHE C 418 -45.27 -6.27 12.54
C PHE C 418 -46.35 -5.35 13.09
N MET C 419 -46.46 -4.14 12.55
CA MET C 419 -47.50 -3.23 13.01
C MET C 419 -48.89 -3.81 12.76
N LEU C 420 -49.11 -4.35 11.57
CA LEU C 420 -50.45 -4.83 11.25
C LEU C 420 -50.79 -6.08 12.03
N VAL C 421 -49.81 -6.97 12.23
CA VAL C 421 -50.05 -8.13 13.10
C VAL C 421 -50.35 -7.66 14.51
N SER C 422 -49.69 -6.60 14.95
CA SER C 422 -50.00 -6.03 16.26
C SER C 422 -51.44 -5.57 16.34
N VAL C 423 -51.93 -4.91 15.30
CA VAL C 423 -53.32 -4.44 15.31
C VAL C 423 -54.27 -5.63 15.36
N VAL C 424 -54.01 -6.65 14.55
CA VAL C 424 -54.86 -7.82 14.52
C VAL C 424 -54.91 -8.49 15.87
N LEU C 425 -53.76 -8.65 16.52
CA LEU C 425 -53.74 -9.24 17.85
C LEU C 425 -54.45 -8.35 18.85
N TYR C 426 -54.31 -7.03 18.73
CA TYR C 426 -54.93 -6.12 19.67
C TYR C 426 -56.43 -6.28 19.67
N PHE C 427 -57.04 -6.30 18.50
CA PHE C 427 -58.48 -6.49 18.43
C PHE C 427 -58.90 -7.94 18.54
N SER C 428 -57.95 -8.88 18.53
CA SER C 428 -58.24 -10.28 18.86
C SER C 428 -58.16 -10.56 20.36
N GLN C 429 -58.01 -9.53 21.19
CA GLN C 429 -57.97 -9.69 22.64
C GLN C 429 -56.80 -10.55 23.07
N ARG C 430 -55.63 -10.33 22.48
CA ARG C 430 -54.41 -11.03 22.85
C ARG C 430 -53.38 -10.01 23.29
N LYS C 431 -52.74 -10.28 24.43
CA LYS C 431 -51.67 -9.39 24.93
C LYS C 431 -50.43 -9.53 24.03
N GLU C 432 -50.35 -10.61 23.26
CA GLU C 432 -49.20 -10.81 22.38
C GLU C 432 -49.01 -9.69 21.39
N TYR C 433 -50.00 -8.80 21.22
CA TYR C 433 -49.79 -7.64 20.37
C TYR C 433 -48.57 -6.85 20.81
N VAL C 434 -48.29 -6.83 22.12
CA VAL C 434 -47.11 -6.12 22.60
C VAL C 434 -45.86 -6.72 21.96
N ALA C 435 -45.79 -8.04 21.87
CA ALA C 435 -44.64 -8.70 21.27
C ALA C 435 -44.45 -8.24 19.84
N SER C 436 -45.54 -8.05 19.10
CA SER C 436 -45.39 -7.54 17.74
C SER C 436 -44.99 -6.09 17.76
N MET C 437 -45.64 -5.29 18.61
CA MET C 437 -45.48 -3.85 18.56
C MET C 437 -44.04 -3.45 18.81
N VAL C 438 -43.42 -4.02 19.83
CA VAL C 438 -42.06 -3.64 20.16
C VAL C 438 -41.13 -4.01 19.02
N PHE C 439 -41.36 -5.14 18.35
CA PHE C 439 -40.49 -5.46 17.23
C PHE C 439 -40.59 -4.41 16.17
N SER C 440 -41.82 -3.99 15.85
CA SER C 440 -41.98 -2.90 14.91
C SER C 440 -41.27 -1.67 15.40
N LEU C 441 -41.43 -1.36 16.69
CA LEU C 441 -40.79 -0.19 17.25
C LEU C 441 -39.28 -0.28 17.10
N ALA C 442 -38.70 -1.43 17.42
CA ALA C 442 -37.25 -1.55 17.28
C ALA C 442 -36.85 -1.37 15.83
N MET C 443 -37.56 -2.05 14.93
CA MET C 443 -37.22 -1.92 13.52
C MET C 443 -37.44 -0.49 13.08
N GLY C 444 -38.48 0.15 13.61
CA GLY C 444 -38.78 1.50 13.19
C GLY C 444 -37.63 2.44 13.45
N TRP C 445 -36.86 2.19 14.50
CA TRP C 445 -35.76 3.09 14.78
C TRP C 445 -34.54 2.75 13.94
N THR C 446 -34.28 1.46 13.70
CA THR C 446 -33.10 1.14 12.91
C THR C 446 -33.29 1.55 11.47
N ASN C 447 -34.54 1.54 10.99
CA ASN C 447 -34.83 2.02 9.67
C ASN C 447 -34.55 3.50 9.51
N MET C 448 -34.35 4.24 10.60
CA MET C 448 -33.89 5.61 10.50
C MET C 448 -32.59 5.70 9.72
N LEU C 449 -31.77 4.65 9.74
CA LEU C 449 -30.52 4.67 8.99
C LEU C 449 -30.74 4.76 7.49
N TYR C 450 -31.94 4.43 7.00
CA TYR C 450 -32.24 4.64 5.60
C TYR C 450 -31.96 6.07 5.19
N TYR C 451 -32.21 7.02 6.08
CA TYR C 451 -32.05 8.42 5.73
C TYR C 451 -30.63 8.91 5.88
N THR C 452 -29.67 8.04 6.20
CA THR C 452 -28.28 8.48 6.17
C THR C 452 -27.79 8.70 4.76
N ARG C 453 -28.44 8.12 3.76
CA ARG C 453 -28.27 8.60 2.41
C ARG C 453 -28.90 9.98 2.33
N GLY C 454 -28.42 10.80 1.42
CA GLY C 454 -28.70 12.20 1.46
C GLY C 454 -27.71 13.01 2.25
N PHE C 455 -26.87 12.36 3.05
CA PHE C 455 -25.70 12.96 3.66
C PHE C 455 -24.53 12.06 3.30
N GLN C 456 -23.54 12.61 2.60
CA GLN C 456 -22.52 11.76 1.98
C GLN C 456 -21.75 10.96 3.02
N GLN C 457 -21.25 11.61 4.07
CA GLN C 457 -20.42 10.89 5.02
C GLN C 457 -21.22 9.81 5.73
N MET C 458 -22.39 10.17 6.24
CA MET C 458 -23.21 9.18 6.88
C MET C 458 -23.73 8.15 5.88
N GLY C 459 -23.98 8.54 4.64
CA GLY C 459 -24.44 7.56 3.66
C GLY C 459 -23.40 6.51 3.37
N ILE C 460 -22.16 6.94 3.16
CA ILE C 460 -21.07 6.00 2.93
C ILE C 460 -20.83 5.16 4.16
N TYR C 461 -20.99 5.76 5.34
CA TYR C 461 -20.84 5.01 6.58
C TYR C 461 -21.89 3.91 6.66
N ALA C 462 -23.13 4.23 6.31
CA ALA C 462 -24.20 3.24 6.36
C ALA C 462 -23.96 2.12 5.37
N VAL C 463 -23.45 2.45 4.18
CA VAL C 463 -23.12 1.40 3.23
C VAL C 463 -22.03 0.50 3.78
N MET C 464 -21.04 1.08 4.45
CA MET C 464 -20.01 0.27 5.06
C MET C 464 -20.59 -0.64 6.13
N ILE C 465 -21.57 -0.15 6.89
CA ILE C 465 -22.21 -1.01 7.88
C ILE C 465 -22.89 -2.19 7.20
N GLU C 466 -23.59 -1.92 6.11
CA GLU C 466 -24.25 -2.98 5.36
C GLU C 466 -23.25 -4.03 4.90
N LYS C 467 -22.14 -3.60 4.34
CA LYS C 467 -21.19 -4.57 3.82
C LYS C 467 -20.51 -5.35 4.94
N MET C 468 -20.24 -4.70 6.09
CA MET C 468 -19.73 -5.45 7.23
C MET C 468 -20.72 -6.51 7.68
N ILE C 469 -22.00 -6.16 7.76
CA ILE C 469 -23.02 -7.14 8.15
C ILE C 469 -23.04 -8.30 7.17
N LEU C 470 -23.07 -8.01 5.89
CA LEU C 470 -23.29 -9.09 4.94
C LEU C 470 -22.08 -9.98 4.77
N ARG C 471 -20.88 -9.45 4.91
CA ARG C 471 -19.68 -10.27 4.77
C ARG C 471 -19.12 -10.75 6.10
N ASP C 472 -18.60 -9.82 6.90
CA ASP C 472 -17.74 -10.20 7.99
C ASP C 472 -18.55 -10.75 9.15
N LEU C 473 -19.64 -10.06 9.49
CA LEU C 473 -20.47 -10.51 10.57
C LEU C 473 -21.09 -11.86 10.25
N CYS C 474 -21.50 -12.08 9.01
CA CYS C 474 -22.12 -13.36 8.68
C CYS C 474 -21.13 -14.52 8.82
N ARG C 475 -19.92 -14.36 8.26
CA ARG C 475 -18.94 -15.44 8.39
C ARG C 475 -18.58 -15.68 9.85
N PHE C 476 -18.37 -14.59 10.59
CA PHE C 476 -18.07 -14.71 12.00
C PHE C 476 -19.17 -15.43 12.74
N MET C 477 -20.43 -15.06 12.47
CA MET C 477 -21.52 -15.63 13.26
C MET C 477 -21.71 -17.10 12.96
N PHE C 478 -21.49 -17.53 11.72
CA PHE C 478 -21.52 -18.97 11.48
C PHE C 478 -20.49 -19.69 12.33
N VAL C 479 -19.23 -19.25 12.27
CA VAL C 479 -18.20 -19.97 13.01
C VAL C 479 -18.44 -19.87 14.50
N TYR C 480 -18.83 -18.68 14.97
CA TYR C 480 -19.03 -18.46 16.39
C TYR C 480 -20.17 -19.29 16.92
N LEU C 481 -21.26 -19.39 16.17
CA LEU C 481 -22.38 -20.19 16.64
C LEU C 481 -22.04 -21.66 16.66
N VAL C 482 -21.21 -22.12 15.73
CA VAL C 482 -20.77 -23.51 15.80
C VAL C 482 -19.97 -23.75 17.08
N PHE C 483 -19.01 -22.87 17.37
CA PHE C 483 -18.24 -23.06 18.59
C PHE C 483 -19.11 -22.93 19.83
N LEU C 484 -20.00 -21.95 19.86
CA LEU C 484 -20.85 -21.74 21.03
C LEU C 484 -21.72 -22.93 21.28
N PHE C 485 -22.38 -23.44 20.25
CA PHE C 485 -23.26 -24.58 20.45
C PHE C 485 -22.47 -25.83 20.83
N GLY C 486 -21.32 -26.05 20.20
CA GLY C 486 -20.54 -27.23 20.55
C GLY C 486 -20.07 -27.22 21.99
N PHE C 487 -19.51 -26.11 22.43
CA PHE C 487 -19.04 -26.05 23.81
C PHE C 487 -20.19 -26.00 24.79
N SER C 488 -21.32 -25.39 24.42
CA SER C 488 -22.48 -25.40 25.30
C SER C 488 -22.98 -26.82 25.51
N THR C 489 -23.04 -27.60 24.44
CA THR C 489 -23.49 -28.98 24.58
C THR C 489 -22.53 -29.79 25.42
N ALA C 490 -21.23 -29.58 25.23
CA ALA C 490 -20.26 -30.27 26.09
C ALA C 490 -20.43 -29.89 27.55
N VAL C 491 -20.58 -28.61 27.83
CA VAL C 491 -20.66 -28.17 29.22
C VAL C 491 -21.97 -28.63 29.86
N VAL C 492 -23.08 -28.56 29.13
CA VAL C 492 -24.35 -28.96 29.72
C VAL C 492 -24.40 -30.47 29.87
N THR C 493 -23.69 -31.21 29.04
CA THR C 493 -23.58 -32.65 29.26
C THR C 493 -22.76 -32.94 30.51
N LEU C 494 -21.70 -32.19 30.74
CA LEU C 494 -20.91 -32.39 31.94
C LEU C 494 -21.70 -32.06 33.19
N ILE C 495 -22.47 -30.97 33.17
CA ILE C 495 -23.28 -30.59 34.31
C ILE C 495 -24.36 -31.64 34.53
N GLU C 496 -24.63 -31.95 35.79
CA GLU C 496 -25.65 -32.92 36.15
C GLU C 496 -26.50 -32.39 37.28
N ASP C 497 -27.81 -32.40 37.08
CA ASP C 497 -28.80 -32.09 38.11
C ASP C 497 -28.48 -30.77 38.82
N GLY C 498 -28.33 -29.71 38.03
CA GLY C 498 -28.02 -28.40 38.55
C GLY C 498 -29.10 -27.38 38.23
N LYS C 499 -28.81 -26.14 38.63
CA LYS C 499 -29.65 -25.02 38.21
C LYS C 499 -29.58 -24.82 36.71
N TYR C 500 -28.39 -24.98 36.13
CA TYR C 500 -28.25 -24.63 34.72
C TYR C 500 -28.76 -25.76 33.84
N ASN C 501 -27.99 -26.85 33.72
CA ASN C 501 -28.41 -28.16 33.26
C ASN C 501 -29.45 -28.14 32.14
N SER C 502 -29.30 -27.17 31.25
CA SER C 502 -30.25 -26.97 30.18
C SER C 502 -29.50 -26.24 29.09
N LEU C 503 -29.87 -26.53 27.86
CA LEU C 503 -29.10 -26.00 26.75
C LEU C 503 -29.23 -24.49 26.69
N TYR C 504 -30.40 -23.95 27.02
CA TYR C 504 -30.58 -22.51 26.96
C TYR C 504 -29.72 -21.81 28.01
N SER C 505 -29.77 -22.27 29.26
CA SER C 505 -29.06 -21.59 30.32
C SER C 505 -27.55 -21.62 30.09
N THR C 506 -27.02 -22.77 29.70
CA THR C 506 -25.59 -22.87 29.47
C THR C 506 -25.18 -22.08 28.23
N CYS C 507 -26.00 -22.10 27.18
CA CYS C 507 -25.69 -21.29 26.02
C CYS C 507 -25.63 -19.82 26.38
N LEU C 508 -26.57 -19.34 27.17
CA LEU C 508 -26.54 -17.94 27.58
C LEU C 508 -25.33 -17.66 28.44
N GLU C 509 -24.98 -18.58 29.31
CA GLU C 509 -23.87 -18.35 30.21
C GLU C 509 -22.54 -18.33 29.47
N LEU C 510 -22.39 -19.11 28.42
CA LEU C 510 -21.19 -19.02 27.60
C LEU C 510 -21.21 -17.81 26.69
N PHE C 511 -22.39 -17.39 26.25
CA PHE C 511 -22.48 -16.16 25.47
C PHE C 511 -22.00 -14.97 26.28
N LYS C 512 -22.26 -14.99 27.60
CA LYS C 512 -21.82 -13.88 28.43
C LYS C 512 -20.32 -13.65 28.37
N PHE C 513 -19.53 -14.66 28.06
CA PHE C 513 -18.10 -14.44 27.87
C PHE C 513 -17.84 -13.49 26.73
N THR C 514 -18.66 -13.56 25.68
CA THR C 514 -18.44 -12.72 24.52
C THR C 514 -18.61 -11.24 24.85
N ILE C 515 -19.54 -10.91 25.73
CA ILE C 515 -19.82 -9.51 26.07
C ILE C 515 -19.02 -9.09 27.30
N GLY C 516 -18.00 -9.85 27.65
CA GLY C 516 -17.16 -9.47 28.77
C GLY C 516 -17.81 -9.63 30.12
N MET C 517 -18.70 -10.60 30.27
CA MET C 517 -19.41 -10.85 31.52
C MET C 517 -19.36 -12.31 31.92
N GLY C 518 -18.40 -13.08 31.40
CA GLY C 518 -18.38 -14.51 31.66
C GLY C 518 -17.97 -14.81 33.08
N ASP C 519 -18.75 -15.66 33.74
CA ASP C 519 -18.50 -15.92 35.15
C ASP C 519 -17.26 -16.76 35.36
N LEU C 520 -17.13 -17.85 34.60
CA LEU C 520 -15.99 -18.78 34.68
C LEU C 520 -16.07 -19.72 35.88
N GLU C 521 -17.02 -19.49 36.79
CA GLU C 521 -17.30 -20.39 37.89
C GLU C 521 -18.79 -20.42 38.14
N PHE C 522 -19.59 -20.43 37.07
CA PHE C 522 -21.01 -20.21 37.27
C PHE C 522 -21.72 -21.39 37.91
N THR C 523 -21.11 -22.57 37.93
CA THR C 523 -21.75 -23.72 38.55
C THR C 523 -20.66 -24.64 39.06
N GLU C 524 -21.03 -25.47 40.03
CA GLU C 524 -20.22 -26.58 40.48
C GLU C 524 -20.97 -27.90 40.42
N ASN C 525 -22.15 -27.93 39.81
CA ASN C 525 -22.94 -29.15 39.74
C ASN C 525 -22.37 -30.06 38.65
N TYR C 526 -21.18 -30.57 38.92
CA TYR C 526 -20.54 -31.52 38.03
C TYR C 526 -19.61 -32.37 38.88
N ASP C 527 -18.99 -33.31 38.17
CA ASP C 527 -17.83 -34.04 38.72
C ASP C 527 -16.74 -33.60 37.73
N PHE C 528 -15.46 -33.80 38.03
CA PHE C 528 -14.36 -33.45 37.15
C PHE C 528 -14.33 -31.95 36.86
N LYS C 529 -13.95 -31.21 37.90
CA LYS C 529 -13.77 -29.76 37.77
C LYS C 529 -12.75 -29.42 36.70
N ALA C 530 -11.71 -30.23 36.57
CA ALA C 530 -10.68 -29.94 35.58
C ALA C 530 -11.26 -29.98 34.18
N VAL C 531 -12.18 -30.90 33.92
CA VAL C 531 -12.79 -30.96 32.59
C VAL C 531 -13.62 -29.72 32.34
N PHE C 532 -14.38 -29.27 33.34
CA PHE C 532 -15.20 -28.09 33.19
C PHE C 532 -14.35 -26.86 32.87
N ILE C 533 -13.28 -26.66 33.63
CA ILE C 533 -12.46 -25.48 33.41
C ILE C 533 -11.68 -25.60 32.11
N ILE C 534 -11.28 -26.81 31.72
CA ILE C 534 -10.59 -26.95 30.44
C ILE C 534 -11.52 -26.59 29.30
N LEU C 535 -12.77 -27.02 29.38
CA LEU C 535 -13.72 -26.65 28.34
C LEU C 535 -13.93 -25.16 28.28
N LEU C 536 -14.09 -24.52 29.44
CA LEU C 536 -14.32 -23.08 29.43
C LEU C 536 -13.11 -22.33 28.92
N LEU C 537 -11.90 -22.74 29.30
CA LEU C 537 -10.72 -22.06 28.82
C LEU C 537 -10.54 -22.26 27.33
N ALA C 538 -10.84 -23.45 26.82
CA ALA C 538 -10.77 -23.67 25.38
C ALA C 538 -11.77 -22.79 24.65
N TYR C 539 -12.98 -22.68 25.17
CA TYR C 539 -13.98 -21.83 24.54
C TYR C 539 -13.54 -20.37 24.55
N VAL C 540 -12.99 -19.92 25.67
CA VAL C 540 -12.57 -18.53 25.79
C VAL C 540 -11.44 -18.24 24.82
N ILE C 541 -10.46 -19.14 24.75
CA ILE C 541 -9.34 -18.93 23.84
C ILE C 541 -9.82 -18.92 22.39
N LEU C 542 -10.74 -19.82 22.05
CA LEU C 542 -11.11 -19.96 20.65
C LEU C 542 -12.05 -18.85 20.20
N THR C 543 -12.96 -18.39 21.05
CA THR C 543 -13.93 -17.37 20.63
C THR C 543 -13.48 -15.97 21.04
N TYR C 544 -13.22 -15.77 22.32
CA TYR C 544 -12.91 -14.43 22.79
C TYR C 544 -11.56 -13.94 22.27
N ILE C 545 -10.53 -14.75 22.45
CA ILE C 545 -9.18 -14.27 22.17
C ILE C 545 -8.85 -14.40 20.70
N LEU C 546 -9.31 -15.47 20.06
CA LEU C 546 -9.06 -15.65 18.63
C LEU C 546 -10.12 -14.95 17.79
N LEU C 547 -11.37 -15.39 17.90
CA LEU C 547 -12.34 -15.03 16.85
C LEU C 547 -12.79 -13.59 16.92
N LEU C 548 -12.95 -13.01 18.11
CA LEU C 548 -13.38 -11.61 18.15
C LEU C 548 -12.28 -10.69 17.66
N ASN C 549 -11.06 -10.89 18.11
CA ASN C 549 -9.97 -10.07 17.62
C ASN C 549 -9.74 -10.30 16.15
N MET C 550 -9.93 -11.53 15.69
CA MET C 550 -9.85 -11.80 14.27
C MET C 550 -10.95 -11.09 13.51
N LEU C 551 -12.14 -10.98 14.11
CA LEU C 551 -13.21 -10.22 13.47
C LEU C 551 -12.82 -8.77 13.30
N ILE C 552 -12.18 -8.19 14.32
CA ILE C 552 -11.74 -6.81 14.19
C ILE C 552 -10.74 -6.69 13.05
N ALA C 553 -9.81 -7.63 12.97
CA ALA C 553 -8.83 -7.62 11.89
C ALA C 553 -9.48 -7.74 10.53
N LEU C 554 -10.48 -8.61 10.41
CA LEU C 554 -11.12 -8.80 9.11
C LEU C 554 -11.94 -7.59 8.72
N MET C 555 -12.63 -6.97 9.68
CA MET C 555 -13.35 -5.76 9.36
C MET C 555 -12.40 -4.64 8.97
N GLY C 556 -11.23 -4.58 9.60
CA GLY C 556 -10.23 -3.63 9.16
C GLY C 556 -9.77 -3.90 7.74
N GLU C 557 -9.67 -5.17 7.37
CA GLU C 557 -9.33 -5.50 6.00
C GLU C 557 -10.44 -5.09 5.05
N THR C 558 -11.69 -5.29 5.44
CA THR C 558 -12.81 -4.97 4.56
C THR C 558 -12.93 -3.47 4.34
N VAL C 559 -12.88 -2.68 5.41
CA VAL C 559 -13.04 -1.24 5.28
C VAL C 559 -11.95 -0.65 4.40
N ASN C 560 -10.78 -1.28 4.37
CA ASN C 560 -9.72 -0.80 3.50
C ASN C 560 -10.00 -1.07 2.03
N LYS C 561 -10.88 -2.03 1.72
CA LYS C 561 -11.10 -2.46 0.34
C LYS C 561 -12.42 -2.01 -0.26
N ILE C 562 -13.33 -1.44 0.53
CA ILE C 562 -14.65 -1.03 0.05
C ILE C 562 -14.84 0.48 0.09
N ALA C 563 -13.76 1.25 0.03
CA ALA C 563 -13.94 2.70 0.04
C ALA C 563 -14.68 3.17 -1.19
N GLN C 564 -14.10 2.92 -2.37
CA GLN C 564 -14.72 3.41 -3.58
C GLN C 564 -16.01 2.65 -3.88
N GLU C 565 -16.04 1.36 -3.59
CA GLU C 565 -17.28 0.61 -3.76
C GLU C 565 -18.39 1.18 -2.90
N SER C 566 -18.07 1.58 -1.67
CA SER C 566 -19.08 2.17 -0.80
C SER C 566 -19.56 3.50 -1.35
N LYS C 567 -18.64 4.33 -1.84
CA LYS C 567 -19.09 5.61 -2.40
C LYS C 567 -19.99 5.38 -3.62
N ASN C 568 -19.63 4.45 -4.47
CA ASN C 568 -20.44 4.20 -5.66
C ASN C 568 -21.81 3.65 -5.31
N ILE C 569 -21.86 2.75 -4.32
CA ILE C 569 -23.16 2.22 -3.91
C ILE C 569 -24.01 3.31 -3.28
N TRP C 570 -23.39 4.21 -2.51
CA TRP C 570 -24.16 5.31 -1.94
C TRP C 570 -24.72 6.19 -3.04
N LYS C 571 -23.92 6.47 -4.06
CA LYS C 571 -24.41 7.32 -5.14
C LYS C 571 -25.53 6.65 -5.90
N LEU C 572 -25.46 5.33 -6.06
CA LEU C 572 -26.58 4.63 -6.68
C LEU C 572 -27.82 4.69 -5.81
N GLN C 573 -27.66 4.58 -4.49
CA GLN C 573 -28.80 4.69 -3.58
C GLN C 573 -29.44 6.07 -3.68
N ARG C 574 -28.62 7.11 -3.74
CA ARG C 574 -29.15 8.46 -3.88
C ARG C 574 -29.83 8.63 -5.23
N ALA C 575 -29.28 8.01 -6.28
CA ALA C 575 -29.92 8.07 -7.58
C ALA C 575 -31.29 7.43 -7.56
N ILE C 576 -31.41 6.30 -6.88
CA ILE C 576 -32.72 5.65 -6.75
C ILE C 576 -33.67 6.56 -6.01
N THR C 577 -33.19 7.22 -4.97
CA THR C 577 -34.04 8.16 -4.25
C THR C 577 -34.51 9.29 -5.16
N ILE C 578 -33.61 9.81 -5.98
CA ILE C 578 -33.96 10.92 -6.88
C ILE C 578 -35.01 10.47 -7.88
N LEU C 579 -34.82 9.29 -8.47
CA LEU C 579 -35.78 8.83 -9.46
C LEU C 579 -37.13 8.53 -8.83
N ASP C 580 -37.15 7.94 -7.65
CA ASP C 580 -38.43 7.68 -7.00
C ASP C 580 -39.14 8.98 -6.66
N THR C 581 -38.38 9.99 -6.20
CA THR C 581 -39.00 11.27 -5.87
C THR C 581 -39.60 11.92 -7.10
N GLU C 582 -38.88 11.92 -8.21
CA GLU C 582 -39.42 12.55 -9.41
C GLU C 582 -40.56 11.74 -10.00
N LYS C 583 -40.57 10.43 -9.80
CA LYS C 583 -41.64 9.61 -10.34
C LYS C 583 -42.90 9.73 -9.50
N SER C 584 -42.76 9.98 -8.20
CA SER C 584 -43.95 10.17 -7.38
C SER C 584 -44.55 11.56 -7.58
N PHE C 585 -43.85 12.59 -7.11
CA PHE C 585 -43.98 14.03 -7.40
C PHE C 585 -45.29 14.68 -6.97
N LEU C 586 -46.37 13.90 -6.81
CA LEU C 586 -47.58 14.23 -6.05
C LEU C 586 -48.27 15.54 -6.44
N LYS C 587 -47.80 16.25 -7.48
CA LYS C 587 -48.27 17.60 -7.76
C LYS C 587 -48.32 17.94 -9.25
N CYS C 588 -48.06 16.96 -10.13
CA CYS C 588 -48.03 17.18 -11.58
C CYS C 588 -47.11 18.34 -11.96
N MET C 589 -45.97 18.43 -11.29
CA MET C 589 -45.00 19.49 -11.54
C MET C 589 -44.12 19.12 -12.72
N ARG C 590 -43.97 20.05 -13.65
CA ARG C 590 -43.09 19.87 -14.80
C ARG C 590 -41.70 20.42 -14.58
N LYS C 591 -41.46 21.20 -13.52
CA LYS C 591 -40.16 21.81 -13.32
C LYS C 591 -39.08 20.77 -13.06
N ALA C 592 -39.44 19.53 -12.72
CA ALA C 592 -38.47 18.47 -12.54
C ALA C 592 -37.67 18.19 -13.82
N PHE C 593 -38.18 18.58 -14.98
CA PHE C 593 -37.49 18.40 -16.26
C PHE C 593 -36.44 19.49 -16.37
N ARG C 594 -35.20 19.16 -16.03
CA ARG C 594 -34.14 20.16 -15.94
C ARG C 594 -33.35 20.32 -17.23
N SER C 595 -32.31 21.15 -17.16
CA SER C 595 -31.25 21.39 -18.14
C SER C 595 -31.59 22.33 -19.30
N GLY C 596 -32.84 22.67 -19.52
CA GLY C 596 -33.12 23.70 -20.53
C GLY C 596 -32.91 23.30 -21.97
N LYS C 597 -33.73 23.84 -22.86
CA LYS C 597 -33.84 23.41 -24.26
C LYS C 597 -33.06 24.37 -25.16
N LEU C 598 -31.86 23.97 -25.55
CA LEU C 598 -30.96 24.82 -26.33
C LEU C 598 -30.83 24.31 -27.75
N LEU C 599 -30.40 25.19 -28.65
CA LEU C 599 -30.17 24.85 -30.05
C LEU C 599 -28.74 24.34 -30.21
N GLN C 600 -28.60 23.10 -30.62
CA GLN C 600 -27.28 22.46 -30.68
C GLN C 600 -26.51 22.91 -31.90
N VAL C 601 -27.05 22.60 -33.07
CA VAL C 601 -26.43 22.94 -34.34
C VAL C 601 -27.30 23.91 -35.13
N GLY C 602 -28.62 23.77 -35.03
CA GLY C 602 -29.50 24.54 -35.87
C GLY C 602 -29.52 24.07 -37.31
N PHE C 603 -28.85 22.97 -37.62
CA PHE C 603 -28.75 22.45 -38.98
C PHE C 603 -28.70 20.93 -38.83
N THR C 604 -29.85 20.32 -38.96
CA THR C 604 -30.00 18.88 -39.06
C THR C 604 -29.62 18.50 -40.50
N PRO C 605 -29.79 17.24 -40.89
CA PRO C 605 -29.55 16.90 -42.32
C PRO C 605 -30.39 17.73 -43.28
N ASP C 606 -31.59 18.07 -42.90
CA ASP C 606 -32.48 18.93 -43.66
C ASP C 606 -32.36 20.35 -43.10
N GLY C 607 -33.19 21.25 -43.58
CA GLY C 607 -33.06 22.64 -43.19
C GLY C 607 -33.52 22.97 -41.80
N LYS C 608 -34.09 22.02 -41.07
CA LYS C 608 -34.63 22.31 -39.76
C LYS C 608 -33.50 22.51 -38.75
N ASP C 609 -33.88 23.07 -37.61
CA ASP C 609 -33.00 23.26 -36.47
C ASP C 609 -33.33 22.24 -35.40
N ASP C 610 -32.31 21.88 -34.62
CA ASP C 610 -32.45 20.84 -33.59
C ASP C 610 -32.29 21.48 -32.22
N TYR C 611 -33.33 21.36 -31.41
CA TYR C 611 -33.32 21.66 -29.99
C TYR C 611 -33.35 20.34 -29.26
N ARG C 612 -32.44 20.14 -28.28
CA ARG C 612 -32.22 18.81 -27.74
C ARG C 612 -32.09 18.74 -26.22
N TRP C 613 -32.52 19.76 -25.48
CA TRP C 613 -32.49 19.70 -24.01
C TRP C 613 -31.10 19.37 -23.48
N CYS C 614 -30.16 20.28 -23.71
CA CYS C 614 -28.79 20.00 -23.32
C CYS C 614 -28.57 20.30 -21.84
N PHE C 615 -27.47 19.78 -21.31
CA PHE C 615 -27.03 20.06 -19.94
C PHE C 615 -25.66 20.71 -20.01
N ARG C 616 -25.51 21.84 -19.34
CA ARG C 616 -24.32 22.67 -19.45
C ARG C 616 -23.28 22.29 -18.40
N VAL C 617 -22.03 22.20 -18.80
CA VAL C 617 -20.94 21.86 -17.90
C VAL C 617 -19.74 22.73 -18.26
N ASP C 618 -19.37 23.64 -17.36
CA ASP C 618 -18.22 24.51 -17.60
C ASP C 618 -16.94 23.79 -17.22
N GLU C 619 -15.90 24.01 -18.02
CA GLU C 619 -14.61 23.36 -17.84
C GLU C 619 -13.50 24.37 -18.03
N VAL C 620 -12.35 24.08 -17.44
CA VAL C 620 -11.17 24.93 -17.51
C VAL C 620 -9.99 24.04 -17.84
N ASN C 621 -9.17 24.47 -18.81
CA ASN C 621 -8.02 23.70 -19.23
C ASN C 621 -6.90 24.66 -19.59
N TRP C 622 -5.72 24.44 -19.03
CA TRP C 622 -4.58 25.30 -19.24
C TRP C 622 -3.60 24.73 -20.25
N THR C 623 -4.07 23.85 -21.13
CA THR C 623 -3.33 23.39 -22.29
C THR C 623 -4.25 23.53 -23.49
N THR C 624 -3.68 23.29 -24.67
CA THR C 624 -4.45 23.26 -25.92
C THR C 624 -5.20 24.58 -26.12
N TRP C 625 -4.42 25.65 -26.17
CA TRP C 625 -4.98 26.98 -26.31
C TRP C 625 -5.65 27.13 -27.66
N LEU D 7 65.17 -35.33 -20.88
CA LEU D 7 64.28 -36.22 -20.14
C LEU D 7 63.01 -35.49 -19.71
N TYR D 8 62.00 -36.26 -19.33
CA TYR D 8 60.69 -35.72 -18.96
C TYR D 8 60.14 -36.48 -17.77
N ASP D 9 59.26 -35.81 -17.03
CA ASP D 9 58.53 -36.44 -15.94
C ASP D 9 57.18 -35.74 -15.81
N ARG D 10 56.41 -36.14 -14.79
CA ARG D 10 55.10 -35.52 -14.57
C ARG D 10 55.24 -34.03 -14.31
N ARG D 11 56.17 -33.65 -13.43
CA ARG D 11 56.29 -32.25 -13.04
C ARG D 11 56.68 -31.37 -14.22
N SER D 12 57.66 -31.81 -15.02
CA SER D 12 58.12 -31.00 -16.13
C SER D 12 57.01 -30.79 -17.15
N ILE D 13 56.32 -31.86 -17.53
CA ILE D 13 55.26 -31.75 -18.53
C ILE D 13 54.13 -30.87 -18.00
N PHE D 14 53.74 -31.06 -16.74
CA PHE D 14 52.65 -30.27 -16.18
C PHE D 14 53.01 -28.78 -16.14
N ASP D 15 54.23 -28.46 -15.71
CA ASP D 15 54.65 -27.07 -15.67
C ASP D 15 54.77 -26.48 -17.06
N ALA D 16 55.19 -27.28 -18.04
CA ALA D 16 55.25 -26.80 -19.41
C ALA D 16 53.85 -26.47 -19.94
N VAL D 17 52.92 -27.40 -19.80
CA VAL D 17 51.60 -27.22 -20.40
C VAL D 17 50.84 -26.09 -19.69
N ALA D 18 51.07 -25.92 -18.38
CA ALA D 18 50.44 -24.82 -17.67
C ALA D 18 50.81 -23.48 -18.30
N GLN D 19 52.06 -23.34 -18.75
CA GLN D 19 52.54 -22.11 -19.36
C GLN D 19 52.34 -22.06 -20.88
N SER D 20 51.80 -23.11 -21.49
CA SER D 20 51.64 -23.18 -22.95
C SER D 20 52.98 -23.07 -23.68
N ASN D 21 54.04 -23.65 -23.10
CA ASN D 21 55.35 -23.68 -23.71
C ASN D 21 55.46 -24.97 -24.52
N CYS D 22 55.26 -24.85 -25.83
CA CYS D 22 55.31 -26.02 -26.71
C CYS D 22 56.73 -26.51 -26.93
N GLN D 23 57.73 -25.62 -26.85
CA GLN D 23 59.10 -26.00 -27.16
C GLN D 23 59.63 -27.03 -26.18
N GLU D 24 59.27 -26.90 -24.90
CA GLU D 24 59.80 -27.82 -23.90
C GLU D 24 59.36 -29.25 -24.16
N LEU D 25 58.20 -29.43 -24.78
CA LEU D 25 57.65 -30.75 -25.06
C LEU D 25 58.03 -31.27 -26.44
N GLU D 26 58.90 -30.58 -27.18
CA GLU D 26 59.21 -30.96 -28.54
C GLU D 26 59.87 -32.33 -28.61
N SER D 27 60.70 -32.66 -27.61
CA SER D 27 61.38 -33.95 -27.55
C SER D 27 60.55 -35.01 -26.84
N LEU D 28 59.28 -34.72 -26.53
CA LEU D 28 58.47 -35.68 -25.79
C LEU D 28 58.20 -36.93 -26.61
N LEU D 29 57.87 -36.78 -27.89
CA LEU D 29 57.61 -37.94 -28.73
C LEU D 29 58.84 -38.84 -28.86
N PRO D 30 60.02 -38.35 -29.26
CA PRO D 30 61.18 -39.24 -29.29
C PRO D 30 61.58 -39.75 -27.92
N PHE D 31 61.40 -38.96 -26.86
CA PHE D 31 61.69 -39.46 -25.51
C PHE D 31 60.84 -40.67 -25.19
N LEU D 32 59.54 -40.59 -25.47
CA LEU D 32 58.65 -41.70 -25.16
C LEU D 32 58.91 -42.89 -26.07
N GLN D 33 59.20 -42.64 -27.35
CA GLN D 33 59.49 -43.75 -28.26
C GLN D 33 60.78 -44.46 -27.89
N ARG D 34 61.81 -43.71 -27.50
CA ARG D 34 63.08 -44.33 -27.13
C ARG D 34 62.98 -45.02 -25.78
N SER D 35 62.26 -44.42 -24.83
CA SER D 35 62.09 -45.01 -23.52
C SER D 35 61.13 -46.19 -23.53
N LYS D 36 60.32 -46.33 -24.58
CA LYS D 36 59.37 -47.44 -24.70
C LYS D 36 58.37 -47.43 -23.54
N LYS D 37 57.87 -46.25 -23.20
CA LYS D 37 56.84 -46.10 -22.19
C LYS D 37 55.81 -45.11 -22.68
N ARG D 38 54.56 -45.34 -22.27
CA ARG D 38 53.42 -44.61 -22.79
C ARG D 38 53.18 -43.33 -22.02
N LEU D 39 52.67 -42.31 -22.72
CA LEU D 39 52.28 -41.07 -22.09
C LEU D 39 51.15 -41.26 -21.09
N THR D 40 50.43 -42.38 -21.17
CA THR D 40 49.34 -42.70 -20.26
C THR D 40 49.80 -43.52 -19.06
N ASP D 41 51.10 -43.74 -18.89
CA ASP D 41 51.57 -44.56 -17.78
C ASP D 41 51.49 -43.81 -16.46
N SER D 42 51.54 -44.58 -15.37
CA SER D 42 51.39 -44.02 -14.03
C SER D 42 52.47 -43.01 -13.68
N GLU D 43 53.61 -43.03 -14.37
CA GLU D 43 54.66 -42.05 -14.10
C GLU D 43 54.21 -40.64 -14.45
N PHE D 44 53.27 -40.49 -15.40
CA PHE D 44 52.78 -39.18 -15.82
C PHE D 44 51.46 -38.78 -15.18
N LYS D 45 50.71 -39.74 -14.62
CA LYS D 45 49.47 -39.43 -13.94
C LYS D 45 49.73 -39.06 -12.48
N ASP D 46 48.83 -38.26 -11.92
CA ASP D 46 48.96 -37.91 -10.52
C ASP D 46 48.72 -39.16 -9.66
N PRO D 47 49.52 -39.38 -8.60
CA PRO D 47 49.31 -40.60 -7.81
C PRO D 47 47.98 -40.67 -7.08
N GLU D 48 47.30 -39.55 -6.87
CA GLU D 48 46.08 -39.50 -6.06
C GLU D 48 44.82 -39.25 -6.87
N THR D 49 44.81 -38.20 -7.70
CA THR D 49 43.62 -37.87 -8.47
C THR D 49 43.51 -38.66 -9.77
N GLY D 50 44.62 -39.18 -10.28
CA GLY D 50 44.62 -39.90 -11.53
C GLY D 50 44.67 -39.02 -12.76
N LYS D 51 44.77 -37.70 -12.59
CA LYS D 51 44.72 -36.81 -13.75
C LYS D 51 46.00 -36.91 -14.56
N THR D 52 45.87 -36.75 -15.86
CA THR D 52 46.97 -36.84 -16.80
C THR D 52 47.31 -35.45 -17.31
N CYS D 53 48.36 -35.39 -18.13
CA CYS D 53 48.83 -34.10 -18.62
C CYS D 53 47.79 -33.40 -19.49
N LEU D 54 46.96 -34.17 -20.19
CA LEU D 54 45.89 -33.56 -20.98
C LEU D 54 44.90 -32.84 -20.08
N LEU D 55 44.48 -33.47 -18.99
CA LEU D 55 43.53 -32.82 -18.10
C LEU D 55 44.14 -31.59 -17.46
N LYS D 56 45.44 -31.62 -17.18
CA LYS D 56 46.12 -30.42 -16.71
C LYS D 56 46.07 -29.32 -17.75
N ALA D 57 46.33 -29.66 -19.02
CA ALA D 57 46.34 -28.65 -20.07
C ALA D 57 44.95 -28.07 -20.28
N MET D 58 43.92 -28.91 -20.19
CA MET D 58 42.56 -28.44 -20.42
C MET D 58 42.14 -27.43 -19.36
N LEU D 59 42.58 -27.62 -18.12
CA LEU D 59 42.22 -26.71 -17.04
C LEU D 59 43.01 -25.40 -17.09
N ASN D 60 43.98 -25.27 -17.99
CA ASN D 60 44.80 -24.07 -18.14
C ASN D 60 44.67 -23.60 -19.58
N LEU D 61 43.65 -22.78 -19.83
CA LEU D 61 43.41 -22.16 -21.12
C LEU D 61 43.54 -20.65 -20.95
N HIS D 62 44.19 -20.03 -21.93
CA HIS D 62 44.39 -18.59 -21.96
C HIS D 62 43.69 -18.05 -23.19
N ASN D 63 42.62 -17.28 -22.99
CA ASN D 63 41.72 -16.86 -24.06
C ASN D 63 41.16 -18.06 -24.82
N GLY D 64 40.89 -19.14 -24.07
CA GLY D 64 40.34 -20.34 -24.67
C GLY D 64 41.30 -21.14 -25.51
N GLN D 65 42.60 -20.83 -25.46
CA GLN D 65 43.59 -21.45 -26.31
C GLN D 65 44.73 -22.03 -25.47
N ASN D 66 45.22 -23.18 -25.89
CA ASN D 66 46.41 -23.78 -25.28
C ASN D 66 47.01 -24.70 -26.34
N ASP D 67 48.07 -24.25 -27.00
CA ASP D 67 48.61 -24.95 -28.15
C ASP D 67 49.20 -26.31 -27.80
N THR D 68 49.51 -26.56 -26.53
CA THR D 68 50.08 -27.84 -26.15
C THR D 68 49.06 -28.98 -26.19
N ILE D 69 47.76 -28.69 -26.29
CA ILE D 69 46.77 -29.76 -26.28
C ILE D 69 46.88 -30.59 -27.55
N ALA D 70 46.88 -29.93 -28.71
CA ALA D 70 47.06 -30.65 -29.97
C ALA D 70 48.41 -31.34 -30.01
N LEU D 71 49.44 -30.73 -29.41
CA LEU D 71 50.74 -31.37 -29.32
C LEU D 71 50.65 -32.68 -28.56
N LEU D 72 50.01 -32.67 -27.39
CA LEU D 72 49.90 -33.89 -26.59
C LEU D 72 49.09 -34.94 -27.32
N LEU D 73 47.99 -34.54 -27.97
CA LEU D 73 47.18 -35.52 -28.70
C LEU D 73 47.96 -36.12 -29.87
N ASP D 74 48.71 -35.29 -30.59
CA ASP D 74 49.51 -35.79 -31.70
C ASP D 74 50.59 -36.74 -31.21
N VAL D 75 51.22 -36.42 -30.08
CA VAL D 75 52.21 -37.31 -29.49
C VAL D 75 51.56 -38.63 -29.11
N ALA D 76 50.36 -38.58 -28.52
CA ALA D 76 49.67 -39.81 -28.16
C ALA D 76 49.33 -40.64 -29.40
N ARG D 77 48.92 -39.99 -30.48
CA ARG D 77 48.68 -40.70 -31.73
C ARG D 77 49.94 -41.39 -32.21
N LYS D 78 51.05 -40.66 -32.22
CA LYS D 78 52.26 -41.19 -32.84
C LYS D 78 52.94 -42.24 -31.99
N THR D 79 52.86 -42.14 -30.67
CA THR D 79 53.66 -43.01 -29.81
C THR D 79 53.12 -44.44 -29.82
N ASP D 80 51.96 -44.66 -29.20
CA ASP D 80 51.30 -45.96 -29.21
C ASP D 80 49.88 -45.88 -29.75
N SER D 81 49.07 -45.03 -29.13
CA SER D 81 47.63 -45.04 -29.33
C SER D 81 47.04 -43.80 -28.70
N LEU D 82 45.83 -43.44 -29.12
CA LEU D 82 45.15 -42.23 -28.68
C LEU D 82 43.91 -42.47 -27.83
N LYS D 83 43.23 -43.61 -27.98
CA LYS D 83 41.94 -43.78 -27.33
C LYS D 83 42.05 -43.78 -25.82
N GLN D 84 43.13 -44.35 -25.28
CA GLN D 84 43.30 -44.35 -23.84
C GLN D 84 43.67 -42.97 -23.32
N PHE D 85 44.45 -42.22 -24.11
CA PHE D 85 44.93 -40.92 -23.65
C PHE D 85 43.79 -39.91 -23.57
N VAL D 86 43.00 -39.80 -24.65
CA VAL D 86 41.97 -38.77 -24.70
C VAL D 86 40.86 -39.04 -23.70
N ASN D 87 40.59 -40.31 -23.39
CA ASN D 87 39.53 -40.71 -22.47
C ASN D 87 40.04 -40.93 -21.05
N ALA D 88 41.19 -40.37 -20.71
CA ALA D 88 41.65 -40.43 -19.33
C ALA D 88 40.70 -39.62 -18.44
N SER D 89 40.50 -40.11 -17.22
CA SER D 89 39.55 -39.49 -16.30
C SER D 89 40.07 -39.60 -14.88
N TYR D 90 39.54 -38.73 -14.03
CA TYR D 90 39.91 -38.73 -12.62
C TYR D 90 39.51 -40.05 -11.98
N THR D 91 40.35 -40.53 -11.05
CA THR D 91 40.10 -41.76 -10.34
C THR D 91 39.67 -41.55 -8.89
N ASP D 92 39.95 -40.39 -8.31
CA ASP D 92 39.52 -40.13 -6.94
C ASP D 92 38.01 -39.99 -6.88
N SER D 93 37.47 -40.30 -5.70
CA SER D 93 36.02 -40.36 -5.54
C SER D 93 35.33 -39.02 -5.72
N TYR D 94 36.06 -37.91 -5.55
CA TYR D 94 35.43 -36.59 -5.53
C TYR D 94 35.18 -36.04 -6.92
N TYR D 95 36.09 -36.28 -7.85
CA TYR D 95 35.94 -35.90 -9.25
C TYR D 95 35.77 -37.11 -10.16
N LYS D 96 35.36 -38.24 -9.60
CA LYS D 96 35.40 -39.52 -10.31
C LYS D 96 34.65 -39.47 -11.63
N GLY D 97 35.34 -39.87 -12.70
CA GLY D 97 34.75 -39.96 -14.01
C GLY D 97 34.90 -38.73 -14.88
N GLN D 98 35.30 -37.59 -14.32
CA GLN D 98 35.45 -36.39 -15.12
C GLN D 98 36.56 -36.59 -16.14
N THR D 99 36.30 -36.19 -17.39
CA THR D 99 37.25 -36.34 -18.49
C THR D 99 37.39 -35.01 -19.22
N ALA D 100 38.26 -35.02 -20.24
CA ALA D 100 38.57 -33.79 -20.95
C ALA D 100 37.35 -33.21 -21.64
N LEU D 101 36.44 -34.06 -22.11
CA LEU D 101 35.22 -33.56 -22.74
C LEU D 101 34.38 -32.78 -21.75
N HIS D 102 34.28 -33.25 -20.52
CA HIS D 102 33.54 -32.51 -19.50
C HIS D 102 34.16 -31.14 -19.28
N ILE D 103 35.48 -31.08 -19.23
CA ILE D 103 36.16 -29.81 -19.01
C ILE D 103 35.95 -28.89 -20.20
N ALA D 104 36.03 -29.43 -21.40
CA ALA D 104 35.82 -28.63 -22.60
C ALA D 104 34.43 -28.03 -22.61
N ILE D 105 33.42 -28.81 -22.22
CA ILE D 105 32.06 -28.30 -22.19
C ILE D 105 31.92 -27.25 -21.10
N GLU D 106 32.49 -27.52 -19.92
CA GLU D 106 32.45 -26.57 -18.83
C GLU D 106 33.07 -25.24 -19.23
N ARG D 107 34.18 -25.29 -19.94
CA ARG D 107 34.86 -24.07 -20.36
C ARG D 107 34.19 -23.41 -21.54
N ARG D 108 33.13 -24.01 -22.09
CA ARG D 108 32.37 -23.41 -23.18
C ARG D 108 33.24 -23.25 -24.43
N ASN D 109 34.15 -24.21 -24.63
CA ASN D 109 35.08 -24.20 -25.76
C ASN D 109 34.54 -25.17 -26.80
N MET D 110 33.89 -24.61 -27.82
CA MET D 110 33.33 -25.45 -28.90
C MET D 110 34.42 -26.22 -29.61
N THR D 111 35.54 -25.55 -29.89
CA THR D 111 36.59 -26.16 -30.70
C THR D 111 37.20 -27.36 -29.99
N LEU D 112 37.44 -27.24 -28.69
CA LEU D 112 38.03 -28.37 -27.97
C LEU D 112 37.06 -29.54 -27.90
N VAL D 113 35.76 -29.28 -27.75
CA VAL D 113 34.79 -30.35 -27.78
C VAL D 113 34.82 -31.04 -29.14
N THR D 114 34.86 -30.25 -30.21
CA THR D 114 34.90 -30.80 -31.55
C THR D 114 36.15 -31.66 -31.73
N LEU D 115 37.28 -31.16 -31.27
CA LEU D 115 38.53 -31.90 -31.42
C LEU D 115 38.52 -33.19 -30.62
N LEU D 116 38.06 -33.13 -29.37
CA LEU D 116 38.06 -34.32 -28.53
C LEU D 116 37.11 -35.38 -29.06
N VAL D 117 35.93 -34.97 -29.51
CA VAL D 117 35.00 -35.93 -30.10
C VAL D 117 35.60 -36.50 -31.38
N GLU D 118 36.23 -35.65 -32.19
CA GLU D 118 36.87 -36.11 -33.41
C GLU D 118 37.95 -37.15 -33.13
N ASN D 119 38.63 -37.02 -31.99
CA ASN D 119 39.72 -37.91 -31.62
C ASN D 119 39.27 -39.11 -30.82
N GLY D 120 37.98 -39.42 -30.81
CA GLY D 120 37.50 -40.64 -30.17
C GLY D 120 37.15 -40.51 -28.72
N ALA D 121 36.82 -39.31 -28.24
CA ALA D 121 36.37 -39.16 -26.86
C ALA D 121 35.05 -39.88 -26.66
N ASP D 122 34.87 -40.40 -25.44
CA ASP D 122 33.65 -41.13 -25.10
C ASP D 122 32.58 -40.13 -24.69
N VAL D 123 31.56 -39.96 -25.52
CA VAL D 123 30.51 -38.99 -25.27
C VAL D 123 29.53 -39.47 -24.20
N GLN D 124 29.67 -40.73 -23.75
CA GLN D 124 28.82 -41.28 -22.71
C GLN D 124 29.55 -41.46 -21.38
N ALA D 125 30.69 -40.80 -21.20
CA ALA D 125 31.45 -40.93 -19.97
C ALA D 125 30.71 -40.27 -18.82
N ALA D 126 30.41 -41.04 -17.78
CA ALA D 126 29.62 -40.55 -16.66
C ALA D 126 30.54 -40.00 -15.57
N ALA D 127 30.44 -38.71 -15.29
CA ALA D 127 31.20 -38.08 -14.22
C ALA D 127 30.37 -38.19 -12.95
N ASN D 128 30.64 -39.23 -12.15
CA ASN D 128 29.83 -39.58 -11.00
C ASN D 128 30.59 -39.44 -9.69
N GLY D 129 31.48 -38.47 -9.60
CA GLY D 129 32.12 -38.16 -8.35
C GLY D 129 31.18 -37.45 -7.40
N ASP D 130 31.61 -37.36 -6.14
CA ASP D 130 30.78 -36.71 -5.13
C ASP D 130 30.54 -35.24 -5.46
N PHE D 131 31.46 -34.60 -6.17
CA PHE D 131 31.25 -33.20 -6.53
C PHE D 131 30.09 -33.02 -7.48
N PHE D 132 29.78 -34.03 -8.29
CA PHE D 132 28.74 -33.94 -9.30
C PHE D 132 27.43 -34.57 -8.85
N LYS D 133 27.13 -34.49 -7.55
CA LYS D 133 25.90 -35.00 -6.98
C LYS D 133 25.25 -33.91 -6.14
N LYS D 134 24.00 -34.16 -5.75
CA LYS D 134 23.24 -33.17 -4.99
C LYS D 134 23.93 -32.83 -3.67
N THR D 135 23.98 -33.80 -2.74
CA THR D 135 24.83 -33.76 -1.55
C THR D 135 24.70 -32.44 -0.78
N LYS D 136 23.54 -32.23 -0.15
CA LYS D 136 23.20 -30.92 0.41
C LYS D 136 24.24 -30.37 1.38
N GLY D 137 25.00 -31.23 2.05
CA GLY D 137 25.99 -30.79 3.00
C GLY D 137 27.34 -30.41 2.44
N ARG D 138 27.50 -30.46 1.12
CA ARG D 138 28.76 -30.17 0.47
C ARG D 138 28.49 -29.26 -0.72
N PRO D 139 29.48 -28.48 -1.17
CA PRO D 139 29.33 -27.80 -2.46
C PRO D 139 29.37 -28.79 -3.60
N GLY D 140 28.76 -28.41 -4.71
CA GLY D 140 28.72 -29.28 -5.87
C GLY D 140 27.84 -28.69 -6.95
N PHE D 141 27.75 -29.42 -8.04
CA PHE D 141 26.87 -29.06 -9.14
C PHE D 141 26.40 -30.34 -9.81
N TYR D 142 25.14 -30.70 -9.60
CA TYR D 142 24.55 -31.82 -10.29
C TYR D 142 24.05 -31.39 -11.65
N PHE D 143 24.42 -32.15 -12.68
CA PHE D 143 23.98 -31.86 -14.04
C PHE D 143 23.60 -33.13 -14.79
N GLY D 144 23.42 -34.26 -14.12
CA GLY D 144 23.13 -35.51 -14.78
C GLY D 144 24.34 -36.30 -15.23
N GLU D 145 25.55 -35.85 -14.93
CA GLU D 145 26.76 -36.66 -14.98
C GLU D 145 27.26 -36.96 -16.38
N LEU D 146 26.51 -36.58 -17.42
CA LEU D 146 26.84 -36.95 -18.79
C LEU D 146 27.20 -35.72 -19.60
N PRO D 147 28.05 -35.83 -20.63
CA PRO D 147 28.36 -34.64 -21.44
C PRO D 147 27.17 -34.01 -22.10
N LEU D 148 26.21 -34.80 -22.57
CA LEU D 148 25.00 -34.22 -23.14
C LEU D 148 24.23 -33.45 -22.07
N SER D 149 24.10 -34.04 -20.88
CA SER D 149 23.39 -33.36 -19.82
C SER D 149 24.18 -32.16 -19.32
N LEU D 150 25.50 -32.23 -19.33
CA LEU D 150 26.29 -31.07 -18.96
C LEU D 150 26.09 -29.93 -19.94
N ALA D 151 26.10 -30.24 -21.23
CA ALA D 151 25.92 -29.19 -22.23
C ALA D 151 24.53 -28.59 -22.15
N ALA D 152 23.52 -29.43 -21.91
CA ALA D 152 22.17 -28.91 -21.79
C ALA D 152 22.02 -28.05 -20.55
N CYS D 153 22.53 -28.51 -19.41
CA CYS D 153 22.34 -27.82 -18.14
C CYS D 153 23.18 -26.56 -18.03
N THR D 154 24.07 -26.28 -18.98
CA THR D 154 24.86 -25.06 -19.00
C THR D 154 24.46 -24.11 -20.12
N ASN D 155 23.31 -24.33 -20.76
CA ASN D 155 22.77 -23.41 -21.75
C ASN D 155 23.68 -23.29 -22.96
N GLN D 156 24.15 -24.44 -23.46
CA GLN D 156 25.03 -24.50 -24.63
C GLN D 156 24.33 -25.33 -25.70
N LEU D 157 23.52 -24.67 -26.52
CA LEU D 157 22.73 -25.41 -27.50
C LEU D 157 23.60 -25.98 -28.61
N ALA D 158 24.61 -25.23 -29.06
CA ALA D 158 25.44 -25.69 -30.16
C ALA D 158 26.17 -26.97 -29.80
N ILE D 159 26.66 -27.07 -28.57
CA ILE D 159 27.34 -28.29 -28.15
C ILE D 159 26.35 -29.43 -28.05
N VAL D 160 25.13 -29.17 -27.58
CA VAL D 160 24.12 -30.22 -27.51
C VAL D 160 23.84 -30.77 -28.90
N LYS D 161 23.65 -29.88 -29.87
CA LYS D 161 23.41 -30.30 -31.24
C LYS D 161 24.58 -31.10 -31.77
N PHE D 162 25.80 -30.62 -31.54
CA PHE D 162 26.97 -31.34 -32.01
C PHE D 162 27.04 -32.73 -31.40
N LEU D 163 26.84 -32.84 -30.09
CA LEU D 163 26.93 -34.14 -29.42
C LEU D 163 25.87 -35.10 -29.93
N LEU D 164 24.67 -34.58 -30.24
CA LEU D 164 23.62 -35.47 -30.69
C LEU D 164 23.80 -35.92 -32.13
N GLN D 165 24.27 -35.02 -33.00
CA GLN D 165 24.36 -35.28 -34.43
C GLN D 165 25.73 -34.91 -34.97
N ASN D 166 26.78 -35.46 -34.37
CA ASN D 166 28.10 -35.48 -34.98
C ASN D 166 28.28 -36.75 -35.80
N SER D 167 29.34 -36.74 -36.62
CA SER D 167 29.64 -37.91 -37.44
C SER D 167 30.36 -38.99 -36.65
N TRP D 168 31.29 -38.62 -35.78
CA TRP D 168 32.21 -39.58 -35.20
C TRP D 168 31.55 -40.47 -34.17
N GLN D 169 30.74 -39.90 -33.29
CA GLN D 169 30.17 -40.64 -32.17
C GLN D 169 28.94 -39.92 -31.63
N PRO D 170 27.75 -40.13 -32.19
CA PRO D 170 26.57 -39.42 -31.69
C PRO D 170 26.20 -39.86 -30.28
N ALA D 171 25.64 -38.91 -29.52
CA ALA D 171 25.30 -39.15 -28.13
C ALA D 171 23.93 -39.80 -28.02
N ASP D 172 23.78 -40.65 -27.00
CA ASP D 172 22.52 -41.36 -26.78
C ASP D 172 21.58 -40.44 -26.01
N ILE D 173 20.61 -39.89 -26.72
CA ILE D 173 19.70 -38.90 -26.13
C ILE D 173 18.86 -39.50 -25.02
N SER D 174 18.64 -40.80 -25.03
CA SER D 174 17.84 -41.48 -24.01
C SER D 174 18.68 -42.01 -22.86
N ALA D 175 19.96 -41.66 -22.80
CA ALA D 175 20.84 -42.22 -21.78
C ALA D 175 20.40 -41.76 -20.40
N ARG D 176 20.75 -42.55 -19.39
CA ARG D 176 20.36 -42.30 -18.01
C ARG D 176 21.59 -42.35 -17.12
N ASP D 177 21.61 -41.50 -16.11
CA ASP D 177 22.74 -41.45 -15.18
C ASP D 177 22.51 -42.45 -14.04
N SER D 178 23.35 -42.36 -13.02
CA SER D 178 23.28 -43.31 -11.91
C SER D 178 21.97 -43.21 -11.15
N VAL D 179 21.33 -42.03 -11.16
CA VAL D 179 20.02 -41.88 -10.55
C VAL D 179 18.89 -42.31 -11.49
N GLY D 180 19.20 -42.59 -12.74
CA GLY D 180 18.18 -42.86 -13.73
C GLY D 180 17.70 -41.63 -14.47
N ASN D 181 18.25 -40.46 -14.18
CA ASN D 181 17.83 -39.23 -14.81
C ASN D 181 18.39 -39.13 -16.22
N THR D 182 17.51 -38.87 -17.18
CA THR D 182 17.92 -38.53 -18.54
C THR D 182 18.21 -37.03 -18.60
N VAL D 183 18.46 -36.53 -19.80
CA VAL D 183 18.77 -35.11 -19.96
C VAL D 183 17.59 -34.25 -19.53
N LEU D 184 16.36 -34.71 -19.76
CA LEU D 184 15.21 -33.95 -19.35
C LEU D 184 15.03 -33.96 -17.84
N HIS D 185 15.27 -35.10 -17.21
CA HIS D 185 15.28 -35.14 -15.75
C HIS D 185 16.32 -34.17 -15.20
N ALA D 186 17.50 -34.12 -15.81
CA ALA D 186 18.54 -33.21 -15.35
C ALA D 186 18.10 -31.75 -15.51
N LEU D 187 17.48 -31.42 -16.63
CA LEU D 187 17.02 -30.05 -16.81
C LEU D 187 15.97 -29.67 -15.78
N VAL D 188 15.09 -30.61 -15.45
CA VAL D 188 14.13 -30.36 -14.38
C VAL D 188 14.86 -30.15 -13.06
N GLU D 189 15.90 -30.94 -12.82
CA GLU D 189 16.62 -30.83 -11.56
C GLU D 189 17.31 -29.48 -11.40
N VAL D 190 17.96 -28.99 -12.45
CA VAL D 190 18.67 -27.72 -12.32
C VAL D 190 17.75 -26.51 -12.35
N ALA D 191 16.46 -26.71 -12.60
CA ALA D 191 15.51 -25.61 -12.49
C ALA D 191 15.40 -25.16 -11.03
N ASP D 192 15.25 -23.85 -10.83
CA ASP D 192 15.10 -23.31 -9.48
C ASP D 192 14.12 -22.13 -9.45
N ASN D 193 13.31 -21.97 -10.49
CA ASN D 193 12.13 -21.10 -10.49
C ASN D 193 12.49 -19.62 -10.50
N THR D 194 13.72 -19.26 -10.83
CA THR D 194 14.04 -17.86 -11.14
C THR D 194 13.81 -17.62 -12.62
N VAL D 195 13.73 -16.34 -12.99
CA VAL D 195 13.21 -15.99 -14.30
C VAL D 195 14.17 -16.46 -15.40
N ASP D 196 15.44 -16.09 -15.30
CA ASP D 196 16.38 -16.45 -16.36
C ASP D 196 16.60 -17.95 -16.42
N ASN D 197 16.68 -18.58 -15.24
CA ASN D 197 16.85 -20.02 -15.21
C ASN D 197 15.66 -20.73 -15.82
N THR D 198 14.45 -20.28 -15.48
CA THR D 198 13.26 -20.87 -16.09
C THR D 198 13.28 -20.69 -17.60
N LYS D 199 13.66 -19.50 -18.06
CA LYS D 199 13.68 -19.23 -19.50
C LYS D 199 14.61 -20.21 -20.21
N PHE D 200 15.85 -20.31 -19.75
CA PHE D 200 16.77 -21.17 -20.47
C PHE D 200 16.44 -22.63 -20.29
N VAL D 201 15.94 -23.04 -19.12
CA VAL D 201 15.64 -24.45 -18.91
C VAL D 201 14.50 -24.87 -19.82
N THR D 202 13.46 -24.06 -19.92
CA THR D 202 12.35 -24.43 -20.79
C THR D 202 12.77 -24.40 -22.26
N SER D 203 13.60 -23.44 -22.65
CA SER D 203 14.05 -23.39 -24.04
C SER D 203 14.89 -24.60 -24.38
N MET D 204 15.81 -24.98 -23.51
CA MET D 204 16.64 -26.15 -23.77
C MET D 204 15.81 -27.43 -23.76
N TYR D 205 14.83 -27.52 -22.87
CA TYR D 205 13.93 -28.67 -22.86
C TYR D 205 13.22 -28.79 -24.20
N ASN D 206 12.70 -27.68 -24.71
CA ASN D 206 12.00 -27.70 -25.98
C ASN D 206 12.92 -28.13 -27.11
N GLU D 207 14.13 -27.56 -27.17
CA GLU D 207 15.05 -27.91 -28.25
C GLU D 207 15.42 -29.38 -28.20
N ILE D 208 15.65 -29.91 -26.99
CA ILE D 208 15.98 -31.33 -26.87
C ILE D 208 14.82 -32.18 -27.35
N LEU D 209 13.59 -31.80 -27.05
CA LEU D 209 12.46 -32.60 -27.52
C LEU D 209 12.38 -32.60 -29.03
N ILE D 210 12.59 -31.44 -29.65
CA ILE D 210 12.55 -31.38 -31.11
C ILE D 210 13.63 -32.28 -31.70
N LEU D 211 14.84 -32.21 -31.14
CA LEU D 211 15.93 -33.01 -31.67
C LEU D 211 15.69 -34.49 -31.47
N GLY D 212 15.15 -34.88 -30.32
CA GLY D 212 14.84 -36.28 -30.11
C GLY D 212 13.80 -36.79 -31.09
N ALA D 213 12.80 -35.96 -31.40
CA ALA D 213 11.82 -36.38 -32.40
C ALA D 213 12.45 -36.53 -33.77
N LYS D 214 13.32 -35.60 -34.15
CA LYS D 214 13.89 -35.65 -35.50
C LYS D 214 14.88 -36.80 -35.64
N LEU D 215 15.62 -37.12 -34.59
CA LEU D 215 16.60 -38.19 -34.66
C LEU D 215 15.99 -39.56 -34.39
N HIS D 216 15.02 -39.62 -33.47
CA HIS D 216 14.36 -40.87 -33.10
C HIS D 216 12.86 -40.64 -33.01
N PRO D 217 12.17 -40.63 -34.16
CA PRO D 217 10.71 -40.40 -34.12
C PRO D 217 9.93 -41.41 -33.29
N THR D 218 10.43 -42.63 -33.16
CA THR D 218 9.73 -43.64 -32.37
C THR D 218 10.03 -43.57 -30.89
N LEU D 219 10.91 -42.66 -30.46
CA LEU D 219 11.30 -42.56 -29.06
C LEU D 219 10.40 -41.57 -28.33
N LYS D 220 9.95 -41.96 -27.14
CA LYS D 220 9.14 -41.11 -26.26
C LYS D 220 9.98 -40.78 -25.04
N LEU D 221 10.72 -39.67 -25.12
CA LEU D 221 11.65 -39.34 -24.04
C LEU D 221 10.91 -39.07 -22.73
N GLU D 222 9.82 -38.33 -22.78
CA GLU D 222 9.16 -37.92 -21.55
C GLU D 222 8.51 -39.07 -20.81
N GLU D 223 8.40 -40.24 -21.41
CA GLU D 223 7.87 -41.39 -20.70
C GLU D 223 8.92 -42.16 -19.92
N ILE D 224 10.18 -41.78 -20.04
CA ILE D 224 11.25 -42.51 -19.37
C ILE D 224 11.26 -42.13 -17.89
N THR D 225 11.31 -43.13 -17.03
CA THR D 225 11.28 -42.93 -15.59
C THR D 225 12.66 -43.11 -15.01
N ASN D 226 13.02 -42.26 -14.06
CA ASN D 226 14.28 -42.41 -13.37
C ASN D 226 14.13 -43.49 -12.30
N ARG D 227 15.14 -43.63 -11.44
CA ARG D 227 15.14 -44.73 -10.48
C ARG D 227 13.99 -44.64 -9.50
N LYS D 228 13.50 -43.43 -9.22
CA LYS D 228 12.34 -43.26 -8.36
C LYS D 228 11.03 -43.50 -9.08
N GLY D 229 11.06 -43.84 -10.37
CA GLY D 229 9.85 -44.04 -11.12
C GLY D 229 9.21 -42.78 -11.63
N LEU D 230 9.92 -41.65 -11.59
CA LEU D 230 9.36 -40.36 -11.94
C LEU D 230 9.71 -40.01 -13.37
N THR D 231 8.72 -39.57 -14.13
CA THR D 231 8.98 -38.97 -15.42
C THR D 231 9.45 -37.54 -15.20
N PRO D 232 9.95 -36.87 -16.24
CA PRO D 232 10.30 -35.45 -16.08
C PRO D 232 9.15 -34.59 -15.62
N LEU D 233 7.93 -34.89 -16.06
CA LEU D 233 6.78 -34.11 -15.60
C LEU D 233 6.46 -34.42 -14.15
N ALA D 234 6.46 -35.70 -13.78
CA ALA D 234 6.21 -36.05 -12.38
C ALA D 234 7.31 -35.53 -11.49
N LEU D 235 8.55 -35.54 -11.97
CA LEU D 235 9.64 -34.96 -11.20
C LEU D 235 9.46 -33.46 -11.03
N ALA D 236 9.03 -32.76 -12.08
CA ALA D 236 8.79 -31.34 -11.96
C ALA D 236 7.68 -31.06 -10.96
N ALA D 237 6.63 -31.88 -10.97
CA ALA D 237 5.53 -31.66 -10.04
C ALA D 237 5.94 -31.95 -8.61
N SER D 238 6.65 -33.05 -8.37
CA SER D 238 7.01 -33.41 -7.01
C SER D 238 8.07 -32.47 -6.45
N SER D 239 8.97 -31.96 -7.29
CA SER D 239 10.03 -31.10 -6.82
C SER D 239 9.62 -29.64 -6.69
N GLY D 240 8.42 -29.28 -7.13
CA GLY D 240 7.99 -27.91 -6.99
C GLY D 240 8.50 -26.96 -8.05
N LYS D 241 8.97 -27.48 -9.18
CA LYS D 241 9.52 -26.66 -10.24
C LYS D 241 8.36 -26.11 -11.05
N ILE D 242 7.76 -25.05 -10.53
CA ILE D 242 6.52 -24.53 -11.09
C ILE D 242 6.73 -23.97 -12.48
N GLY D 243 7.88 -23.37 -12.75
CA GLY D 243 8.13 -22.82 -14.07
C GLY D 243 8.16 -23.88 -15.14
N VAL D 244 8.87 -24.97 -14.87
CA VAL D 244 8.97 -26.05 -15.84
C VAL D 244 7.62 -26.75 -15.97
N LEU D 245 6.91 -26.92 -14.86
CA LEU D 245 5.59 -27.53 -14.93
C LEU D 245 4.65 -26.70 -15.79
N ALA D 246 4.66 -25.40 -15.59
CA ALA D 246 3.82 -24.52 -16.38
C ALA D 246 4.18 -24.62 -17.85
N TYR D 247 5.48 -24.69 -18.15
CA TYR D 247 5.88 -24.85 -19.54
C TYR D 247 5.35 -26.15 -20.14
N ILE D 248 5.53 -27.26 -19.42
CA ILE D 248 5.18 -28.56 -19.99
C ILE D 248 3.69 -28.65 -20.23
N LEU D 249 2.88 -28.29 -19.23
CA LEU D 249 1.47 -28.64 -19.28
C LEU D 249 0.73 -27.97 -20.42
N GLN D 250 1.21 -26.83 -20.89
CA GLN D 250 0.58 -26.08 -21.97
C GLN D 250 1.58 -25.84 -23.08
N ARG D 251 2.36 -26.87 -23.38
CA ARG D 251 3.36 -26.80 -24.43
C ARG D 251 2.70 -26.95 -25.79
N GLU D 252 3.05 -26.04 -26.70
CA GLU D 252 2.47 -26.02 -28.04
C GLU D 252 3.60 -25.84 -29.04
N ILE D 253 3.76 -26.80 -29.95
CA ILE D 253 4.87 -26.86 -30.89
C ILE D 253 4.30 -26.72 -32.30
N HIS D 254 4.64 -25.61 -32.95
CA HIS D 254 4.12 -25.26 -34.28
C HIS D 254 5.17 -25.58 -35.34
N GLU D 255 5.30 -26.86 -35.68
CA GLU D 255 6.08 -27.20 -36.86
C GLU D 255 5.77 -28.63 -37.27
N PRO D 256 5.96 -28.98 -38.54
CA PRO D 256 5.68 -30.36 -38.96
C PRO D 256 6.65 -31.33 -38.31
N GLU D 257 6.16 -32.55 -38.09
CA GLU D 257 6.91 -33.64 -37.47
C GLU D 257 7.32 -33.33 -36.04
N CYS D 258 6.76 -32.29 -35.43
CA CYS D 258 6.87 -32.06 -34.00
C CYS D 258 5.55 -31.60 -33.41
N ARG D 259 4.46 -31.65 -34.19
CA ARG D 259 3.15 -31.30 -33.66
C ARG D 259 2.77 -32.23 -32.52
N HIS D 260 3.06 -33.53 -32.67
CA HIS D 260 2.65 -34.50 -31.67
C HIS D 260 3.32 -34.30 -30.32
N LEU D 261 4.42 -33.55 -30.27
CA LEU D 261 5.06 -33.24 -29.01
C LEU D 261 4.33 -32.18 -28.21
N SER D 262 3.32 -31.54 -28.78
CA SER D 262 2.56 -30.54 -28.05
C SER D 262 1.70 -31.22 -26.99
N ARG D 263 1.31 -30.44 -25.99
CA ARG D 263 0.29 -30.84 -25.04
C ARG D 263 -0.90 -29.90 -25.04
N LYS D 264 -0.80 -28.76 -25.71
CA LYS D 264 -1.91 -27.84 -25.91
C LYS D 264 -2.11 -27.72 -27.40
N PHE D 265 -3.32 -27.94 -27.85
CA PHE D 265 -3.67 -27.96 -29.26
C PHE D 265 -4.84 -27.02 -29.46
N THR D 266 -4.93 -26.40 -30.62
CA THR D 266 -6.04 -25.50 -30.94
C THR D 266 -7.00 -26.24 -31.85
N GLU D 267 -8.20 -26.52 -31.36
CA GLU D 267 -9.10 -27.32 -32.17
C GLU D 267 -9.77 -26.48 -33.24
N TRP D 268 -10.62 -25.53 -32.83
CA TRP D 268 -11.27 -24.63 -33.76
C TRP D 268 -11.15 -23.18 -33.29
N ALA D 269 -11.25 -22.26 -34.24
CA ALA D 269 -11.36 -20.85 -33.96
C ALA D 269 -12.31 -20.27 -34.99
N TYR D 270 -13.19 -19.35 -34.57
CA TYR D 270 -14.08 -18.72 -35.53
C TYR D 270 -13.80 -17.24 -35.72
N GLY D 271 -14.12 -16.40 -34.73
CA GLY D 271 -13.75 -15.01 -34.73
C GLY D 271 -12.64 -14.75 -33.73
N PRO D 272 -12.93 -14.00 -32.67
CA PRO D 272 -11.98 -13.93 -31.56
C PRO D 272 -11.98 -15.17 -30.71
N VAL D 273 -13.02 -15.98 -30.79
CA VAL D 273 -13.18 -17.15 -29.93
C VAL D 273 -12.38 -18.29 -30.51
N HIS D 274 -11.67 -19.02 -29.65
CA HIS D 274 -10.98 -20.22 -30.07
C HIS D 274 -10.91 -21.19 -28.92
N SER D 275 -11.07 -22.46 -29.26
CA SER D 275 -11.21 -23.54 -28.29
C SER D 275 -9.91 -24.34 -28.28
N SER D 276 -9.21 -24.30 -27.15
CA SER D 276 -7.98 -25.06 -26.99
C SER D 276 -8.24 -26.37 -26.26
N LEU D 277 -7.28 -27.28 -26.38
CA LEU D 277 -7.38 -28.63 -25.86
C LEU D 277 -6.08 -28.93 -25.12
N TYR D 278 -6.16 -29.21 -23.83
CA TYR D 278 -5.00 -29.56 -23.03
C TYR D 278 -4.95 -31.07 -22.88
N ASP D 279 -3.74 -31.64 -22.90
CA ASP D 279 -3.60 -33.07 -23.14
C ASP D 279 -4.26 -33.90 -22.06
N LEU D 280 -3.94 -33.65 -20.80
CA LEU D 280 -4.42 -34.40 -19.64
C LEU D 280 -3.92 -35.84 -19.59
N SER D 281 -2.96 -36.22 -20.43
CA SER D 281 -2.31 -37.49 -20.24
C SER D 281 -1.46 -37.42 -18.98
N CYS D 282 -1.72 -38.32 -18.03
CA CYS D 282 -1.02 -38.41 -16.75
C CYS D 282 -1.10 -37.13 -15.93
N ILE D 283 -2.15 -36.33 -16.14
CA ILE D 283 -2.51 -35.24 -15.26
C ILE D 283 -3.65 -35.74 -14.39
N ASP D 284 -4.73 -36.12 -15.05
CA ASP D 284 -5.92 -36.56 -14.36
C ASP D 284 -5.69 -37.91 -13.69
N THR D 285 -5.12 -38.84 -14.42
CA THR D 285 -4.86 -40.18 -13.93
C THR D 285 -3.69 -40.74 -14.72
N CYS D 286 -2.89 -41.58 -14.05
CA CYS D 286 -1.68 -42.11 -14.63
C CYS D 286 -1.50 -43.51 -14.07
N GLU D 287 -0.40 -44.16 -14.46
CA GLU D 287 -0.11 -45.46 -13.88
C GLU D 287 0.19 -45.32 -12.40
N LYS D 288 1.21 -44.52 -12.06
CA LYS D 288 1.60 -44.31 -10.67
C LYS D 288 1.51 -42.86 -10.24
N ASN D 289 2.26 -41.97 -10.88
CA ASN D 289 2.49 -40.62 -10.39
C ASN D 289 1.68 -39.61 -11.20
N SER D 290 0.39 -39.55 -10.93
CA SER D 290 -0.43 -38.51 -11.50
C SER D 290 0.05 -37.16 -11.02
N VAL D 291 -0.04 -36.15 -11.89
CA VAL D 291 0.40 -34.81 -11.50
C VAL D 291 -0.44 -34.29 -10.35
N LEU D 292 -1.75 -34.50 -10.42
CA LEU D 292 -2.62 -34.03 -9.34
C LEU D 292 -2.32 -34.77 -8.05
N GLU D 293 -2.12 -36.08 -8.11
CA GLU D 293 -1.78 -36.81 -6.90
C GLU D 293 -0.43 -36.38 -6.36
N VAL D 294 0.53 -36.15 -7.24
CA VAL D 294 1.85 -35.77 -6.79
C VAL D 294 1.83 -34.40 -6.12
N ILE D 295 1.10 -33.44 -6.68
CA ILE D 295 1.00 -32.13 -6.04
C ILE D 295 0.23 -32.24 -4.74
N ALA D 296 -0.94 -32.87 -4.78
CA ALA D 296 -1.85 -32.81 -3.63
C ALA D 296 -1.25 -33.50 -2.42
N TYR D 297 -0.63 -34.66 -2.62
CA TYR D 297 -0.03 -35.43 -1.54
C TYR D 297 1.45 -35.14 -1.38
N SER D 298 1.89 -33.95 -1.78
CA SER D 298 3.28 -33.58 -1.61
C SER D 298 3.59 -33.47 -0.12
N SER D 299 4.88 -33.56 0.19
CA SER D 299 5.31 -33.80 1.56
C SER D 299 5.41 -32.54 2.40
N SER D 300 4.85 -31.41 1.94
CA SER D 300 4.79 -30.17 2.71
C SER D 300 6.12 -29.43 2.80
N GLU D 301 7.20 -30.03 2.30
CA GLU D 301 8.47 -29.37 2.13
C GLU D 301 8.69 -28.85 0.71
N THR D 302 7.81 -29.23 -0.22
CA THR D 302 7.94 -28.82 -1.60
C THR D 302 7.82 -27.30 -1.68
N PRO D 303 8.66 -26.61 -2.46
CA PRO D 303 8.61 -25.15 -2.44
C PRO D 303 7.27 -24.51 -2.78
N ASN D 304 6.63 -24.92 -3.88
CA ASN D 304 5.52 -24.19 -4.45
C ASN D 304 4.23 -25.00 -4.46
N ARG D 305 4.06 -25.90 -3.49
CA ARG D 305 2.92 -26.82 -3.54
C ARG D 305 1.60 -26.10 -3.48
N HIS D 306 1.52 -24.97 -2.78
CA HIS D 306 0.28 -24.22 -2.78
C HIS D 306 0.05 -23.51 -4.11
N ASP D 307 1.13 -23.16 -4.80
CA ASP D 307 1.03 -22.37 -6.02
C ASP D 307 0.85 -23.22 -7.27
N MET D 308 1.24 -24.49 -7.23
CA MET D 308 1.31 -25.26 -8.46
C MET D 308 -0.06 -25.53 -9.06
N LEU D 309 -1.11 -25.60 -8.24
CA LEU D 309 -2.43 -25.86 -8.78
C LEU D 309 -3.02 -24.68 -9.50
N LEU D 310 -2.39 -23.51 -9.46
CA LEU D 310 -2.85 -22.39 -10.26
C LEU D 310 -2.43 -22.50 -11.72
N VAL D 311 -1.59 -23.48 -12.07
CA VAL D 311 -1.21 -23.68 -13.45
C VAL D 311 -2.43 -24.11 -14.24
N GLU D 312 -2.69 -23.42 -15.35
CA GLU D 312 -4.01 -23.26 -15.97
C GLU D 312 -4.88 -24.51 -16.05
N PRO D 313 -4.43 -25.56 -16.75
CA PRO D 313 -5.31 -26.73 -16.91
C PRO D 313 -5.67 -27.35 -15.59
N LEU D 314 -4.79 -27.27 -14.59
CA LEU D 314 -5.06 -27.92 -13.32
C LEU D 314 -6.19 -27.23 -12.55
N ASN D 315 -6.15 -25.91 -12.47
CA ASN D 315 -7.22 -25.22 -11.78
C ASN D 315 -8.56 -25.43 -12.48
N ARG D 316 -8.58 -25.31 -13.81
CA ARG D 316 -9.85 -25.51 -14.50
C ARG D 316 -10.34 -26.94 -14.34
N LEU D 317 -9.44 -27.91 -14.39
CA LEU D 317 -9.82 -29.31 -14.27
C LEU D 317 -10.37 -29.61 -12.89
N LEU D 318 -9.77 -29.05 -11.84
CA LEU D 318 -10.28 -29.30 -10.51
C LEU D 318 -11.66 -28.70 -10.32
N GLN D 319 -11.89 -27.49 -10.84
CA GLN D 319 -13.23 -26.94 -10.77
C GLN D 319 -14.22 -27.81 -11.53
N ASP D 320 -13.80 -28.35 -12.67
CA ASP D 320 -14.68 -29.23 -13.43
C ASP D 320 -15.02 -30.49 -12.65
N LYS D 321 -14.03 -31.12 -12.04
CA LYS D 321 -14.30 -32.31 -11.24
C LYS D 321 -15.25 -32.00 -10.11
N TRP D 322 -15.02 -30.87 -9.43
CA TRP D 322 -15.90 -30.45 -8.34
C TRP D 322 -17.33 -30.37 -8.82
N ASP D 323 -17.59 -29.48 -9.79
CA ASP D 323 -18.95 -29.24 -10.26
C ASP D 323 -19.60 -30.49 -10.81
N ARG D 324 -18.86 -31.29 -11.57
CA ARG D 324 -19.49 -32.42 -12.23
C ARG D 324 -19.79 -33.54 -11.26
N PHE D 325 -18.89 -33.85 -10.35
CA PHE D 325 -18.93 -35.10 -9.62
C PHE D 325 -18.92 -34.94 -8.11
N VAL D 326 -18.13 -34.02 -7.56
CA VAL D 326 -17.68 -34.14 -6.18
C VAL D 326 -18.46 -33.22 -5.25
N LYS D 327 -19.00 -32.13 -5.81
CA LYS D 327 -19.76 -31.18 -5.00
C LYS D 327 -20.89 -31.87 -4.25
N ARG D 328 -21.68 -32.68 -4.97
CA ARG D 328 -22.83 -33.32 -4.36
C ARG D 328 -22.41 -34.34 -3.32
N ILE D 329 -21.36 -35.11 -3.60
CA ILE D 329 -20.90 -36.10 -2.64
C ILE D 329 -20.39 -35.41 -1.38
N PHE D 330 -19.68 -34.30 -1.55
CA PHE D 330 -19.20 -33.56 -0.39
C PHE D 330 -20.37 -33.04 0.43
N TYR D 331 -21.40 -32.50 -0.22
CA TYR D 331 -22.54 -32.00 0.52
C TYR D 331 -23.25 -33.14 1.25
N PHE D 332 -23.33 -34.30 0.62
CA PHE D 332 -23.93 -35.44 1.29
C PHE D 332 -23.12 -35.84 2.52
N ASN D 333 -21.79 -35.83 2.40
CA ASN D 333 -20.95 -36.14 3.55
C ASN D 333 -21.14 -35.12 4.66
N PHE D 334 -21.25 -33.85 4.29
CA PHE D 334 -21.46 -32.80 5.28
C PHE D 334 -22.78 -33.02 6.00
N PHE D 335 -23.83 -33.36 5.25
CA PHE D 335 -25.13 -33.63 5.84
C PHE D 335 -25.06 -34.81 6.79
N VAL D 336 -24.39 -35.88 6.38
CA VAL D 336 -24.32 -37.07 7.22
C VAL D 336 -23.55 -36.79 8.49
N TYR D 337 -22.48 -36.01 8.39
CA TYR D 337 -21.76 -35.62 9.59
C TYR D 337 -22.62 -34.78 10.51
N CYS D 338 -23.42 -33.88 9.95
CA CYS D 338 -24.33 -33.09 10.76
C CYS D 338 -25.34 -33.99 11.49
N LEU D 339 -25.88 -34.97 10.79
CA LEU D 339 -26.80 -35.90 11.45
C LEU D 339 -26.10 -36.68 12.54
N TYR D 340 -24.87 -37.12 12.28
CA TYR D 340 -24.12 -37.85 13.28
C TYR D 340 -23.92 -37.01 14.52
N MET D 341 -23.56 -35.75 14.34
CA MET D 341 -23.30 -34.89 15.49
C MET D 341 -24.58 -34.54 16.22
N ILE D 342 -25.69 -34.38 15.51
CA ILE D 342 -26.96 -34.15 16.18
C ILE D 342 -27.35 -35.36 17.01
N ILE D 343 -27.21 -36.56 16.45
CA ILE D 343 -27.55 -37.76 17.21
C ILE D 343 -26.64 -37.91 18.41
N PHE D 344 -25.35 -37.68 18.23
CA PHE D 344 -24.43 -37.79 19.36
C PHE D 344 -24.75 -36.76 20.42
N THR D 345 -25.06 -35.53 20.01
CA THR D 345 -25.42 -34.50 20.97
C THR D 345 -26.66 -34.87 21.74
N ALA D 346 -27.67 -35.39 21.05
CA ALA D 346 -28.89 -35.78 21.73
C ALA D 346 -28.66 -36.94 22.68
N ALA D 347 -27.90 -37.94 22.27
CA ALA D 347 -27.68 -39.10 23.12
C ALA D 347 -26.87 -38.71 24.35
N ALA D 348 -25.89 -37.82 24.19
CA ALA D 348 -25.08 -37.42 25.33
C ALA D 348 -25.85 -36.48 26.26
N TYR D 349 -26.70 -35.63 25.69
CA TYR D 349 -27.48 -34.70 26.50
C TYR D 349 -28.36 -35.45 27.49
N TYR D 350 -28.98 -36.54 27.04
CA TYR D 350 -29.91 -37.32 27.83
C TYR D 350 -29.26 -38.52 28.49
N ARG D 351 -27.98 -38.44 28.84
CA ARG D 351 -27.35 -39.54 29.54
C ARG D 351 -28.04 -39.69 30.90
N PRO D 352 -28.15 -40.91 31.42
CA PRO D 352 -28.73 -41.08 32.75
C PRO D 352 -27.77 -40.58 33.81
N VAL D 353 -28.36 -40.21 34.94
CA VAL D 353 -27.63 -39.56 36.04
C VAL D 353 -27.44 -40.48 37.24
N GLU D 354 -27.87 -41.74 37.16
CA GLU D 354 -27.53 -42.68 38.21
C GLU D 354 -26.04 -42.99 38.16
N GLY D 355 -25.50 -43.43 39.27
CA GLY D 355 -24.09 -43.72 39.31
C GLY D 355 -23.75 -45.04 38.63
N LEU D 356 -22.45 -45.25 38.42
CA LEU D 356 -21.93 -46.55 38.06
C LEU D 356 -22.49 -47.09 36.75
N PRO D 357 -22.02 -46.63 35.60
CA PRO D 357 -22.36 -47.29 34.34
C PRO D 357 -21.89 -48.72 34.32
N PRO D 358 -22.30 -49.53 33.34
CA PRO D 358 -23.29 -49.31 32.29
C PRO D 358 -24.69 -49.34 32.84
N TYR D 359 -25.64 -48.74 32.14
CA TYR D 359 -26.97 -48.49 32.67
C TYR D 359 -27.98 -49.46 32.09
N LYS D 360 -28.81 -50.02 32.95
CA LYS D 360 -29.83 -50.96 32.51
C LYS D 360 -30.80 -50.26 31.57
N LEU D 361 -31.12 -50.92 30.46
CA LEU D 361 -32.04 -50.36 29.50
C LEU D 361 -33.46 -50.56 29.98
N LYS D 362 -34.16 -49.46 30.25
CA LYS D 362 -35.53 -49.52 30.72
C LYS D 362 -36.46 -49.73 29.54
N ASN D 363 -37.53 -50.47 29.78
CA ASN D 363 -38.48 -50.84 28.73
C ASN D 363 -39.40 -49.64 28.47
N THR D 364 -38.82 -48.61 27.85
CA THR D 364 -39.57 -47.42 27.50
C THR D 364 -38.99 -46.82 26.23
N VAL D 365 -39.82 -46.05 25.52
CA VAL D 365 -39.48 -45.61 24.18
C VAL D 365 -38.27 -44.68 24.21
N GLY D 366 -38.26 -43.72 25.12
CA GLY D 366 -37.18 -42.76 25.18
C GLY D 366 -35.82 -43.42 25.38
N ASP D 367 -35.79 -44.47 26.18
CA ASP D 367 -34.53 -45.16 26.41
C ASP D 367 -34.09 -45.97 25.20
N TYR D 368 -35.03 -46.51 24.43
CA TYR D 368 -34.65 -47.17 23.19
C TYR D 368 -34.05 -46.17 22.21
N PHE D 369 -34.64 -44.98 22.11
CA PHE D 369 -34.02 -43.97 21.27
C PHE D 369 -32.65 -43.58 21.78
N ARG D 370 -32.49 -43.46 23.10
CA ARG D 370 -31.20 -43.08 23.66
C ARG D 370 -30.14 -44.12 23.33
N VAL D 371 -30.46 -45.40 23.53
CA VAL D 371 -29.44 -46.42 23.30
C VAL D 371 -29.15 -46.52 21.81
N THR D 372 -30.15 -46.30 20.97
CA THR D 372 -29.91 -46.25 19.53
C THR D 372 -28.93 -45.13 19.19
N GLY D 373 -29.13 -43.96 19.79
CA GLY D 373 -28.22 -42.86 19.54
C GLY D 373 -26.82 -43.15 20.03
N GLU D 374 -26.70 -43.80 21.17
CA GLU D 374 -25.38 -44.16 21.68
C GLU D 374 -24.69 -45.14 20.76
N ILE D 375 -25.43 -46.11 20.23
CA ILE D 375 -24.85 -47.07 19.32
C ILE D 375 -24.38 -46.39 18.04
N LEU D 376 -25.19 -45.47 17.51
CA LEU D 376 -24.77 -44.75 16.33
C LEU D 376 -23.55 -43.88 16.62
N SER D 377 -23.50 -43.28 17.81
CA SER D 377 -22.36 -42.46 18.18
C SER D 377 -21.08 -43.27 18.23
N VAL D 378 -21.13 -44.43 18.87
CA VAL D 378 -19.94 -45.27 18.94
C VAL D 378 -19.58 -45.79 17.56
N SER D 379 -20.58 -46.10 16.74
CA SER D 379 -20.30 -46.56 15.39
C SER D 379 -19.56 -45.51 14.58
N GLY D 380 -19.99 -44.25 14.68
CA GLY D 380 -19.27 -43.18 14.01
C GLY D 380 -17.87 -42.99 14.55
N GLY D 381 -17.70 -43.17 15.86
CA GLY D 381 -16.36 -43.12 16.43
C GLY D 381 -15.45 -44.17 15.85
N VAL D 382 -15.96 -45.40 15.71
CA VAL D 382 -15.18 -46.46 15.10
C VAL D 382 -14.86 -46.12 13.66
N TYR D 383 -15.83 -45.59 12.93
CA TYR D 383 -15.60 -45.23 11.54
C TYR D 383 -14.45 -44.25 11.40
N PHE D 384 -14.49 -43.16 12.17
CA PHE D 384 -13.41 -42.19 12.05
C PHE D 384 -12.09 -42.74 12.56
N PHE D 385 -12.14 -43.65 13.54
CA PHE D 385 -10.92 -44.29 13.99
C PHE D 385 -10.25 -45.05 12.86
N PHE D 386 -11.02 -45.86 12.14
CA PHE D 386 -10.42 -46.62 11.06
C PHE D 386 -10.05 -45.75 9.88
N ARG D 387 -10.78 -44.67 9.63
CA ARG D 387 -10.34 -43.74 8.60
C ARG D 387 -9.01 -43.13 8.95
N GLY D 388 -8.81 -42.77 10.22
CA GLY D 388 -7.52 -42.23 10.62
C GLY D 388 -6.39 -43.22 10.48
N ILE D 389 -6.65 -44.48 10.82
CA ILE D 389 -5.63 -45.50 10.62
C ILE D 389 -5.31 -45.64 9.13
N GLN D 390 -6.33 -45.69 8.29
CA GLN D 390 -6.11 -45.83 6.86
C GLN D 390 -5.32 -44.65 6.33
N TYR D 391 -5.58 -43.44 6.83
CA TYR D 391 -4.80 -42.29 6.39
C TYR D 391 -3.33 -42.46 6.75
N PHE D 392 -3.06 -42.82 8.01
CA PHE D 392 -1.67 -42.93 8.44
C PHE D 392 -0.95 -44.02 7.67
N LEU D 393 -1.65 -45.12 7.36
CA LEU D 393 -1.02 -46.20 6.61
C LEU D 393 -0.79 -45.81 5.16
N GLN D 394 -1.78 -45.19 4.52
CA GLN D 394 -1.64 -44.88 3.10
C GLN D 394 -0.59 -43.81 2.86
N ARG D 395 -0.51 -42.82 3.75
CA ARG D 395 0.43 -41.72 3.55
C ARG D 395 1.78 -41.95 4.19
N ARG D 396 1.83 -42.64 5.33
CA ARG D 396 3.05 -42.83 6.10
C ARG D 396 3.80 -41.51 6.34
N PRO D 397 3.19 -40.54 7.04
CA PRO D 397 3.94 -39.33 7.38
C PRO D 397 5.09 -39.63 8.32
N SER D 398 6.19 -38.93 8.13
CA SER D 398 7.44 -39.25 8.82
C SER D 398 7.59 -38.48 10.13
N LEU D 399 6.57 -38.50 10.97
CA LEU D 399 6.65 -38.02 12.35
C LEU D 399 6.94 -36.52 12.49
N LYS D 400 7.02 -35.77 11.39
CA LYS D 400 7.07 -34.32 11.38
C LYS D 400 6.01 -33.75 10.46
N SER D 401 5.87 -34.33 9.28
CA SER D 401 4.69 -34.10 8.45
C SER D 401 3.41 -34.55 9.13
N LEU D 402 3.50 -35.44 10.12
CA LEU D 402 2.31 -35.86 10.84
C LEU D 402 1.71 -34.76 11.69
N PHE D 403 2.49 -33.75 12.06
CA PHE D 403 2.01 -32.67 12.92
C PHE D 403 1.99 -31.32 12.23
N VAL D 404 3.02 -30.99 11.44
CA VAL D 404 3.00 -29.72 10.71
C VAL D 404 2.05 -29.74 9.53
N ASP D 405 1.48 -30.89 9.20
CA ASP D 405 0.57 -31.01 8.08
C ASP D 405 -0.53 -31.99 8.46
N SER D 406 -1.65 -31.92 7.73
CA SER D 406 -2.77 -32.81 7.97
C SER D 406 -3.33 -32.63 9.37
N TYR D 407 -3.66 -31.39 9.73
CA TYR D 407 -4.28 -31.15 11.02
C TYR D 407 -5.65 -31.78 11.12
N SER D 408 -6.42 -31.75 10.04
CA SER D 408 -7.79 -32.25 10.11
C SER D 408 -7.82 -33.74 10.36
N GLU D 409 -6.88 -34.47 9.78
CA GLU D 409 -6.83 -35.91 10.03
C GLU D 409 -6.52 -36.20 11.49
N ILE D 410 -5.58 -35.46 12.05
CA ILE D 410 -5.26 -35.64 13.46
C ILE D 410 -6.47 -35.31 14.32
N LEU D 411 -7.18 -34.23 14.00
CA LEU D 411 -8.30 -33.82 14.84
C LEU D 411 -9.44 -34.83 14.77
N PHE D 412 -9.78 -35.31 13.57
CA PHE D 412 -10.85 -36.31 13.50
C PHE D 412 -10.43 -37.60 14.19
N PHE D 413 -9.17 -37.99 14.04
CA PHE D 413 -8.70 -39.18 14.72
C PHE D 413 -8.76 -39.02 16.23
N VAL D 414 -8.38 -37.85 16.75
CA VAL D 414 -8.38 -37.64 18.20
C VAL D 414 -9.81 -37.62 18.72
N GLN D 415 -10.73 -37.05 17.96
CA GLN D 415 -12.14 -37.15 18.33
C GLN D 415 -12.55 -38.60 18.49
N SER D 416 -12.21 -39.43 17.52
CA SER D 416 -12.56 -40.84 17.62
C SER D 416 -11.86 -41.50 18.80
N LEU D 417 -10.63 -41.12 19.10
CA LEU D 417 -9.94 -41.70 20.25
C LEU D 417 -10.65 -41.36 21.54
N PHE D 418 -11.12 -40.13 21.68
CA PHE D 418 -11.90 -39.78 22.86
C PHE D 418 -13.16 -40.60 22.94
N MET D 419 -13.83 -40.82 21.80
CA MET D 419 -15.03 -41.64 21.82
C MET D 419 -14.73 -43.07 22.26
N LEU D 420 -13.63 -43.64 21.77
CA LEU D 420 -13.34 -45.03 22.12
C LEU D 420 -12.90 -45.16 23.57
N VAL D 421 -12.10 -44.21 24.05
CA VAL D 421 -11.76 -44.21 25.48
C VAL D 421 -13.02 -44.07 26.32
N SER D 422 -13.98 -43.28 25.85
CA SER D 422 -15.23 -43.15 26.55
C SER D 422 -15.95 -44.49 26.63
N VAL D 423 -15.97 -45.24 25.52
CA VAL D 423 -16.63 -46.55 25.55
C VAL D 423 -15.95 -47.48 26.54
N VAL D 424 -14.62 -47.48 26.51
CA VAL D 424 -13.85 -48.35 27.40
C VAL D 424 -14.18 -48.04 28.86
N LEU D 425 -14.16 -46.76 29.21
CA LEU D 425 -14.48 -46.38 30.58
C LEU D 425 -15.93 -46.68 30.91
N TYR D 426 -16.83 -46.56 29.94
CA TYR D 426 -18.24 -46.85 30.18
C TYR D 426 -18.42 -48.29 30.62
N PHE D 427 -17.82 -49.22 29.89
CA PHE D 427 -17.95 -50.62 30.27
C PHE D 427 -16.96 -51.04 31.34
N SER D 428 -16.03 -50.19 31.74
CA SER D 428 -15.23 -50.39 32.93
C SER D 428 -15.88 -49.87 34.20
N GLN D 429 -17.15 -49.46 34.13
CA GLN D 429 -17.88 -48.98 35.30
C GLN D 429 -17.19 -47.79 35.94
N ARG D 430 -16.66 -46.89 35.12
CA ARG D 430 -16.04 -45.66 35.60
C ARG D 430 -16.86 -44.49 35.09
N LYS D 431 -17.19 -43.57 36.00
CA LYS D 431 -17.99 -42.37 35.62
C LYS D 431 -17.14 -41.43 34.75
N GLU D 432 -15.82 -41.59 34.77
CA GLU D 432 -14.95 -40.77 33.94
C GLU D 432 -15.21 -40.91 32.46
N TYR D 433 -16.04 -41.87 32.05
CA TYR D 433 -16.48 -41.92 30.65
C TYR D 433 -17.15 -40.62 30.25
N VAL D 434 -17.74 -39.89 31.19
CA VAL D 434 -18.30 -38.60 30.84
C VAL D 434 -17.21 -37.65 30.40
N ALA D 435 -16.08 -37.64 31.11
CA ALA D 435 -15.02 -36.69 30.84
C ALA D 435 -14.47 -36.85 29.42
N SER D 436 -14.28 -38.08 28.98
CA SER D 436 -13.86 -38.28 27.61
C SER D 436 -14.96 -37.90 26.64
N MET D 437 -16.20 -38.28 26.95
CA MET D 437 -17.29 -38.10 26.00
C MET D 437 -17.46 -36.64 25.64
N VAL D 438 -17.48 -35.77 26.64
CA VAL D 438 -17.69 -34.36 26.37
C VAL D 438 -16.57 -33.82 25.52
N PHE D 439 -15.33 -34.28 25.73
CA PHE D 439 -14.25 -33.79 24.89
C PHE D 439 -14.51 -34.16 23.45
N SER D 440 -14.90 -35.41 23.21
CA SER D 440 -15.25 -35.82 21.86
C SER D 440 -16.35 -34.93 21.32
N LEU D 441 -17.36 -34.67 22.14
CA LEU D 441 -18.47 -33.84 21.70
C LEU D 441 -17.99 -32.46 21.30
N ALA D 442 -17.15 -31.83 22.13
CA ALA D 442 -16.67 -30.51 21.76
C ALA D 442 -15.87 -30.57 20.49
N MET D 443 -14.97 -31.56 20.38
CA MET D 443 -14.18 -31.67 19.17
C MET D 443 -15.08 -31.97 17.99
N GLY D 444 -16.12 -32.78 18.22
CA GLY D 444 -17.00 -33.13 17.13
C GLY D 444 -17.66 -31.93 16.52
N TRP D 445 -17.92 -30.90 17.32
CA TRP D 445 -18.54 -29.72 16.76
C TRP D 445 -17.52 -28.82 16.11
N THR D 446 -16.33 -28.70 16.68
CA THR D 446 -15.35 -27.81 16.08
C THR D 446 -14.84 -28.39 14.77
N ASN D 447 -14.76 -29.71 14.69
CA ASN D 447 -14.40 -30.36 13.44
C ASN D 447 -15.42 -30.12 12.34
N MET D 448 -16.61 -29.61 12.68
CA MET D 448 -17.55 -29.19 11.66
C MET D 448 -16.94 -28.16 10.72
N LEU D 449 -15.98 -27.37 11.20
CA LEU D 449 -15.34 -26.39 10.33
C LEU D 449 -14.57 -27.02 9.19
N TYR D 450 -14.25 -28.31 9.28
CA TYR D 450 -13.65 -28.99 8.13
C TYR D 450 -14.50 -28.78 6.90
N TYR D 451 -15.82 -28.81 7.04
CA TYR D 451 -16.67 -28.72 5.87
C TYR D 451 -16.84 -27.31 5.35
N THR D 452 -16.16 -26.32 5.93
CA THR D 452 -16.22 -25.00 5.35
C THR D 452 -15.46 -24.93 4.04
N ARG D 453 -14.52 -25.83 3.80
CA ARG D 453 -14.03 -26.02 2.45
C ARG D 453 -15.16 -26.61 1.62
N GLY D 454 -15.15 -26.31 0.34
CA GLY D 454 -16.32 -26.52 -0.48
C GLY D 454 -17.23 -25.32 -0.57
N PHE D 455 -17.03 -24.33 0.28
CA PHE D 455 -17.58 -22.99 0.10
C PHE D 455 -16.40 -22.04 0.15
N GLN D 456 -16.22 -21.26 -0.91
CA GLN D 456 -14.97 -20.51 -1.06
C GLN D 456 -14.78 -19.52 0.07
N GLN D 457 -15.82 -18.74 0.40
CA GLN D 457 -15.64 -17.69 1.39
C GLN D 457 -15.40 -18.29 2.76
N MET D 458 -16.22 -19.26 3.17
CA MET D 458 -15.99 -19.89 4.45
C MET D 458 -14.72 -20.73 4.46
N GLY D 459 -14.36 -21.35 3.34
CA GLY D 459 -13.13 -22.09 3.30
C GLY D 459 -11.91 -21.20 3.50
N ILE D 460 -11.87 -20.07 2.80
CA ILE D 460 -10.75 -19.15 2.98
C ILE D 460 -10.76 -18.59 4.39
N TYR D 461 -11.94 -18.32 4.93
CA TYR D 461 -12.04 -17.84 6.29
C TYR D 461 -11.46 -18.85 7.26
N ALA D 462 -11.77 -20.13 7.08
CA ALA D 462 -11.25 -21.16 7.96
C ALA D 462 -9.74 -21.29 7.83
N VAL D 463 -9.22 -21.13 6.61
CA VAL D 463 -7.77 -21.13 6.45
C VAL D 463 -7.15 -19.98 7.22
N MET D 464 -7.78 -18.81 7.16
CA MET D 464 -7.27 -17.67 7.92
C MET D 464 -7.32 -17.93 9.40
N ILE D 465 -8.37 -18.60 9.88
CA ILE D 465 -8.43 -18.96 11.29
C ILE D 465 -7.27 -19.86 11.65
N GLU D 466 -7.01 -20.88 10.81
CA GLU D 466 -5.91 -21.82 11.04
C GLU D 466 -4.60 -21.04 11.13
N LYS D 467 -4.33 -20.13 10.20
CA LYS D 467 -3.06 -19.41 10.21
C LYS D 467 -2.95 -18.45 11.40
N MET D 468 -4.06 -17.82 11.79
CA MET D 468 -4.02 -17.00 12.99
C MET D 468 -3.67 -17.83 14.21
N ILE D 469 -4.28 -19.01 14.35
CA ILE D 469 -3.96 -19.89 15.47
C ILE D 469 -2.49 -20.24 15.46
N LEU D 470 -1.98 -20.62 14.30
CA LEU D 470 -0.63 -21.15 14.28
C LEU D 470 0.42 -20.06 14.49
N ARG D 471 0.19 -18.85 13.99
CA ARG D 471 1.19 -17.79 14.15
C ARG D 471 0.89 -16.88 15.34
N ASP D 472 -0.19 -16.11 15.24
CA ASP D 472 -0.36 -14.99 16.15
C ASP D 472 -0.75 -15.47 17.52
N LEU D 473 -1.69 -16.41 17.58
CA LEU D 473 -2.14 -16.90 18.86
C LEU D 473 -1.02 -17.62 19.58
N CYS D 474 -0.21 -18.40 18.87
CA CYS D 474 0.85 -19.13 19.56
C CYS D 474 1.88 -18.17 20.16
N ARG D 475 2.32 -17.16 19.39
CA ARG D 475 3.29 -16.22 19.95
C ARG D 475 2.69 -15.46 21.12
N PHE D 476 1.45 -14.98 20.97
CA PHE D 476 0.79 -14.27 22.04
C PHE D 476 0.65 -15.13 23.27
N MET D 477 0.26 -16.39 23.10
CA MET D 477 0.01 -17.24 24.26
C MET D 477 1.29 -17.53 25.00
N PHE D 478 2.40 -17.69 24.28
CA PHE D 478 3.67 -17.84 24.99
C PHE D 478 3.95 -16.64 25.87
N VAL D 479 3.91 -15.45 25.30
CA VAL D 479 4.25 -14.26 26.09
C VAL D 479 3.24 -14.05 27.21
N TYR D 480 1.96 -14.22 26.90
CA TYR D 480 0.91 -13.97 27.87
C TYR D 480 1.00 -14.95 29.03
N LEU D 481 1.27 -16.21 28.75
CA LEU D 481 1.36 -17.19 29.82
C LEU D 481 2.57 -16.93 30.69
N VAL D 482 3.67 -16.45 30.10
CA VAL D 482 4.82 -16.09 30.93
C VAL D 482 4.44 -14.96 31.88
N PHE D 483 3.82 -13.91 31.35
CA PHE D 483 3.44 -12.78 32.20
C PHE D 483 2.43 -13.20 33.25
N LEU D 484 1.43 -14.00 32.87
CA LEU D 484 0.42 -14.44 33.82
C LEU D 484 1.03 -15.24 34.92
N PHE D 485 1.88 -16.21 34.59
CA PHE D 485 2.48 -17.03 35.62
C PHE D 485 3.39 -16.21 36.53
N GLY D 486 4.16 -15.29 35.96
CA GLY D 486 5.04 -14.49 36.79
C GLY D 486 4.27 -13.64 37.78
N PHE D 487 3.25 -12.94 37.31
CA PHE D 487 2.50 -12.09 38.23
C PHE D 487 1.63 -12.91 39.17
N SER D 488 1.16 -14.08 38.74
CA SER D 488 0.42 -14.93 39.66
C SER D 488 1.31 -15.41 40.79
N THR D 489 2.54 -15.80 40.48
CA THR D 489 3.45 -16.22 41.52
C THR D 489 3.76 -15.08 42.46
N ALA D 490 3.98 -13.87 41.93
CA ALA D 490 4.22 -12.74 42.81
C ALA D 490 3.03 -12.45 43.71
N VAL D 491 1.82 -12.47 43.14
CA VAL D 491 0.65 -12.11 43.93
C VAL D 491 0.35 -13.17 44.97
N VAL D 492 0.45 -14.45 44.60
CA VAL D 492 0.17 -15.49 45.57
C VAL D 492 1.25 -15.53 46.63
N THR D 493 2.48 -15.15 46.29
CA THR D 493 3.52 -15.06 47.31
C THR D 493 3.20 -13.96 48.30
N LEU D 494 2.69 -12.82 47.81
CA LEU D 494 2.36 -11.73 48.71
C LEU D 494 1.20 -12.09 49.62
N ILE D 495 0.21 -12.80 49.10
CA ILE D 495 -0.97 -13.17 49.89
C ILE D 495 -0.54 -14.06 51.04
N GLU D 496 -1.14 -13.85 52.20
CA GLU D 496 -0.79 -14.53 53.44
C GLU D 496 -2.04 -15.20 53.98
N ASP D 497 -2.03 -16.52 54.02
CA ASP D 497 -3.01 -17.33 54.76
C ASP D 497 -4.44 -16.90 54.45
N GLY D 498 -4.81 -17.02 53.19
CA GLY D 498 -6.08 -16.54 52.70
C GLY D 498 -6.90 -17.62 52.04
N LYS D 499 -8.07 -17.21 51.54
CA LYS D 499 -8.85 -18.09 50.69
C LYS D 499 -8.11 -18.42 49.41
N TYR D 500 -7.42 -17.44 48.83
CA TYR D 500 -6.85 -17.66 47.51
C TYR D 500 -5.53 -18.42 47.61
N ASN D 501 -4.47 -17.76 48.07
CA ASN D 501 -3.24 -18.34 48.62
C ASN D 501 -2.82 -19.64 47.97
N SER D 502 -3.04 -19.76 46.68
CA SER D 502 -2.75 -20.97 45.94
C SER D 502 -2.54 -20.56 44.50
N LEU D 503 -1.67 -21.26 43.82
CA LEU D 503 -1.30 -20.84 42.49
C LEU D 503 -2.49 -20.91 41.54
N TYR D 504 -3.34 -21.91 41.71
CA TYR D 504 -4.48 -22.05 40.81
C TYR D 504 -5.46 -20.91 40.97
N SER D 505 -5.86 -20.61 42.20
CA SER D 505 -6.87 -19.58 42.42
C SER D 505 -6.39 -18.21 41.99
N THR D 506 -5.16 -17.87 42.33
CA THR D 506 -4.64 -16.57 41.91
C THR D 506 -4.44 -16.51 40.41
N CYS D 507 -3.99 -17.60 39.80
CA CYS D 507 -3.87 -17.61 38.34
C CYS D 507 -5.21 -17.38 37.68
N LEU D 508 -6.25 -18.04 38.17
CA LEU D 508 -7.57 -17.86 37.59
C LEU D 508 -8.07 -16.44 37.81
N GLU D 509 -7.78 -15.88 38.97
CA GLU D 509 -8.25 -14.54 39.26
C GLU D 509 -7.57 -13.49 38.40
N LEU D 510 -6.29 -13.69 38.08
CA LEU D 510 -5.64 -12.77 37.16
C LEU D 510 -6.06 -13.02 35.73
N PHE D 511 -6.36 -14.27 35.39
CA PHE D 511 -6.88 -14.54 34.05
C PHE D 511 -8.21 -13.82 33.83
N LYS D 512 -9.02 -13.69 34.88
CA LYS D 512 -10.29 -12.99 34.73
C LYS D 512 -10.13 -11.57 34.22
N PHE D 513 -8.98 -10.93 34.44
CA PHE D 513 -8.76 -9.61 33.85
C PHE D 513 -8.77 -9.68 32.33
N THR D 514 -8.27 -10.77 31.77
CA THR D 514 -8.19 -10.91 30.33
C THR D 514 -9.57 -10.91 29.69
N ILE D 515 -10.56 -11.48 30.37
CA ILE D 515 -11.90 -11.62 29.82
C ILE D 515 -12.79 -10.49 30.30
N GLY D 516 -12.21 -9.42 30.80
CA GLY D 516 -13.00 -8.26 31.18
C GLY D 516 -13.79 -8.44 32.44
N MET D 517 -13.31 -9.26 33.37
CA MET D 517 -14.01 -9.57 34.61
C MET D 517 -13.09 -9.45 35.83
N GLY D 518 -11.98 -8.71 35.72
CA GLY D 518 -11.01 -8.67 36.79
C GLY D 518 -11.50 -7.89 37.98
N ASP D 519 -11.38 -8.47 39.17
CA ASP D 519 -11.94 -7.85 40.36
C ASP D 519 -11.13 -6.64 40.79
N LEU D 520 -9.81 -6.78 40.87
CA LEU D 520 -8.90 -5.72 41.27
C LEU D 520 -8.88 -5.46 42.77
N GLU D 521 -9.81 -6.07 43.51
CA GLU D 521 -9.82 -6.06 44.97
C GLU D 521 -10.26 -7.42 45.47
N PHE D 522 -9.79 -8.48 44.83
CA PHE D 522 -10.34 -9.80 45.13
C PHE D 522 -9.94 -10.31 46.50
N THR D 523 -8.93 -9.73 47.13
CA THR D 523 -8.53 -10.18 48.45
C THR D 523 -7.93 -9.02 49.21
N GLU D 524 -7.91 -9.14 50.52
CA GLU D 524 -7.17 -8.23 51.40
C GLU D 524 -6.22 -8.98 52.31
N ASN D 525 -6.04 -10.28 52.11
CA ASN D 525 -5.27 -11.11 53.04
C ASN D 525 -3.80 -10.99 52.69
N TYR D 526 -3.27 -9.80 52.93
CA TYR D 526 -1.86 -9.51 52.72
C TYR D 526 -1.47 -8.40 53.67
N ASP D 527 -0.19 -8.10 53.67
CA ASP D 527 0.31 -6.82 54.12
C ASP D 527 0.77 -6.07 52.89
N PHE D 528 1.02 -4.77 53.04
CA PHE D 528 1.51 -3.96 51.92
C PHE D 528 0.49 -3.96 50.77
N LYS D 529 -0.63 -3.29 51.02
CA LYS D 529 -1.65 -3.12 49.99
C LYS D 529 -1.10 -2.44 48.75
N ALA D 530 -0.19 -1.48 48.93
CA ALA D 530 0.37 -0.78 47.77
C ALA D 530 1.15 -1.73 46.89
N VAL D 531 1.82 -2.71 47.49
CA VAL D 531 2.52 -3.69 46.68
C VAL D 531 1.55 -4.49 45.85
N PHE D 532 0.46 -4.95 46.45
CA PHE D 532 -0.53 -5.74 45.76
C PHE D 532 -1.13 -4.97 44.59
N ILE D 533 -1.50 -3.72 44.82
CA ILE D 533 -2.13 -2.95 43.77
C ILE D 533 -1.13 -2.58 42.68
N ILE D 534 0.12 -2.30 43.04
CA ILE D 534 1.12 -2.02 42.01
C ILE D 534 1.29 -3.24 41.12
N LEU D 535 1.35 -4.43 41.72
CA LEU D 535 1.49 -5.63 40.92
C LEU D 535 0.30 -5.82 39.99
N LEU D 536 -0.91 -5.63 40.50
CA LEU D 536 -2.07 -5.81 39.63
C LEU D 536 -2.11 -4.78 38.52
N LEU D 537 -1.77 -3.54 38.82
CA LEU D 537 -1.79 -2.52 37.77
C LEU D 537 -0.71 -2.79 36.72
N ALA D 538 0.45 -3.26 37.14
CA ALA D 538 1.47 -3.64 36.19
C ALA D 538 0.99 -4.78 35.30
N TYR D 539 0.34 -5.78 35.90
CA TYR D 539 -0.16 -6.90 35.11
C TYR D 539 -1.20 -6.44 34.10
N VAL D 540 -2.11 -5.58 34.54
CA VAL D 540 -3.18 -5.10 33.67
C VAL D 540 -2.60 -4.28 32.53
N ILE D 541 -1.65 -3.39 32.84
CA ILE D 541 -1.05 -2.56 31.81
C ILE D 541 -0.31 -3.43 30.80
N LEU D 542 0.40 -4.45 31.27
CA LEU D 542 1.21 -5.24 30.36
C LEU D 542 0.38 -6.19 29.51
N THR D 543 -0.62 -6.85 30.09
CA THR D 543 -1.37 -7.88 29.35
C THR D 543 -2.61 -7.29 28.70
N TYR D 544 -3.47 -6.67 29.49
CA TYR D 544 -4.72 -6.18 28.95
C TYR D 544 -4.50 -4.99 28.03
N ILE D 545 -3.72 -4.00 28.46
CA ILE D 545 -3.61 -2.76 27.71
C ILE D 545 -2.63 -2.92 26.56
N LEU D 546 -1.47 -3.54 26.82
CA LEU D 546 -0.48 -3.69 25.76
C LEU D 546 -0.73 -4.94 24.92
N LEU D 547 -0.71 -6.12 25.53
CA LEU D 547 -0.57 -7.34 24.74
C LEU D 547 -1.82 -7.67 23.94
N LEU D 548 -3.02 -7.49 24.51
CA LEU D 548 -4.21 -7.81 23.74
C LEU D 548 -4.42 -6.83 22.59
N ASN D 549 -4.23 -5.55 22.85
CA ASN D 549 -4.36 -4.59 21.76
C ASN D 549 -3.29 -4.85 20.72
N MET D 550 -2.11 -5.24 21.15
CA MET D 550 -1.06 -5.59 20.21
C MET D 550 -1.43 -6.84 19.43
N LEU D 551 -2.14 -7.79 20.06
CA LEU D 551 -2.59 -8.97 19.33
C LEU D 551 -3.55 -8.59 18.23
N ILE D 552 -4.47 -7.67 18.51
CA ILE D 552 -5.39 -7.23 17.47
C ILE D 552 -4.62 -6.59 16.32
N ALA D 553 -3.64 -5.75 16.67
CA ALA D 553 -2.82 -5.12 15.63
C ALA D 553 -2.05 -6.14 14.80
N LEU D 554 -1.52 -7.17 15.45
CA LEU D 554 -0.74 -8.17 14.73
C LEU D 554 -1.63 -9.03 13.84
N MET D 555 -2.81 -9.41 14.32
CA MET D 555 -3.72 -10.15 13.46
C MET D 555 -4.17 -9.30 12.29
N GLY D 556 -4.34 -7.99 12.51
CA GLY D 556 -4.61 -7.11 11.39
C GLY D 556 -3.49 -7.10 10.39
N GLU D 557 -2.25 -7.18 10.87
CA GLU D 557 -1.12 -7.30 9.96
C GLU D 557 -1.18 -8.61 9.20
N THR D 558 -1.47 -9.70 9.89
CA THR D 558 -1.41 -11.02 9.27
C THR D 558 -2.50 -11.21 8.23
N VAL D 559 -3.72 -10.81 8.54
CA VAL D 559 -4.82 -10.96 7.59
C VAL D 559 -4.54 -10.18 6.31
N ASN D 560 -3.82 -9.09 6.43
CA ASN D 560 -3.48 -8.32 5.24
C ASN D 560 -2.52 -9.05 4.32
N LYS D 561 -1.71 -9.98 4.86
CA LYS D 561 -0.62 -10.58 4.12
C LYS D 561 -0.89 -11.99 3.65
N ILE D 562 -1.93 -12.66 4.14
CA ILE D 562 -2.20 -14.04 3.81
C ILE D 562 -3.45 -14.17 2.95
N ALA D 563 -3.82 -13.13 2.21
CA ALA D 563 -5.01 -13.25 1.37
C ALA D 563 -4.79 -14.29 0.28
N GLN D 564 -3.80 -14.07 -0.58
CA GLN D 564 -3.57 -14.99 -1.67
C GLN D 564 -3.08 -16.34 -1.17
N GLU D 565 -2.26 -16.34 -0.13
CA GLU D 565 -1.82 -17.59 0.47
C GLU D 565 -3.01 -18.39 0.96
N SER D 566 -3.99 -17.73 1.59
CA SER D 566 -5.16 -18.43 2.08
C SER D 566 -5.99 -18.98 0.94
N LYS D 567 -6.15 -18.22 -0.14
CA LYS D 567 -6.93 -18.74 -1.26
C LYS D 567 -6.25 -19.97 -1.86
N ASN D 568 -4.94 -19.92 -2.02
CA ASN D 568 -4.24 -21.05 -2.59
C ASN D 568 -4.29 -22.27 -1.69
N ILE D 569 -4.20 -22.06 -0.37
CA ILE D 569 -4.26 -23.20 0.53
C ILE D 569 -5.66 -23.80 0.53
N TRP D 570 -6.69 -22.96 0.44
CA TRP D 570 -8.03 -23.50 0.34
C TRP D 570 -8.21 -24.31 -0.93
N LYS D 571 -7.65 -23.83 -2.04
CA LYS D 571 -7.77 -24.58 -3.27
C LYS D 571 -7.05 -25.91 -3.19
N LEU D 572 -5.91 -25.94 -2.51
CA LEU D 572 -5.24 -27.22 -2.30
C LEU D 572 -6.06 -28.15 -1.42
N GLN D 573 -6.71 -27.61 -0.39
CA GLN D 573 -7.57 -28.43 0.47
C GLN D 573 -8.72 -29.02 -0.31
N ARG D 574 -9.37 -28.22 -1.15
CA ARG D 574 -10.45 -28.75 -1.96
C ARG D 574 -9.94 -29.75 -2.98
N ALA D 575 -8.73 -29.55 -3.50
CA ALA D 575 -8.16 -30.53 -4.42
C ALA D 575 -7.94 -31.86 -3.74
N ILE D 576 -7.46 -31.85 -2.50
CA ILE D 576 -7.30 -33.10 -1.77
C ILE D 576 -8.63 -33.77 -1.57
N THR D 577 -9.66 -32.98 -1.26
CA THR D 577 -10.99 -33.55 -1.09
C THR D 577 -11.46 -34.20 -2.39
N ILE D 578 -11.21 -33.55 -3.52
CA ILE D 578 -11.60 -34.09 -4.81
C ILE D 578 -10.92 -35.42 -5.07
N LEU D 579 -9.62 -35.47 -4.84
CA LEU D 579 -8.88 -36.69 -5.14
C LEU D 579 -9.30 -37.84 -4.22
N ASP D 580 -9.49 -37.56 -2.94
CA ASP D 580 -9.93 -38.61 -2.03
C ASP D 580 -11.32 -39.10 -2.40
N THR D 581 -12.22 -38.19 -2.77
CA THR D 581 -13.56 -38.60 -3.17
C THR D 581 -13.52 -39.47 -4.41
N GLU D 582 -12.64 -39.15 -5.35
CA GLU D 582 -12.50 -39.98 -6.53
C GLU D 582 -11.86 -41.32 -6.22
N LYS D 583 -10.99 -41.39 -5.23
CA LYS D 583 -10.39 -42.69 -4.91
C LYS D 583 -11.35 -43.58 -4.16
N SER D 584 -12.25 -43.02 -3.36
CA SER D 584 -13.19 -43.86 -2.63
C SER D 584 -14.31 -44.35 -3.55
N PHE D 585 -15.17 -43.45 -4.01
CA PHE D 585 -16.12 -43.51 -5.13
C PHE D 585 -17.25 -44.54 -5.01
N LEU D 586 -17.07 -45.59 -4.21
CA LEU D 586 -18.13 -46.46 -3.65
C LEU D 586 -19.11 -47.03 -4.67
N LYS D 587 -18.91 -46.83 -5.98
CA LYS D 587 -19.92 -47.23 -6.96
C LYS D 587 -19.33 -47.69 -8.29
N CYS D 588 -18.00 -47.80 -8.41
CA CYS D 588 -17.35 -48.18 -9.67
C CYS D 588 -17.75 -47.26 -10.82
N MET D 589 -17.86 -45.96 -10.52
CA MET D 589 -18.24 -44.97 -11.53
C MET D 589 -17.01 -44.52 -12.30
N ARG D 590 -17.13 -44.47 -13.62
CA ARG D 590 -16.07 -43.95 -14.48
C ARG D 590 -16.23 -42.48 -14.82
N LYS D 591 -17.32 -41.83 -14.37
CA LYS D 591 -17.47 -40.41 -14.63
C LYS D 591 -16.41 -39.57 -13.93
N ALA D 592 -15.71 -40.14 -12.96
CA ALA D 592 -14.56 -39.46 -12.38
C ALA D 592 -13.48 -39.17 -13.42
N PHE D 593 -13.49 -39.92 -14.54
CA PHE D 593 -12.59 -39.68 -15.66
C PHE D 593 -13.22 -38.64 -16.56
N ARG D 594 -12.64 -37.44 -16.56
CA ARG D 594 -13.23 -36.31 -17.28
C ARG D 594 -12.66 -36.17 -18.69
N SER D 595 -13.06 -35.09 -19.35
CA SER D 595 -12.44 -34.50 -20.55
C SER D 595 -12.76 -35.15 -21.89
N GLY D 596 -13.24 -36.38 -21.93
CA GLY D 596 -13.57 -36.95 -23.24
C GLY D 596 -12.38 -37.23 -24.13
N LYS D 597 -12.45 -38.32 -24.90
CA LYS D 597 -11.33 -38.84 -25.69
C LYS D 597 -11.42 -38.30 -27.12
N LEU D 598 -10.62 -37.28 -27.40
CA LEU D 598 -10.60 -36.63 -28.70
C LEU D 598 -9.34 -36.97 -29.48
N LEU D 599 -9.45 -36.91 -30.81
CA LEU D 599 -8.31 -37.04 -31.69
C LEU D 599 -7.62 -35.68 -31.78
N GLN D 600 -6.39 -35.57 -31.27
CA GLN D 600 -5.73 -34.28 -31.24
C GLN D 600 -5.12 -33.97 -32.58
N VAL D 601 -4.15 -34.79 -32.99
CA VAL D 601 -3.45 -34.60 -34.25
C VAL D 601 -3.91 -35.62 -35.27
N GLY D 602 -4.09 -36.87 -34.86
CA GLY D 602 -4.37 -37.93 -35.79
C GLY D 602 -3.17 -38.36 -36.60
N PHE D 603 -1.98 -37.86 -36.28
CA PHE D 603 -0.77 -38.18 -37.02
C PHE D 603 0.34 -38.28 -36.00
N THR D 604 0.62 -39.49 -35.57
CA THR D 604 1.78 -39.80 -34.77
C THR D 604 3.00 -39.76 -35.70
N PRO D 605 4.20 -40.06 -35.20
CA PRO D 605 5.35 -40.18 -36.12
C PRO D 605 5.11 -41.19 -37.23
N ASP D 606 4.35 -42.23 -36.96
CA ASP D 606 3.90 -43.18 -37.97
C ASP D 606 2.50 -42.78 -38.41
N GLY D 607 1.87 -43.58 -39.26
CA GLY D 607 0.62 -43.19 -39.85
C GLY D 607 -0.60 -43.29 -38.96
N LYS D 608 -0.44 -43.78 -37.74
CA LYS D 608 -1.56 -43.96 -36.84
C LYS D 608 -2.10 -42.61 -36.37
N ASP D 609 -3.20 -42.66 -35.64
CA ASP D 609 -3.86 -41.49 -35.07
C ASP D 609 -3.84 -41.56 -33.55
N ASP D 610 -3.76 -40.39 -32.93
CA ASP D 610 -3.56 -40.26 -31.49
C ASP D 610 -4.81 -39.68 -30.85
N TYR D 611 -5.36 -40.43 -29.89
CA TYR D 611 -6.44 -39.97 -29.04
C TYR D 611 -5.87 -39.78 -27.65
N ARG D 612 -6.10 -38.60 -27.04
CA ARG D 612 -5.30 -38.18 -25.90
C ARG D 612 -6.11 -37.63 -24.73
N TRP D 613 -7.42 -37.83 -24.69
CA TRP D 613 -8.24 -37.42 -23.54
C TRP D 613 -8.04 -35.95 -23.19
N CYS D 614 -8.41 -35.08 -24.12
CA CYS D 614 -8.08 -33.68 -23.94
C CYS D 614 -9.19 -32.95 -23.19
N PHE D 615 -8.82 -31.85 -22.54
CA PHE D 615 -9.73 -31.01 -21.77
C PHE D 615 -9.89 -29.69 -22.50
N ARG D 616 -11.14 -29.30 -22.75
CA ARG D 616 -11.44 -28.19 -23.63
C ARG D 616 -11.61 -26.89 -22.87
N VAL D 617 -11.00 -25.83 -23.38
CA VAL D 617 -11.05 -24.51 -22.75
C VAL D 617 -11.30 -23.49 -23.85
N ASP D 618 -12.46 -22.83 -23.80
CA ASP D 618 -12.76 -21.78 -24.76
C ASP D 618 -12.20 -20.46 -24.31
N GLU D 619 -11.58 -19.73 -25.23
CA GLU D 619 -10.90 -18.48 -24.94
C GLU D 619 -11.35 -17.46 -25.95
N VAL D 620 -11.22 -16.18 -25.58
CA VAL D 620 -11.61 -15.06 -26.45
C VAL D 620 -10.46 -14.08 -26.48
N ASN D 621 -10.11 -13.62 -27.68
CA ASN D 621 -9.02 -12.66 -27.85
C ASN D 621 -9.41 -11.66 -28.93
N TRP D 622 -9.37 -10.38 -28.57
CA TRP D 622 -9.68 -9.30 -29.49
C TRP D 622 -8.44 -8.68 -30.08
N THR D 623 -7.30 -9.36 -30.01
CA THR D 623 -6.07 -8.97 -30.65
C THR D 623 -5.52 -10.18 -31.39
N THR D 624 -4.58 -9.95 -32.29
CA THR D 624 -3.97 -11.03 -33.07
C THR D 624 -5.03 -11.78 -33.86
N TRP D 625 -5.70 -11.05 -34.72
CA TRP D 625 -6.77 -11.62 -35.52
C TRP D 625 -6.21 -12.64 -36.53
C10 XJ7 E . -15.33 18.62 20.50
O11 XJ7 E . -8.83 21.76 14.78
C16 XJ7 E . -11.38 17.35 24.38
C17 XJ7 E . -12.67 17.13 25.16
C19 XJ7 E . -14.85 18.16 25.85
C20 XJ7 E . -14.62 18.11 27.36
C21 XJ7 E . -15.97 18.00 28.05
C23 XJ7 E . -17.11 17.60 30.24
C25 XJ7 E . -7.65 22.93 13.15
C1 XJ7 E . -6.26 24.92 13.89
C XJ7 E . -6.95 24.22 12.73
O XJ7 E . -7.88 25.10 12.19
C11 XJ7 E . -8.16 21.25 22.99
C12 XJ7 E . -7.81 19.81 23.32
C13 XJ7 E . -8.50 19.43 24.62
C14 XJ7 E . -8.97 17.98 24.52
C15 XJ7 E . -10.26 17.78 25.33
C18 XJ7 E . -13.51 18.39 25.14
C2 XJ7 E . -7.15 24.99 15.12
C22 XJ7 E . -15.80 17.48 29.48
C24 XJ7 E . -8.39 23.04 14.46
C3 XJ7 E . -7.49 23.59 15.57
C4 XJ7 E . -7.51 21.63 19.64
C5 XJ7 E . -8.31 20.83 20.65
C6 XJ7 E . -9.59 20.45 19.91
C7 XJ7 E . -11.59 19.35 20.11
C8 XJ7 E . -12.89 19.17 20.89
C9 XJ7 E . -13.93 18.63 19.91
O1 XJ7 E . -6.05 26.24 13.50
O10 XJ7 E . -7.99 22.08 23.81
O12 XJ7 E . -8.60 22.64 12.17
O2 XJ7 E . -6.48 25.68 16.13
O3 XJ7 E . -8.24 23.65 16.74
O4 XJ7 E . -6.11 23.73 18.15
O5 XJ7 E . -7.67 25.18 18.71
O6 XJ7 E . -8.22 22.77 19.29
O7 XJ7 E . -10.40 19.69 20.74
O8 XJ7 E . -11.59 19.19 18.95
O9 XJ7 E . -8.67 21.62 21.75
P XJ7 E . -7.55 23.83 18.22
N 6IY F . -38.02 7.72 41.64
O 6IY F . -30.45 11.70 35.06
C1 6IY F . -27.16 12.21 28.33
C10 6IY F . -35.05 10.97 36.82
C11 6IY F . -36.74 8.20 39.63
C12 6IY F . -36.68 7.72 41.07
C13 6IY F . -35.51 11.74 33.38
C14 6IY F . -34.60 11.97 32.17
C15 6IY F . -35.14 11.25 30.93
C16 6IY F . -34.01 10.45 30.31
C17 6IY F . -34.22 10.29 28.80
C18 6IY F . -33.36 9.14 28.27
C19 6IY F . -31.93 9.63 28.05
C2 6IY F . -27.13 12.28 29.85
C20 6IY F . -31.05 9.10 29.18
C21 6IY F . -29.67 8.72 28.66
C22 6IY F . -28.71 8.56 29.84
C23 6IY F . -28.20 7.13 29.91
C24 6IY F . -26.83 7.07 29.23
C25 6IY F . -26.98 7.02 27.71
C26 6IY F . -25.62 6.75 27.11
C27 6IY F . -25.47 7.45 25.77
C28 6IY F . -23.99 7.53 25.42
C3 6IY F . -28.44 12.82 30.38
C4 6IY F . -28.33 12.92 31.89
C5 6IY F . -29.38 12.05 32.56
C6 6IY F . -30.51 12.94 33.08
C7 6IY F . -31.14 12.31 34.32
C8 6IY F . -33.00 11.41 35.41
C9 6IY F . -34.53 11.51 35.49
O1 6IY F . -32.50 12.44 34.60
O2 6IY F . -35.56 9.67 36.72
O3 6IY F . -35.25 7.18 37.21
O4 6IY F . -33.51 8.53 37.70
O5 6IY F . -35.50 8.72 39.27
O6 6IY F . -35.11 10.86 34.38
O7 6IY F . -36.53 12.32 33.48
P 6IY F . -34.97 8.52 37.73
N 6IY G . -37.34 -23.00 34.69
O 6IY G . -36.33 -17.95 25.97
C1 6IY G . -32.13 -17.29 19.65
C10 6IY G . -37.14 -22.20 28.71
C11 6IY G . -37.11 -22.04 32.48
C12 6IY G . -37.24 -21.75 33.97
C13 6IY G . -36.01 -23.25 25.52
C14 6IY G . -35.40 -22.70 24.24
C15 6IY G . -34.47 -23.74 23.62
C16 6IY G . -33.31 -23.04 22.91
C17 6IY G . -32.14 -24.00 22.80
C18 6IY G . -30.88 -23.31 23.32
C19 6IY G . -30.46 -22.22 22.34
C2 6IY G . -33.44 -16.89 20.30
C20 6IY G . -30.82 -20.86 22.91
C21 6IY G . -29.68 -19.89 22.58
C22 6IY G . -29.88 -18.54 23.25
C23 6IY G . -28.72 -18.25 24.19
C24 6IY G . -27.79 -17.20 23.58
C25 6IY G . -27.45 -17.61 22.15
C26 6IY G . -26.48 -16.60 21.57
C27 6IY G . -26.84 -16.36 20.13
C28 6IY G . -25.79 -15.48 19.50
C3 6IY G . -33.61 -17.60 21.63
C4 6IY G . -35.02 -17.40 22.16
C5 6IY G . -35.04 -17.80 23.63
C6 6IY G . -36.10 -18.86 23.83
C7 6IY G . -36.52 -18.89 25.30
C8 6IY G . -36.53 -20.42 27.05
C9 6IY G . -36.83 -21.90 27.24
O1 6IY G . -37.12 -20.01 25.86
O2 6IY G . -36.02 -21.94 29.52
O3 6IY G . -34.72 -20.42 31.11
O4 6IY G . -36.26 -19.39 29.84
O5 6IY G . -37.17 -20.86 31.74
O6 6IY G . -35.76 -22.66 26.76
O7 6IY G . -36.71 -24.21 25.46
P 6IY G . -36.05 -20.65 30.54
C10 XJ7 H . 10.61 -0.28 30.02
O11 XJ7 H . 15.89 -1.73 22.27
C16 XJ7 H . 8.88 -5.84 29.61
C17 XJ7 H . 8.15 -5.31 30.84
C19 XJ7 H . 8.48 -4.16 33.05
C20 XJ7 H . 8.46 -5.26 34.10
C21 XJ7 H . 8.08 -4.64 35.45
C23 XJ7 H . 7.00 -5.10 37.66
C25 XJ7 H . 17.60 -1.46 20.71
C1 XJ7 H . 19.72 -2.74 21.04
C XJ7 H . 19.10 -1.44 20.55
O XJ7 H . 19.58 -0.37 21.28
C11 XJ7 H . 14.17 -7.16 27.85
C12 XJ7 H . 12.78 -7.75 27.69
C13 XJ7 H . 12.09 -7.81 29.05
C14 XJ7 H . 10.65 -7.35 28.83
C15 XJ7 H . 10.08 -6.66 30.06
C18 XJ7 H . 9.18 -4.69 31.79
C2 XJ7 H . 19.26 -3.15 22.43
C22 XJ7 H . 7.46 -5.72 36.34
C24 XJ7 H . 17.26 -1.77 22.15
C3 XJ7 H . 17.75 -3.15 22.55
C4 XJ7 H . 14.86 -5.37 25.02
C5 XJ7 H . 13.85 -5.45 26.15
C6 XJ7 H . 13.39 -4.04 26.43
C7 XJ7 H . 11.67 -2.73 27.32
C8 XJ7 H . 11.36 -2.28 28.73
C9 XJ7 H . 10.92 -0.82 28.63
O1 XJ7 H . 21.10 -2.54 21.11
O10 XJ7 H . 14.96 -7.76 28.47
O12 XJ7 H . 17.14 -0.18 20.47
O2 XJ7 H . 19.73 -4.45 22.67
O3 XJ7 H . 17.38 -3.27 23.88
O4 XJ7 H . 17.75 -5.83 23.93
O5 XJ7 H . 18.54 -4.69 25.62
O6 XJ7 H . 16.02 -4.85 25.57
O7 XJ7 H . 12.15 -4.01 27.04
O8 XJ7 H . 11.48 -1.97 26.45
O9 XJ7 H . 14.52 -5.92 27.30
P XJ7 H . 17.42 -4.68 24.72
N 6IY I . -10.00 3.26 55.53
O 6IY I . -2.82 1.88 48.04
C1 6IY I . 0.20 3.77 41.34
C10 6IY I . -5.01 4.79 51.52
C11 6IY I . -8.75 3.82 53.53
C12 6IY I . -8.98 2.78 54.62
C13 6IY I . -3.39 7.05 49.36
C14 6IY I . -2.54 7.10 48.08
C15 6IY I . -2.84 8.39 47.31
C16 6IY I . -3.04 8.07 45.84
C17 6IY I . -3.39 9.32 45.04
C18 6IY I . -3.89 8.98 43.64
C19 6IY I . -3.13 7.78 43.07
C2 6IY I . -0.01 2.84 42.52
C20 6IY I . -4.06 6.57 43.02
C21 6IY I . -3.90 5.84 41.70
C22 6IY I . -4.30 4.37 41.87
C23 6IY I . -5.58 4.07 41.09
C24 6IY I . -5.23 3.36 39.79
C25 6IY I . -4.63 4.36 38.80
C26 6IY I . -4.48 3.68 37.45
C27 6IY I . -3.28 4.26 36.72
C28 6IY I . -3.11 3.57 35.37
C3 6IY I . -0.47 3.66 43.71
C4 6IY I . -0.36 2.79 44.95
C5 6IY I . -1.55 3.01 45.87
C6 6IY I . -1.04 3.18 47.29
C7 6IY I . -2.15 2.82 48.26
C8 6IY I . -3.75 3.73 49.66
C9 6IY I . -3.97 5.03 50.43
O1 6IY I . -2.39 3.57 49.40
O2 6IY I . -6.30 5.15 51.10
O3 6IY I . -8.78 4.58 50.75
O4 6IY I . -7.33 2.92 50.32
O5 6IY I . -7.62 3.48 52.79
O6 6IY I . -4.35 6.05 49.53
O7 6IY I . -3.22 7.87 50.20
P 6IY I . -7.52 4.04 51.24
C10 XJ7 J . -29.69 -7.73 7.01
O11 XJ7 J . -27.17 -2.91 -0.62
C16 XJ7 J . -29.66 -2.49 10.04
C17 XJ7 J . -30.16 -3.52 11.04
C19 XJ7 J . -31.76 -5.42 11.43
C20 XJ7 J . -32.88 -4.69 12.17
C21 XJ7 J . -33.70 -5.70 12.95
C23 XJ7 J . -34.88 -6.17 15.12
C25 XJ7 J . -26.92 -2.48 -2.90
C1 XJ7 J . -28.64 -1.02 -4.01
C XJ7 J . -27.69 -2.20 -4.17
O XJ7 J . -28.42 -3.34 -4.49
C11 XJ7 J . -31.46 -0.13 5.15
C12 XJ7 J . -30.76 0.43 6.38
C13 XJ7 J . -31.42 -0.08 7.65
C14 XJ7 J . -30.32 -0.57 8.58
C15 XJ7 J . -30.83 -1.68 9.50
C18 XJ7 J . -31.12 -4.50 10.38
C2 XJ7 J . -29.50 -1.09 -2.76
C22 XJ7 J . -34.04 -5.16 14.34
C24 XJ7 J . -27.89 -2.61 -1.75
C3 XJ7 J . -28.65 -1.33 -1.53
C4 XJ7 J . -29.36 -0.57 2.57
C5 XJ7 J . -29.53 -0.99 4.02
C6 XJ7 J . -28.94 -2.37 4.15
C7 XJ7 J . -28.98 -4.33 5.42
C8 XJ7 J . -29.81 -5.41 6.11
C9 XJ7 J . -28.96 -6.68 6.18
O1 XJ7 J . -29.51 -1.05 -5.10
O10 XJ7 J . -32.54 0.26 4.90
O12 XJ7 J . -26.29 -3.71 -3.03
O2 XJ7 J . -30.17 0.12 -2.64
O3 XJ7 J . -29.42 -1.61 -0.40
O4 XJ7 J . -30.45 0.73 -0.07
O5 XJ7 J . -31.86 -0.95 -0.29
O6 XJ7 J . -30.52 -0.89 1.88
O7 XJ7 J . -29.47 -3.04 5.24
O8 XJ7 J . -27.91 -4.61 5.04
O9 XJ7 J . -30.88 -1.10 4.33
P XJ7 J . -30.56 -0.67 0.26
C10 XJ7 K . -4.07 -26.75 16.32
O11 XJ7 K . -3.10 -26.16 6.90
C16 XJ7 K . -10.11 -25.57 15.27
C17 XJ7 K . -10.04 -25.66 16.79
C19 XJ7 K . -9.25 -27.00 18.76
C20 XJ7 K . -10.44 -27.88 19.14
C21 XJ7 K . -10.23 -28.46 20.54
C23 XJ7 K . -11.35 -29.01 22.71
C25 XJ7 K . -1.96 -26.62 4.92
C1 XJ7 K . -2.77 -28.52 3.54
C XJ7 K . -1.55 -27.74 3.99
O XJ7 K . -0.71 -28.57 4.69
C11 XJ7 K . -9.43 -28.45 10.50
C12 XJ7 K . -10.37 -27.40 11.07
C13 XJ7 K . -10.92 -27.90 12.39
C14 XJ7 K . -11.12 -26.67 13.27
C15 XJ7 K . -10.59 -26.90 14.67
C18 XJ7 K . -9.16 -26.82 17.24
C2 XJ7 K . -3.51 -29.11 4.73
C22 XJ7 K . -11.56 -28.49 21.29
C24 XJ7 K . -2.68 -27.21 6.11
C3 XJ7 K . -3.91 -28.00 5.70
C4 XJ7 K . -6.60 -26.91 8.87
C5 XJ7 K . -7.70 -26.87 9.91
C6 XJ7 K . -7.19 -26.15 11.14
C7 XJ7 K . -5.72 -26.26 12.94
C8 XJ7 K . -5.41 -26.97 14.23
C9 XJ7 K . -4.44 -26.09 15.00
O1 XJ7 K . -2.32 -29.60 2.77
O10 XJ7 K . -9.86 -29.51 10.27
O12 XJ7 K . -0.80 -26.03 5.41
O2 XJ7 K . -4.67 -29.75 4.29
O3 XJ7 K . -4.36 -28.61 6.87
O4 XJ7 K . -6.78 -28.36 6.10
O5 XJ7 K . -6.25 -30.28 7.04
O6 XJ7 K . -6.42 -28.27 8.61
O7 XJ7 K . -6.26 -26.93 11.83
O8 XJ7 K . -5.49 -25.12 12.89
O9 XJ7 K . -8.07 -28.18 10.24
P XJ7 K . -5.95 -28.87 7.15
N 6IY L . -10.03 -26.98 48.74
O 6IY L . -8.94 -27.40 38.09
C1 6IY L . -4.85 -25.58 32.13
C10 6IY L . -7.99 -27.52 42.87
C11 6IY L . -9.32 -26.33 46.53
C12 6IY L . -10.52 -26.65 47.42
C13 6IY L . -4.59 -27.83 41.52
C14 6IY L . -4.23 -27.64 40.05
C15 6IY L . -2.83 -27.05 39.92
C16 6IY L . -2.81 -26.01 38.80
C17 6IY L . -1.49 -25.24 38.81
C18 6IY L . -1.75 -23.75 38.58
C19 6IY L . -1.84 -23.44 37.09
C2 6IY L . -6.08 -26.03 32.92
C20 6IY L . -3.31 -23.49 36.67
C21 6IY L . -3.66 -22.27 35.81
C22 6IY L . -5.13 -22.35 35.39
C23 6IY L . -5.82 -21.02 35.65
C24 6IY L . -6.15 -20.35 34.32
C25 6IY L . -4.90 -20.31 33.46
C26 6IY L . -5.19 -19.58 32.18
C27 6IY L . -4.65 -20.38 31.01
C28 6IY L . -4.96 -19.68 29.71
C3 6IY L . -5.65 -26.30 34.35
C4 6IY L . -6.38 -27.54 34.85
C5 6IY L . -7.21 -27.17 36.07
C6 6IY L . -6.95 -28.20 37.16
C7 6IY L . -7.92 -27.95 38.30
C8 6IY L . -7.46 -27.27 40.46
C9 6IY L . -6.93 -27.79 41.79
O1 6IY L . -7.61 -28.36 39.59
O2 6IY L . -7.57 -26.52 43.75
O3 6IY L . -7.99 -24.19 44.77
O4 6IY L . -9.31 -24.77 43.03
O5 6IY L . -9.77 -25.96 45.26
O6 6IY L . -5.70 -27.17 42.07
O7 6IY L . -3.92 -28.53 42.20
P 6IY L . -8.66 -25.36 44.20
NA NA M . -16.89 -6.86 32.10
#